data_3GFG
#
_entry.id   3GFG
#
_cell.length_a   72.931
_cell.length_b   92.135
_cell.length_c   187.589
_cell.angle_alpha   95.310
_cell.angle_beta   94.190
_cell.angle_gamma   95.210
#
_symmetry.space_group_name_H-M   'P 1'
#
loop_
_entity.id
_entity.type
_entity.pdbx_description
1 polymer 'Uncharacterized oxidoreductase yvaA'
2 water water
#
_entity_poly.entity_id   1
_entity_poly.type   'polypeptide(L)'
_entity_poly.pdbx_seq_one_letter_code
;MSLTLLKGRRKVDTIKVGILGYGLSGSVFHGPLLDVLDEYQISKIMTSRTEEVKRDFPDAEVVHELEEITNDPAIELVIV
TTPSGLHYEHTMACIQAGKHVVMEKPMTATAEEGETLKRAADEKGVLLSVYHNRRWDNDFLTIKKLISEGSLEDINTYQV
SYNRYRPEVQARWREKEGTATGTLYDLGSHIIDQTLHLFGMPKAVTANVMAQRENAETVDYFHLTLDYGKLQAILYGGSI
VPANGPRYQIHGKDSSFIKYGIDGQEDALRAGRKPEDDSWGADVPEFYGKLTTIRGSDKKTETIPSVNGSYLTYYRKIAE
SIREGAALPVTAEEGINVIRIIEAAMESSKEKRTIMLEHEGHHHHHH
;
_entity_poly.pdbx_strand_id   A,B,C,D,E,F,G,H,I,J,K,L
#
# COMPACT_ATOMS: atom_id res chain seq x y z
N GLY A 8 41.95 -91.17 -67.98
CA GLY A 8 40.86 -90.20 -68.30
C GLY A 8 40.07 -89.71 -67.10
N ARG A 9 38.88 -89.17 -67.35
CA ARG A 9 38.03 -88.62 -66.29
C ARG A 9 37.70 -89.67 -65.25
N ARG A 10 37.83 -89.29 -63.98
CA ARG A 10 37.53 -90.17 -62.83
C ARG A 10 36.82 -89.35 -61.73
N LYS A 11 36.47 -90.00 -60.62
CA LYS A 11 35.91 -89.34 -59.42
C LYS A 11 36.77 -88.12 -58.99
N VAL A 12 36.09 -86.99 -58.73
CA VAL A 12 36.79 -85.80 -58.26
C VAL A 12 36.74 -85.73 -56.73
N ASP A 13 37.79 -86.26 -56.12
CA ASP A 13 38.02 -86.04 -54.70
C ASP A 13 38.98 -84.83 -54.56
N THR A 14 39.32 -84.51 -53.31
CA THR A 14 40.14 -83.34 -53.01
C THR A 14 41.55 -83.41 -53.59
N ILE A 15 42.04 -82.28 -54.09
CA ILE A 15 43.42 -82.12 -54.50
C ILE A 15 44.26 -82.15 -53.23
N LYS A 16 45.21 -83.08 -53.18
CA LYS A 16 46.01 -83.34 -52.00
C LYS A 16 47.23 -82.45 -52.05
N VAL A 17 47.32 -81.56 -51.06
CA VAL A 17 48.31 -80.51 -51.09
C VAL A 17 49.40 -80.77 -50.07
N GLY A 18 50.63 -80.45 -50.45
CA GLY A 18 51.76 -80.35 -49.54
C GLY A 18 52.23 -78.92 -49.51
N ILE A 19 52.46 -78.39 -48.31
CA ILE A 19 52.93 -77.02 -48.15
C ILE A 19 54.36 -77.06 -47.62
N LEU A 20 55.28 -76.38 -48.29
CA LEU A 20 56.62 -76.21 -47.77
C LEU A 20 56.69 -74.88 -47.01
N GLY A 21 57.02 -74.98 -45.71
CA GLY A 21 57.17 -73.79 -44.86
C GLY A 21 55.84 -73.42 -44.22
N TYR A 22 55.90 -72.96 -42.97
CA TYR A 22 54.69 -72.56 -42.26
C TYR A 22 54.96 -71.34 -41.36
N GLY A 23 55.63 -70.36 -41.95
CA GLY A 23 55.80 -69.07 -41.32
C GLY A 23 54.66 -68.21 -41.78
N LEU A 24 54.93 -66.93 -41.93
CA LEU A 24 53.97 -65.96 -42.41
C LEU A 24 53.18 -66.41 -43.67
N SER A 25 53.89 -66.71 -44.76
CA SER A 25 53.23 -67.10 -46.03
C SER A 25 52.30 -68.31 -45.86
N GLY A 26 52.86 -69.42 -45.39
CA GLY A 26 52.16 -70.69 -45.31
C GLY A 26 50.93 -70.59 -44.42
N SER A 27 51.13 -70.04 -43.22
CA SER A 27 50.13 -70.06 -42.16
C SER A 27 49.06 -68.98 -42.29
N VAL A 28 49.41 -67.87 -42.90
CA VAL A 28 48.50 -66.72 -42.94
C VAL A 28 48.02 -66.42 -44.34
N PHE A 29 48.91 -66.52 -45.33
CA PHE A 29 48.55 -66.11 -46.68
C PHE A 29 48.01 -67.23 -47.60
N HIS A 30 48.29 -68.50 -47.27
CA HIS A 30 47.90 -69.64 -48.13
C HIS A 30 46.97 -70.63 -47.44
N GLY A 31 47.39 -71.10 -46.26
CA GLY A 31 46.60 -72.03 -45.47
C GLY A 31 45.15 -71.61 -45.30
N PRO A 32 44.92 -70.33 -44.96
CA PRO A 32 43.50 -70.00 -44.73
C PRO A 32 42.68 -70.00 -46.00
N LEU A 33 43.29 -69.58 -47.09
CA LEU A 33 42.62 -69.63 -48.39
C LEU A 33 42.30 -71.08 -48.74
N LEU A 34 43.33 -71.92 -48.81
CA LEU A 34 43.16 -73.35 -49.05
C LEU A 34 42.12 -74.00 -48.15
N ASP A 35 42.12 -73.64 -46.88
CA ASP A 35 41.19 -74.23 -45.92
C ASP A 35 39.71 -74.00 -46.26
N VAL A 36 39.35 -72.84 -46.82
CA VAL A 36 37.91 -72.60 -47.06
C VAL A 36 37.43 -73.25 -48.35
N LEU A 37 38.35 -73.65 -49.22
CA LEU A 37 37.99 -74.33 -50.46
C LEU A 37 37.92 -75.87 -50.37
N ASP A 38 36.70 -76.38 -50.53
CA ASP A 38 36.40 -77.81 -50.54
C ASP A 38 37.24 -78.65 -51.53
N GLU A 39 37.70 -78.03 -52.61
CA GLU A 39 38.54 -78.65 -53.64
C GLU A 39 39.91 -79.11 -53.14
N TYR A 40 40.32 -78.62 -51.99
CA TYR A 40 41.66 -78.87 -51.50
C TYR A 40 41.67 -79.62 -50.17
N GLN A 41 42.67 -80.46 -49.98
CA GLN A 41 42.93 -81.06 -48.69
C GLN A 41 44.43 -80.99 -48.44
N ILE A 42 44.79 -80.49 -47.27
CA ILE A 42 46.19 -80.36 -46.89
C ILE A 42 46.62 -81.61 -46.15
N SER A 43 47.42 -82.44 -46.83
CA SER A 43 47.92 -83.67 -46.23
C SER A 43 49.20 -83.41 -45.45
N LYS A 44 50.08 -82.56 -45.99
CA LYS A 44 51.44 -82.45 -45.46
C LYS A 44 51.99 -81.04 -45.46
N ILE A 45 52.73 -80.75 -44.39
CA ILE A 45 53.38 -79.44 -44.22
C ILE A 45 54.82 -79.61 -43.71
N MET A 46 55.79 -79.24 -44.55
CA MET A 46 57.19 -79.27 -44.12
C MET A 46 57.44 -78.03 -43.28
N THR A 47 57.62 -78.27 -41.97
CA THR A 47 57.75 -77.22 -40.98
C THR A 47 58.14 -77.85 -39.63
N SER A 48 58.61 -77.01 -38.72
CA SER A 48 58.95 -77.43 -37.38
C SER A 48 57.95 -76.87 -36.36
N ARG A 49 56.93 -76.17 -36.85
CA ARG A 49 55.91 -75.61 -35.97
C ARG A 49 54.76 -76.60 -35.79
N THR A 50 55.07 -77.74 -35.18
CA THR A 50 54.11 -78.84 -35.03
C THR A 50 52.78 -78.40 -34.42
N GLU A 51 52.88 -77.57 -33.39
CA GLU A 51 51.75 -77.24 -32.53
C GLU A 51 50.80 -76.25 -33.19
N GLU A 52 51.38 -75.35 -33.97
CA GLU A 52 50.59 -74.43 -34.77
C GLU A 52 49.85 -75.14 -35.92
N VAL A 53 50.48 -76.16 -36.50
CA VAL A 53 49.85 -76.96 -37.55
C VAL A 53 48.72 -77.82 -36.97
N LYS A 54 48.98 -78.47 -35.85
CA LYS A 54 47.98 -79.26 -35.13
C LYS A 54 46.74 -78.44 -34.79
N ARG A 55 46.96 -77.16 -34.49
CA ARG A 55 45.90 -76.21 -34.16
C ARG A 55 45.07 -75.86 -35.42
N ASP A 56 45.72 -75.34 -36.47
CA ASP A 56 45.02 -74.91 -37.71
C ASP A 56 44.52 -76.05 -38.58
N PHE A 57 45.32 -77.10 -38.74
CA PHE A 57 44.94 -78.24 -39.58
C PHE A 57 45.09 -79.59 -38.86
N PRO A 58 44.14 -79.91 -37.95
CA PRO A 58 44.24 -81.08 -37.07
C PRO A 58 44.55 -82.41 -37.78
N ASP A 59 44.21 -82.51 -39.06
CA ASP A 59 44.34 -83.78 -39.76
C ASP A 59 45.51 -83.89 -40.75
N ALA A 60 46.38 -82.87 -40.77
CA ALA A 60 47.59 -82.88 -41.61
C ALA A 60 48.80 -83.51 -40.90
N GLU A 61 49.54 -84.35 -41.63
CA GLU A 61 50.82 -84.88 -41.14
C GLU A 61 51.94 -83.85 -41.33
N VAL A 62 52.71 -83.65 -40.26
CA VAL A 62 53.83 -82.69 -40.25
C VAL A 62 55.12 -83.43 -40.64
N VAL A 63 55.98 -82.78 -41.43
CA VAL A 63 57.22 -83.39 -41.92
C VAL A 63 58.43 -82.46 -41.79
N HIS A 64 59.63 -83.01 -41.83
CA HIS A 64 60.83 -82.22 -41.53
C HIS A 64 61.80 -82.11 -42.70
N GLU A 65 61.88 -83.16 -43.51
CA GLU A 65 62.67 -83.12 -44.73
C GLU A 65 61.77 -83.17 -45.98
N LEU A 66 62.31 -82.73 -47.11
CA LEU A 66 61.52 -82.50 -48.31
C LEU A 66 61.05 -83.77 -49.03
N GLU A 67 61.86 -84.82 -48.97
CA GLU A 67 61.57 -86.10 -49.63
C GLU A 67 60.23 -86.70 -49.18
N GLU A 68 59.76 -86.32 -47.98
CA GLU A 68 58.54 -86.89 -47.39
C GLU A 68 57.27 -86.37 -48.06
N ILE A 69 57.43 -85.30 -48.83
CA ILE A 69 56.36 -84.75 -49.64
C ILE A 69 56.56 -85.16 -51.09
N THR A 70 57.79 -84.98 -51.56
CA THR A 70 58.12 -85.26 -52.95
C THR A 70 58.05 -86.74 -53.31
N ASN A 71 58.31 -87.63 -52.36
CA ASN A 71 58.23 -89.08 -52.65
C ASN A 71 56.90 -89.72 -52.28
N ASP A 72 55.91 -88.88 -51.99
CA ASP A 72 54.57 -89.34 -51.66
C ASP A 72 53.69 -89.29 -52.93
N PRO A 73 53.40 -90.44 -53.53
CA PRO A 73 52.60 -90.47 -54.76
C PRO A 73 51.23 -89.76 -54.63
N ALA A 74 50.65 -89.75 -53.43
CA ALA A 74 49.32 -89.15 -53.21
C ALA A 74 49.28 -87.62 -53.32
N ILE A 75 50.36 -86.95 -52.90
CA ILE A 75 50.49 -85.48 -53.01
C ILE A 75 50.45 -85.01 -54.46
N GLU A 76 49.54 -84.10 -54.80
CA GLU A 76 49.36 -83.66 -56.18
C GLU A 76 49.93 -82.28 -56.45
N LEU A 77 49.85 -81.41 -55.44
CA LEU A 77 50.19 -80.01 -55.57
C LEU A 77 51.04 -79.59 -54.38
N VAL A 78 52.09 -78.84 -54.66
CA VAL A 78 52.97 -78.33 -53.60
C VAL A 78 53.00 -76.80 -53.59
N ILE A 79 52.74 -76.22 -52.41
CA ILE A 79 52.81 -74.80 -52.23
C ILE A 79 54.17 -74.52 -51.60
N VAL A 80 55.02 -73.81 -52.34
CA VAL A 80 56.40 -73.55 -51.91
C VAL A 80 56.51 -72.18 -51.22
N THR A 81 56.47 -72.16 -49.89
CA THR A 81 56.49 -70.87 -49.16
C THR A 81 57.76 -70.69 -48.32
N THR A 82 58.76 -71.48 -48.65
CA THR A 82 60.07 -71.39 -48.02
C THR A 82 60.76 -70.09 -48.45
N PRO A 83 61.84 -69.69 -47.73
CA PRO A 83 62.53 -68.44 -48.11
C PRO A 83 63.11 -68.36 -49.54
N SER A 84 63.29 -67.14 -50.03
CA SER A 84 63.77 -66.84 -51.40
C SER A 84 64.82 -67.74 -52.02
N GLY A 85 65.93 -67.94 -51.31
CA GLY A 85 67.07 -68.68 -51.87
C GLY A 85 66.82 -70.17 -51.94
N LEU A 86 65.69 -70.61 -51.39
CA LEU A 86 65.35 -72.02 -51.37
C LEU A 86 64.31 -72.38 -52.45
N HIS A 87 63.78 -71.35 -53.09
CA HIS A 87 62.77 -71.49 -54.13
C HIS A 87 63.18 -72.41 -55.27
N TYR A 88 64.35 -72.16 -55.84
CA TYR A 88 64.83 -72.94 -56.97
C TYR A 88 64.93 -74.43 -56.60
N GLU A 89 65.69 -74.74 -55.57
CA GLU A 89 65.95 -76.12 -55.16
C GLU A 89 64.67 -76.90 -54.86
N HIS A 90 63.83 -76.35 -53.99
CA HIS A 90 62.60 -77.00 -53.59
C HIS A 90 61.66 -77.24 -54.77
N THR A 91 61.53 -76.24 -55.62
CA THR A 91 60.64 -76.33 -56.76
C THR A 91 61.16 -77.34 -57.79
N MET A 92 62.46 -77.35 -58.02
CA MET A 92 63.07 -78.25 -59.00
C MET A 92 62.91 -79.70 -58.55
N ALA A 93 63.00 -79.91 -57.24
CA ALA A 93 62.79 -81.19 -56.63
C ALA A 93 61.33 -81.65 -56.83
N CYS A 94 60.38 -80.74 -56.65
CA CYS A 94 58.97 -81.08 -56.77
C CYS A 94 58.62 -81.47 -58.21
N ILE A 95 59.15 -80.68 -59.16
CA ILE A 95 58.95 -80.92 -60.60
C ILE A 95 59.49 -82.29 -60.98
N GLN A 96 60.72 -82.57 -60.58
CA GLN A 96 61.33 -83.86 -60.83
C GLN A 96 60.46 -85.01 -60.33
N ALA A 97 59.59 -84.74 -59.35
CA ALA A 97 58.75 -85.77 -58.75
C ALA A 97 57.29 -85.75 -59.27
N GLY A 98 57.04 -84.97 -60.33
CA GLY A 98 55.74 -84.99 -60.99
C GLY A 98 54.62 -84.34 -60.18
N LYS A 99 55.00 -83.31 -59.43
CA LYS A 99 54.04 -82.54 -58.66
C LYS A 99 53.79 -81.22 -59.36
N HIS A 100 52.55 -80.76 -59.34
CA HIS A 100 52.28 -79.39 -59.74
C HIS A 100 52.86 -78.45 -58.68
N VAL A 101 53.27 -77.25 -59.09
CA VAL A 101 53.86 -76.32 -58.12
C VAL A 101 53.29 -74.90 -58.16
N VAL A 102 52.95 -74.38 -56.99
CA VAL A 102 52.70 -72.96 -56.83
C VAL A 102 53.90 -72.35 -56.09
N MET A 103 54.59 -71.42 -56.73
CA MET A 103 55.73 -70.75 -56.10
C MET A 103 55.26 -69.45 -55.51
N GLU A 104 55.63 -69.20 -54.26
CA GLU A 104 55.54 -67.86 -53.70
C GLU A 104 56.45 -66.91 -54.48
N LYS A 105 56.04 -65.65 -54.62
CA LYS A 105 56.93 -64.60 -55.15
C LYS A 105 57.95 -64.13 -54.13
N PRO A 106 59.05 -63.50 -54.57
CA PRO A 106 59.48 -63.37 -55.97
C PRO A 106 59.93 -64.75 -56.46
N MET A 107 59.61 -65.06 -57.70
CA MET A 107 59.90 -66.35 -58.31
C MET A 107 61.31 -66.84 -57.95
N THR A 108 62.32 -66.21 -58.54
CA THR A 108 63.72 -66.55 -58.31
C THR A 108 64.50 -65.24 -58.32
N ALA A 109 65.81 -65.31 -58.13
CA ALA A 109 66.66 -64.12 -58.29
C ALA A 109 66.90 -63.73 -59.76
N THR A 110 67.23 -64.70 -60.62
CA THR A 110 67.51 -64.42 -62.03
C THR A 110 66.50 -65.06 -62.98
N ALA A 111 66.32 -64.41 -64.13
CA ALA A 111 65.47 -64.92 -65.19
C ALA A 111 65.95 -66.30 -65.67
N GLU A 112 67.27 -66.46 -65.76
CA GLU A 112 67.91 -67.72 -66.19
C GLU A 112 67.44 -68.89 -65.32
N GLU A 113 67.36 -68.67 -64.01
CA GLU A 113 66.87 -69.67 -63.07
C GLU A 113 65.39 -70.01 -63.33
N GLY A 114 64.58 -68.98 -63.52
CA GLY A 114 63.17 -69.15 -63.90
C GLY A 114 62.91 -69.94 -65.18
N GLU A 115 63.63 -69.60 -66.24
CA GLU A 115 63.58 -70.33 -67.53
C GLU A 115 63.82 -71.85 -67.39
N THR A 116 64.73 -72.23 -66.50
CA THR A 116 65.12 -73.63 -66.29
C THR A 116 64.04 -74.42 -65.57
N LEU A 117 63.38 -73.76 -64.62
CA LEU A 117 62.26 -74.34 -63.89
C LEU A 117 61.09 -74.53 -64.82
N LYS A 118 60.84 -73.53 -65.66
CA LYS A 118 59.80 -73.59 -66.66
C LYS A 118 60.07 -74.73 -67.67
N ARG A 119 61.30 -74.79 -68.18
CA ARG A 119 61.67 -75.76 -69.21
C ARG A 119 61.55 -77.20 -68.69
N ALA A 120 61.86 -77.39 -67.41
CA ALA A 120 61.72 -78.69 -66.77
C ALA A 120 60.28 -79.04 -66.41
N ALA A 121 59.50 -78.04 -65.97
CA ALA A 121 58.06 -78.26 -65.71
C ALA A 121 57.34 -78.78 -66.96
N ASP A 122 57.70 -78.19 -68.10
CA ASP A 122 57.14 -78.58 -69.38
C ASP A 122 57.59 -79.99 -69.79
N GLU A 123 58.87 -80.30 -69.63
CA GLU A 123 59.37 -81.63 -69.99
C GLU A 123 58.65 -82.75 -69.23
N LYS A 124 58.53 -82.60 -67.91
CA LYS A 124 57.90 -83.62 -67.08
C LYS A 124 56.35 -83.66 -67.22
N GLY A 125 55.74 -82.55 -67.62
CA GLY A 125 54.31 -82.47 -67.89
C GLY A 125 53.44 -81.85 -66.82
N VAL A 126 54.03 -81.01 -65.98
CA VAL A 126 53.29 -80.49 -64.82
C VAL A 126 53.08 -78.98 -64.87
N LEU A 127 52.14 -78.49 -64.06
CA LEU A 127 51.83 -77.07 -64.00
C LEU A 127 52.74 -76.32 -63.00
N LEU A 128 53.25 -75.19 -63.46
CA LEU A 128 54.08 -74.31 -62.66
C LEU A 128 53.39 -72.97 -62.62
N SER A 129 53.07 -72.51 -61.43
CA SER A 129 52.46 -71.20 -61.29
C SER A 129 53.22 -70.36 -60.26
N VAL A 130 53.09 -69.04 -60.37
CA VAL A 130 53.67 -68.15 -59.39
C VAL A 130 52.53 -67.37 -58.76
N TYR A 131 52.54 -67.30 -57.44
CA TYR A 131 51.50 -66.66 -56.64
C TYR A 131 51.52 -65.13 -56.71
N HIS A 132 51.18 -64.58 -57.86
CA HIS A 132 51.03 -63.15 -58.03
C HIS A 132 49.58 -62.76 -57.76
N ASN A 133 49.18 -62.88 -56.49
CA ASN A 133 47.79 -62.66 -56.14
C ASN A 133 47.33 -61.18 -56.18
N ARG A 134 48.27 -60.25 -56.42
CA ARG A 134 47.90 -58.84 -56.47
C ARG A 134 47.10 -58.51 -57.70
N ARG A 135 47.06 -59.42 -58.66
CA ARG A 135 46.06 -59.28 -59.72
C ARG A 135 44.60 -59.33 -59.20
N TRP A 136 44.40 -59.82 -57.97
CA TRP A 136 43.07 -59.93 -57.40
C TRP A 136 42.91 -59.03 -56.15
N ASP A 137 43.79 -58.02 -56.09
CA ASP A 137 43.60 -56.86 -55.21
C ASP A 137 42.40 -56.05 -55.69
N ASN A 138 41.69 -55.44 -54.72
CA ASN A 138 40.48 -54.70 -55.00
C ASN A 138 40.71 -53.50 -55.92
N ASP A 139 41.79 -52.75 -55.67
CA ASP A 139 42.07 -51.61 -56.48
C ASP A 139 42.35 -52.02 -57.93
N PHE A 140 43.23 -52.98 -58.12
CA PHE A 140 43.55 -53.49 -59.45
C PHE A 140 42.39 -54.11 -60.20
N LEU A 141 41.52 -54.82 -59.50
CA LEU A 141 40.32 -55.31 -60.17
C LEU A 141 39.48 -54.14 -60.62
N THR A 142 39.49 -53.06 -59.84
CA THR A 142 38.72 -51.88 -60.16
C THR A 142 39.31 -51.22 -61.41
N ILE A 143 40.62 -51.25 -61.54
CA ILE A 143 41.28 -50.67 -62.72
C ILE A 143 40.94 -51.51 -63.97
N LYS A 144 41.06 -52.83 -63.85
CA LYS A 144 40.66 -53.74 -64.92
C LYS A 144 39.23 -53.52 -65.42
N LYS A 145 38.30 -53.32 -64.51
CA LYS A 145 36.91 -53.09 -64.86
C LYS A 145 36.76 -51.79 -65.64
N LEU A 146 37.30 -50.71 -65.09
CA LEU A 146 37.31 -49.41 -65.73
C LEU A 146 37.85 -49.52 -67.13
N ILE A 147 39.02 -50.15 -67.30
CA ILE A 147 39.57 -50.42 -68.63
C ILE A 147 38.59 -51.19 -69.53
N SER A 148 38.10 -52.33 -69.08
CA SER A 148 37.23 -53.11 -70.00
C SER A 148 35.93 -52.39 -70.41
N GLU A 149 35.42 -51.47 -69.59
CA GLU A 149 34.21 -50.72 -69.90
C GLU A 149 34.52 -49.44 -70.63
N GLY A 150 35.81 -49.23 -70.90
CA GLY A 150 36.24 -48.11 -71.73
C GLY A 150 36.22 -46.77 -71.02
N SER A 151 36.36 -46.80 -69.70
CA SER A 151 36.41 -45.59 -68.90
C SER A 151 37.82 -45.04 -68.77
N LEU A 152 38.81 -45.83 -69.16
CA LEU A 152 40.19 -45.37 -69.22
C LEU A 152 40.85 -45.67 -70.56
N GLU A 153 40.33 -45.11 -71.64
CA GLU A 153 40.91 -45.33 -72.96
C GLU A 153 42.26 -44.62 -73.18
N ASP A 154 43.13 -45.29 -73.95
CA ASP A 154 44.42 -44.76 -74.42
C ASP A 154 45.31 -44.24 -73.31
N ILE A 155 45.62 -45.10 -72.37
CA ILE A 155 46.47 -44.71 -71.24
C ILE A 155 47.85 -44.23 -71.73
N ASN A 156 48.20 -42.98 -71.40
CA ASN A 156 49.52 -42.45 -71.65
C ASN A 156 50.45 -42.46 -70.41
N THR A 157 49.91 -42.38 -69.20
CA THR A 157 50.74 -42.35 -67.99
C THR A 157 50.17 -43.25 -66.90
N TYR A 158 50.99 -44.15 -66.36
CA TYR A 158 50.51 -45.07 -65.34
C TYR A 158 51.53 -45.03 -64.21
N GLN A 159 51.16 -44.36 -63.09
CA GLN A 159 52.12 -44.17 -61.96
C GLN A 159 51.62 -44.88 -60.77
N VAL A 160 52.50 -45.72 -60.22
CA VAL A 160 52.12 -46.55 -59.11
C VAL A 160 53.15 -46.41 -58.02
N SER A 161 52.70 -46.08 -56.82
CA SER A 161 53.64 -46.00 -55.71
C SER A 161 53.34 -47.04 -54.63
N TYR A 162 54.39 -47.64 -54.08
CA TYR A 162 54.25 -48.66 -53.04
C TYR A 162 55.22 -48.29 -51.91
N ASN A 163 54.84 -47.31 -51.11
CA ASN A 163 55.72 -46.81 -50.08
C ASN A 163 55.41 -47.46 -48.77
N ARG A 164 56.28 -47.25 -47.80
CA ARG A 164 56.06 -47.66 -46.42
C ARG A 164 56.86 -46.73 -45.49
N TYR A 165 56.52 -46.75 -44.19
CA TYR A 165 57.35 -46.09 -43.20
C TYR A 165 58.05 -47.08 -42.29
N ARG A 166 59.28 -47.43 -42.65
CA ARG A 166 60.16 -48.18 -41.75
C ARG A 166 61.55 -47.52 -41.66
N PRO A 167 61.69 -46.40 -40.92
CA PRO A 167 62.99 -45.73 -40.89
C PRO A 167 64.16 -46.56 -40.29
N GLU A 168 63.84 -47.60 -39.51
CA GLU A 168 64.83 -48.50 -38.89
C GLU A 168 64.89 -49.85 -39.63
N VAL A 169 66.07 -50.46 -39.65
CA VAL A 169 66.22 -51.73 -40.36
C VAL A 169 66.22 -52.91 -39.37
N ALA A 180 67.67 -62.54 -53.44
CA ALA A 180 66.46 -61.77 -53.80
C ALA A 180 65.96 -60.89 -52.64
N THR A 181 66.85 -60.03 -52.15
CA THR A 181 66.56 -59.27 -50.95
C THR A 181 65.98 -57.89 -51.31
N GLY A 182 65.37 -57.22 -50.33
CA GLY A 182 64.98 -55.85 -50.45
C GLY A 182 63.67 -55.63 -51.17
N THR A 183 63.32 -54.36 -51.33
CA THR A 183 61.95 -53.98 -51.63
C THR A 183 61.54 -54.06 -53.09
N LEU A 184 62.50 -54.07 -54.01
CA LEU A 184 62.18 -54.19 -55.44
C LEU A 184 61.61 -55.60 -55.69
N TYR A 185 62.33 -56.60 -55.22
CA TYR A 185 61.88 -57.98 -55.26
C TYR A 185 60.63 -58.19 -54.43
N ASP A 186 60.59 -57.58 -53.24
CA ASP A 186 59.55 -57.89 -52.25
C ASP A 186 58.26 -57.19 -52.61
N LEU A 187 58.31 -55.87 -52.85
CA LEU A 187 57.13 -55.02 -53.12
C LEU A 187 56.94 -54.71 -54.61
N GLY A 188 58.04 -54.39 -55.28
CA GLY A 188 58.07 -54.00 -56.69
C GLY A 188 57.47 -55.05 -57.61
N SER A 189 57.70 -56.31 -57.28
CA SER A 189 57.26 -57.39 -58.12
C SER A 189 55.75 -57.43 -58.24
N HIS A 190 55.03 -57.15 -57.16
CA HIS A 190 53.56 -57.04 -57.28
C HIS A 190 53.12 -56.04 -58.33
N ILE A 191 53.71 -54.86 -58.33
CA ILE A 191 53.23 -53.80 -59.20
C ILE A 191 53.91 -53.83 -60.58
N ILE A 192 55.06 -54.50 -60.68
CA ILE A 192 55.65 -54.79 -61.97
C ILE A 192 54.73 -55.77 -62.62
N ASP A 193 54.35 -56.83 -61.91
CA ASP A 193 53.43 -57.84 -62.49
C ASP A 193 52.12 -57.23 -62.98
N GLN A 194 51.51 -56.34 -62.18
CA GLN A 194 50.26 -55.72 -62.58
C GLN A 194 50.45 -54.90 -63.86
N THR A 195 51.57 -54.21 -63.96
CA THR A 195 51.92 -53.47 -65.16
C THR A 195 52.06 -54.36 -66.40
N LEU A 196 52.80 -55.47 -66.28
CA LEU A 196 52.93 -56.39 -67.39
C LEU A 196 51.56 -56.99 -67.74
N HIS A 197 50.76 -57.30 -66.73
CA HIS A 197 49.43 -57.83 -66.99
C HIS A 197 48.61 -56.88 -67.91
N LEU A 198 48.63 -55.58 -67.59
CA LEU A 198 47.87 -54.55 -68.31
C LEU A 198 48.45 -54.14 -69.67
N PHE A 199 49.77 -54.17 -69.79
CA PHE A 199 50.39 -53.55 -70.95
C PHE A 199 51.34 -54.45 -71.74
N GLY A 200 51.65 -55.64 -71.21
CA GLY A 200 52.71 -56.46 -71.82
C GLY A 200 54.11 -55.87 -71.61
N MET A 201 55.07 -56.39 -72.37
CA MET A 201 56.47 -56.05 -72.14
C MET A 201 56.87 -54.66 -72.70
N PRO A 202 57.59 -53.85 -71.91
CA PRO A 202 58.05 -52.54 -72.38
C PRO A 202 59.24 -52.65 -73.32
N LYS A 203 59.68 -51.53 -73.88
CA LYS A 203 60.86 -51.49 -74.74
C LYS A 203 62.13 -51.37 -73.92
N ALA A 204 62.05 -50.66 -72.80
CA ALA A 204 63.23 -50.26 -72.04
C ALA A 204 62.85 -50.01 -70.59
N VAL A 205 63.86 -50.08 -69.71
CA VAL A 205 63.66 -49.84 -68.28
C VAL A 205 64.76 -48.90 -67.82
N THR A 206 64.35 -47.77 -67.23
CA THR A 206 65.27 -46.85 -66.61
C THR A 206 65.01 -46.84 -65.12
N ALA A 207 66.07 -46.92 -64.31
CA ALA A 207 65.86 -47.10 -62.87
C ALA A 207 66.94 -46.54 -61.97
N ASN A 208 66.49 -46.09 -60.81
CA ASN A 208 67.34 -45.84 -59.66
C ASN A 208 66.87 -46.74 -58.54
N VAL A 209 67.76 -47.59 -58.06
CA VAL A 209 67.46 -48.60 -57.05
C VAL A 209 68.55 -48.48 -55.98
N MET A 210 68.18 -48.13 -54.75
CA MET A 210 69.19 -47.82 -53.74
C MET A 210 68.77 -48.13 -52.30
N ALA A 211 69.67 -47.87 -51.35
CA ALA A 211 69.36 -47.96 -49.91
C ALA A 211 69.40 -46.56 -49.26
N GLN A 212 68.23 -45.97 -49.02
CA GLN A 212 68.08 -44.63 -48.41
C GLN A 212 68.32 -44.55 -46.90
N ARG A 213 67.83 -45.50 -46.11
CA ARG A 213 68.06 -45.48 -44.64
C ARG A 213 69.54 -45.51 -44.23
N GLU A 214 69.84 -45.00 -43.02
CA GLU A 214 71.18 -45.12 -42.45
C GLU A 214 71.52 -46.59 -42.17
N ASN A 215 72.79 -46.96 -42.44
CA ASN A 215 73.34 -48.31 -42.24
C ASN A 215 72.54 -49.41 -42.93
N ALA A 216 71.78 -49.04 -43.95
CA ALA A 216 71.00 -50.03 -44.71
C ALA A 216 71.95 -50.79 -45.62
N GLU A 217 71.61 -52.04 -45.96
CA GLU A 217 72.50 -52.89 -46.76
C GLU A 217 71.71 -53.66 -47.83
N THR A 218 70.43 -53.32 -47.95
CA THR A 218 69.53 -53.97 -48.89
C THR A 218 68.71 -52.87 -49.53
N VAL A 219 68.17 -53.13 -50.70
CA VAL A 219 67.38 -52.16 -51.42
C VAL A 219 66.14 -51.78 -50.61
N ASP A 220 65.96 -50.49 -50.37
CA ASP A 220 64.80 -50.02 -49.65
C ASP A 220 64.09 -48.90 -50.42
N TYR A 221 64.60 -48.61 -51.62
CA TYR A 221 64.06 -47.55 -52.48
C TYR A 221 64.24 -47.93 -53.95
N PHE A 222 63.18 -47.78 -54.73
CA PHE A 222 63.29 -48.03 -56.16
C PHE A 222 62.43 -47.07 -56.94
N HIS A 223 62.93 -46.68 -58.10
CA HIS A 223 62.17 -45.85 -59.02
C HIS A 223 62.42 -46.30 -60.46
N LEU A 224 61.41 -46.98 -61.01
CA LEU A 224 61.46 -47.57 -62.33
C LEU A 224 60.64 -46.80 -63.36
N THR A 225 61.20 -46.55 -64.53
CA THR A 225 60.42 -46.21 -65.70
C THR A 225 60.44 -47.36 -66.72
N LEU A 226 59.24 -47.81 -67.04
CA LEU A 226 59.03 -48.73 -68.14
C LEU A 226 58.55 -47.89 -69.31
N ASP A 227 59.28 -47.99 -70.41
CA ASP A 227 59.03 -47.21 -71.59
C ASP A 227 58.22 -48.03 -72.61
N TYR A 228 57.03 -47.55 -72.94
CA TYR A 228 56.14 -48.19 -73.91
C TYR A 228 55.89 -47.28 -75.12
N GLY A 229 56.70 -46.24 -75.30
CA GLY A 229 56.52 -45.27 -76.38
C GLY A 229 55.82 -44.03 -75.84
N LYS A 230 54.64 -43.77 -76.36
CA LYS A 230 53.72 -42.75 -75.88
C LYS A 230 53.36 -43.02 -74.41
N LEU A 231 53.15 -44.29 -74.09
CA LEU A 231 52.85 -44.69 -72.72
C LEU A 231 54.14 -44.83 -71.84
N GLN A 232 54.11 -44.20 -70.65
CA GLN A 232 55.18 -44.26 -69.66
C GLN A 232 54.63 -44.83 -68.36
N ALA A 233 55.20 -45.94 -67.89
CA ALA A 233 54.76 -46.50 -66.63
C ALA A 233 55.81 -46.24 -65.54
N ILE A 234 55.38 -45.64 -64.43
CA ILE A 234 56.34 -45.28 -63.38
C ILE A 234 56.01 -46.08 -62.16
N LEU A 235 56.97 -46.87 -61.70
CA LEU A 235 56.77 -47.73 -60.53
C LEU A 235 57.81 -47.33 -59.50
N TYR A 236 57.34 -46.87 -58.34
CA TYR A 236 58.26 -46.46 -57.29
C TYR A 236 57.79 -46.70 -55.88
N GLY A 237 58.76 -46.70 -54.99
CA GLY A 237 58.51 -46.89 -53.58
C GLY A 237 59.72 -46.50 -52.79
N GLY A 238 59.48 -45.90 -51.62
CA GLY A 238 60.52 -45.68 -50.62
C GLY A 238 60.11 -46.21 -49.25
N SER A 239 61.06 -46.24 -48.32
CA SER A 239 60.85 -46.78 -46.98
C SER A 239 60.82 -45.74 -45.85
N ILE A 240 61.08 -44.47 -46.18
CA ILE A 240 60.92 -43.41 -45.20
C ILE A 240 59.82 -42.46 -45.68
N VAL A 241 58.59 -42.99 -45.75
CA VAL A 241 57.43 -42.22 -46.22
C VAL A 241 56.32 -42.20 -45.16
N PRO A 242 56.30 -41.17 -44.30
CA PRO A 242 55.22 -40.96 -43.32
C PRO A 242 53.80 -41.04 -43.90
N ALA A 243 53.55 -40.42 -45.06
CA ALA A 243 52.25 -40.54 -45.75
C ALA A 243 52.43 -40.77 -47.24
N ASN A 244 51.55 -41.60 -47.80
CA ASN A 244 51.75 -42.19 -49.10
C ASN A 244 51.56 -41.36 -50.34
N GLY A 245 50.50 -40.57 -50.38
CA GLY A 245 50.09 -40.07 -51.70
C GLY A 245 49.38 -41.21 -52.45
N PRO A 246 48.74 -40.89 -53.58
CA PRO A 246 47.95 -41.92 -54.27
C PRO A 246 48.79 -43.14 -54.64
N ARG A 247 48.20 -44.33 -54.58
CA ARG A 247 48.89 -45.50 -55.04
C ARG A 247 48.83 -45.59 -56.56
N TYR A 248 47.73 -45.14 -57.17
CA TYR A 248 47.58 -45.21 -58.63
C TYR A 248 47.26 -43.84 -59.17
N GLN A 249 48.00 -43.40 -60.17
CA GLN A 249 47.60 -42.25 -60.95
C GLN A 249 47.66 -42.72 -62.38
N ILE A 250 46.50 -42.77 -63.03
CA ILE A 250 46.42 -43.23 -64.41
C ILE A 250 45.76 -42.16 -65.30
N HIS A 251 46.46 -41.73 -66.36
CA HIS A 251 45.89 -40.77 -67.28
C HIS A 251 45.75 -41.29 -68.72
N GLY A 252 44.59 -41.03 -69.31
CA GLY A 252 44.25 -41.42 -70.70
C GLY A 252 43.76 -40.23 -71.53
N LYS A 253 43.23 -40.47 -72.72
CA LYS A 253 42.89 -39.35 -73.60
C LYS A 253 41.82 -38.39 -73.04
N ASP A 254 40.88 -38.88 -72.23
CA ASP A 254 39.86 -38.00 -71.63
C ASP A 254 39.64 -38.17 -70.14
N SER A 255 40.34 -39.11 -69.53
CA SER A 255 40.10 -39.38 -68.13
C SER A 255 41.33 -39.83 -67.36
N SER A 256 41.29 -39.56 -66.07
CA SER A 256 42.29 -39.97 -65.12
C SER A 256 41.60 -40.74 -64.02
N PHE A 257 42.33 -41.67 -63.43
CA PHE A 257 41.88 -42.36 -62.24
C PHE A 257 42.94 -42.21 -61.18
N ILE A 258 42.56 -41.68 -60.02
CA ILE A 258 43.49 -41.49 -58.91
C ILE A 258 42.99 -42.17 -57.63
N LYS A 259 43.81 -43.04 -57.04
CA LYS A 259 43.37 -43.83 -55.91
C LYS A 259 44.46 -43.99 -54.84
N TYR A 260 43.99 -43.92 -53.61
CA TYR A 260 44.80 -44.12 -52.43
C TYR A 260 44.45 -45.45 -51.81
N GLY A 261 45.35 -45.92 -50.94
CA GLY A 261 45.03 -46.99 -50.03
C GLY A 261 45.60 -48.31 -50.43
N ILE A 262 45.48 -49.31 -49.56
CA ILE A 262 45.99 -50.64 -49.84
C ILE A 262 44.90 -51.71 -49.65
N ASP A 263 44.95 -52.78 -50.44
CA ASP A 263 44.01 -53.92 -50.28
C ASP A 263 44.16 -54.44 -48.84
N GLY A 264 43.02 -54.69 -48.18
CA GLY A 264 43.00 -55.12 -46.79
C GLY A 264 42.77 -56.61 -46.53
N GLN A 265 42.92 -57.46 -47.57
CA GLN A 265 42.85 -58.93 -47.40
C GLN A 265 43.97 -59.49 -46.51
N GLU A 266 45.21 -59.07 -46.74
CA GLU A 266 46.33 -59.55 -45.91
C GLU A 266 46.16 -59.20 -44.43
N ASP A 267 45.58 -58.03 -44.16
CA ASP A 267 45.28 -57.65 -42.79
C ASP A 267 44.17 -58.45 -42.17
N ALA A 268 43.14 -58.76 -42.95
CA ALA A 268 42.06 -59.61 -42.45
C ALA A 268 42.59 -61.05 -42.19
N LEU A 269 43.45 -61.54 -43.09
CA LEU A 269 44.15 -62.78 -42.84
C LEU A 269 45.03 -62.76 -41.57
N ARG A 270 45.75 -61.66 -41.33
CA ARG A 270 46.57 -61.53 -40.11
C ARG A 270 45.71 -61.48 -38.84
N ALA A 271 44.52 -60.91 -38.95
CA ALA A 271 43.61 -60.85 -37.84
C ALA A 271 42.96 -62.20 -37.58
N GLY A 272 43.22 -63.19 -38.44
CA GLY A 272 42.64 -64.53 -38.29
C GLY A 272 41.26 -64.74 -38.92
N ARG A 273 40.79 -63.76 -39.70
CA ARG A 273 39.55 -63.91 -40.45
C ARG A 273 39.81 -64.68 -41.72
N LYS A 274 38.74 -65.30 -42.26
CA LYS A 274 38.83 -66.14 -43.46
C LYS A 274 37.71 -65.74 -44.43
N PRO A 275 37.95 -65.89 -45.73
CA PRO A 275 36.89 -65.53 -46.69
C PRO A 275 35.63 -66.35 -46.49
N GLU A 276 34.50 -65.70 -46.20
CA GLU A 276 33.28 -66.45 -45.85
C GLU A 276 31.94 -65.89 -46.34
N ASP A 277 31.89 -64.58 -46.57
CA ASP A 277 30.69 -63.93 -47.10
C ASP A 277 31.07 -62.93 -48.20
N ASP A 278 30.08 -62.35 -48.85
CA ASP A 278 30.28 -61.41 -49.96
C ASP A 278 31.10 -60.17 -49.59
N SER A 279 31.25 -59.90 -48.28
CA SER A 279 31.99 -58.72 -47.80
C SER A 279 33.51 -58.87 -47.70
N TRP A 280 34.06 -60.04 -48.02
CA TRP A 280 35.50 -60.17 -48.08
C TRP A 280 36.07 -59.21 -49.14
N GLY A 281 37.20 -58.56 -48.83
CA GLY A 281 37.94 -57.76 -49.81
C GLY A 281 37.34 -56.40 -50.15
N ALA A 282 36.38 -55.95 -49.34
CA ALA A 282 35.71 -54.69 -49.62
C ALA A 282 36.71 -53.58 -49.33
N ASP A 283 36.65 -52.52 -50.11
CA ASP A 283 37.39 -51.35 -49.81
C ASP A 283 36.67 -50.47 -48.78
N VAL A 284 37.43 -49.57 -48.16
CA VAL A 284 36.87 -48.53 -47.34
C VAL A 284 36.43 -47.37 -48.28
N PRO A 285 35.17 -46.91 -48.13
CA PRO A 285 34.68 -45.81 -49.00
C PRO A 285 35.60 -44.62 -49.14
N GLU A 286 36.22 -44.19 -48.05
CA GLU A 286 37.13 -43.04 -48.12
C GLU A 286 38.30 -43.27 -49.10
N PHE A 287 38.60 -44.51 -49.40
CA PHE A 287 39.71 -44.82 -50.28
C PHE A 287 39.23 -45.26 -51.65
N TYR A 288 37.94 -45.13 -51.93
CA TYR A 288 37.49 -45.40 -53.28
C TYR A 288 38.23 -44.46 -54.24
N GLY A 289 38.50 -44.92 -55.46
CA GLY A 289 39.20 -44.10 -56.44
C GLY A 289 38.32 -42.99 -57.00
N LYS A 290 38.96 -41.97 -57.54
CA LYS A 290 38.26 -40.91 -58.22
C LYS A 290 38.54 -41.01 -59.70
N LEU A 291 37.47 -41.10 -60.47
CA LEU A 291 37.59 -41.10 -61.92
C LEU A 291 37.20 -39.72 -62.42
N THR A 292 38.13 -39.06 -63.11
CA THR A 292 37.86 -37.74 -63.72
C THR A 292 37.75 -37.83 -65.25
N THR A 293 36.72 -37.21 -65.82
CA THR A 293 36.51 -37.22 -67.28
C THR A 293 36.27 -35.83 -67.80
N ILE A 294 36.88 -35.52 -68.93
CA ILE A 294 36.72 -34.19 -69.54
C ILE A 294 35.93 -34.29 -70.83
N ARG A 295 34.92 -33.42 -70.97
CA ARG A 295 34.17 -33.29 -72.21
C ARG A 295 34.20 -31.80 -72.52
N GLY A 296 35.07 -31.41 -73.45
CA GLY A 296 35.24 -30.02 -73.80
C GLY A 296 35.65 -29.25 -72.56
N SER A 297 34.78 -28.37 -72.07
CA SER A 297 35.12 -27.51 -70.92
C SER A 297 34.56 -28.03 -69.58
N ASP A 298 33.70 -29.06 -69.65
CA ASP A 298 33.15 -29.67 -68.44
C ASP A 298 34.12 -30.71 -67.88
N LYS A 299 34.51 -30.50 -66.62
CA LYS A 299 35.35 -31.44 -65.89
C LYS A 299 34.47 -32.14 -64.86
N LYS A 300 34.44 -33.47 -64.93
CA LYS A 300 33.54 -34.26 -64.10
C LYS A 300 34.29 -35.36 -63.34
N THR A 301 33.98 -35.49 -62.05
CA THR A 301 34.72 -36.36 -61.16
C THR A 301 33.77 -37.26 -60.44
N GLU A 302 34.11 -38.54 -60.38
CA GLU A 302 33.17 -39.53 -59.93
C GLU A 302 33.91 -40.54 -59.05
N THR A 303 33.38 -40.79 -57.87
CA THR A 303 33.94 -41.76 -56.96
C THR A 303 33.52 -43.18 -57.37
N ILE A 304 34.50 -44.06 -57.57
CA ILE A 304 34.27 -45.39 -58.10
C ILE A 304 34.37 -46.43 -56.98
N PRO A 305 33.23 -47.07 -56.61
CA PRO A 305 33.28 -48.13 -55.60
C PRO A 305 34.16 -49.30 -56.08
N SER A 306 35.08 -49.75 -55.23
CA SER A 306 36.00 -50.81 -55.60
C SER A 306 35.34 -52.18 -55.81
N VAL A 307 35.86 -52.95 -56.76
CA VAL A 307 35.46 -54.34 -56.90
C VAL A 307 36.08 -55.04 -55.69
N ASN A 308 35.37 -55.97 -55.09
CA ASN A 308 35.87 -56.69 -53.94
C ASN A 308 37.13 -57.48 -54.31
N GLY A 309 38.17 -57.32 -53.50
CA GLY A 309 39.38 -58.15 -53.61
C GLY A 309 39.01 -59.63 -53.51
N SER A 310 39.79 -60.48 -54.13
CA SER A 310 39.34 -61.86 -54.29
C SER A 310 40.48 -62.84 -54.45
N TYR A 311 41.39 -62.88 -53.48
CA TYR A 311 42.50 -63.87 -53.53
C TYR A 311 42.04 -65.33 -53.75
N LEU A 312 40.80 -65.67 -53.36
CA LEU A 312 40.30 -67.03 -53.54
C LEU A 312 40.32 -67.42 -55.00
N THR A 313 40.17 -66.43 -55.87
CA THR A 313 40.06 -66.69 -57.29
C THR A 313 41.30 -67.42 -57.77
N TYR A 314 42.46 -67.00 -57.24
CA TYR A 314 43.72 -67.66 -57.61
C TYR A 314 43.68 -69.17 -57.40
N TYR A 315 43.27 -69.61 -56.22
CA TYR A 315 43.26 -71.06 -56.00
C TYR A 315 42.09 -71.77 -56.63
N ARG A 316 40.97 -71.07 -56.87
CA ARG A 316 39.87 -71.71 -57.58
C ARG A 316 40.36 -72.01 -58.97
N LYS A 317 41.18 -71.10 -59.50
CA LYS A 317 41.72 -71.27 -60.83
C LYS A 317 42.70 -72.43 -60.93
N ILE A 318 43.62 -72.54 -59.97
CA ILE A 318 44.58 -73.63 -59.95
C ILE A 318 43.85 -74.97 -59.95
N ALA A 319 42.84 -75.07 -59.10
CA ALA A 319 41.96 -76.22 -59.05
C ALA A 319 41.49 -76.59 -60.45
N GLU A 320 40.99 -75.61 -61.21
CA GLU A 320 40.44 -75.92 -62.53
C GLU A 320 41.53 -76.30 -63.53
N SER A 321 42.73 -75.78 -63.34
CA SER A 321 43.84 -76.16 -64.18
C SER A 321 44.24 -77.64 -63.99
N ILE A 322 44.32 -78.06 -62.73
CA ILE A 322 44.65 -79.44 -62.36
C ILE A 322 43.56 -80.43 -62.77
N ARG A 323 42.31 -80.04 -62.59
CA ARG A 323 41.19 -80.94 -62.73
C ARG A 323 40.62 -80.93 -64.14
N GLU A 324 40.73 -79.79 -64.83
CA GLU A 324 40.00 -79.59 -66.08
C GLU A 324 40.83 -79.02 -67.24
N GLY A 325 42.15 -78.97 -67.07
CA GLY A 325 43.04 -78.43 -68.08
C GLY A 325 42.91 -76.93 -68.38
N ALA A 326 42.24 -76.18 -67.50
CA ALA A 326 42.04 -74.74 -67.73
C ALA A 326 43.37 -73.97 -67.66
N ALA A 327 43.41 -72.77 -68.25
CA ALA A 327 44.62 -71.95 -68.25
C ALA A 327 44.98 -71.54 -66.81
N LEU A 328 46.29 -71.53 -66.52
CA LEU A 328 46.76 -71.12 -65.21
C LEU A 328 46.45 -69.67 -64.96
N PRO A 329 46.19 -69.30 -63.69
CA PRO A 329 45.89 -67.92 -63.34
C PRO A 329 47.12 -67.03 -63.48
N VAL A 330 48.30 -67.56 -63.21
CA VAL A 330 49.55 -66.86 -63.52
C VAL A 330 50.47 -67.93 -64.07
N THR A 331 51.07 -67.68 -65.23
CA THR A 331 51.94 -68.68 -65.86
C THR A 331 53.37 -68.44 -65.47
N ALA A 332 54.18 -69.50 -65.48
CA ALA A 332 55.63 -69.36 -65.27
C ALA A 332 56.23 -68.23 -66.13
N GLU A 333 55.86 -68.12 -67.40
CA GLU A 333 56.45 -67.08 -68.25
C GLU A 333 56.17 -65.68 -67.72
N GLU A 334 54.96 -65.43 -67.22
CA GLU A 334 54.61 -64.16 -66.59
C GLU A 334 55.52 -63.83 -65.40
N GLY A 335 55.79 -64.83 -64.56
CA GLY A 335 56.66 -64.64 -63.41
C GLY A 335 58.09 -64.34 -63.82
N ILE A 336 58.60 -65.06 -64.83
CA ILE A 336 59.94 -64.83 -65.35
C ILE A 336 60.08 -63.40 -65.89
N ASN A 337 59.06 -62.94 -66.60
CA ASN A 337 59.08 -61.59 -67.15
C ASN A 337 59.22 -60.53 -66.07
N VAL A 338 58.59 -60.77 -64.91
CA VAL A 338 58.72 -59.88 -63.76
C VAL A 338 60.18 -59.80 -63.37
N ILE A 339 60.82 -60.96 -63.29
CA ILE A 339 62.21 -61.00 -62.89
C ILE A 339 63.07 -60.31 -63.94
N ARG A 340 62.71 -60.45 -65.21
CA ARG A 340 63.46 -59.77 -66.24
C ARG A 340 63.48 -58.28 -66.01
N ILE A 341 62.34 -57.73 -65.57
CA ILE A 341 62.24 -56.31 -65.39
C ILE A 341 63.12 -55.91 -64.22
N ILE A 342 63.13 -56.75 -63.20
CA ILE A 342 63.91 -56.45 -62.01
C ILE A 342 65.40 -56.48 -62.29
N GLU A 343 65.86 -57.50 -63.02
CA GLU A 343 67.28 -57.61 -63.35
C GLU A 343 67.65 -56.42 -64.22
N ALA A 344 66.72 -56.03 -65.09
CA ALA A 344 66.95 -54.91 -65.97
C ALA A 344 67.04 -53.57 -65.20
N ALA A 345 66.19 -53.41 -64.19
CA ALA A 345 66.20 -52.21 -63.34
C ALA A 345 67.49 -52.17 -62.57
N MET A 346 67.88 -53.32 -62.02
CA MET A 346 69.15 -53.41 -61.32
C MET A 346 70.33 -53.06 -62.22
N GLU A 347 70.30 -53.52 -63.46
CA GLU A 347 71.39 -53.16 -64.36
C GLU A 347 71.33 -51.67 -64.70
N SER A 348 70.12 -51.17 -64.97
CA SER A 348 69.98 -49.77 -65.33
C SER A 348 70.60 -48.90 -64.24
N SER A 349 70.27 -49.24 -62.98
CA SER A 349 70.67 -48.50 -61.80
C SER A 349 72.19 -48.50 -61.58
N LYS A 350 72.80 -49.66 -61.77
CA LYS A 350 74.22 -49.86 -61.62
C LYS A 350 74.99 -49.17 -62.74
N GLU A 351 74.43 -49.22 -63.95
CA GLU A 351 75.16 -48.72 -65.13
C GLU A 351 74.87 -47.24 -65.41
N LYS A 352 73.98 -46.66 -64.61
CA LYS A 352 73.53 -45.27 -64.81
C LYS A 352 73.05 -45.00 -66.26
N ARG A 353 72.38 -45.97 -66.87
CA ARG A 353 71.78 -45.81 -68.22
C ARG A 353 70.50 -46.59 -68.44
N THR A 354 69.78 -46.24 -69.50
CA THR A 354 68.57 -46.96 -69.85
C THR A 354 68.95 -48.34 -70.41
N ILE A 355 68.19 -49.37 -70.03
CA ILE A 355 68.45 -50.72 -70.55
C ILE A 355 67.36 -51.10 -71.53
N MET A 356 67.73 -51.34 -72.79
CA MET A 356 66.82 -51.86 -73.82
C MET A 356 66.50 -53.36 -73.57
N LEU A 357 65.24 -53.74 -73.71
CA LEU A 357 64.85 -55.14 -73.46
C LEU A 357 64.89 -56.03 -74.70
N ARG B 9 74.78 9.13 -53.71
CA ARG B 9 73.63 9.18 -52.77
C ARG B 9 72.79 10.41 -53.14
N ARG B 10 71.59 10.17 -53.68
CA ARG B 10 70.80 11.23 -54.32
C ARG B 10 69.33 11.25 -53.84
N LYS B 11 68.52 12.11 -54.46
CA LYS B 11 67.06 12.05 -54.32
C LYS B 11 66.59 10.69 -54.82
N VAL B 12 65.66 10.08 -54.10
CA VAL B 12 65.08 8.80 -54.49
C VAL B 12 63.79 9.06 -55.26
N ASP B 13 63.93 9.07 -56.59
CA ASP B 13 62.81 9.23 -57.49
C ASP B 13 62.11 7.89 -57.68
N THR B 14 60.96 7.91 -58.36
CA THR B 14 60.43 6.69 -58.89
C THR B 14 61.53 6.08 -59.77
N ILE B 15 61.59 4.75 -59.82
CA ILE B 15 62.49 4.06 -60.76
C ILE B 15 61.85 4.14 -62.16
N LYS B 16 62.59 4.65 -63.12
CA LYS B 16 62.02 4.85 -64.45
C LYS B 16 62.14 3.57 -65.25
N VAL B 17 60.99 3.01 -65.62
CA VAL B 17 60.92 1.70 -66.22
C VAL B 17 60.56 1.74 -67.71
N GLY B 18 61.32 1.00 -68.52
CA GLY B 18 60.91 0.66 -69.87
C GLY B 18 60.50 -0.80 -69.97
N ILE B 19 59.31 -1.06 -70.51
CA ILE B 19 58.87 -2.42 -70.78
C ILE B 19 58.97 -2.77 -72.28
N LEU B 20 59.67 -3.87 -72.56
CA LEU B 20 59.72 -4.40 -73.91
C LEU B 20 58.68 -5.48 -74.04
N GLY B 21 57.75 -5.28 -74.99
CA GLY B 21 56.69 -6.23 -75.28
C GLY B 21 55.50 -5.93 -74.38
N TYR B 22 54.30 -6.05 -74.93
CA TYR B 22 53.10 -5.80 -74.17
C TYR B 22 52.02 -6.82 -74.53
N GLY B 23 52.46 -8.07 -74.61
CA GLY B 23 51.58 -9.18 -74.85
C GLY B 23 51.18 -9.66 -73.48
N LEU B 24 51.02 -10.97 -73.34
CA LEU B 24 50.64 -11.58 -72.08
C LEU B 24 51.58 -11.24 -70.89
N SER B 25 52.89 -11.51 -71.03
CA SER B 25 53.83 -11.24 -69.92
C SER B 25 53.82 -9.79 -69.53
N GLY B 26 53.97 -8.92 -70.54
CA GLY B 26 54.16 -7.52 -70.29
C GLY B 26 52.92 -6.89 -69.70
N SER B 27 51.76 -7.28 -70.20
CA SER B 27 50.51 -6.58 -69.87
C SER B 27 49.69 -7.25 -68.80
N VAL B 28 49.94 -8.54 -68.56
CA VAL B 28 49.20 -9.25 -67.53
C VAL B 28 50.08 -9.63 -66.36
N PHE B 29 51.29 -10.09 -66.60
CA PHE B 29 52.08 -10.60 -65.50
C PHE B 29 53.05 -9.57 -64.89
N HIS B 30 53.42 -8.53 -65.62
CA HIS B 30 54.36 -7.52 -65.11
C HIS B 30 53.75 -6.17 -64.83
N GLY B 31 53.19 -5.56 -65.88
CA GLY B 31 52.58 -4.26 -65.75
C GLY B 31 51.70 -4.12 -64.52
N PRO B 32 50.75 -5.06 -64.30
CA PRO B 32 49.83 -4.77 -63.19
C PRO B 32 50.52 -4.77 -61.80
N LEU B 33 51.61 -5.54 -61.65
CA LEU B 33 52.38 -5.51 -60.41
C LEU B 33 53.08 -4.18 -60.19
N LEU B 34 53.78 -3.69 -61.23
CA LEU B 34 54.53 -2.43 -61.17
C LEU B 34 53.64 -1.22 -60.96
N ASP B 35 52.42 -1.31 -61.46
CA ASP B 35 51.46 -0.25 -61.32
C ASP B 35 51.00 0.02 -59.89
N VAL B 36 51.08 -0.96 -59.01
CA VAL B 36 50.61 -0.73 -57.66
C VAL B 36 51.76 -0.34 -56.73
N LEU B 37 53.00 -0.61 -57.13
CA LEU B 37 54.18 -0.20 -56.38
C LEU B 37 54.53 1.21 -56.78
N ASP B 38 54.54 2.17 -55.85
CA ASP B 38 54.96 3.53 -56.29
C ASP B 38 56.46 3.78 -56.32
N GLU B 39 57.25 2.79 -55.91
CA GLU B 39 58.67 2.81 -56.25
C GLU B 39 58.88 3.02 -57.74
N TYR B 40 57.93 2.56 -58.57
CA TYR B 40 58.07 2.51 -60.04
C TYR B 40 57.25 3.51 -60.85
N GLN B 41 57.76 3.87 -62.02
CA GLN B 41 57.02 4.63 -63.00
C GLN B 41 57.32 4.02 -64.36
N ILE B 42 56.27 3.59 -65.06
CA ILE B 42 56.43 3.00 -66.41
C ILE B 42 56.47 4.19 -67.35
N SER B 43 57.67 4.48 -67.86
CA SER B 43 57.86 5.61 -68.81
C SER B 43 57.61 5.24 -70.27
N LYS B 44 58.05 4.05 -70.65
CA LYS B 44 57.98 3.63 -72.02
C LYS B 44 57.72 2.15 -72.18
N ILE B 45 57.06 1.80 -73.27
CA ILE B 45 56.74 0.43 -73.61
C ILE B 45 56.98 0.22 -75.12
N MET B 46 57.88 -0.70 -75.45
CA MET B 46 58.08 -1.09 -76.83
C MET B 46 57.02 -2.10 -77.20
N THR B 47 56.06 -1.65 -78.01
CA THR B 47 54.92 -2.47 -78.43
C THR B 47 54.19 -1.83 -79.58
N SER B 48 53.51 -2.66 -80.35
CA SER B 48 52.60 -2.17 -81.36
C SER B 48 51.20 -1.92 -80.77
N ARG B 49 50.95 -2.36 -79.54
CA ARG B 49 49.61 -2.24 -78.93
C ARG B 49 49.42 -0.89 -78.25
N THR B 50 49.26 0.14 -79.07
CA THR B 50 49.19 1.51 -78.59
C THR B 50 47.94 1.75 -77.76
N GLU B 51 46.78 1.35 -78.29
CA GLU B 51 45.50 1.55 -77.62
C GLU B 51 45.42 0.80 -76.28
N GLU B 52 46.07 -0.36 -76.22
CA GLU B 52 46.21 -1.09 -74.97
C GLU B 52 47.09 -0.37 -73.94
N VAL B 53 48.18 0.23 -74.38
CA VAL B 53 49.07 0.91 -73.43
C VAL B 53 48.44 2.19 -72.89
N LYS B 54 47.73 2.91 -73.76
CA LYS B 54 47.03 4.13 -73.36
C LYS B 54 45.95 3.86 -72.29
N ARG B 55 45.26 2.74 -72.41
CA ARG B 55 44.22 2.39 -71.45
C ARG B 55 44.82 2.04 -70.09
N ASP B 56 45.99 1.37 -70.08
CA ASP B 56 46.53 0.84 -68.82
C ASP B 56 47.48 1.83 -68.18
N PHE B 57 48.23 2.56 -69.01
CA PHE B 57 49.22 3.51 -68.56
C PHE B 57 49.12 4.83 -69.32
N PRO B 58 48.09 5.63 -69.01
CA PRO B 58 47.74 6.83 -69.78
C PRO B 58 48.90 7.79 -70.00
N ASP B 59 49.99 7.64 -69.23
CA ASP B 59 51.15 8.55 -69.36
C ASP B 59 52.42 7.90 -69.89
N ALA B 60 52.37 6.60 -70.21
CA ALA B 60 53.56 5.95 -70.78
C ALA B 60 53.65 6.31 -72.25
N GLU B 61 54.87 6.45 -72.74
CA GLU B 61 55.02 6.66 -74.17
C GLU B 61 55.23 5.31 -74.85
N VAL B 62 54.48 5.09 -75.93
CA VAL B 62 54.63 3.89 -76.74
C VAL B 62 55.72 4.13 -77.74
N VAL B 63 56.66 3.19 -77.82
CA VAL B 63 57.72 3.26 -78.81
C VAL B 63 57.80 1.95 -79.58
N HIS B 64 58.61 1.95 -80.65
CA HIS B 64 58.59 0.88 -81.64
C HIS B 64 59.94 0.31 -81.99
N GLU B 65 61.00 1.02 -81.62
CA GLU B 65 62.36 0.53 -81.84
C GLU B 65 63.11 0.45 -80.50
N LEU B 66 63.93 -0.58 -80.34
CA LEU B 66 64.68 -0.80 -79.12
C LEU B 66 65.50 0.41 -78.64
N GLU B 67 66.10 1.13 -79.58
CA GLU B 67 66.97 2.26 -79.27
C GLU B 67 66.28 3.36 -78.46
N GLU B 68 64.96 3.39 -78.52
CA GLU B 68 64.19 4.44 -77.83
C GLU B 68 64.19 4.23 -76.32
N ILE B 69 64.31 2.98 -75.91
CA ILE B 69 64.52 2.64 -74.51
C ILE B 69 66.03 2.73 -74.19
N THR B 70 66.83 1.96 -74.92
CA THR B 70 68.25 1.84 -74.63
C THR B 70 68.97 3.19 -74.64
N ASN B 71 68.69 4.04 -75.62
CA ASN B 71 69.39 5.34 -75.69
C ASN B 71 68.74 6.48 -74.91
N ASP B 72 67.73 6.17 -74.11
CA ASP B 72 67.05 7.16 -73.27
C ASP B 72 67.77 7.14 -71.92
N PRO B 73 68.55 8.20 -71.62
CA PRO B 73 69.28 8.35 -70.36
C PRO B 73 68.41 8.26 -69.11
N ALA B 74 67.13 8.65 -69.22
CA ALA B 74 66.24 8.73 -68.07
C ALA B 74 65.79 7.36 -67.55
N ILE B 75 65.70 6.37 -68.45
CA ILE B 75 65.28 5.01 -68.10
C ILE B 75 66.39 4.29 -67.32
N GLU B 76 66.01 3.56 -66.27
CA GLU B 76 66.97 2.85 -65.39
C GLU B 76 66.77 1.33 -65.37
N LEU B 77 65.54 0.88 -65.56
CA LEU B 77 65.22 -0.54 -65.51
C LEU B 77 64.45 -0.95 -66.76
N VAL B 78 64.92 -2.02 -67.40
CA VAL B 78 64.22 -2.60 -68.55
C VAL B 78 63.67 -3.97 -68.22
N ILE B 79 62.36 -4.15 -68.40
CA ILE B 79 61.71 -5.46 -68.31
C ILE B 79 61.62 -6.10 -69.70
N VAL B 80 62.26 -7.24 -69.89
CA VAL B 80 62.33 -7.84 -71.21
C VAL B 80 61.27 -8.93 -71.31
N THR B 81 60.17 -8.67 -72.03
CA THR B 81 59.07 -9.66 -72.11
C THR B 81 58.74 -10.07 -73.54
N THR B 82 59.67 -9.82 -74.45
CA THR B 82 59.46 -10.14 -75.86
C THR B 82 59.67 -11.63 -76.14
N PRO B 83 59.30 -12.09 -77.36
CA PRO B 83 59.46 -13.53 -77.67
C PRO B 83 60.86 -14.07 -77.36
N SER B 84 60.89 -15.27 -76.79
CA SER B 84 62.11 -16.03 -76.49
C SER B 84 63.37 -15.71 -77.31
N GLY B 85 63.27 -15.78 -78.64
CA GLY B 85 64.42 -15.57 -79.52
C GLY B 85 64.96 -14.16 -79.67
N LEU B 86 64.34 -13.20 -78.98
CA LEU B 86 64.81 -11.83 -78.94
C LEU B 86 65.40 -11.49 -77.57
N HIS B 87 65.24 -12.41 -76.63
CA HIS B 87 65.70 -12.20 -75.26
C HIS B 87 67.16 -11.79 -75.17
N TYR B 88 68.02 -12.56 -75.84
CA TYR B 88 69.44 -12.32 -75.77
C TYR B 88 69.83 -10.98 -76.40
N GLU B 89 69.37 -10.74 -77.63
CA GLU B 89 69.68 -9.46 -78.28
C GLU B 89 69.23 -8.32 -77.39
N HIS B 90 67.98 -8.38 -76.92
CA HIS B 90 67.42 -7.24 -76.22
C HIS B 90 68.10 -6.96 -74.89
N THR B 91 68.32 -8.02 -74.13
CA THR B 91 68.98 -7.91 -72.85
C THR B 91 70.41 -7.42 -73.02
N MET B 92 71.14 -8.01 -73.96
CA MET B 92 72.53 -7.60 -74.16
C MET B 92 72.63 -6.12 -74.49
N ALA B 93 71.73 -5.64 -75.35
CA ALA B 93 71.75 -4.23 -75.75
C ALA B 93 71.30 -3.32 -74.60
N CYS B 94 70.44 -3.83 -73.73
CA CYS B 94 70.13 -3.14 -72.48
C CYS B 94 71.33 -3.06 -71.54
N ILE B 95 72.02 -4.18 -71.34
CA ILE B 95 73.22 -4.19 -70.52
C ILE B 95 74.26 -3.17 -71.03
N GLN B 96 74.50 -3.18 -72.34
CA GLN B 96 75.47 -2.27 -72.96
C GLN B 96 75.11 -0.80 -72.82
N ALA B 97 73.84 -0.49 -72.74
CA ALA B 97 73.45 0.89 -72.55
C ALA B 97 73.41 1.22 -71.06
N GLY B 98 73.80 0.25 -70.22
CA GLY B 98 73.98 0.47 -68.80
C GLY B 98 72.66 0.48 -68.04
N LYS B 99 71.68 -0.29 -68.52
CA LYS B 99 70.38 -0.39 -67.87
C LYS B 99 70.32 -1.65 -67.04
N HIS B 100 69.56 -1.60 -65.94
CA HIS B 100 69.31 -2.79 -65.15
C HIS B 100 68.26 -3.59 -65.91
N VAL B 101 68.29 -4.90 -65.74
CA VAL B 101 67.40 -5.73 -66.53
C VAL B 101 66.75 -6.84 -65.71
N VAL B 102 65.42 -6.97 -65.85
CA VAL B 102 64.67 -8.16 -65.50
C VAL B 102 64.25 -8.90 -66.79
N MET B 103 64.68 -10.16 -66.89
CA MET B 103 64.44 -11.07 -68.02
C MET B 103 63.31 -11.99 -67.63
N GLU B 104 62.36 -12.21 -68.53
CA GLU B 104 61.39 -13.29 -68.33
C GLU B 104 62.10 -14.63 -68.35
N LYS B 105 61.49 -15.64 -67.78
CA LYS B 105 62.03 -16.99 -67.85
C LYS B 105 61.44 -17.69 -69.08
N PRO B 106 62.06 -18.77 -69.56
CA PRO B 106 63.40 -19.28 -69.22
C PRO B 106 64.45 -18.25 -69.64
N MET B 107 65.51 -18.12 -68.86
CA MET B 107 66.56 -17.15 -69.11
C MET B 107 66.99 -17.12 -70.58
N THR B 108 67.52 -18.25 -71.03
CA THR B 108 68.03 -18.42 -72.39
C THR B 108 67.93 -19.90 -72.77
N ALA B 109 68.15 -20.22 -74.03
CA ALA B 109 68.19 -21.60 -74.46
C ALA B 109 69.36 -22.38 -73.85
N THR B 110 70.53 -21.74 -73.70
CA THR B 110 71.72 -22.42 -73.20
C THR B 110 72.38 -21.67 -72.05
N ALA B 111 73.02 -22.43 -71.17
CA ALA B 111 73.90 -21.93 -70.14
C ALA B 111 74.96 -20.94 -70.64
N GLU B 112 75.63 -21.27 -71.76
CA GLU B 112 76.68 -20.39 -72.30
C GLU B 112 76.23 -18.95 -72.61
N GLU B 113 75.06 -18.79 -73.23
CA GLU B 113 74.53 -17.46 -73.46
C GLU B 113 74.31 -16.76 -72.10
N GLY B 114 73.77 -17.52 -71.14
CA GLY B 114 73.55 -17.00 -69.81
C GLY B 114 74.83 -16.52 -69.20
N GLU B 115 75.85 -17.38 -69.22
CA GLU B 115 77.17 -16.98 -68.75
C GLU B 115 77.53 -15.62 -69.35
N THR B 116 77.39 -15.49 -70.67
CA THR B 116 77.80 -14.27 -71.40
C THR B 116 77.04 -13.02 -70.96
N LEU B 117 75.75 -13.17 -70.69
CA LEU B 117 74.94 -12.03 -70.24
C LEU B 117 75.39 -11.58 -68.87
N LYS B 118 75.61 -12.54 -67.97
CA LYS B 118 76.02 -12.25 -66.61
C LYS B 118 77.38 -11.52 -66.61
N ARG B 119 78.28 -12.00 -67.46
CA ARG B 119 79.62 -11.40 -67.53
C ARG B 119 79.58 -9.97 -68.02
N ALA B 120 78.74 -9.70 -69.00
CA ALA B 120 78.60 -8.34 -69.49
C ALA B 120 78.03 -7.43 -68.40
N ALA B 121 77.07 -7.93 -67.64
CA ALA B 121 76.38 -7.11 -66.63
C ALA B 121 77.29 -6.72 -65.45
N ASP B 122 78.12 -7.64 -65.01
CA ASP B 122 79.10 -7.37 -63.98
C ASP B 122 80.16 -6.39 -64.46
N GLU B 123 80.52 -6.48 -65.75
CA GLU B 123 81.49 -5.58 -66.36
C GLU B 123 80.98 -4.15 -66.42
N LYS B 124 79.69 -4.03 -66.67
CA LYS B 124 79.09 -2.75 -66.99
C LYS B 124 78.42 -2.13 -65.76
N GLY B 125 78.48 -2.85 -64.64
CA GLY B 125 78.00 -2.35 -63.35
C GLY B 125 76.50 -2.38 -63.19
N VAL B 126 75.82 -3.25 -63.93
CA VAL B 126 74.36 -3.25 -63.90
C VAL B 126 73.77 -4.50 -63.30
N LEU B 127 72.52 -4.39 -62.88
CA LEU B 127 71.81 -5.49 -62.24
C LEU B 127 71.06 -6.34 -63.28
N LEU B 128 71.28 -7.64 -63.20
CA LEU B 128 70.60 -8.60 -64.06
C LEU B 128 69.93 -9.69 -63.22
N SER B 129 68.59 -9.78 -63.37
CA SER B 129 67.75 -10.72 -62.64
C SER B 129 66.76 -11.36 -63.59
N VAL B 130 66.20 -12.49 -63.18
CA VAL B 130 65.36 -13.34 -64.04
C VAL B 130 64.06 -13.48 -63.29
N TYR B 131 62.94 -13.41 -64.01
CA TYR B 131 61.66 -13.42 -63.34
C TYR B 131 61.25 -14.84 -62.92
N HIS B 132 61.99 -15.46 -62.00
CA HIS B 132 61.59 -16.74 -61.36
C HIS B 132 60.66 -16.52 -60.16
N ASN B 133 59.41 -16.17 -60.43
CA ASN B 133 58.55 -15.64 -59.39
C ASN B 133 57.77 -16.70 -58.67
N ARG B 134 57.87 -17.93 -59.16
CA ARG B 134 57.29 -19.07 -58.46
C ARG B 134 57.94 -19.37 -57.11
N ARG B 135 58.94 -18.59 -56.72
CA ARG B 135 59.44 -18.68 -55.36
C ARG B 135 58.44 -17.99 -54.46
N TRP B 136 57.52 -17.24 -55.07
CA TRP B 136 56.53 -16.53 -54.28
C TRP B 136 55.12 -17.05 -54.49
N ASP B 137 55.00 -18.27 -54.99
CA ASP B 137 53.72 -18.97 -55.06
C ASP B 137 53.31 -19.35 -53.66
N ASN B 138 52.00 -19.37 -53.40
CA ASN B 138 51.52 -19.67 -52.07
C ASN B 138 52.03 -21.02 -51.55
N ASP B 139 51.98 -22.03 -52.40
CA ASP B 139 52.36 -23.36 -51.98
C ASP B 139 53.84 -23.43 -51.63
N PHE B 140 54.67 -22.79 -52.45
CA PHE B 140 56.11 -22.86 -52.20
C PHE B 140 56.45 -22.09 -50.94
N LEU B 141 55.84 -20.93 -50.74
CA LEU B 141 56.08 -20.17 -49.51
C LEU B 141 55.72 -20.98 -48.28
N THR B 142 54.70 -21.83 -48.44
CA THR B 142 54.26 -22.68 -47.36
C THR B 142 55.30 -23.75 -47.04
N ILE B 143 55.85 -24.39 -48.07
CA ILE B 143 56.89 -25.40 -47.94
C ILE B 143 58.10 -24.80 -47.23
N LYS B 144 58.51 -23.63 -47.68
CA LYS B 144 59.60 -22.90 -47.05
C LYS B 144 59.36 -22.63 -45.57
N LYS B 145 58.17 -22.17 -45.21
CA LYS B 145 57.85 -21.91 -43.80
C LYS B 145 57.93 -23.20 -42.98
N LEU B 146 57.23 -24.23 -43.45
CA LEU B 146 57.35 -25.58 -42.90
C LEU B 146 58.79 -26.03 -42.73
N ILE B 147 59.63 -25.88 -43.75
CA ILE B 147 61.07 -26.17 -43.60
C ILE B 147 61.71 -25.34 -42.48
N SER B 148 61.59 -24.01 -42.52
CA SER B 148 62.24 -23.18 -41.50
C SER B 148 61.75 -23.43 -40.07
N GLU B 149 60.53 -23.94 -39.88
CA GLU B 149 60.04 -24.19 -38.53
C GLU B 149 60.37 -25.59 -38.02
N GLY B 150 61.04 -26.38 -38.85
CA GLY B 150 61.41 -27.72 -38.46
C GLY B 150 60.35 -28.78 -38.64
N SER B 151 59.35 -28.52 -39.48
CA SER B 151 58.28 -29.50 -39.73
C SER B 151 58.55 -30.42 -40.89
N LEU B 152 59.61 -30.17 -41.65
CA LEU B 152 60.02 -31.04 -42.73
C LEU B 152 61.51 -31.28 -42.69
N GLU B 153 61.93 -32.02 -41.69
CA GLU B 153 63.34 -32.20 -41.40
C GLU B 153 63.89 -33.30 -42.28
N ASP B 154 65.09 -33.12 -42.77
CA ASP B 154 65.84 -34.17 -43.51
C ASP B 154 65.00 -34.84 -44.63
N ILE B 155 64.66 -34.03 -45.63
CA ILE B 155 63.88 -34.46 -46.77
C ILE B 155 64.64 -35.54 -47.56
N ASN B 156 63.96 -36.65 -47.83
CA ASN B 156 64.59 -37.73 -48.56
C ASN B 156 63.98 -37.86 -49.94
N THR B 157 62.74 -37.42 -50.08
CA THR B 157 62.06 -37.48 -51.37
C THR B 157 61.24 -36.21 -51.60
N TYR B 158 61.37 -35.68 -52.80
CA TYR B 158 60.76 -34.43 -53.16
C TYR B 158 60.18 -34.59 -54.58
N GLN B 159 58.87 -34.77 -54.70
CA GLN B 159 58.25 -35.02 -56.01
C GLN B 159 57.26 -33.96 -56.38
N VAL B 160 57.49 -33.33 -57.52
CA VAL B 160 56.71 -32.20 -57.94
C VAL B 160 56.17 -32.51 -59.33
N SER B 161 54.86 -32.30 -59.50
CA SER B 161 54.24 -32.63 -60.74
C SER B 161 53.51 -31.45 -61.38
N TYR B 162 53.79 -31.15 -62.64
CA TYR B 162 53.28 -29.96 -63.29
C TYR B 162 52.53 -30.34 -64.55
N ASN B 163 51.41 -31.00 -64.36
CA ASN B 163 50.62 -31.60 -65.43
C ASN B 163 49.63 -30.59 -65.97
N ARG B 164 49.27 -30.77 -67.21
CA ARG B 164 48.20 -29.99 -67.80
CA ARG B 164 48.18 -30.01 -67.80
C ARG B 164 47.38 -30.92 -68.71
N TYR B 165 46.22 -30.43 -69.15
CA TYR B 165 45.40 -31.14 -70.13
C TYR B 165 45.26 -30.23 -71.33
N ARG B 166 46.23 -30.33 -72.24
CA ARG B 166 46.17 -29.65 -73.53
C ARG B 166 46.55 -30.63 -74.63
N PRO B 167 45.64 -31.54 -74.99
CA PRO B 167 46.05 -32.65 -75.86
C PRO B 167 46.17 -32.27 -77.34
N GLU B 168 45.75 -31.05 -77.67
CA GLU B 168 45.66 -30.61 -79.07
C GLU B 168 46.89 -29.79 -79.42
N VAL B 169 47.48 -30.10 -80.57
CA VAL B 169 48.65 -29.40 -81.06
C VAL B 169 48.16 -28.04 -81.62
N GLN B 170 48.77 -26.96 -81.11
CA GLN B 170 48.52 -25.59 -81.63
C GLN B 170 49.10 -25.33 -83.05
N ALA B 171 49.18 -24.07 -83.45
CA ALA B 171 49.72 -23.71 -84.78
C ALA B 171 51.26 -23.76 -84.82
N ARG B 172 51.82 -24.06 -86.00
CA ARG B 172 53.28 -24.14 -86.19
C ARG B 172 54.04 -22.98 -85.55
N TRP B 173 53.56 -21.76 -85.79
CA TRP B 173 54.16 -20.54 -85.20
C TRP B 173 54.21 -20.57 -83.67
N ARG B 174 53.18 -21.15 -83.02
CA ARG B 174 53.13 -21.21 -81.54
C ARG B 174 53.90 -22.42 -80.96
N GLU B 175 53.88 -23.54 -81.69
CA GLU B 175 54.67 -24.74 -81.40
C GLU B 175 56.17 -24.48 -81.54
N LYS B 176 56.58 -24.31 -82.79
CA LYS B 176 57.97 -24.39 -83.22
C LYS B 176 58.79 -23.11 -83.07
N GLU B 177 58.11 -21.96 -83.03
CA GLU B 177 58.79 -20.69 -83.21
C GLU B 177 59.69 -20.31 -82.04
N GLY B 178 60.95 -19.99 -82.38
CA GLY B 178 61.91 -19.42 -81.43
C GLY B 178 62.69 -20.41 -80.58
N THR B 179 63.70 -19.87 -79.91
CA THR B 179 64.55 -20.61 -78.98
C THR B 179 63.74 -21.23 -77.84
N ALA B 180 64.31 -22.23 -77.18
CA ALA B 180 63.75 -22.78 -75.95
C ALA B 180 62.23 -23.05 -75.99
N THR B 181 61.79 -23.94 -76.87
CA THR B 181 60.36 -24.28 -76.95
C THR B 181 60.01 -25.47 -76.05
N GLY B 182 58.72 -25.57 -75.72
CA GLY B 182 58.19 -26.75 -75.05
C GLY B 182 58.04 -26.61 -73.54
N THR B 183 57.45 -27.62 -72.93
CA THR B 183 57.06 -27.56 -71.52
C THR B 183 58.20 -27.69 -70.52
N LEU B 184 59.33 -28.26 -70.93
CA LEU B 184 60.48 -28.35 -70.04
C LEU B 184 61.01 -26.95 -69.77
N TYR B 185 61.21 -26.17 -70.83
CA TYR B 185 61.60 -24.77 -70.66
C TYR B 185 60.50 -23.94 -70.01
N ASP B 186 59.25 -24.13 -70.43
CA ASP B 186 58.20 -23.21 -70.01
C ASP B 186 57.67 -23.47 -68.58
N LEU B 187 57.48 -24.74 -68.24
CA LEU B 187 56.86 -25.12 -66.98
C LEU B 187 57.90 -25.73 -66.06
N GLY B 188 58.76 -26.57 -66.61
CA GLY B 188 59.88 -27.17 -65.89
C GLY B 188 60.81 -26.19 -65.20
N SER B 189 61.12 -25.09 -65.83
CA SER B 189 62.02 -24.14 -65.18
C SER B 189 61.51 -23.60 -63.84
N HIS B 190 60.21 -23.36 -63.69
CA HIS B 190 59.62 -22.96 -62.40
C HIS B 190 59.96 -23.95 -61.28
N ILE B 191 59.65 -25.21 -61.51
CA ILE B 191 59.80 -26.21 -60.46
C ILE B 191 61.23 -26.69 -60.33
N ILE B 192 62.04 -26.52 -61.38
CA ILE B 192 63.49 -26.77 -61.24
C ILE B 192 64.07 -25.67 -60.39
N ASP B 193 63.71 -24.42 -60.65
CA ASP B 193 64.21 -23.27 -59.86
C ASP B 193 63.92 -23.45 -58.38
N GLN B 194 62.70 -23.92 -58.07
CA GLN B 194 62.26 -24.15 -56.70
C GLN B 194 63.14 -25.19 -56.05
N THR B 195 63.45 -26.23 -56.80
CA THR B 195 64.28 -27.32 -56.32
C THR B 195 65.70 -26.85 -56.01
N LEU B 196 66.29 -26.02 -56.89
CA LEU B 196 67.67 -25.54 -56.69
C LEU B 196 67.68 -24.61 -55.48
N HIS B 197 66.69 -23.74 -55.40
CA HIS B 197 66.53 -22.85 -54.24
C HIS B 197 66.51 -23.62 -52.89
N LEU B 198 65.78 -24.75 -52.81
CA LEU B 198 65.69 -25.57 -51.58
C LEU B 198 66.94 -26.38 -51.28
N PHE B 199 67.62 -26.87 -52.34
CA PHE B 199 68.61 -27.92 -52.14
C PHE B 199 69.98 -27.66 -52.76
N GLY B 200 70.16 -26.55 -53.45
CA GLY B 200 71.38 -26.37 -54.25
C GLY B 200 71.44 -27.35 -55.42
N MET B 201 72.60 -27.39 -56.07
CA MET B 201 72.78 -28.19 -57.27
C MET B 201 72.87 -29.68 -56.92
N PRO B 202 72.33 -30.58 -57.77
CA PRO B 202 72.51 -32.02 -57.56
C PRO B 202 73.79 -32.55 -58.22
N LYS B 203 74.12 -33.81 -58.01
CA LYS B 203 75.30 -34.41 -58.65
C LYS B 203 74.99 -34.81 -60.09
N ALA B 204 73.73 -35.11 -60.38
CA ALA B 204 73.38 -35.82 -61.62
C ALA B 204 71.94 -35.64 -62.03
N VAL B 205 71.67 -35.69 -63.33
CA VAL B 205 70.30 -35.60 -63.86
C VAL B 205 69.98 -36.83 -64.72
N THR B 206 68.78 -37.38 -64.55
CA THR B 206 68.28 -38.48 -65.39
C THR B 206 66.90 -38.06 -65.85
N ALA B 207 66.61 -38.25 -67.13
CA ALA B 207 65.48 -37.57 -67.70
C ALA B 207 64.99 -38.17 -68.96
N ASN B 208 63.68 -38.12 -69.11
CA ASN B 208 63.01 -38.53 -70.31
C ASN B 208 62.21 -37.31 -70.76
N VAL B 209 62.47 -36.87 -71.99
CA VAL B 209 61.88 -35.67 -72.53
C VAL B 209 61.35 -36.01 -73.91
N MET B 210 60.06 -35.78 -74.12
CA MET B 210 59.39 -36.26 -75.32
C MET B 210 58.12 -35.46 -75.67
N ALA B 211 57.61 -35.70 -76.88
CA ALA B 211 56.30 -35.22 -77.27
C ALA B 211 55.33 -36.42 -77.26
N GLN B 212 54.42 -36.46 -76.29
CA GLN B 212 53.39 -37.51 -76.20
C GLN B 212 52.21 -37.27 -77.13
N ARG B 213 51.90 -36.02 -77.45
CA ARG B 213 50.71 -35.73 -78.24
C ARG B 213 50.87 -36.16 -79.69
N GLU B 214 49.78 -36.70 -80.22
CA GLU B 214 49.76 -37.12 -81.61
C GLU B 214 50.13 -35.90 -82.45
N ASN B 215 51.06 -36.09 -83.40
CA ASN B 215 51.53 -35.02 -84.27
C ASN B 215 52.26 -33.84 -83.62
N ALA B 216 52.50 -33.90 -82.30
CA ALA B 216 53.36 -32.92 -81.66
C ALA B 216 54.79 -33.15 -82.10
N GLU B 217 55.58 -32.09 -82.21
CA GLU B 217 57.02 -32.27 -82.35
C GLU B 217 57.73 -31.64 -81.19
N THR B 218 57.18 -30.53 -80.69
CA THR B 218 57.83 -29.86 -79.59
C THR B 218 57.46 -30.59 -78.30
N VAL B 219 58.30 -30.40 -77.28
CA VAL B 219 58.25 -31.11 -76.01
C VAL B 219 56.96 -30.82 -75.18
N ASP B 220 56.27 -31.89 -74.78
CA ASP B 220 55.03 -31.75 -74.03
C ASP B 220 55.03 -32.66 -72.81
N TYR B 221 56.12 -33.41 -72.65
CA TYR B 221 56.29 -34.32 -71.53
C TYR B 221 57.73 -34.33 -71.01
N PHE B 222 57.86 -34.30 -69.70
CA PHE B 222 59.17 -34.44 -69.08
C PHE B 222 59.07 -35.14 -67.73
N HIS B 223 60.14 -35.87 -67.43
CA HIS B 223 60.25 -36.53 -66.16
C HIS B 223 61.72 -36.48 -65.85
N LEU B 224 62.05 -35.72 -64.80
CA LEU B 224 63.44 -35.48 -64.36
C LEU B 224 63.68 -36.09 -63.00
N THR B 225 64.81 -36.78 -62.87
CA THR B 225 65.30 -37.21 -61.59
C THR B 225 66.57 -36.42 -61.29
N LEU B 226 66.56 -35.67 -60.18
CA LEU B 226 67.77 -35.00 -59.70
C LEU B 226 68.36 -35.76 -58.52
N ASP B 227 69.61 -36.15 -58.66
CA ASP B 227 70.30 -36.98 -57.68
C ASP B 227 71.12 -36.16 -56.65
N TYR B 228 70.65 -36.17 -55.40
CA TYR B 228 71.31 -35.50 -54.29
C TYR B 228 71.73 -36.55 -53.23
N GLY B 229 72.22 -37.71 -53.69
CA GLY B 229 72.61 -38.80 -52.79
C GLY B 229 71.41 -39.55 -52.25
N LYS B 230 71.22 -39.49 -50.94
CA LYS B 230 70.01 -39.99 -50.27
C LYS B 230 68.74 -39.24 -50.74
N LEU B 231 68.86 -37.93 -50.96
CA LEU B 231 67.71 -37.17 -51.42
C LEU B 231 67.45 -37.35 -52.94
N GLN B 232 66.22 -37.68 -53.30
CA GLN B 232 65.82 -37.75 -54.71
C GLN B 232 64.79 -36.65 -54.97
N ALA B 233 65.02 -35.82 -55.96
CA ALA B 233 64.00 -34.88 -56.37
C ALA B 233 63.53 -35.31 -57.76
N ILE B 234 62.22 -35.54 -57.89
CA ILE B 234 61.62 -35.98 -59.13
C ILE B 234 60.68 -34.92 -59.67
N LEU B 235 60.98 -34.41 -60.85
CA LEU B 235 60.23 -33.31 -61.43
C LEU B 235 59.58 -33.79 -62.75
N TYR B 236 58.26 -33.67 -62.83
CA TYR B 236 57.56 -34.24 -63.95
C TYR B 236 56.33 -33.46 -64.37
N GLY B 237 55.93 -33.67 -65.62
CA GLY B 237 54.75 -33.03 -66.16
C GLY B 237 54.41 -33.57 -67.52
N GLY B 238 53.11 -33.82 -67.73
CA GLY B 238 52.59 -34.26 -69.03
C GLY B 238 51.55 -33.25 -69.52
N SER B 239 51.13 -33.38 -70.77
CA SER B 239 50.16 -32.48 -71.37
C SER B 239 48.82 -33.15 -71.69
N ILE B 240 48.70 -34.44 -71.34
CA ILE B 240 47.46 -35.19 -71.48
C ILE B 240 46.99 -35.76 -70.12
N VAL B 241 46.80 -34.88 -69.14
CA VAL B 241 46.48 -35.29 -67.78
C VAL B 241 45.15 -34.65 -67.31
N PRO B 242 44.03 -35.37 -67.46
CA PRO B 242 42.74 -34.83 -67.03
C PRO B 242 42.67 -34.46 -65.55
N ALA B 243 43.31 -35.21 -64.66
CA ALA B 243 43.42 -34.75 -63.27
C ALA B 243 44.82 -34.98 -62.73
N ASN B 244 45.29 -34.08 -61.88
CA ASN B 244 46.72 -33.96 -61.64
C ASN B 244 47.40 -34.89 -60.65
N GLY B 245 46.68 -35.26 -59.60
CA GLY B 245 47.39 -35.86 -58.48
C GLY B 245 48.04 -34.73 -57.72
N PRO B 246 48.71 -35.03 -56.63
CA PRO B 246 49.34 -33.97 -55.86
C PRO B 246 50.33 -33.19 -56.70
N ARG B 247 50.35 -31.87 -56.53
CA ARG B 247 51.46 -31.09 -57.03
C ARG B 247 52.77 -31.38 -56.27
N TYR B 248 52.72 -31.48 -54.94
CA TYR B 248 53.93 -31.76 -54.14
C TYR B 248 53.69 -32.99 -53.32
N GLN B 249 54.69 -33.85 -53.27
CA GLN B 249 54.78 -34.90 -52.29
C GLN B 249 56.18 -34.80 -51.73
N ILE B 250 56.25 -34.45 -50.46
CA ILE B 250 57.56 -34.27 -49.84
C ILE B 250 57.67 -35.18 -48.64
N HIS B 251 58.68 -36.05 -48.63
CA HIS B 251 58.90 -36.94 -47.48
C HIS B 251 60.20 -36.66 -46.77
N GLY B 252 60.09 -36.50 -45.45
CA GLY B 252 61.22 -36.27 -44.55
C GLY B 252 61.32 -37.47 -43.63
N LYS B 253 62.23 -37.41 -42.68
CA LYS B 253 62.45 -38.55 -41.77
C LYS B 253 61.29 -38.81 -40.82
N ASP B 254 60.50 -37.78 -40.55
CA ASP B 254 59.46 -37.82 -39.51
C ASP B 254 58.10 -37.47 -40.05
N SER B 255 58.07 -36.82 -41.21
CA SER B 255 56.88 -36.16 -41.67
C SER B 255 56.77 -36.14 -43.20
N SER B 256 55.53 -36.02 -43.68
CA SER B 256 55.25 -35.82 -45.10
C SER B 256 54.36 -34.59 -45.31
N PHE B 257 54.52 -33.95 -46.46
CA PHE B 257 53.61 -32.90 -46.91
C PHE B 257 53.12 -33.24 -48.33
N ILE B 258 51.80 -33.36 -48.51
CA ILE B 258 51.21 -33.71 -49.80
C ILE B 258 50.26 -32.57 -50.09
N LYS B 259 50.38 -31.95 -51.26
CA LYS B 259 49.53 -30.81 -51.55
C LYS B 259 49.09 -30.75 -53.00
N TYR B 260 47.79 -30.51 -53.20
CA TYR B 260 47.21 -30.36 -54.54
C TYR B 260 47.09 -28.91 -54.92
N GLY B 261 46.93 -28.66 -56.22
CA GLY B 261 46.48 -27.37 -56.69
C GLY B 261 47.60 -26.46 -57.12
N ILE B 262 47.24 -25.33 -57.72
CA ILE B 262 48.24 -24.37 -58.23
C ILE B 262 47.95 -22.95 -57.69
N ASP B 263 48.98 -22.11 -57.63
CA ASP B 263 48.81 -20.73 -57.13
C ASP B 263 47.86 -19.99 -58.08
N GLY B 264 46.96 -19.20 -57.50
CA GLY B 264 45.92 -18.54 -58.26
C GLY B 264 46.19 -17.10 -58.67
N GLN B 265 47.40 -16.58 -58.40
CA GLN B 265 47.73 -15.18 -58.75
C GLN B 265 47.70 -14.88 -60.26
N GLU B 266 48.22 -15.79 -61.08
CA GLU B 266 48.10 -15.63 -62.54
C GLU B 266 46.67 -15.55 -63.04
N ASP B 267 45.75 -16.33 -62.46
CA ASP B 267 44.35 -16.21 -62.85
C ASP B 267 43.74 -14.88 -62.43
N ALA B 268 44.08 -14.41 -61.23
CA ALA B 268 43.60 -13.14 -60.75
C ALA B 268 44.14 -11.99 -61.63
N LEU B 269 45.40 -12.08 -62.04
CA LEU B 269 45.92 -11.06 -62.94
C LEU B 269 45.17 -11.07 -64.30
N ARG B 270 44.98 -12.25 -64.89
CA ARG B 270 44.24 -12.41 -66.16
C ARG B 270 42.82 -11.85 -66.08
N ALA B 271 42.26 -11.83 -64.88
CA ALA B 271 40.87 -11.41 -64.66
C ALA B 271 40.75 -9.88 -64.51
N GLY B 272 41.89 -9.19 -64.44
CA GLY B 272 41.87 -7.74 -64.29
C GLY B 272 42.02 -7.31 -62.84
N ARG B 273 42.28 -8.27 -61.95
CA ARG B 273 42.51 -7.93 -60.56
C ARG B 273 43.96 -7.56 -60.27
N LYS B 274 44.17 -6.63 -59.34
CA LYS B 274 45.49 -6.17 -58.92
C LYS B 274 45.65 -6.41 -57.41
N PRO B 275 46.89 -6.62 -56.93
CA PRO B 275 47.16 -6.74 -55.50
C PRO B 275 46.74 -5.47 -54.77
N GLU B 276 45.51 -5.44 -54.29
CA GLU B 276 44.94 -4.21 -53.71
C GLU B 276 44.82 -4.36 -52.19
N ASP B 277 45.07 -5.56 -51.64
CA ASP B 277 44.87 -5.84 -50.20
C ASP B 277 45.46 -7.14 -49.70
N ASP B 278 45.16 -7.45 -48.44
CA ASP B 278 45.67 -8.65 -47.78
C ASP B 278 45.17 -9.99 -48.30
N SER B 279 44.00 -10.02 -48.96
CA SER B 279 43.48 -11.29 -49.51
C SER B 279 44.17 -11.82 -50.79
N TRP B 280 45.00 -10.98 -51.44
CA TRP B 280 45.83 -11.42 -52.55
C TRP B 280 46.64 -12.68 -52.27
N GLY B 281 46.62 -13.61 -53.23
CA GLY B 281 47.42 -14.83 -53.17
C GLY B 281 46.91 -15.90 -52.23
N ALA B 282 45.70 -15.71 -51.70
CA ALA B 282 45.09 -16.68 -50.82
C ALA B 282 44.82 -17.98 -51.57
N ASP B 283 45.15 -19.08 -50.94
CA ASP B 283 44.83 -20.40 -51.44
C ASP B 283 43.40 -20.74 -51.12
N VAL B 284 42.89 -21.76 -51.78
CA VAL B 284 41.52 -22.24 -51.61
C VAL B 284 41.62 -23.37 -50.62
N PRO B 285 40.84 -23.31 -49.52
CA PRO B 285 40.92 -24.26 -48.40
C PRO B 285 40.93 -25.75 -48.77
N GLU B 286 40.14 -26.18 -49.77
CA GLU B 286 40.21 -27.61 -50.15
C GLU B 286 41.52 -28.00 -50.81
N PHE B 287 42.34 -27.01 -51.16
CA PHE B 287 43.66 -27.28 -51.72
C PHE B 287 44.82 -27.04 -50.72
N TYR B 288 44.50 -26.77 -49.46
CA TYR B 288 45.54 -26.64 -48.45
C TYR B 288 46.28 -28.00 -48.33
N GLY B 289 47.60 -27.98 -48.12
CA GLY B 289 48.40 -29.19 -48.02
C GLY B 289 48.12 -29.92 -46.72
N LYS B 290 48.42 -31.21 -46.67
CA LYS B 290 48.21 -32.00 -45.46
C LYS B 290 49.55 -32.44 -44.93
N LEU B 291 49.82 -32.11 -43.68
CA LEU B 291 51.09 -32.47 -43.04
C LEU B 291 50.88 -33.68 -42.14
N THR B 292 51.71 -34.70 -42.31
CA THR B 292 51.65 -35.92 -41.50
C THR B 292 52.94 -36.05 -40.69
N THR B 293 52.84 -36.11 -39.37
CA THR B 293 54.01 -36.18 -38.50
C THR B 293 53.90 -37.46 -37.71
N ILE B 294 55.02 -38.15 -37.57
CA ILE B 294 55.06 -39.40 -36.83
C ILE B 294 56.04 -39.26 -35.68
N ARG B 295 55.54 -39.46 -34.46
CA ARG B 295 56.35 -39.36 -33.25
C ARG B 295 56.24 -40.68 -32.48
N GLY B 296 57.24 -41.54 -32.68
CA GLY B 296 57.23 -42.89 -32.18
C GLY B 296 56.08 -43.64 -32.80
N SER B 297 55.16 -44.05 -31.95
CA SER B 297 53.95 -44.78 -32.35
C SER B 297 52.78 -43.85 -32.73
N ASP B 298 52.94 -42.53 -32.52
CA ASP B 298 51.86 -41.55 -32.76
C ASP B 298 51.92 -40.90 -34.15
N LYS B 299 50.87 -41.12 -34.94
CA LYS B 299 50.77 -40.56 -36.29
C LYS B 299 49.64 -39.54 -36.29
N LYS B 300 49.98 -38.27 -36.58
CA LYS B 300 48.97 -37.24 -36.74
C LYS B 300 49.03 -36.56 -38.09
N THR B 301 47.94 -35.90 -38.44
CA THR B 301 47.72 -35.40 -39.77
C THR B 301 46.97 -34.09 -39.65
N GLU B 302 47.38 -33.07 -40.39
CA GLU B 302 46.89 -31.73 -40.12
C GLU B 302 46.93 -30.90 -41.39
N THR B 303 45.89 -30.09 -41.58
CA THR B 303 45.75 -29.33 -42.80
C THR B 303 46.37 -27.96 -42.58
N ILE B 304 47.35 -27.60 -43.40
CA ILE B 304 48.07 -26.34 -43.26
C ILE B 304 47.48 -25.18 -44.09
N PRO B 305 46.97 -24.13 -43.43
CA PRO B 305 46.56 -23.04 -44.31
C PRO B 305 47.76 -22.47 -45.04
N SER B 306 47.67 -22.32 -46.35
CA SER B 306 48.82 -21.80 -47.10
C SER B 306 49.15 -20.35 -46.76
N VAL B 307 50.44 -20.01 -46.86
CA VAL B 307 50.90 -18.62 -46.78
C VAL B 307 50.42 -17.97 -48.08
N ASN B 308 49.96 -16.72 -48.01
CA ASN B 308 49.57 -16.01 -49.22
C ASN B 308 50.69 -15.85 -50.24
N GLY B 309 50.38 -16.13 -51.51
CA GLY B 309 51.31 -15.85 -52.59
C GLY B 309 51.61 -14.36 -52.66
N SER B 310 52.76 -14.01 -53.25
CA SER B 310 53.25 -12.65 -53.13
C SER B 310 54.24 -12.25 -54.22
N TYR B 311 53.78 -12.26 -55.46
CA TYR B 311 54.59 -11.85 -56.58
C TYR B 311 55.14 -10.41 -56.41
N LEU B 312 54.40 -9.56 -55.71
CA LEU B 312 54.86 -8.17 -55.44
C LEU B 312 56.25 -8.16 -54.83
N THR B 313 56.51 -9.14 -53.98
CA THR B 313 57.77 -9.20 -53.26
C THR B 313 58.97 -9.16 -54.20
N TYR B 314 58.85 -9.76 -55.38
CA TYR B 314 59.98 -9.78 -56.31
C TYR B 314 60.36 -8.36 -56.70
N TYR B 315 59.36 -7.56 -57.06
CA TYR B 315 59.62 -6.19 -57.48
C TYR B 315 59.89 -5.22 -56.34
N ARG B 316 59.31 -5.47 -55.16
CA ARG B 316 59.71 -4.65 -54.01
C ARG B 316 61.18 -4.89 -53.78
N LYS B 317 61.59 -6.16 -53.82
CA LYS B 317 62.99 -6.54 -53.73
C LYS B 317 63.90 -5.95 -54.82
N ILE B 318 63.42 -5.91 -56.07
CA ILE B 318 64.23 -5.32 -57.16
C ILE B 318 64.51 -3.85 -56.87
N ALA B 319 63.48 -3.13 -56.40
CA ALA B 319 63.60 -1.72 -55.99
C ALA B 319 64.65 -1.49 -54.90
N GLU B 320 64.71 -2.39 -53.92
CA GLU B 320 65.74 -2.37 -52.89
C GLU B 320 67.15 -2.62 -53.43
N SER B 321 67.27 -3.50 -54.41
CA SER B 321 68.57 -3.75 -55.02
C SER B 321 69.05 -2.52 -55.78
N ILE B 322 68.13 -1.85 -56.49
CA ILE B 322 68.46 -0.68 -57.31
C ILE B 322 68.79 0.55 -56.47
N ARG B 323 68.00 0.78 -55.43
CA ARG B 323 68.04 2.01 -54.67
C ARG B 323 68.99 1.93 -53.47
N GLU B 324 69.13 0.74 -52.89
CA GLU B 324 69.85 0.53 -51.63
CA GLU B 324 69.87 0.56 -51.64
C GLU B 324 70.95 -0.55 -51.65
N GLY B 325 71.24 -1.14 -52.81
CA GLY B 325 72.28 -2.19 -52.90
C GLY B 325 71.98 -3.57 -52.27
N ALA B 326 70.71 -3.87 -52.02
CA ALA B 326 70.34 -5.19 -51.51
C ALA B 326 70.65 -6.33 -52.51
N ALA B 327 70.92 -7.53 -52.01
CA ALA B 327 70.97 -8.71 -52.88
C ALA B 327 69.70 -8.80 -53.74
N LEU B 328 69.89 -9.25 -54.98
CA LEU B 328 68.79 -9.42 -55.90
C LEU B 328 67.88 -10.52 -55.44
N PRO B 329 66.58 -10.44 -55.74
CA PRO B 329 65.67 -11.51 -55.35
C PRO B 329 65.92 -12.82 -56.11
N VAL B 330 66.29 -12.74 -57.39
CA VAL B 330 66.78 -13.90 -58.14
C VAL B 330 68.03 -13.45 -58.88
N THR B 331 69.15 -14.13 -58.70
CA THR B 331 70.38 -13.75 -59.40
C THR B 331 70.53 -14.36 -60.80
N ALA B 332 71.43 -13.79 -61.59
CA ALA B 332 71.86 -14.37 -62.88
C ALA B 332 72.40 -15.79 -62.73
N GLU B 333 73.28 -16.03 -61.76
CA GLU B 333 73.80 -17.39 -61.62
CA GLU B 333 73.82 -17.38 -61.51
C GLU B 333 72.68 -18.38 -61.33
N GLU B 334 71.72 -18.01 -60.48
CA GLU B 334 70.54 -18.88 -60.19
C GLU B 334 69.80 -19.20 -61.51
N GLY B 335 69.58 -18.16 -62.32
CA GLY B 335 68.99 -18.31 -63.64
C GLY B 335 69.72 -19.29 -64.51
N ILE B 336 71.03 -19.17 -64.57
CA ILE B 336 71.86 -20.08 -65.37
C ILE B 336 71.78 -21.54 -64.90
N ASN B 337 71.79 -21.76 -63.59
CA ASN B 337 71.82 -23.11 -63.06
C ASN B 337 70.56 -23.88 -63.51
N VAL B 338 69.46 -23.15 -63.64
CA VAL B 338 68.24 -23.77 -64.07
C VAL B 338 68.42 -24.22 -65.50
N ILE B 339 69.06 -23.39 -66.32
CA ILE B 339 69.28 -23.76 -67.71
C ILE B 339 70.21 -24.97 -67.82
N ARG B 340 71.28 -24.97 -67.04
CA ARG B 340 72.12 -26.16 -66.87
C ARG B 340 71.36 -27.45 -66.60
N ILE B 341 70.34 -27.38 -65.77
CA ILE B 341 69.58 -28.57 -65.46
C ILE B 341 68.83 -29.02 -66.70
N ILE B 342 68.18 -28.05 -67.36
CA ILE B 342 67.42 -28.35 -68.57
C ILE B 342 68.31 -28.97 -69.65
N GLU B 343 69.52 -28.45 -69.84
CA GLU B 343 70.36 -28.99 -70.92
C GLU B 343 70.82 -30.40 -70.55
N ALA B 344 71.06 -30.62 -69.27
CA ALA B 344 71.49 -31.94 -68.82
C ALA B 344 70.34 -32.94 -68.98
N ALA B 345 69.13 -32.51 -68.66
CA ALA B 345 67.93 -33.29 -68.88
C ALA B 345 67.75 -33.62 -70.36
N MET B 346 67.99 -32.62 -71.24
CA MET B 346 67.82 -32.84 -72.67
C MET B 346 68.86 -33.82 -73.20
N GLU B 347 70.10 -33.71 -72.73
CA GLU B 347 71.16 -34.65 -73.11
C GLU B 347 70.92 -36.03 -72.51
N SER B 348 70.42 -36.09 -71.28
CA SER B 348 70.12 -37.37 -70.64
C SER B 348 69.14 -38.19 -71.49
N SER B 349 68.07 -37.51 -71.93
CA SER B 349 67.02 -38.15 -72.67
C SER B 349 67.44 -38.59 -74.08
N LYS B 350 68.39 -37.88 -74.66
CA LYS B 350 68.91 -38.14 -76.01
C LYS B 350 69.89 -39.31 -75.98
N GLU B 351 70.81 -39.26 -75.01
CA GLU B 351 71.87 -40.27 -74.86
C GLU B 351 71.37 -41.47 -74.13
N LYS B 352 70.19 -41.33 -73.51
CA LYS B 352 69.53 -42.39 -72.73
C LYS B 352 70.39 -42.83 -71.55
N ARG B 353 71.02 -41.87 -70.89
CA ARG B 353 71.86 -42.17 -69.74
C ARG B 353 71.81 -41.05 -68.69
N THR B 354 72.30 -41.35 -67.50
CA THR B 354 72.43 -40.35 -66.45
C THR B 354 73.59 -39.41 -66.76
N ILE B 355 73.33 -38.10 -66.71
CA ILE B 355 74.35 -37.09 -66.95
C ILE B 355 74.87 -36.55 -65.64
N MET B 356 76.17 -36.76 -65.38
CA MET B 356 76.83 -36.12 -64.23
C MET B 356 76.95 -34.62 -64.46
N LEU B 357 76.73 -33.83 -63.42
CA LEU B 357 77.06 -32.40 -63.44
C LEU B 357 78.47 -32.19 -62.89
N GLU B 358 79.27 -31.36 -63.55
CA GLU B 358 80.66 -31.13 -63.08
C GLU B 358 80.93 -29.69 -62.60
N ARG C 9 -12.61 -37.28 5.71
CA ARG C 9 -13.67 -36.60 6.49
C ARG C 9 -14.23 -37.50 7.59
N ARG C 10 -14.28 -36.98 8.81
CA ARG C 10 -14.53 -37.78 10.01
C ARG C 10 -15.41 -37.05 11.05
N LYS C 11 -15.77 -37.77 12.10
CA LYS C 11 -16.42 -37.16 13.26
C LYS C 11 -15.66 -35.90 13.70
N VAL C 12 -16.41 -34.85 14.03
CA VAL C 12 -15.85 -33.62 14.57
C VAL C 12 -15.75 -33.72 16.08
N ASP C 13 -14.51 -33.88 16.54
CA ASP C 13 -14.16 -33.85 17.96
C ASP C 13 -13.43 -32.54 18.27
N THR C 14 -13.30 -32.20 19.53
CA THR C 14 -12.51 -31.03 19.94
C THR C 14 -11.06 -31.08 19.43
N ILE C 15 -10.52 -29.93 19.00
CA ILE C 15 -9.09 -29.83 18.65
C ILE C 15 -8.26 -29.85 19.92
N LYS C 16 -7.36 -30.82 20.00
CA LYS C 16 -6.56 -31.05 21.18
C LYS C 16 -5.34 -30.13 21.20
N VAL C 17 -5.29 -29.28 22.22
CA VAL C 17 -4.27 -28.23 22.30
C VAL C 17 -3.22 -28.46 23.39
N GLY C 18 -1.98 -28.14 23.04
CA GLY C 18 -0.90 -28.04 24.00
C GLY C 18 -0.45 -26.59 23.98
N ILE C 19 -0.56 -25.94 25.13
CA ILE C 19 -0.06 -24.58 25.32
C ILE C 19 1.34 -24.66 25.90
N LEU C 20 2.29 -24.04 25.21
CA LEU C 20 3.63 -23.90 25.76
C LEU C 20 3.78 -22.56 26.47
N GLY C 21 4.03 -22.64 27.78
CA GLY C 21 4.16 -21.45 28.63
C GLY C 21 2.82 -21.02 29.14
N TYR C 22 2.75 -20.63 30.41
CA TYR C 22 1.51 -20.19 30.99
C TYR C 22 1.74 -18.97 31.87
N GLY C 23 2.57 -18.06 31.39
CA GLY C 23 2.74 -16.77 32.01
C GLY C 23 1.64 -15.87 31.51
N LEU C 24 1.98 -14.60 31.28
CA LEU C 24 1.00 -13.62 30.84
C LEU C 24 0.27 -13.98 29.51
N SER C 25 1.00 -14.30 28.44
CA SER C 25 0.39 -14.62 27.15
C SER C 25 -0.48 -15.85 27.22
N GLY C 26 0.01 -16.87 27.91
CA GLY C 26 -0.67 -18.14 27.99
C GLY C 26 -1.98 -18.02 28.75
N SER C 27 -1.90 -17.38 29.92
CA SER C 27 -3.00 -17.41 30.88
C SER C 27 -4.03 -16.32 30.68
N VAL C 28 -3.61 -15.24 30.03
CA VAL C 28 -4.48 -14.07 29.86
C VAL C 28 -4.87 -13.84 28.41
N PHE C 29 -3.91 -13.97 27.50
CA PHE C 29 -4.19 -13.67 26.11
C PHE C 29 -4.67 -14.85 25.26
N HIS C 30 -4.31 -16.08 25.62
CA HIS C 30 -4.66 -17.24 24.81
C HIS C 30 -5.66 -18.20 25.44
N GLY C 31 -5.39 -18.60 26.67
CA GLY C 31 -6.25 -19.53 27.37
C GLY C 31 -7.70 -19.09 27.50
N PRO C 32 -7.95 -17.80 27.81
CA PRO C 32 -9.34 -17.45 28.05
C PRO C 32 -10.13 -17.42 26.74
N LEU C 33 -9.45 -17.21 25.62
CA LEU C 33 -10.13 -17.23 24.33
C LEU C 33 -10.37 -18.67 23.89
N LEU C 34 -9.34 -19.49 24.01
CA LEU C 34 -9.47 -20.91 23.73
C LEU C 34 -10.58 -21.53 24.59
N ASP C 35 -10.70 -21.07 25.83
CA ASP C 35 -11.70 -21.55 26.78
C ASP C 35 -13.15 -21.36 26.36
N VAL C 36 -13.48 -20.30 25.63
CA VAL C 36 -14.88 -20.09 25.26
C VAL C 36 -15.36 -20.82 23.98
N LEU C 37 -14.43 -21.29 23.15
CA LEU C 37 -14.78 -21.88 21.84
C LEU C 37 -14.84 -23.39 21.87
N ASP C 38 -16.01 -23.93 21.53
CA ASP C 38 -16.29 -25.36 21.63
C ASP C 38 -15.36 -26.21 20.77
N GLU C 39 -14.74 -25.58 19.79
CA GLU C 39 -13.86 -26.27 18.85
C GLU C 39 -12.57 -26.79 19.50
N TYR C 40 -12.26 -26.31 20.70
CA TYR C 40 -10.99 -26.60 21.36
C TYR C 40 -11.10 -27.27 22.72
N GLN C 41 -10.16 -28.16 22.98
CA GLN C 41 -9.99 -28.67 24.32
C GLN C 41 -8.51 -28.53 24.69
N ILE C 42 -8.25 -27.86 25.82
CA ILE C 42 -6.86 -27.67 26.30
C ILE C 42 -6.48 -28.88 27.13
N SER C 43 -5.63 -29.73 26.57
CA SER C 43 -5.32 -31.00 27.19
C SER C 43 -4.01 -31.00 27.99
N LYS C 44 -3.02 -30.24 27.51
CA LYS C 44 -1.72 -30.17 28.18
C LYS C 44 -1.18 -28.73 28.14
N ILE C 45 -0.52 -28.33 29.22
CA ILE C 45 0.14 -27.03 29.31
C ILE C 45 1.52 -27.29 29.93
N MET C 46 2.57 -26.72 29.33
CA MET C 46 3.92 -26.88 29.85
C MET C 46 4.29 -25.64 30.64
N THR C 47 4.52 -25.83 31.93
CA THR C 47 4.67 -24.75 32.90
C THR C 47 4.97 -25.39 34.24
N SER C 48 5.39 -24.60 35.22
CA SER C 48 5.43 -25.10 36.59
C SER C 48 4.42 -24.35 37.47
N ARG C 49 3.66 -23.44 36.86
CA ARG C 49 2.56 -22.75 37.55
C ARG C 49 1.35 -23.68 37.73
N THR C 50 1.59 -24.84 38.36
CA THR C 50 0.62 -25.94 38.53
C THR C 50 -0.77 -25.52 39.05
N GLU C 51 -0.78 -24.84 40.21
CA GLU C 51 -2.03 -24.46 40.87
C GLU C 51 -2.94 -23.63 39.97
N GLU C 52 -2.35 -22.66 39.26
CA GLU C 52 -3.11 -21.80 38.36
C GLU C 52 -3.81 -22.57 37.24
N VAL C 53 -3.11 -23.55 36.66
CA VAL C 53 -3.69 -24.38 35.60
C VAL C 53 -4.88 -25.19 36.13
N LYS C 54 -4.76 -25.72 37.34
CA LYS C 54 -5.83 -26.50 37.94
C LYS C 54 -7.02 -25.59 38.30
N ARG C 55 -6.74 -24.32 38.55
CA ARG C 55 -7.80 -23.34 38.77
C ARG C 55 -8.53 -22.95 37.47
N ASP C 56 -7.80 -22.74 36.38
CA ASP C 56 -8.41 -22.32 35.11
C ASP C 56 -8.93 -23.47 34.24
N PHE C 57 -8.16 -24.55 34.16
CA PHE C 57 -8.50 -25.69 33.32
C PHE C 57 -8.37 -26.99 34.13
N PRO C 58 -9.42 -27.33 34.90
CA PRO C 58 -9.39 -28.45 35.87
C PRO C 58 -9.23 -29.84 35.23
N ASP C 59 -9.31 -29.89 33.90
CA ASP C 59 -9.20 -31.16 33.18
C ASP C 59 -7.90 -31.26 32.35
N ALA C 60 -7.16 -30.17 32.28
CA ALA C 60 -5.88 -30.15 31.59
C ALA C 60 -4.77 -30.77 32.43
N GLU C 61 -3.82 -31.41 31.76
CA GLU C 61 -2.66 -31.99 32.42
C GLU C 61 -1.49 -30.99 32.41
N VAL C 62 -0.77 -30.92 33.53
CA VAL C 62 0.40 -30.06 33.63
C VAL C 62 1.65 -30.90 33.33
N VAL C 63 2.50 -30.40 32.44
CA VAL C 63 3.75 -31.06 32.08
C VAL C 63 4.96 -30.15 32.32
N HIS C 64 6.16 -30.72 32.23
CA HIS C 64 7.38 -30.00 32.60
C HIS C 64 8.47 -30.00 31.53
N GLU C 65 8.43 -30.98 30.63
CA GLU C 65 9.30 -30.98 29.45
C GLU C 65 8.53 -31.02 28.13
N LEU C 66 9.06 -30.30 27.15
CA LEU C 66 8.57 -30.23 25.78
C LEU C 66 8.10 -31.55 25.16
N GLU C 67 8.84 -32.63 25.39
CA GLU C 67 8.61 -33.93 24.75
C GLU C 67 7.28 -34.59 25.19
N GLU C 68 6.72 -34.11 26.30
CA GLU C 68 5.45 -34.66 26.83
C GLU C 68 4.24 -34.19 26.01
N ILE C 69 4.43 -33.05 25.34
CA ILE C 69 3.44 -32.47 24.42
C ILE C 69 3.68 -32.91 22.98
N THR C 70 4.95 -32.87 22.56
CA THR C 70 5.33 -33.19 21.18
C THR C 70 5.30 -34.68 20.86
N ASN C 71 5.65 -35.53 21.82
CA ASN C 71 5.59 -36.99 21.58
C ASN C 71 4.22 -37.60 21.87
N ASP C 72 3.24 -36.74 22.14
CA ASP C 72 1.86 -37.17 22.31
C ASP C 72 1.15 -37.13 20.95
N PRO C 73 0.77 -38.30 20.43
CA PRO C 73 0.06 -38.36 19.15
C PRO C 73 -1.33 -37.68 19.17
N ALA C 74 -1.85 -37.43 20.37
CA ALA C 74 -3.22 -36.93 20.53
C ALA C 74 -3.32 -35.39 20.37
N ILE C 75 -2.24 -34.69 20.70
CA ILE C 75 -2.14 -33.25 20.58
C ILE C 75 -2.09 -32.81 19.11
N GLU C 76 -3.02 -31.94 18.69
CA GLU C 76 -3.09 -31.47 17.30
C GLU C 76 -2.47 -30.10 17.09
N LEU C 77 -2.72 -29.21 18.04
CA LEU C 77 -2.31 -27.82 17.90
C LEU C 77 -1.52 -27.41 19.12
N VAL C 78 -0.35 -26.83 18.87
CA VAL C 78 0.49 -26.33 19.93
C VAL C 78 0.55 -24.82 19.83
N ILE C 79 0.34 -24.15 20.96
CA ILE C 79 0.45 -22.69 21.05
C ILE C 79 1.78 -22.33 21.71
N VAL C 80 2.62 -21.58 21.00
CA VAL C 80 3.95 -21.31 21.52
C VAL C 80 3.97 -19.92 22.15
N THR C 81 4.12 -19.89 23.48
CA THR C 81 4.04 -18.63 24.21
C THR C 81 5.16 -18.50 25.22
N THR C 82 6.22 -19.30 25.03
CA THR C 82 7.38 -19.29 25.94
C THR C 82 8.20 -17.97 25.83
N PRO C 83 9.38 -17.89 26.49
CA PRO C 83 10.21 -16.69 26.22
C PRO C 83 10.63 -16.64 24.74
N SER C 84 10.58 -15.45 24.14
CA SER C 84 10.95 -15.20 22.74
C SER C 84 12.12 -16.02 22.21
N GLY C 85 13.24 -16.06 22.95
CA GLY C 85 14.44 -16.78 22.54
C GLY C 85 14.35 -18.30 22.60
N LEU C 86 13.13 -18.80 22.78
CA LEU C 86 12.85 -20.23 22.74
C LEU C 86 11.91 -20.55 21.59
N HIS C 87 11.27 -19.51 21.05
CA HIS C 87 10.29 -19.64 19.95
C HIS C 87 10.75 -20.59 18.87
N TYR C 88 11.90 -20.27 18.27
CA TYR C 88 12.42 -21.02 17.16
C TYR C 88 12.59 -22.50 17.53
N GLU C 89 13.30 -22.74 18.63
CA GLU C 89 13.57 -24.10 19.10
C GLU C 89 12.30 -24.89 19.45
N HIS C 90 11.36 -24.25 20.13
CA HIS C 90 10.09 -24.91 20.48
C HIS C 90 9.18 -25.13 19.28
N THR C 91 9.16 -24.17 18.36
CA THR C 91 8.34 -24.32 17.18
C THR C 91 8.86 -25.42 16.26
N MET C 92 10.19 -25.50 16.11
CA MET C 92 10.80 -26.50 15.24
C MET C 92 10.51 -27.92 15.72
N ALA C 93 10.65 -28.14 17.02
CA ALA C 93 10.35 -29.45 17.59
C ALA C 93 8.86 -29.76 17.48
N CYS C 94 8.03 -28.74 17.58
CA CYS C 94 6.60 -28.90 17.35
C CYS C 94 6.32 -29.35 15.92
N ILE C 95 6.97 -28.69 14.98
CA ILE C 95 6.77 -28.99 13.58
C ILE C 95 7.29 -30.39 13.24
N GLN C 96 8.51 -30.72 13.70
CA GLN C 96 9.12 -32.04 13.51
C GLN C 96 8.21 -33.17 13.97
N ALA C 97 7.43 -32.88 15.00
CA ALA C 97 6.53 -33.83 15.62
C ALA C 97 5.24 -33.90 14.84
N GLY C 98 5.07 -32.99 13.89
CA GLY C 98 3.91 -33.02 12.98
C GLY C 98 2.71 -32.28 13.52
N LYS C 99 2.98 -31.27 14.34
CA LYS C 99 1.93 -30.49 14.97
C LYS C 99 1.74 -29.14 14.26
N HIS C 100 0.48 -28.71 14.15
CA HIS C 100 0.16 -27.35 13.74
C HIS C 100 0.63 -26.43 14.85
N VAL C 101 0.95 -25.19 14.53
CA VAL C 101 1.53 -24.27 15.51
C VAL C 101 1.01 -22.85 15.37
N VAL C 102 0.57 -22.30 16.50
CA VAL C 102 0.39 -20.86 16.66
C VAL C 102 1.63 -20.26 17.40
N MET C 103 2.38 -19.41 16.71
CA MET C 103 3.50 -18.68 17.34
C MET C 103 2.98 -17.35 17.88
N GLU C 104 3.31 -17.05 19.13
CA GLU C 104 3.13 -15.70 19.67
C GLU C 104 4.08 -14.72 18.94
N LYS C 105 3.67 -13.46 18.81
CA LYS C 105 4.51 -12.40 18.21
C LYS C 105 5.54 -11.86 19.21
N PRO C 106 6.69 -11.35 18.73
CA PRO C 106 7.15 -11.34 17.34
C PRO C 106 7.56 -12.74 16.92
N MET C 107 7.53 -12.99 15.62
CA MET C 107 7.85 -14.31 15.12
C MET C 107 9.22 -14.80 15.58
N THR C 108 10.27 -14.12 15.13
CA THR C 108 11.67 -14.44 15.45
C THR C 108 12.51 -13.16 15.28
N ALA C 109 13.77 -13.22 15.67
CA ALA C 109 14.69 -12.09 15.55
C ALA C 109 15.02 -11.75 14.09
N THR C 110 15.28 -12.79 13.28
CA THR C 110 15.61 -12.61 11.87
C THR C 110 14.57 -13.24 10.94
N ALA C 111 14.39 -12.61 9.78
CA ALA C 111 13.55 -13.12 8.70
C ALA C 111 14.05 -14.49 8.28
N GLU C 112 15.36 -14.62 8.24
CA GLU C 112 16.05 -15.84 7.92
C GLU C 112 15.54 -17.03 8.75
N GLU C 113 15.49 -16.90 10.07
CA GLU C 113 14.99 -17.99 10.93
C GLU C 113 13.53 -18.33 10.64
N GLY C 114 12.71 -17.30 10.39
CA GLY C 114 11.31 -17.48 10.07
C GLY C 114 11.17 -18.26 8.77
N GLU C 115 12.04 -17.93 7.82
CA GLU C 115 12.16 -18.64 6.55
C GLU C 115 12.42 -20.15 6.73
N THR C 116 13.29 -20.49 7.68
CA THR C 116 13.60 -21.89 7.95
C THR C 116 12.35 -22.62 8.45
N LEU C 117 11.70 -22.05 9.47
CA LEU C 117 10.48 -22.63 10.03
C LEU C 117 9.38 -22.79 8.98
N LYS C 118 9.21 -21.77 8.15
CA LYS C 118 8.23 -21.86 7.08
C LYS C 118 8.53 -23.06 6.18
N ARG C 119 9.76 -23.16 5.69
CA ARG C 119 10.18 -24.30 4.86
C ARG C 119 9.86 -25.66 5.50
N ALA C 120 10.24 -25.82 6.76
CA ALA C 120 9.99 -27.05 7.52
C ALA C 120 8.50 -27.40 7.59
N ALA C 121 7.68 -26.41 7.93
CA ALA C 121 6.23 -26.59 8.02
C ALA C 121 5.58 -27.02 6.70
N ASP C 122 6.16 -26.58 5.58
CA ASP C 122 5.70 -27.00 4.24
C ASP C 122 6.28 -28.35 3.83
N GLU C 123 7.47 -28.65 4.35
CA GLU C 123 8.06 -29.98 4.25
C GLU C 123 7.18 -31.00 4.97
N LYS C 124 6.99 -30.80 6.26
CA LYS C 124 6.25 -31.73 7.12
C LYS C 124 4.72 -31.67 6.95
N GLY C 125 4.22 -30.65 6.26
CA GLY C 125 2.80 -30.58 5.91
C GLY C 125 1.87 -30.13 7.01
N VAL C 126 2.29 -29.12 7.78
CA VAL C 126 1.47 -28.54 8.85
C VAL C 126 1.29 -27.03 8.75
N LEU C 127 0.19 -26.56 9.33
CA LEU C 127 -0.12 -25.15 9.42
C LEU C 127 0.81 -24.50 10.43
N LEU C 128 1.44 -23.41 10.01
CA LEU C 128 2.26 -22.61 10.89
C LEU C 128 1.69 -21.22 10.84
N SER C 129 1.38 -20.64 11.99
CA SER C 129 0.75 -19.34 12.02
C SER C 129 1.31 -18.42 13.10
N VAL C 130 1.22 -17.12 12.87
CA VAL C 130 1.68 -16.13 13.85
C VAL C 130 0.52 -15.31 14.40
N TYR C 131 0.51 -15.15 15.71
CA TYR C 131 -0.58 -14.49 16.43
C TYR C 131 -0.49 -12.99 16.32
N HIS C 132 -0.83 -12.46 15.15
CA HIS C 132 -0.90 -11.03 14.93
C HIS C 132 -2.33 -10.61 15.06
N ASN C 133 -2.84 -10.62 16.30
CA ASN C 133 -4.25 -10.46 16.52
C ASN C 133 -4.79 -9.01 16.44
N ARG C 134 -3.89 -8.04 16.37
CA ARG C 134 -4.29 -6.65 16.16
C ARG C 134 -4.98 -6.44 14.81
N ARG C 135 -4.84 -7.35 13.86
CA ARG C 135 -5.76 -7.32 12.73
C ARG C 135 -7.22 -7.29 13.15
N TRP C 136 -7.51 -7.80 14.35
CA TRP C 136 -8.88 -7.83 14.88
C TRP C 136 -9.12 -6.86 16.05
N ASP C 137 -8.26 -5.84 16.15
CA ASP C 137 -8.50 -4.67 16.98
C ASP C 137 -9.70 -3.82 16.49
N ASN C 138 -10.44 -3.23 17.42
CA ASN C 138 -11.61 -2.42 17.03
C ASN C 138 -11.28 -1.26 16.08
N ASP C 139 -10.24 -0.49 16.38
CA ASP C 139 -9.86 0.60 15.50
C ASP C 139 -9.41 0.09 14.11
N PHE C 140 -8.56 -0.92 14.07
CA PHE C 140 -8.10 -1.43 12.79
C PHE C 140 -9.23 -2.01 11.95
N LEU C 141 -10.17 -2.70 12.59
CA LEU C 141 -11.36 -3.18 11.89
C LEU C 141 -12.21 -2.07 11.33
N THR C 142 -12.21 -0.93 12.02
CA THR C 142 -13.02 0.20 11.61
C THR C 142 -12.39 0.79 10.36
N ILE C 143 -11.06 0.87 10.35
CA ILE C 143 -10.30 1.29 9.19
C ILE C 143 -10.53 0.34 7.98
N LYS C 144 -10.46 -0.97 8.20
CA LYS C 144 -10.80 -1.90 7.11
C LYS C 144 -12.18 -1.67 6.55
N LYS C 145 -13.15 -1.45 7.45
CA LYS C 145 -14.51 -1.21 7.02
C LYS C 145 -14.57 0.07 6.18
N LEU C 146 -13.89 1.13 6.63
CA LEU C 146 -13.98 2.41 5.93
C LEU C 146 -13.36 2.32 4.53
N ILE C 147 -12.18 1.70 4.46
CA ILE C 147 -11.55 1.40 3.18
C ILE C 147 -12.49 0.60 2.25
N SER C 148 -12.99 -0.53 2.71
CA SER C 148 -13.81 -1.39 1.83
C SER C 148 -15.05 -0.66 1.30
N GLU C 149 -15.51 0.34 2.05
CA GLU C 149 -16.74 1.06 1.68
C GLU C 149 -16.53 2.30 0.82
N GLY C 150 -15.28 2.61 0.49
CA GLY C 150 -15.01 3.78 -0.34
C GLY C 150 -14.90 5.12 0.40
N SER C 151 -14.79 5.08 1.72
CA SER C 151 -14.72 6.31 2.49
C SER C 151 -13.29 6.80 2.74
N LEU C 152 -12.31 6.02 2.30
CA LEU C 152 -10.91 6.43 2.35
C LEU C 152 -10.17 6.12 1.04
N GLU C 153 -10.72 6.55 -0.08
CA GLU C 153 -10.07 6.26 -1.33
C GLU C 153 -8.64 6.84 -1.38
N ASP C 154 -7.76 6.12 -2.05
CA ASP C 154 -6.49 6.65 -2.53
C ASP C 154 -5.69 7.31 -1.39
N ILE C 155 -5.32 6.49 -0.41
CA ILE C 155 -4.57 6.92 0.79
C ILE C 155 -3.18 7.41 0.40
N ASN C 156 -2.80 8.58 0.89
CA ASN C 156 -1.47 9.12 0.67
C ASN C 156 -0.62 9.20 1.93
N THR C 157 -1.25 9.31 3.09
CA THR C 157 -0.45 9.39 4.31
C THR C 157 -1.07 8.52 5.39
N TYR C 158 -0.28 7.67 6.01
CA TYR C 158 -0.77 6.73 7.00
C TYR C 158 0.16 6.73 8.23
N GLN C 159 -0.26 7.47 9.26
CA GLN C 159 0.57 7.72 10.46
C GLN C 159 0.04 7.00 11.67
N VAL C 160 0.85 6.16 12.26
CA VAL C 160 0.42 5.41 13.42
C VAL C 160 1.43 5.56 14.53
N SER C 161 0.91 5.77 15.73
CA SER C 161 1.77 6.02 16.84
C SER C 161 1.42 4.99 17.87
N TYR C 162 2.38 4.54 18.66
CA TYR C 162 2.11 3.54 19.68
C TYR C 162 3.04 3.88 20.82
N ASN C 163 2.61 4.85 21.62
CA ASN C 163 3.46 5.37 22.69
C ASN C 163 3.12 4.74 24.00
N ARG C 164 3.98 4.98 24.99
CA ARG C 164 3.71 4.54 26.35
C ARG C 164 4.35 5.57 27.26
N TYR C 165 4.02 5.54 28.55
CA TYR C 165 4.76 6.28 29.56
C TYR C 165 5.34 5.33 30.60
N ARG C 166 6.61 4.99 30.43
CA ARG C 166 7.39 4.23 31.40
C ARG C 166 8.75 4.87 31.53
N PRO C 167 8.83 6.06 32.16
CA PRO C 167 10.10 6.81 32.21
C PRO C 167 11.25 6.07 32.90
N GLU C 168 10.92 5.07 33.72
CA GLU C 168 11.92 4.37 34.51
C GLU C 168 12.19 2.97 33.93
N VAL C 169 13.43 2.72 33.54
CA VAL C 169 13.86 1.42 33.04
C VAL C 169 13.82 0.41 34.18
N GLN C 170 13.02 -0.63 34.02
CA GLN C 170 12.81 -1.64 35.06
C GLN C 170 13.89 -2.74 35.03
N ALA C 171 14.92 -2.61 35.86
CA ALA C 171 16.01 -3.59 35.95
C ALA C 171 15.51 -4.97 36.44
N ARG C 172 14.81 -5.66 35.55
CA ARG C 172 14.10 -6.89 35.86
C ARG C 172 14.65 -8.06 35.04
N TRP C 173 15.23 -9.03 35.75
CA TRP C 173 15.72 -10.31 35.21
C TRP C 173 15.25 -10.66 33.79
N GLY C 178 15.57 -14.22 24.97
CA GLY C 178 15.24 -13.31 23.88
C GLY C 178 16.42 -12.47 23.36
N THR C 179 16.44 -12.22 22.06
CA THR C 179 17.34 -11.23 21.45
C THR C 179 16.52 -10.23 20.61
N ALA C 180 15.26 -10.58 20.41
CA ALA C 180 14.28 -9.70 19.83
C ALA C 180 13.64 -8.85 20.95
N THR C 181 14.48 -8.15 21.69
CA THR C 181 14.05 -7.31 22.80
C THR C 181 13.60 -5.95 22.28
N GLY C 182 12.95 -5.18 23.14
CA GLY C 182 12.67 -3.78 22.85
C GLY C 182 11.32 -3.52 22.25
N THR C 183 10.97 -2.24 22.15
CA THR C 183 9.63 -1.82 21.68
C THR C 183 9.40 -1.94 20.19
N LEU C 184 10.46 -1.94 19.39
CA LEU C 184 10.25 -2.17 17.96
C LEU C 184 9.71 -3.60 17.72
N TYR C 185 10.32 -4.60 18.34
CA TYR C 185 9.81 -5.95 18.23
C TYR C 185 8.46 -6.16 18.94
N ASP C 186 8.32 -5.55 20.10
CA ASP C 186 7.20 -5.83 20.95
C ASP C 186 5.95 -5.07 20.53
N LEU C 187 6.10 -3.77 20.24
CA LEU C 187 4.98 -2.89 19.90
C LEU C 187 4.96 -2.56 18.41
N GLY C 188 6.12 -2.20 17.88
CA GLY C 188 6.31 -2.00 16.44
C GLY C 188 5.68 -3.08 15.57
N SER C 189 5.90 -4.34 15.92
CA SER C 189 5.41 -5.41 15.07
C SER C 189 3.91 -5.37 14.79
N HIS C 190 3.07 -5.08 15.79
CA HIS C 190 1.61 -5.04 15.55
C HIS C 190 1.25 -4.07 14.43
N ILE C 191 1.80 -2.84 14.50
CA ILE C 191 1.35 -1.77 13.63
C ILE C 191 2.03 -1.94 12.27
N ILE C 192 3.21 -2.52 12.27
CA ILE C 192 3.87 -2.93 11.03
C ILE C 192 3.01 -3.96 10.35
N ASP C 193 2.63 -5.02 11.06
CA ASP C 193 1.74 -6.03 10.49
C ASP C 193 0.50 -5.42 9.85
N GLN C 194 -0.13 -4.44 10.51
CA GLN C 194 -1.33 -3.78 9.99
C GLN C 194 -1.07 -3.07 8.67
N THR C 195 0.05 -2.35 8.64
CA THR C 195 0.46 -1.56 7.49
C THR C 195 0.65 -2.47 6.26
N LEU C 196 1.27 -3.63 6.49
CA LEU C 196 1.50 -4.64 5.45
C LEU C 196 0.19 -5.27 5.00
N HIS C 197 -0.68 -5.58 5.95
CA HIS C 197 -1.99 -6.12 5.63
C HIS C 197 -2.81 -5.16 4.73
N LEU C 198 -2.67 -3.85 4.95
CA LEU C 198 -3.41 -2.86 4.18
C LEU C 198 -2.83 -2.57 2.81
N PHE C 199 -1.49 -2.51 2.76
CA PHE C 199 -0.80 -1.93 1.61
C PHE C 199 0.17 -2.86 0.89
N GLY C 200 0.45 -4.04 1.46
CA GLY C 200 1.50 -4.90 0.95
C GLY C 200 2.86 -4.33 1.30
N MET C 201 3.91 -4.89 0.68
CA MET C 201 5.28 -4.49 0.99
C MET C 201 5.66 -3.11 0.40
N PRO C 202 6.49 -2.32 1.13
CA PRO C 202 6.99 -1.05 0.59
C PRO C 202 8.29 -1.17 -0.21
N LYS C 203 8.67 -0.07 -0.86
CA LYS C 203 9.92 -0.01 -1.64
C LYS C 203 11.16 0.08 -0.72
N ALA C 204 11.04 0.82 0.39
CA ALA C 204 12.20 1.18 1.20
C ALA C 204 11.80 1.49 2.63
N VAL C 205 12.74 1.34 3.56
CA VAL C 205 12.52 1.78 4.93
C VAL C 205 13.57 2.82 5.32
N THR C 206 13.11 3.91 5.94
CA THR C 206 13.98 4.89 6.59
C THR C 206 13.59 4.93 8.06
N ALA C 207 14.56 4.75 8.97
CA ALA C 207 14.23 4.64 10.39
C ALA C 207 15.26 5.20 11.38
N ASN C 208 14.75 5.70 12.49
CA ASN C 208 15.60 5.98 13.64
C ASN C 208 15.12 5.10 14.77
N VAL C 209 15.97 4.18 15.19
CA VAL C 209 15.61 3.23 16.25
C VAL C 209 16.61 3.39 17.39
N MET C 210 16.16 3.90 18.53
CA MET C 210 17.11 4.21 19.60
C MET C 210 16.61 3.91 21.00
N ALA C 211 17.45 4.22 21.98
CA ALA C 211 17.10 4.20 23.39
C ALA C 211 17.14 5.62 23.98
N GLN C 212 15.96 6.22 24.16
CA GLN C 212 15.81 7.56 24.79
C GLN C 212 16.06 7.63 26.29
N ARG C 213 15.60 6.64 27.05
CA ARG C 213 15.67 6.66 28.52
C ARG C 213 17.06 6.53 29.10
N GLU C 214 17.23 7.13 30.28
CA GLU C 214 18.55 7.31 30.85
C GLU C 214 19.42 6.02 30.95
N ASN C 215 18.91 4.94 31.55
CA ASN C 215 19.76 3.75 31.65
C ASN C 215 19.29 2.56 30.81
N ALA C 216 18.65 2.86 29.68
CA ALA C 216 18.09 1.84 28.82
C ALA C 216 19.19 1.03 28.17
N GLU C 217 18.87 -0.21 27.86
CA GLU C 217 19.81 -1.16 27.31
C GLU C 217 19.07 -2.00 26.27
N THR C 218 17.83 -1.60 26.00
CA THR C 218 17.05 -2.08 24.86
C THR C 218 16.38 -0.91 24.13
N VAL C 219 15.83 -1.19 22.97
CA VAL C 219 15.10 -0.20 22.17
C VAL C 219 13.84 0.27 22.92
N ASP C 220 13.66 1.59 23.07
CA ASP C 220 12.43 2.16 23.66
C ASP C 220 11.77 3.27 22.80
N TYR C 221 12.36 3.50 21.64
CA TYR C 221 11.93 4.53 20.70
C TYR C 221 12.16 4.07 19.27
N PHE C 222 11.19 4.27 18.39
CA PHE C 222 11.39 3.97 16.99
C PHE C 222 10.60 4.94 16.12
N HIS C 223 11.12 5.24 14.94
CA HIS C 223 10.43 6.06 13.97
C HIS C 223 10.72 5.56 12.57
N LEU C 224 9.70 5.00 11.96
CA LEU C 224 9.82 4.25 10.71
C LEU C 224 9.05 4.93 9.60
N THR C 225 9.69 5.12 8.47
CA THR C 225 9.00 5.57 7.29
C THR C 225 8.95 4.43 6.28
N LEU C 226 7.76 4.09 5.85
CA LEU C 226 7.60 3.07 4.81
C LEU C 226 7.28 3.74 3.47
N ASP C 227 8.22 3.62 2.54
CA ASP C 227 8.10 4.26 1.24
C ASP C 227 7.31 3.40 0.25
N TYR C 228 6.05 3.75 0.07
CA TYR C 228 5.25 3.20 -1.03
C TYR C 228 5.14 4.19 -2.21
N GLY C 229 6.11 5.08 -2.37
CA GLY C 229 6.09 6.05 -3.47
C GLY C 229 5.27 7.27 -3.11
N LYS C 230 4.12 7.45 -3.78
CA LYS C 230 3.20 8.53 -3.41
C LYS C 230 2.65 8.38 -1.99
N LEU C 231 2.26 7.16 -1.63
CA LEU C 231 1.80 6.86 -0.27
C LEU C 231 2.98 6.77 0.71
N GLN C 232 2.88 7.50 1.81
CA GLN C 232 3.88 7.39 2.87
C GLN C 232 3.27 6.84 4.14
N ALA C 233 3.89 5.79 4.69
CA ALA C 233 3.48 5.27 5.99
C ALA C 233 4.56 5.58 7.06
N ILE C 234 4.12 6.20 8.14
CA ILE C 234 4.98 6.61 9.25
C ILE C 234 4.54 5.88 10.50
N LEU C 235 5.42 5.09 11.09
CA LEU C 235 5.06 4.33 12.29
C LEU C 235 6.03 4.68 13.41
N TYR C 236 5.53 5.16 14.53
CA TYR C 236 6.43 5.62 15.59
C TYR C 236 5.91 5.36 17.00
N GLY C 237 6.84 5.38 17.96
CA GLY C 237 6.52 5.08 19.34
C GLY C 237 7.67 5.47 20.21
N GLY C 238 7.35 6.12 21.33
CA GLY C 238 8.34 6.40 22.37
C GLY C 238 7.86 5.94 23.73
N SER C 239 8.75 6.01 24.73
CA SER C 239 8.43 5.43 26.03
C SER C 239 8.42 6.47 27.14
N ILE C 240 8.59 7.74 26.76
CA ILE C 240 8.46 8.89 27.69
C ILE C 240 7.37 9.83 27.17
N VAL C 241 6.18 9.28 26.96
CA VAL C 241 5.05 10.06 26.39
C VAL C 241 3.87 10.18 27.36
N PRO C 242 3.85 11.25 28.17
CA PRO C 242 2.71 11.46 29.08
C PRO C 242 1.33 11.36 28.42
N ALA C 243 1.12 12.00 27.27
CA ALA C 243 -0.17 11.90 26.55
C ALA C 243 0.00 11.56 25.09
N ASN C 244 -0.75 10.56 24.62
CA ASN C 244 -0.78 10.22 23.19
C ASN C 244 -1.61 11.23 22.43
N GLY C 245 -1.13 11.55 21.24
CA GLY C 245 -1.97 12.20 20.25
C GLY C 245 -2.73 11.08 19.58
N PRO C 246 -3.16 11.30 18.35
CA PRO C 246 -3.89 10.22 17.68
C PRO C 246 -3.05 8.97 17.47
N ARG C 247 -3.67 7.81 17.64
CA ARG C 247 -3.05 6.55 17.28
C ARG C 247 -2.97 6.47 15.76
N TYR C 248 -4.04 6.84 15.08
CA TYR C 248 -4.11 6.79 13.62
C TYR C 248 -4.33 8.16 13.04
N GLN C 249 -3.50 8.56 12.09
CA GLN C 249 -3.87 9.62 11.16
C GLN C 249 -3.76 9.07 9.76
N ILE C 250 -4.89 9.00 9.07
CA ILE C 250 -4.92 8.50 7.69
C ILE C 250 -5.51 9.54 6.73
N HIS C 251 -4.81 9.88 5.65
CA HIS C 251 -5.28 10.90 4.70
C HIS C 251 -5.35 10.40 3.25
N GLY C 252 -6.49 10.61 2.60
CA GLY C 252 -6.68 10.24 1.19
C GLY C 252 -7.00 11.45 0.34
N LYS C 253 -7.55 11.23 -0.85
CA LYS C 253 -7.82 12.36 -1.73
C LYS C 253 -8.94 13.30 -1.24
N ASP C 254 -9.87 12.78 -0.46
CA ASP C 254 -11.15 13.42 -0.17
C ASP C 254 -11.41 13.41 1.33
N SER C 255 -10.73 12.52 2.04
CA SER C 255 -11.07 12.33 3.43
C SER C 255 -9.90 11.95 4.29
N SER C 256 -10.02 12.27 5.56
CA SER C 256 -9.05 11.88 6.57
C SER C 256 -9.80 11.11 7.63
N PHE C 257 -9.10 10.24 8.32
CA PHE C 257 -9.62 9.59 9.49
C PHE C 257 -8.58 9.74 10.57
N ILE C 258 -8.97 10.42 11.67
CA ILE C 258 -8.14 10.66 12.86
C ILE C 258 -8.78 9.97 14.04
N LYS C 259 -8.00 9.29 14.86
CA LYS C 259 -8.56 8.53 15.97
C LYS C 259 -7.59 8.32 17.11
N TYR C 260 -8.10 8.52 18.33
CA TYR C 260 -7.36 8.30 19.56
C TYR C 260 -7.70 6.94 20.17
N GLY C 261 -6.89 6.52 21.13
CA GLY C 261 -7.24 5.40 21.98
C GLY C 261 -6.73 4.04 21.55
N ILE C 262 -6.86 3.07 22.43
CA ILE C 262 -6.38 1.74 22.17
C ILE C 262 -7.45 0.70 22.45
N ASP C 263 -7.41 -0.43 21.73
CA ASP C 263 -8.42 -1.51 21.86
C ASP C 263 -8.43 -2.06 23.29
N GLY C 264 -9.59 -2.16 23.92
CA GLY C 264 -9.67 -2.53 25.34
C GLY C 264 -9.76 -4.01 25.68
N GLN C 265 -9.53 -4.89 24.70
CA GLN C 265 -9.70 -6.33 24.87
C GLN C 265 -8.69 -6.95 25.83
N GLU C 266 -7.43 -6.52 25.75
CA GLU C 266 -6.42 -7.04 26.68
C GLU C 266 -6.75 -6.67 28.11
N ASP C 267 -7.34 -5.49 28.30
CA ASP C 267 -7.71 -5.02 29.63
C ASP C 267 -8.86 -5.83 30.19
N ALA C 268 -9.79 -6.22 29.32
CA ALA C 268 -10.91 -7.04 29.76
C ALA C 268 -10.38 -8.43 30.14
N LEU C 269 -9.45 -8.93 29.34
CA LEU C 269 -8.81 -10.21 29.63
C LEU C 269 -8.06 -10.11 30.97
N ARG C 270 -7.24 -9.07 31.10
CA ARG C 270 -6.42 -8.87 32.31
C ARG C 270 -7.31 -8.87 33.54
N ALA C 271 -8.52 -8.33 33.40
CA ALA C 271 -9.50 -8.23 34.50
C ALA C 271 -10.24 -9.54 34.78
N GLY C 272 -9.97 -10.58 33.98
CA GLY C 272 -10.64 -11.87 34.15
C GLY C 272 -12.02 -11.97 33.51
N ARG C 273 -12.29 -11.13 32.51
CA ARG C 273 -13.52 -11.21 31.71
C ARG C 273 -13.21 -12.01 30.46
N LYS C 274 -14.26 -12.59 29.89
CA LYS C 274 -14.16 -13.39 28.66
C LYS C 274 -15.24 -12.98 27.65
N PRO C 275 -15.06 -13.30 26.37
CA PRO C 275 -16.11 -13.05 25.38
C PRO C 275 -17.36 -13.87 25.68
N GLU C 276 -18.51 -13.20 25.70
CA GLU C 276 -19.77 -13.88 26.01
C GLU C 276 -20.97 -13.30 25.26
N ASP C 277 -20.82 -12.08 24.75
CA ASP C 277 -21.95 -11.32 24.22
C ASP C 277 -21.45 -10.27 23.21
N ASP C 278 -22.39 -9.55 22.60
CA ASP C 278 -22.07 -8.54 21.57
C ASP C 278 -21.16 -7.44 22.08
N SER C 279 -21.21 -7.14 23.39
CA SER C 279 -20.51 -5.99 23.93
C SER C 279 -19.00 -6.20 23.98
N TRP C 280 -18.56 -7.44 23.86
CA TRP C 280 -17.12 -7.67 23.85
C TRP C 280 -16.53 -6.81 22.76
N GLY C 281 -15.42 -6.15 23.09
CA GLY C 281 -14.61 -5.44 22.11
C GLY C 281 -15.09 -4.05 21.73
N ALA C 282 -16.12 -3.57 22.43
CA ALA C 282 -16.67 -2.24 22.21
C ALA C 282 -15.64 -1.11 22.45
N ASP C 283 -15.64 -0.10 21.59
CA ASP C 283 -14.86 1.09 21.84
C ASP C 283 -15.63 2.00 22.77
N VAL C 284 -14.93 2.94 23.38
CA VAL C 284 -15.61 3.96 24.18
C VAL C 284 -15.93 5.12 23.24
N PRO C 285 -17.19 5.61 23.26
CA PRO C 285 -17.64 6.62 22.31
C PRO C 285 -16.78 7.88 22.20
N GLU C 286 -16.18 8.33 23.30
CA GLU C 286 -15.28 9.51 23.26
C GLU C 286 -14.08 9.21 22.41
N PHE C 287 -13.85 7.94 22.14
CA PHE C 287 -12.66 7.57 21.44
C PHE C 287 -12.96 7.13 20.01
N TYR C 288 -14.22 7.26 19.58
CA TYR C 288 -14.59 6.97 18.20
C TYR C 288 -13.81 7.90 17.26
N GLY C 289 -13.36 7.38 16.14
CA GLY C 289 -12.68 8.19 15.15
C GLY C 289 -13.55 9.21 14.41
N LYS C 290 -12.88 10.22 13.88
CA LYS C 290 -13.53 11.30 13.15
C LYS C 290 -13.14 11.22 11.68
N LEU C 291 -14.15 11.10 10.82
CA LEU C 291 -13.93 11.06 9.39
C LEU C 291 -14.27 12.41 8.81
N THR C 292 -13.29 13.03 8.15
CA THR C 292 -13.52 14.31 7.49
C THR C 292 -13.60 14.02 6.00
N THR C 293 -14.68 14.43 5.36
CA THR C 293 -14.81 14.29 3.90
C THR C 293 -14.96 15.68 3.31
N ILE C 294 -14.23 15.95 2.22
CA ILE C 294 -14.27 17.27 1.55
C ILE C 294 -14.76 17.15 0.10
N ARG C 295 -16.07 17.34 -0.08
CA ARG C 295 -16.73 17.15 -1.38
C ARG C 295 -16.87 18.50 -2.08
N GLY C 296 -15.76 18.93 -2.67
CA GLY C 296 -15.69 20.21 -3.38
C GLY C 296 -15.14 21.29 -2.48
N SER C 297 -16.04 22.11 -1.95
CA SER C 297 -15.68 23.18 -1.02
C SER C 297 -16.41 22.96 0.31
N ASP C 298 -17.25 21.93 0.34
CA ASP C 298 -17.95 21.49 1.53
C ASP C 298 -17.08 20.53 2.37
N LYS C 299 -16.79 20.94 3.61
CA LYS C 299 -16.00 20.14 4.55
C LYS C 299 -16.88 19.65 5.71
N LYS C 300 -17.21 18.36 5.71
CA LYS C 300 -18.02 17.76 6.74
C LYS C 300 -17.25 16.73 7.59
N THR C 301 -17.52 16.73 8.90
CA THR C 301 -16.85 15.82 9.82
C THR C 301 -17.89 14.94 10.53
N GLU C 302 -17.62 13.63 10.50
CA GLU C 302 -18.58 12.63 10.93
C GLU C 302 -17.86 11.66 11.88
N THR C 303 -18.48 11.35 13.01
CA THR C 303 -17.88 10.46 14.00
C THR C 303 -18.29 9.04 13.65
N ILE C 304 -17.30 8.16 13.49
CA ILE C 304 -17.56 6.79 13.06
C ILE C 304 -17.51 5.82 14.25
N PRO C 305 -18.67 5.20 14.59
CA PRO C 305 -18.70 4.21 15.67
C PRO C 305 -17.75 3.06 15.33
N SER C 306 -16.82 2.74 16.22
CA SER C 306 -15.89 1.62 15.97
C SER C 306 -16.59 0.25 15.83
N VAL C 307 -16.16 -0.54 14.85
CA VAL C 307 -16.47 -1.97 14.79
C VAL C 307 -15.98 -2.66 16.09
N ASN C 308 -16.69 -3.68 16.57
CA ASN C 308 -16.26 -4.33 17.81
C ASN C 308 -15.00 -5.14 17.58
N GLY C 309 -14.05 -5.03 18.50
CA GLY C 309 -12.89 -5.91 18.49
C GLY C 309 -13.28 -7.37 18.59
N SER C 310 -12.47 -8.23 17.99
CA SER C 310 -12.88 -9.61 17.79
C SER C 310 -11.72 -10.57 17.78
N TYR C 311 -10.95 -10.61 18.86
CA TYR C 311 -9.82 -11.54 18.92
C TYR C 311 -10.25 -13.00 18.61
N LEU C 312 -11.38 -13.42 19.13
CA LEU C 312 -11.92 -14.76 18.83
C LEU C 312 -11.79 -15.18 17.37
N THR C 313 -11.98 -14.24 16.45
CA THR C 313 -11.95 -14.60 15.04
C THR C 313 -10.67 -15.34 14.64
N TYR C 314 -9.54 -14.91 15.18
CA TYR C 314 -8.29 -15.58 14.92
C TYR C 314 -8.44 -17.09 15.15
N TYR C 315 -8.80 -17.45 16.37
CA TYR C 315 -8.87 -18.86 16.74
C TYR C 315 -10.01 -19.63 16.10
N ARG C 316 -11.06 -18.89 15.69
CA ARG C 316 -12.13 -19.50 14.92
C ARG C 316 -11.61 -19.82 13.53
N LYS C 317 -10.75 -18.95 13.02
CA LYS C 317 -10.21 -19.17 11.67
C LYS C 317 -9.16 -20.25 11.71
N ILE C 318 -8.49 -20.37 12.85
CA ILE C 318 -7.52 -21.43 13.01
C ILE C 318 -8.23 -22.77 12.96
N ALA C 319 -9.37 -22.85 13.63
CA ALA C 319 -10.13 -24.10 13.70
C ALA C 319 -10.61 -24.53 12.32
N GLU C 320 -11.04 -23.58 11.52
CA GLU C 320 -11.53 -23.87 10.19
C GLU C 320 -10.41 -24.26 9.24
N SER C 321 -9.21 -23.70 9.43
CA SER C 321 -8.04 -24.12 8.66
C SER C 321 -7.69 -25.58 9.00
N ILE C 322 -7.70 -25.92 10.29
CA ILE C 322 -7.36 -27.28 10.71
C ILE C 322 -8.34 -28.35 10.23
N ARG C 323 -9.63 -28.01 10.23
CA ARG C 323 -10.66 -29.02 9.95
CA ARG C 323 -10.72 -28.96 9.96
C ARG C 323 -11.18 -28.99 8.51
N GLU C 324 -11.12 -27.83 7.87
CA GLU C 324 -11.79 -27.66 6.61
C GLU C 324 -10.87 -27.14 5.50
N GLY C 325 -9.60 -26.89 5.82
CA GLY C 325 -8.62 -26.42 4.84
C GLY C 325 -8.72 -24.95 4.47
N ALA C 326 -9.49 -24.18 5.24
CA ALA C 326 -9.59 -22.73 5.02
C ALA C 326 -8.21 -22.00 5.10
N ALA C 327 -8.10 -20.86 4.42
CA ALA C 327 -6.88 -20.08 4.46
C ALA C 327 -6.62 -19.65 5.90
N LEU C 328 -5.34 -19.68 6.29
CA LEU C 328 -4.93 -19.27 7.64
C LEU C 328 -5.21 -17.80 7.84
N PRO C 329 -5.53 -17.39 9.08
CA PRO C 329 -5.86 -15.98 9.34
C PRO C 329 -4.63 -15.09 9.25
N VAL C 330 -3.47 -15.67 9.53
CA VAL C 330 -2.20 -14.98 9.38
C VAL C 330 -1.24 -16.06 8.95
N THR C 331 -0.56 -15.83 7.83
CA THR C 331 0.41 -16.78 7.30
C THR C 331 1.83 -16.56 7.83
N ALA C 332 2.62 -17.63 7.87
CA ALA C 332 4.05 -17.53 8.11
C ALA C 332 4.72 -16.40 7.28
N GLU C 333 4.42 -16.34 5.98
CA GLU C 333 4.99 -15.36 5.06
C GLU C 333 4.72 -13.93 5.55
N GLU C 334 3.50 -13.69 6.02
CA GLU C 334 3.17 -12.40 6.60
C GLU C 334 4.00 -12.16 7.86
N GLY C 335 4.16 -13.20 8.67
CA GLY C 335 4.96 -13.10 9.88
C GLY C 335 6.39 -12.71 9.56
N ILE C 336 6.95 -13.36 8.54
CA ILE C 336 8.33 -13.13 8.14
C ILE C 336 8.51 -11.72 7.60
N ASN C 337 7.51 -11.23 6.88
CA ASN C 337 7.57 -9.90 6.31
C ASN C 337 7.62 -8.79 7.37
N VAL C 338 6.91 -8.99 8.47
CA VAL C 338 6.97 -8.00 9.55
C VAL C 338 8.41 -7.91 10.03
N ILE C 339 9.05 -9.07 10.15
CA ILE C 339 10.44 -9.14 10.64
C ILE C 339 11.43 -8.50 9.67
N ARG C 340 11.20 -8.74 8.39
CA ARG C 340 12.00 -8.14 7.34
C ARG C 340 12.04 -6.62 7.46
N ILE C 341 10.89 -6.04 7.85
CA ILE C 341 10.74 -4.59 8.00
C ILE C 341 11.49 -4.10 9.24
N ILE C 342 11.46 -4.92 10.29
CA ILE C 342 12.20 -4.62 11.52
C ILE C 342 13.70 -4.65 11.25
N GLU C 343 14.19 -5.74 10.68
CA GLU C 343 15.61 -5.82 10.31
C GLU C 343 16.06 -4.70 9.36
N ALA C 344 15.19 -4.31 8.44
CA ALA C 344 15.48 -3.17 7.57
C ALA C 344 15.52 -1.89 8.39
N ALA C 345 14.57 -1.74 9.31
CA ALA C 345 14.54 -0.55 10.14
C ALA C 345 15.83 -0.46 10.98
N MET C 346 16.21 -1.57 11.63
CA MET C 346 17.41 -1.58 12.47
C MET C 346 18.69 -1.29 11.68
N GLU C 347 18.75 -1.82 10.45
CA GLU C 347 19.86 -1.60 9.55
C GLU C 347 19.89 -0.13 9.11
N SER C 348 18.71 0.39 8.77
CA SER C 348 18.56 1.78 8.37
C SER C 348 19.12 2.72 9.43
N SER C 349 18.70 2.49 10.68
CA SER C 349 19.11 3.27 11.83
C SER C 349 20.61 3.20 12.15
N LYS C 350 21.20 2.02 11.95
CA LYS C 350 22.63 1.77 12.13
C LYS C 350 23.46 2.39 11.01
N GLU C 351 23.02 2.18 9.77
CA GLU C 351 23.78 2.67 8.62
C GLU C 351 23.52 4.14 8.32
N LYS C 352 22.57 4.76 9.02
CA LYS C 352 22.16 6.17 8.81
C LYS C 352 21.70 6.48 7.38
N ARG C 353 21.11 5.50 6.72
CA ARG C 353 20.64 5.66 5.33
C ARG C 353 19.30 4.96 5.09
N THR C 354 18.61 5.35 4.02
CA THR C 354 17.42 4.64 3.59
C THR C 354 17.78 3.25 3.02
N ILE C 355 17.13 2.21 3.54
CA ILE C 355 17.33 0.84 3.04
C ILE C 355 16.28 0.41 2.02
N MET C 356 16.71 0.00 0.83
CA MET C 356 15.82 -0.63 -0.16
C MET C 356 15.43 -2.07 0.16
N LEU C 357 14.23 -2.47 -0.25
CA LEU C 357 13.70 -3.79 0.06
C LEU C 357 13.63 -4.72 -1.17
N GLU C 358 13.59 -6.03 -0.90
CA GLU C 358 13.47 -7.09 -1.93
C GLU C 358 12.53 -6.79 -3.10
N THR D 14 11.34 59.78 13.93
CA THR D 14 10.39 58.79 13.31
C THR D 14 11.00 58.08 12.09
N ILE D 15 10.89 56.76 12.05
CA ILE D 15 11.65 55.93 11.08
C ILE D 15 11.03 55.92 9.71
N LYS D 16 11.75 56.42 8.73
CA LYS D 16 11.24 56.53 7.35
C LYS D 16 11.47 55.24 6.59
N VAL D 17 10.36 54.63 6.17
CA VAL D 17 10.38 53.30 5.60
C VAL D 17 10.02 53.34 4.11
N GLY D 18 10.70 52.52 3.32
CA GLY D 18 10.24 52.16 1.99
C GLY D 18 9.89 50.68 1.89
N ILE D 19 8.82 50.36 1.19
CA ILE D 19 8.38 48.96 1.04
C ILE D 19 8.50 48.56 -0.42
N LEU D 20 9.14 47.43 -0.66
CA LEU D 20 9.24 46.90 -2.00
C LEU D 20 8.11 45.91 -2.16
N GLY D 21 7.19 46.20 -3.08
CA GLY D 21 6.01 45.37 -3.31
C GLY D 21 4.80 45.74 -2.45
N TYR D 22 3.60 45.54 -3.02
CA TYR D 22 2.36 45.82 -2.33
C TYR D 22 1.30 44.81 -2.70
N GLY D 23 1.74 43.55 -2.75
CA GLY D 23 0.85 42.42 -2.93
C GLY D 23 0.38 41.95 -1.57
N LEU D 24 0.12 40.66 -1.46
CA LEU D 24 -0.30 40.06 -0.19
C LEU D 24 0.63 40.50 0.97
N SER D 25 1.92 40.16 0.89
CA SER D 25 2.90 40.55 1.92
C SER D 25 2.93 42.02 2.32
N GLY D 26 3.23 42.89 1.36
CA GLY D 26 3.39 44.30 1.63
C GLY D 26 2.11 44.92 2.17
N SER D 27 0.99 44.64 1.51
CA SER D 27 -0.25 45.37 1.78
C SER D 27 -1.01 44.86 2.98
N VAL D 28 -0.90 43.56 3.21
CA VAL D 28 -1.69 42.88 4.23
C VAL D 28 -0.83 42.52 5.44
N PHE D 29 0.39 42.02 5.20
CA PHE D 29 1.16 41.48 6.32
C PHE D 29 2.09 42.47 7.00
N HIS D 30 2.63 43.43 6.26
CA HIS D 30 3.56 44.41 6.84
C HIS D 30 2.89 45.76 7.02
N GLY D 31 2.37 46.33 5.95
CA GLY D 31 1.65 47.60 5.97
C GLY D 31 0.78 47.87 7.18
N PRO D 32 -0.26 47.05 7.41
CA PRO D 32 -1.14 47.35 8.55
C PRO D 32 -0.41 47.33 9.89
N LEU D 33 0.65 46.54 10.01
CA LEU D 33 1.36 46.47 11.26
C LEU D 33 2.09 47.76 11.46
N LEU D 34 2.93 48.13 10.49
CA LEU D 34 3.68 49.37 10.57
C LEU D 34 2.78 50.60 10.77
N ASP D 35 1.63 50.58 10.12
CA ASP D 35 0.68 51.70 10.19
C ASP D 35 0.17 52.02 11.60
N VAL D 36 0.12 51.03 12.48
CA VAL D 36 -0.35 51.32 13.85
C VAL D 36 0.78 51.76 14.79
N LEU D 37 2.03 51.55 14.37
CA LEU D 37 3.18 52.00 15.17
C LEU D 37 3.66 53.41 14.86
N ASP D 38 3.56 54.26 15.87
CA ASP D 38 4.04 55.65 15.85
C ASP D 38 5.50 55.80 15.46
N GLU D 39 6.30 54.80 15.78
CA GLU D 39 7.72 54.80 15.47
C GLU D 39 7.99 54.90 13.97
N TYR D 40 7.05 54.45 13.15
CA TYR D 40 7.25 54.39 11.70
C TYR D 40 6.43 55.39 10.94
N GLN D 41 7.02 55.92 9.89
CA GLN D 41 6.31 56.66 8.85
C GLN D 41 6.66 56.01 7.53
N ILE D 42 5.65 55.57 6.80
CA ILE D 42 5.94 54.98 5.52
C ILE D 42 5.93 56.04 4.42
N SER D 43 7.07 56.11 3.74
CA SER D 43 7.39 57.20 2.84
C SER D 43 7.21 56.84 1.37
N LYS D 44 7.64 55.63 1.01
CA LYS D 44 7.56 55.19 -0.36
C LYS D 44 7.21 53.71 -0.46
N ILE D 45 6.46 53.37 -1.51
CA ILE D 45 6.17 51.98 -1.82
C ILE D 45 6.43 51.78 -3.32
N MET D 46 7.26 50.80 -3.65
CA MET D 46 7.43 50.38 -5.03
C MET D 46 6.33 49.38 -5.37
N THR D 47 5.46 49.76 -6.29
CA THR D 47 4.30 48.97 -6.65
C THR D 47 3.54 49.63 -7.80
N SER D 48 2.82 48.82 -8.58
CA SER D 48 1.88 49.32 -9.60
C SER D 48 0.54 49.67 -8.98
N ARG D 49 0.23 49.04 -7.84
CA ARG D 49 -1.04 49.23 -7.13
C ARG D 49 -1.13 50.62 -6.50
N THR D 50 -1.11 51.63 -7.37
CA THR D 50 -1.15 53.04 -6.97
C THR D 50 -2.40 53.40 -6.17
N GLU D 51 -3.57 53.02 -6.70
CA GLU D 51 -4.85 53.33 -6.04
C GLU D 51 -4.97 52.74 -4.64
N GLU D 52 -4.56 51.48 -4.50
CA GLU D 52 -4.60 50.78 -3.23
C GLU D 52 -3.73 51.47 -2.13
N VAL D 53 -2.54 51.90 -2.51
CA VAL D 53 -1.62 52.66 -1.65
C VAL D 53 -2.20 54.00 -1.24
N LYS D 54 -2.73 54.73 -2.23
CA LYS D 54 -3.45 55.98 -1.99
C LYS D 54 -4.53 55.81 -0.89
N ARG D 55 -5.22 54.67 -0.85
CA ARG D 55 -6.29 54.46 0.13
C ARG D 55 -5.78 54.07 1.51
N ASP D 56 -4.58 53.48 1.56
CA ASP D 56 -4.01 53.01 2.81
C ASP D 56 -3.06 54.01 3.42
N PHE D 57 -2.32 54.72 2.57
CA PHE D 57 -1.32 55.69 3.01
C PHE D 57 -1.40 56.92 2.08
N PRO D 58 -2.30 57.87 2.41
CA PRO D 58 -2.47 59.04 1.54
C PRO D 58 -1.18 59.81 1.38
N ASP D 59 -0.32 59.79 2.40
CA ASP D 59 0.91 60.58 2.39
C ASP D 59 2.11 59.84 1.82
N ALA D 60 1.94 58.55 1.55
CA ALA D 60 3.00 57.74 0.99
C ALA D 60 3.16 58.04 -0.50
N GLU D 61 4.38 57.85 -0.97
CA GLU D 61 4.70 58.09 -2.36
C GLU D 61 4.83 56.74 -3.01
N VAL D 62 4.07 56.55 -4.08
CA VAL D 62 4.18 55.36 -4.90
C VAL D 62 5.34 55.57 -5.86
N VAL D 63 6.26 54.61 -5.94
CA VAL D 63 7.28 54.62 -6.98
C VAL D 63 7.32 53.31 -7.75
N HIS D 64 8.10 53.27 -8.83
CA HIS D 64 8.01 52.17 -9.79
C HIS D 64 9.37 51.58 -10.10
N GLU D 65 10.40 52.34 -9.75
CA GLU D 65 11.76 51.89 -9.92
C GLU D 65 12.41 51.81 -8.54
N LEU D 66 13.24 50.80 -8.35
CA LEU D 66 13.93 50.55 -7.09
C LEU D 66 14.79 51.72 -6.61
N GLU D 67 15.46 52.40 -7.54
CA GLU D 67 16.39 53.47 -7.19
C GLU D 67 15.73 54.74 -6.65
N GLU D 68 14.40 54.80 -6.68
CA GLU D 68 13.69 55.96 -6.11
C GLU D 68 13.52 55.81 -4.60
N ILE D 69 13.92 54.64 -4.11
CA ILE D 69 13.94 54.32 -2.70
C ILE D 69 15.40 54.26 -2.24
N THR D 70 16.22 53.49 -2.96
CA THR D 70 17.63 53.30 -2.66
C THR D 70 18.42 54.62 -2.72
N ASN D 71 18.20 55.41 -3.77
CA ASN D 71 18.93 56.67 -3.93
C ASN D 71 18.39 57.78 -3.02
N ASP D 72 17.25 57.53 -2.39
CA ASP D 72 16.61 58.51 -1.53
C ASP D 72 17.34 58.56 -0.17
N PRO D 73 18.00 59.70 0.14
CA PRO D 73 18.73 59.91 1.40
C PRO D 73 17.89 59.86 2.68
N ALA D 74 16.61 60.25 2.60
CA ALA D 74 15.73 60.32 3.78
C ALA D 74 15.21 58.97 4.33
N ILE D 75 15.08 57.96 3.45
CA ILE D 75 14.69 56.58 3.80
C ILE D 75 15.75 55.89 4.68
N GLU D 76 15.30 55.24 5.75
CA GLU D 76 16.21 54.62 6.73
C GLU D 76 16.13 53.10 6.68
N LEU D 77 14.94 52.57 6.42
CA LEU D 77 14.67 51.14 6.46
C LEU D 77 13.83 50.73 5.27
N VAL D 78 14.18 49.60 4.63
CA VAL D 78 13.41 49.06 3.51
C VAL D 78 12.86 47.67 3.87
N ILE D 79 11.58 47.48 3.57
CA ILE D 79 10.95 46.20 3.77
C ILE D 79 10.86 45.55 2.41
N VAL D 80 11.56 44.43 2.27
CA VAL D 80 11.64 43.74 0.99
C VAL D 80 10.56 42.67 0.95
N THR D 81 9.51 42.88 0.16
CA THR D 81 8.38 41.92 0.12
C THR D 81 8.09 41.39 -1.29
N THR D 82 9.00 41.68 -2.22
CA THR D 82 8.94 41.18 -3.60
C THR D 82 9.11 39.65 -3.67
N PRO D 83 8.81 39.03 -4.82
CA PRO D 83 8.83 37.55 -4.77
C PRO D 83 10.23 36.98 -4.50
N SER D 84 10.27 35.72 -4.09
CA SER D 84 11.46 35.03 -3.56
C SER D 84 12.79 35.16 -4.35
N GLY D 85 12.69 35.23 -5.67
CA GLY D 85 13.87 35.21 -6.53
C GLY D 85 14.44 36.58 -6.87
N LEU D 86 13.92 37.62 -6.23
CA LEU D 86 14.51 38.96 -6.32
C LEU D 86 15.06 39.43 -4.97
N HIS D 87 14.98 38.57 -3.95
CA HIS D 87 15.44 38.93 -2.60
C HIS D 87 16.91 39.36 -2.60
N TYR D 88 17.77 38.54 -3.22
CA TYR D 88 19.19 38.79 -3.20
C TYR D 88 19.46 40.13 -3.87
N GLU D 89 18.99 40.25 -5.11
CA GLU D 89 19.16 41.45 -5.90
C GLU D 89 18.70 42.68 -5.12
N HIS D 90 17.44 42.66 -4.69
CA HIS D 90 16.84 43.80 -4.01
C HIS D 90 17.48 44.13 -2.66
N THR D 91 17.81 43.11 -1.88
CA THR D 91 18.34 43.32 -0.54
C THR D 91 19.73 43.90 -0.63
N MET D 92 20.54 43.32 -1.51
CA MET D 92 21.91 43.74 -1.72
C MET D 92 22.02 45.20 -2.22
N ALA D 93 21.05 45.65 -3.02
CA ALA D 93 21.09 47.02 -3.50
C ALA D 93 20.73 48.01 -2.36
N CYS D 94 19.79 47.61 -1.51
CA CYS D 94 19.50 48.37 -0.26
C CYS D 94 20.71 48.45 0.67
N ILE D 95 21.45 47.35 0.79
CA ILE D 95 22.67 47.35 1.59
C ILE D 95 23.74 48.30 1.04
N GLN D 96 24.00 48.26 -0.27
CA GLN D 96 24.96 49.17 -0.91
C GLN D 96 24.61 50.64 -0.69
N ALA D 97 23.30 50.93 -0.68
CA ALA D 97 22.82 52.29 -0.54
C ALA D 97 22.71 52.71 0.96
N GLY D 98 23.09 51.82 1.86
CA GLY D 98 23.21 52.14 3.28
C GLY D 98 21.92 52.12 4.05
N LYS D 99 20.99 51.27 3.62
CA LYS D 99 19.68 51.11 4.28
C LYS D 99 19.66 49.86 5.17
N HIS D 100 18.86 49.90 6.23
CA HIS D 100 18.53 48.70 6.97
C HIS D 100 17.47 47.92 6.20
N VAL D 101 17.53 46.59 6.27
CA VAL D 101 16.61 45.76 5.52
C VAL D 101 15.92 44.72 6.39
N VAL D 102 14.60 44.68 6.31
CA VAL D 102 13.82 43.54 6.73
C VAL D 102 13.42 42.73 5.49
N MET D 103 13.88 41.48 5.44
CA MET D 103 13.58 40.57 4.31
C MET D 103 12.40 39.68 4.66
N GLU D 104 11.51 39.46 3.71
CA GLU D 104 10.55 38.35 3.84
C GLU D 104 11.24 36.99 3.84
N LYS D 105 10.60 36.01 4.48
CA LYS D 105 11.05 34.63 4.44
C LYS D 105 10.45 34.03 3.18
N PRO D 106 11.03 32.94 2.68
CA PRO D 106 12.34 32.37 3.04
C PRO D 106 13.45 33.35 2.61
N MET D 107 14.49 33.45 3.43
CA MET D 107 15.62 34.36 3.16
C MET D 107 16.15 34.30 1.70
N THR D 108 16.80 33.18 1.35
CA THR D 108 17.29 32.96 -0.01
C THR D 108 17.10 31.49 -0.33
N ALA D 109 17.49 31.05 -1.52
CA ALA D 109 17.36 29.63 -1.83
C ALA D 109 18.50 28.85 -1.16
N THR D 110 19.66 29.50 -1.05
CA THR D 110 20.86 28.85 -0.50
C THR D 110 21.48 29.65 0.63
N ALA D 111 22.21 28.92 1.48
CA ALA D 111 22.94 29.46 2.60
C ALA D 111 24.06 30.45 2.20
N GLU D 112 24.75 30.18 1.08
CA GLU D 112 25.86 31.03 0.72
C GLU D 112 25.39 32.43 0.29
N GLU D 113 24.21 32.52 -0.32
CA GLU D 113 23.66 33.82 -0.69
C GLU D 113 23.36 34.60 0.59
N GLY D 114 22.72 33.91 1.55
CA GLY D 114 22.51 34.40 2.90
C GLY D 114 23.78 34.91 3.54
N GLU D 115 24.80 34.05 3.58
CA GLU D 115 26.13 34.40 4.06
C GLU D 115 26.68 35.70 3.42
N THR D 116 26.54 35.80 2.11
CA THR D 116 27.03 36.96 1.36
C THR D 116 26.30 38.25 1.73
N LEU D 117 24.97 38.15 1.92
CA LEU D 117 24.16 39.28 2.34
C LEU D 117 24.50 39.78 3.74
N LYS D 118 24.76 38.86 4.66
CA LYS D 118 25.14 39.19 6.02
C LYS D 118 26.46 39.99 6.09
N ARG D 119 27.49 39.50 5.39
CA ARG D 119 28.82 40.12 5.38
C ARG D 119 28.77 41.51 4.79
N ALA D 120 27.99 41.68 3.72
CA ALA D 120 27.83 42.98 3.08
C ALA D 120 27.20 43.96 4.05
N ALA D 121 26.15 43.54 4.75
CA ALA D 121 25.51 44.35 5.79
C ALA D 121 26.50 44.75 6.88
N ASP D 122 27.24 43.77 7.38
CA ASP D 122 28.28 44.02 8.39
C ASP D 122 29.38 44.99 7.92
N GLU D 123 29.86 44.83 6.67
CA GLU D 123 30.82 45.79 6.09
C GLU D 123 30.24 47.20 5.98
N LYS D 124 29.00 47.28 5.54
CA LYS D 124 28.35 48.56 5.33
C LYS D 124 27.83 49.12 6.66
N GLY D 125 27.75 48.28 7.69
CA GLY D 125 27.29 48.68 9.01
C GLY D 125 25.81 49.01 9.04
N VAL D 126 24.98 48.13 8.48
CA VAL D 126 23.53 48.29 8.52
C VAL D 126 22.91 47.05 9.13
N LEU D 127 21.70 47.20 9.65
CA LEU D 127 20.94 46.09 10.19
C LEU D 127 20.21 45.34 9.10
N LEU D 128 20.16 44.02 9.28
CA LEU D 128 19.59 43.11 8.32
C LEU D 128 18.88 42.05 9.12
N SER D 129 17.58 41.92 8.88
CA SER D 129 16.76 41.05 9.69
C SER D 129 15.85 40.32 8.76
N VAL D 130 15.36 39.18 9.22
CA VAL D 130 14.49 38.30 8.45
C VAL D 130 13.14 38.16 9.16
N TYR D 131 12.05 38.39 8.44
CA TYR D 131 10.72 38.41 9.03
C TYR D 131 10.17 37.02 9.39
N HIS D 132 10.79 36.38 10.36
CA HIS D 132 10.29 35.12 10.92
C HIS D 132 9.32 35.40 12.06
N ASN D 133 8.16 35.94 11.68
CA ASN D 133 7.21 36.42 12.67
C ASN D 133 6.45 35.32 13.40
N ARG D 134 6.55 34.08 12.94
CA ARG D 134 5.95 32.94 13.66
C ARG D 134 6.51 32.70 15.06
N ARG D 135 7.59 33.40 15.43
CA ARG D 135 8.08 33.36 16.80
C ARG D 135 7.10 34.07 17.71
N TRP D 136 6.17 34.82 17.10
CA TRP D 136 5.15 35.52 17.86
C TRP D 136 3.70 35.08 17.55
N ASP D 137 3.56 33.83 17.05
CA ASP D 137 2.27 33.15 16.94
C ASP D 137 1.77 32.77 18.33
N ASN D 138 0.46 32.85 18.52
CA ASN D 138 -0.12 32.55 19.79
C ASN D 138 0.33 31.18 20.29
N ASP D 139 0.34 30.18 19.41
CA ASP D 139 0.64 28.83 19.87
C ASP D 139 2.11 28.72 20.26
N PHE D 140 2.98 29.38 19.51
CA PHE D 140 4.39 29.36 19.87
C PHE D 140 4.68 30.10 21.17
N LEU D 141 4.11 31.29 21.34
CA LEU D 141 4.30 32.05 22.58
C LEU D 141 3.88 31.26 23.81
N THR D 142 2.88 30.40 23.62
CA THR D 142 2.31 29.58 24.68
C THR D 142 3.27 28.46 25.06
N ILE D 143 3.91 27.86 24.07
CA ILE D 143 4.94 26.84 24.29
C ILE D 143 6.14 27.49 25.00
N LYS D 144 6.51 28.68 24.55
CA LYS D 144 7.61 29.41 25.21
C LYS D 144 7.33 29.67 26.69
N LYS D 145 6.11 30.10 27.00
CA LYS D 145 5.71 30.30 28.38
C LYS D 145 5.72 29.01 29.22
N LEU D 146 5.15 27.93 28.68
CA LEU D 146 5.19 26.66 29.42
C LEU D 146 6.63 26.20 29.69
N ILE D 147 7.54 26.39 28.73
CA ILE D 147 8.92 26.01 28.96
C ILE D 147 9.57 26.85 30.03
N SER D 148 9.36 28.17 29.98
CA SER D 148 9.99 29.02 30.98
C SER D 148 9.37 28.91 32.37
N GLU D 149 8.13 28.46 32.47
CA GLU D 149 7.50 28.25 33.78
C GLU D 149 7.79 26.89 34.36
N GLY D 150 8.50 26.05 33.61
CA GLY D 150 8.82 24.70 34.06
C GLY D 150 7.77 23.64 33.78
N SER D 151 6.85 23.90 32.86
CA SER D 151 5.78 22.93 32.57
C SER D 151 6.13 21.92 31.47
N LEU D 152 7.28 22.11 30.84
CA LEU D 152 7.80 21.21 29.82
C LEU D 152 9.30 20.95 29.96
N GLU D 153 9.70 20.34 31.06
CA GLU D 153 11.12 20.05 31.32
C GLU D 153 11.61 18.88 30.47
N ASP D 154 12.89 18.91 30.09
CA ASP D 154 13.57 17.84 29.31
C ASP D 154 12.66 17.27 28.19
N ILE D 155 12.30 18.14 27.25
CA ILE D 155 11.61 17.73 26.06
C ILE D 155 12.36 16.60 25.33
N ASN D 156 11.68 15.50 25.03
CA ASN D 156 12.30 14.42 24.27
C ASN D 156 11.73 14.31 22.85
N THR D 157 10.46 14.61 22.68
CA THR D 157 9.85 14.55 21.37
C THR D 157 9.19 15.88 21.01
N TYR D 158 9.46 16.39 19.82
CA TYR D 158 8.87 17.64 19.34
C TYR D 158 8.42 17.45 17.90
N GLN D 159 7.11 17.23 17.72
CA GLN D 159 6.51 16.93 16.43
C GLN D 159 5.60 18.03 16.04
N VAL D 160 5.81 18.59 14.86
CA VAL D 160 5.06 19.76 14.42
C VAL D 160 4.58 19.48 13.03
N SER D 161 3.29 19.67 12.79
CA SER D 161 2.77 19.40 11.46
C SER D 161 2.09 20.61 10.79
N TYR D 162 2.39 20.83 9.52
CA TYR D 162 1.91 21.99 8.80
C TYR D 162 1.29 21.53 7.47
N ASN D 163 0.06 21.06 7.57
CA ASN D 163 -0.62 20.41 6.47
C ASN D 163 -1.57 21.39 5.79
N ARG D 164 -1.95 21.12 4.56
CA ARG D 164 -3.01 21.88 3.94
C ARG D 164 -3.79 20.96 3.01
N TYR D 165 -4.96 21.42 2.58
CA TYR D 165 -5.70 20.68 1.60
C TYR D 165 -5.72 21.44 0.28
N ARG D 166 -4.74 21.11 -0.56
CA ARG D 166 -4.56 21.73 -1.88
C ARG D 166 -4.51 20.65 -2.95
N PRO D 167 -5.58 19.87 -3.13
CA PRO D 167 -5.46 18.69 -3.99
C PRO D 167 -4.99 18.99 -5.42
N GLU D 168 -5.30 20.18 -5.91
CA GLU D 168 -5.03 20.55 -7.30
C GLU D 168 -3.94 21.61 -7.41
N VAL D 169 -3.10 21.48 -8.42
CA VAL D 169 -2.03 22.46 -8.68
C VAL D 169 -2.61 23.68 -9.40
N GLN D 170 -2.34 24.88 -8.87
CA GLN D 170 -2.80 26.14 -9.45
C GLN D 170 -1.91 26.56 -10.63
N ALA D 180 13.59 28.90 -4.75
CA ALA D 180 13.06 28.88 -3.37
C ALA D 180 11.54 28.68 -3.28
N THR D 181 11.02 27.70 -3.99
CA THR D 181 9.58 27.49 -4.08
C THR D 181 9.19 26.19 -3.39
N GLY D 182 7.88 25.96 -3.35
CA GLY D 182 7.32 24.81 -2.68
C GLY D 182 7.10 25.04 -1.20
N THR D 183 6.60 23.99 -0.55
CA THR D 183 6.08 24.05 0.82
C THR D 183 7.17 23.97 1.90
N LEU D 184 8.34 23.43 1.55
CA LEU D 184 9.44 23.40 2.49
C LEU D 184 9.97 24.80 2.75
N TYR D 185 10.22 25.55 1.69
CA TYR D 185 10.64 26.92 1.82
C TYR D 185 9.50 27.77 2.33
N ASP D 186 8.33 27.57 1.75
CA ASP D 186 7.21 28.43 2.07
C ASP D 186 6.63 28.20 3.50
N LEU D 187 6.38 26.95 3.89
CA LEU D 187 5.75 26.62 5.17
C LEU D 187 6.68 26.01 6.20
N GLY D 188 7.53 25.08 5.77
CA GLY D 188 8.56 24.50 6.63
C GLY D 188 9.55 25.47 7.27
N SER D 189 9.86 26.58 6.61
CA SER D 189 10.78 27.57 7.17
C SER D 189 10.28 28.17 8.49
N HIS D 190 8.99 28.45 8.60
CA HIS D 190 8.37 28.87 9.85
C HIS D 190 8.63 27.92 11.03
N ILE D 191 8.40 26.62 10.84
CA ILE D 191 8.47 25.67 11.93
C ILE D 191 9.88 25.16 12.17
N ILE D 192 10.74 25.23 11.15
CA ILE D 192 12.18 25.05 11.34
C ILE D 192 12.73 26.19 12.22
N ASP D 193 12.44 27.44 11.87
CA ASP D 193 12.86 28.58 12.72
C ASP D 193 12.44 28.42 14.19
N GLN D 194 11.19 28.03 14.42
CA GLN D 194 10.71 27.76 15.77
C GLN D 194 11.59 26.75 16.48
N THR D 195 11.85 25.63 15.82
CA THR D 195 12.63 24.56 16.40
C THR D 195 14.04 25.02 16.79
N LEU D 196 14.65 25.85 15.94
CA LEU D 196 16.02 26.26 16.17
C LEU D 196 16.06 27.28 17.26
N HIS D 197 15.02 28.12 17.31
CA HIS D 197 14.82 29.05 18.42
C HIS D 197 14.69 28.31 19.78
N LEU D 198 14.00 27.17 19.82
CA LEU D 198 13.91 26.44 21.08
C LEU D 198 15.15 25.64 21.44
N PHE D 199 15.83 25.05 20.46
CA PHE D 199 16.73 23.92 20.71
C PHE D 199 18.16 24.11 20.20
N GLY D 200 18.38 25.13 19.38
CA GLY D 200 19.67 25.32 18.74
C GLY D 200 19.75 24.44 17.50
N MET D 201 20.96 24.36 16.93
CA MET D 201 21.19 23.56 15.73
C MET D 201 21.30 22.07 16.11
N PRO D 202 20.60 21.20 15.35
CA PRO D 202 20.73 19.75 15.54
C PRO D 202 22.05 19.25 14.96
N LYS D 203 22.40 18.00 15.25
CA LYS D 203 23.62 17.43 14.69
C LYS D 203 23.41 16.86 13.29
N ALA D 204 22.17 16.52 12.94
CA ALA D 204 21.87 15.93 11.64
C ALA D 204 20.41 16.09 11.19
N VAL D 205 20.21 16.07 9.87
CA VAL D 205 18.89 16.10 9.32
C VAL D 205 18.66 14.85 8.47
N THR D 206 17.48 14.26 8.60
CA THR D 206 17.00 13.16 7.77
C THR D 206 15.67 13.58 7.17
N ALA D 207 15.55 13.51 5.86
CA ALA D 207 14.36 14.04 5.22
C ALA D 207 13.86 13.29 3.99
N ASN D 208 12.58 13.41 3.74
CA ASN D 208 11.96 12.95 2.52
C ASN D 208 11.13 14.10 2.03
N VAL D 209 11.51 14.64 0.87
CA VAL D 209 10.94 15.88 0.34
C VAL D 209 10.45 15.59 -1.06
N MET D 210 9.18 15.83 -1.32
CA MET D 210 8.60 15.42 -2.58
C MET D 210 7.37 16.22 -3.02
N ALA D 211 6.85 15.82 -4.17
CA ALA D 211 5.57 16.28 -4.66
C ALA D 211 4.66 15.04 -4.78
N GLN D 212 3.57 15.06 -4.00
CA GLN D 212 2.56 14.00 -4.03
C GLN D 212 1.47 14.20 -5.07
N ARG D 213 1.12 15.45 -5.36
CA ARG D 213 0.06 15.74 -6.34
C ARG D 213 0.46 15.27 -7.75
N GLU D 214 -0.52 14.75 -8.49
CA GLU D 214 -0.21 13.87 -9.62
C GLU D 214 0.65 14.48 -10.72
N ASN D 215 0.41 15.74 -11.05
CA ASN D 215 1.20 16.39 -12.10
C ASN D 215 1.94 17.58 -11.55
N ALA D 216 2.30 17.50 -10.27
CA ALA D 216 2.98 18.59 -9.60
C ALA D 216 4.45 18.59 -9.99
N GLU D 217 5.02 19.79 -9.98
CA GLU D 217 6.43 20.00 -10.23
C GLU D 217 7.01 20.28 -8.86
N THR D 218 6.59 21.40 -8.28
CA THR D 218 7.17 21.89 -7.04
C THR D 218 6.85 21.02 -5.82
N VAL D 219 7.66 21.16 -4.78
CA VAL D 219 7.53 20.46 -3.50
C VAL D 219 6.18 20.70 -2.80
N ASP D 220 5.51 19.62 -2.43
CA ASP D 220 4.20 19.75 -1.77
C ASP D 220 4.03 18.86 -0.54
N TYR D 221 5.11 18.15 -0.19
CA TYR D 221 5.18 17.23 0.95
C TYR D 221 6.59 17.25 1.54
N PHE D 222 6.70 17.44 2.84
CA PHE D 222 8.00 17.27 3.49
C PHE D 222 7.89 16.54 4.81
N HIS D 223 8.91 15.76 5.11
CA HIS D 223 9.05 15.09 6.39
C HIS D 223 10.52 15.09 6.85
N LEU D 224 10.80 15.95 7.82
CA LEU D 224 12.15 16.19 8.35
C LEU D 224 12.28 15.66 9.76
N THR D 225 13.38 14.94 10.01
CA THR D 225 13.79 14.58 11.37
C THR D 225 15.06 15.34 11.77
N LEU D 226 14.94 16.18 12.78
CA LEU D 226 16.08 16.90 13.31
C LEU D 226 16.67 16.16 14.51
N ASP D 227 17.90 15.69 14.35
CA ASP D 227 18.58 14.89 15.39
C ASP D 227 19.27 15.74 16.47
N TYR D 228 18.69 15.75 17.66
CA TYR D 228 19.30 16.43 18.81
C TYR D 228 19.69 15.44 19.91
N GLY D 229 20.10 14.23 19.54
CA GLY D 229 20.51 13.23 20.54
C GLY D 229 19.30 12.51 21.11
N LYS D 230 19.12 12.59 22.44
CA LYS D 230 17.95 12.00 23.11
C LYS D 230 16.67 12.62 22.53
N LEU D 231 16.73 13.93 22.25
CA LEU D 231 15.63 14.70 21.71
C LEU D 231 15.54 14.58 20.17
N GLN D 232 14.33 14.31 19.70
CA GLN D 232 14.00 14.20 18.29
C GLN D 232 12.96 15.24 17.94
N ALA D 233 13.22 16.02 16.89
CA ALA D 233 12.25 16.99 16.41
C ALA D 233 11.85 16.58 15.01
N ILE D 234 10.55 16.36 14.83
CA ILE D 234 9.99 15.85 13.60
C ILE D 234 9.14 16.94 13.01
N LEU D 235 9.45 17.37 11.79
CA LEU D 235 8.75 18.49 11.15
C LEU D 235 8.16 18.04 9.81
N TYR D 236 6.85 18.18 9.63
CA TYR D 236 6.22 17.58 8.48
C TYR D 236 4.91 18.26 8.03
N GLY D 237 4.55 18.01 6.77
CA GLY D 237 3.45 18.70 6.11
C GLY D 237 3.20 18.15 4.72
N GLY D 238 1.97 17.74 4.45
CA GLY D 238 1.57 17.36 3.13
C GLY D 238 0.59 18.38 2.57
N SER D 239 0.19 18.19 1.32
CA SER D 239 -0.78 19.08 0.67
C SER D 239 -2.09 18.39 0.26
N ILE D 240 -2.24 17.11 0.63
CA ILE D 240 -3.48 16.37 0.38
C ILE D 240 -4.04 15.89 1.71
N VAL D 241 -4.34 16.83 2.60
CA VAL D 241 -4.71 16.51 3.99
C VAL D 241 -6.01 17.16 4.39
N PRO D 242 -7.12 16.43 4.21
CA PRO D 242 -8.44 16.94 4.52
C PRO D 242 -8.61 17.44 5.95
N ALA D 243 -8.03 16.74 6.92
CA ALA D 243 -8.13 17.16 8.32
C ALA D 243 -6.79 16.99 8.98
N ASN D 244 -6.33 18.04 9.65
CA ASN D 244 -5.05 18.00 10.29
C ASN D 244 -5.15 17.33 11.63
N GLY D 245 -4.09 16.69 12.05
CA GLY D 245 -4.03 16.24 13.41
C GLY D 245 -3.51 17.44 14.15
N PRO D 246 -2.99 17.22 15.35
CA PRO D 246 -2.43 18.30 16.14
C PRO D 246 -1.38 19.07 15.37
N ARG D 247 -1.32 20.38 15.54
CA ARG D 247 -0.16 21.10 15.03
C ARG D 247 1.09 20.77 15.86
N TYR D 248 0.94 20.62 17.18
CA TYR D 248 2.07 20.33 18.05
C TYR D 248 1.85 19.12 18.93
N GLN D 249 2.84 18.26 19.02
CA GLN D 249 2.82 17.23 20.05
C GLN D 249 4.19 17.32 20.69
N ILE D 250 4.21 17.64 21.98
CA ILE D 250 5.48 17.90 22.65
C ILE D 250 5.53 17.00 23.86
N HIS D 251 6.57 16.18 24.00
CA HIS D 251 6.67 15.31 25.17
C HIS D 251 7.95 15.53 25.95
N GLY D 252 7.76 15.73 27.25
CA GLY D 252 8.84 15.97 28.20
C GLY D 252 8.86 14.87 29.22
N LYS D 253 9.69 15.00 30.23
CA LYS D 253 9.82 13.94 31.19
C LYS D 253 8.59 13.69 32.08
N ASP D 254 7.81 14.74 32.30
CA ASP D 254 6.69 14.74 33.24
C ASP D 254 5.37 15.06 32.58
N SER D 255 5.45 15.62 31.38
CA SER D 255 4.27 16.22 30.79
C SER D 255 4.30 16.25 29.26
N SER D 256 3.13 16.46 28.66
CA SER D 256 2.96 16.53 27.22
C SER D 256 2.07 17.72 26.89
N PHE D 257 2.29 18.34 25.72
CA PHE D 257 1.39 19.40 25.25
C PHE D 257 0.94 19.06 23.85
N ILE D 258 -0.37 18.96 23.66
CA ILE D 258 -0.92 18.64 22.35
C ILE D 258 -1.89 19.72 21.99
N LYS D 259 -1.70 20.31 20.81
CA LYS D 259 -2.46 21.47 20.41
C LYS D 259 -2.81 21.49 18.95
N TYR D 260 -4.09 21.77 18.65
CA TYR D 260 -4.57 21.90 17.29
C TYR D 260 -4.61 23.37 16.82
N GLY D 261 -4.73 23.57 15.51
CA GLY D 261 -5.14 24.83 14.93
C GLY D 261 -3.96 25.68 14.56
N ILE D 262 -4.23 26.91 14.13
CA ILE D 262 -3.21 27.77 13.56
C ILE D 262 -3.48 29.22 13.99
N ASP D 263 -2.43 30.03 14.12
CA ASP D 263 -2.60 31.43 14.54
C ASP D 263 -3.55 32.21 13.58
N GLY D 264 -4.38 33.07 14.14
CA GLY D 264 -5.34 33.81 13.32
C GLY D 264 -5.02 35.25 12.98
N GLN D 265 -3.78 35.70 13.20
CA GLN D 265 -3.44 37.08 12.90
C GLN D 265 -3.47 37.38 11.40
N GLU D 266 -2.90 36.49 10.59
CA GLU D 266 -2.92 36.66 9.13
C GLU D 266 -4.36 36.79 8.62
N ASP D 267 -5.26 35.91 9.10
CA ASP D 267 -6.67 35.98 8.75
C ASP D 267 -7.31 37.30 9.17
N ALA D 268 -7.04 37.77 10.39
CA ALA D 268 -7.56 39.10 10.78
C ALA D 268 -6.99 40.22 9.92
N LEU D 269 -5.69 40.17 9.62
CA LEU D 269 -5.05 41.09 8.66
C LEU D 269 -5.68 41.05 7.24
N ARG D 270 -6.01 39.84 6.75
CA ARG D 270 -6.73 39.67 5.48
C ARG D 270 -8.12 40.24 5.53
N ALA D 271 -8.75 40.23 6.71
CA ALA D 271 -10.13 40.70 6.84
C ALA D 271 -10.19 42.23 6.93
N GLY D 272 -9.03 42.88 6.91
CA GLY D 272 -8.95 44.32 6.97
C GLY D 272 -8.75 44.87 8.37
N ARG D 273 -8.54 43.98 9.34
CA ARG D 273 -8.40 44.39 10.76
C ARG D 273 -6.94 44.69 11.17
N LYS D 274 -6.79 45.66 12.08
CA LYS D 274 -5.47 46.08 12.59
C LYS D 274 -5.36 45.81 14.11
N PRO D 275 -4.13 45.64 14.64
CA PRO D 275 -3.91 45.52 16.09
C PRO D 275 -4.33 46.79 16.84
N GLU D 276 -5.45 46.75 17.53
CA GLU D 276 -5.95 47.93 18.22
C GLU D 276 -6.24 47.74 19.71
N ASP D 277 -6.33 46.50 20.19
CA ASP D 277 -6.67 46.28 21.60
C ASP D 277 -6.02 45.01 22.15
N ASP D 278 -6.28 44.72 23.42
CA ASP D 278 -5.77 43.51 24.08
C ASP D 278 -6.20 42.21 23.36
N SER D 279 -7.36 42.21 22.71
CA SER D 279 -7.89 40.99 22.09
C SER D 279 -7.19 40.54 20.79
N TRP D 280 -6.31 41.38 20.25
CA TRP D 280 -5.57 41.01 19.04
C TRP D 280 -4.84 39.69 19.28
N GLY D 281 -4.95 38.78 18.32
CA GLY D 281 -4.26 37.50 18.39
C GLY D 281 -4.78 36.51 19.41
N ALA D 282 -6.03 36.70 19.85
CA ALA D 282 -6.67 35.71 20.71
C ALA D 282 -6.77 34.36 19.97
N ASP D 283 -6.63 33.26 20.70
CA ASP D 283 -6.96 31.96 20.13
C ASP D 283 -8.44 31.69 20.29
N VAL D 284 -8.92 30.68 19.58
CA VAL D 284 -10.31 30.23 19.66
C VAL D 284 -10.30 29.11 20.70
N PRO D 285 -11.18 29.18 21.72
CA PRO D 285 -11.02 28.21 22.82
C PRO D 285 -11.02 26.74 22.41
N GLU D 286 -11.78 26.37 21.39
CA GLU D 286 -11.79 24.96 20.97
C GLU D 286 -10.43 24.50 20.49
N PHE D 287 -9.52 25.45 20.33
CA PHE D 287 -8.18 25.13 19.86
C PHE D 287 -7.09 25.38 20.93
N TYR D 288 -7.51 25.64 22.16
CA TYR D 288 -6.55 25.75 23.25
C TYR D 288 -5.79 24.42 23.39
N GLY D 289 -4.48 24.48 23.67
CA GLY D 289 -3.69 23.28 23.84
C GLY D 289 -4.01 22.55 25.14
N LYS D 290 -3.75 21.24 25.18
CA LYS D 290 -3.95 20.48 26.40
C LYS D 290 -2.63 20.01 26.98
N LEU D 291 -2.44 20.30 28.26
CA LEU D 291 -1.22 19.96 28.99
C LEU D 291 -1.54 18.82 29.91
N THR D 292 -0.82 17.72 29.76
CA THR D 292 -1.00 16.55 30.61
C THR D 292 0.22 16.46 31.49
N THR D 293 0.00 16.39 32.79
CA THR D 293 1.08 16.32 33.76
C THR D 293 0.87 15.06 34.57
N ILE D 294 1.94 14.29 34.70
CA ILE D 294 1.96 13.11 35.56
C ILE D 294 2.94 13.32 36.70
N ARG D 295 2.45 13.24 37.94
CA ARG D 295 3.31 13.30 39.12
C ARG D 295 3.10 11.98 39.87
N GLY D 296 4.12 11.12 39.83
CA GLY D 296 4.03 9.78 40.40
C GLY D 296 2.90 8.98 39.80
N SER D 297 1.86 8.74 40.60
CA SER D 297 0.68 7.99 40.19
C SER D 297 -0.32 8.84 39.41
N ASP D 298 -0.43 10.11 39.77
CA ASP D 298 -1.50 10.99 39.27
C ASP D 298 -1.26 11.68 37.91
N LYS D 299 -2.20 11.43 36.99
CA LYS D 299 -2.26 12.03 35.66
C LYS D 299 -3.38 13.07 35.62
N LYS D 300 -3.01 14.33 35.48
CA LYS D 300 -3.97 15.42 35.33
C LYS D 300 -3.79 16.13 33.97
N THR D 301 -4.91 16.49 33.35
CA THR D 301 -4.93 17.20 32.06
C THR D 301 -5.54 18.55 32.25
N GLU D 302 -5.05 19.55 31.55
CA GLU D 302 -5.57 20.90 31.74
C GLU D 302 -5.56 21.64 30.40
N THR D 303 -6.64 22.35 30.09
CA THR D 303 -6.70 23.16 28.88
C THR D 303 -6.04 24.53 29.13
N ILE D 304 -5.08 24.89 28.29
CA ILE D 304 -4.31 26.10 28.42
C ILE D 304 -4.73 27.21 27.44
N PRO D 305 -5.36 28.30 27.95
CA PRO D 305 -5.66 29.48 27.13
C PRO D 305 -4.39 30.04 26.51
N SER D 306 -4.38 30.24 25.20
CA SER D 306 -3.16 30.64 24.53
C SER D 306 -2.77 32.10 24.82
N VAL D 307 -1.48 32.33 25.05
CA VAL D 307 -0.95 33.69 25.01
C VAL D 307 -1.38 34.31 23.69
N ASN D 308 -1.85 35.55 23.71
CA ASN D 308 -2.21 36.28 22.49
C ASN D 308 -1.05 36.40 21.49
N GLY D 309 -1.34 36.14 20.21
CA GLY D 309 -0.41 36.45 19.12
C GLY D 309 -0.01 37.91 19.15
N SER D 310 1.22 38.19 18.71
CA SER D 310 1.78 39.54 18.84
C SER D 310 2.77 39.87 17.74
N TYR D 311 2.33 39.81 16.48
CA TYR D 311 3.23 40.16 15.35
C TYR D 311 3.86 41.54 15.52
N LEU D 312 3.11 42.52 16.05
CA LEU D 312 3.64 43.84 16.32
C LEU D 312 5.01 43.85 16.97
N THR D 313 5.22 42.94 17.94
CA THR D 313 6.46 42.84 18.70
C THR D 313 7.71 42.81 17.84
N TYR D 314 7.62 42.23 16.66
CA TYR D 314 8.75 42.22 15.74
C TYR D 314 9.12 43.64 15.36
N TYR D 315 8.17 44.39 14.87
CA TYR D 315 8.46 45.75 14.43
C TYR D 315 8.82 46.66 15.59
N ARG D 316 8.18 46.48 16.73
CA ARG D 316 8.57 47.24 17.91
C ARG D 316 10.05 47.06 18.14
N LYS D 317 10.50 45.81 18.07
CA LYS D 317 11.90 45.46 18.32
C LYS D 317 12.86 45.92 17.22
N ILE D 318 12.40 45.96 15.98
CA ILE D 318 13.22 46.50 14.89
C ILE D 318 13.47 47.96 15.20
N ALA D 319 12.41 48.66 15.61
CA ALA D 319 12.52 50.06 15.98
C ALA D 319 13.59 50.29 17.03
N GLU D 320 13.66 49.41 18.02
CA GLU D 320 14.62 49.58 19.10
C GLU D 320 16.02 49.19 18.71
N SER D 321 16.12 48.27 17.76
CA SER D 321 17.42 47.98 17.20
C SER D 321 17.98 49.21 16.44
N ILE D 322 17.15 49.85 15.60
CA ILE D 322 17.52 51.01 14.76
C ILE D 322 17.84 52.25 15.58
N ARG D 323 17.01 52.50 16.58
CA ARG D 323 17.07 53.70 17.40
C ARG D 323 18.03 53.60 18.60
N GLU D 324 18.15 52.40 19.20
CA GLU D 324 18.83 52.24 20.48
CA GLU D 324 18.91 52.32 20.45
C GLU D 324 19.93 51.17 20.53
N GLY D 325 20.18 50.51 19.41
CA GLY D 325 21.19 49.46 19.36
C GLY D 325 20.84 48.17 20.08
N ALA D 326 19.55 47.86 20.21
CA ALA D 326 19.15 46.58 20.82
C ALA D 326 19.42 45.42 19.88
N ALA D 327 19.55 44.21 20.42
CA ALA D 327 19.64 43.00 19.59
C ALA D 327 18.41 42.91 18.70
N LEU D 328 18.64 42.58 17.43
CA LEU D 328 17.59 42.38 16.48
C LEU D 328 16.64 41.29 16.93
N PRO D 329 15.34 41.43 16.63
CA PRO D 329 14.39 40.39 17.02
C PRO D 329 14.69 39.08 16.29
N VAL D 330 15.14 39.16 15.03
CA VAL D 330 15.59 37.99 14.29
C VAL D 330 16.86 38.32 13.52
N THR D 331 17.96 37.66 13.85
CA THR D 331 19.24 37.96 13.18
C THR D 331 19.41 37.30 11.80
N ALA D 332 20.32 37.88 11.01
CA ALA D 332 20.66 37.35 9.71
C ALA D 332 21.21 35.91 9.80
N GLU D 333 22.08 35.65 10.78
CA GLU D 333 22.57 34.29 11.05
C GLU D 333 21.42 33.28 11.29
N GLU D 334 20.47 33.64 12.15
CA GLU D 334 19.28 32.80 12.37
C GLU D 334 18.53 32.46 11.06
N GLY D 335 18.44 33.43 10.15
CA GLY D 335 17.73 33.25 8.89
C GLY D 335 18.49 32.32 7.97
N ILE D 336 19.81 32.46 8.00
CA ILE D 336 20.70 31.59 7.21
C ILE D 336 20.62 30.14 7.70
N ASN D 337 20.62 29.96 9.02
CA ASN D 337 20.51 28.63 9.64
C ASN D 337 19.25 27.88 9.21
N VAL D 338 18.12 28.60 9.12
CA VAL D 338 16.88 28.03 8.58
C VAL D 338 17.11 27.48 7.16
N ILE D 339 17.69 28.32 6.29
CA ILE D 339 18.05 27.87 4.93
C ILE D 339 19.08 26.73 4.93
N ARG D 340 19.93 26.68 5.96
CA ARG D 340 20.89 25.58 6.07
C ARG D 340 20.19 24.25 6.34
N ILE D 341 19.16 24.27 7.17
CA ILE D 341 18.38 23.08 7.46
C ILE D 341 17.64 22.58 6.21
N ILE D 342 17.00 23.54 5.52
CA ILE D 342 16.31 23.30 4.26
C ILE D 342 17.22 22.67 3.22
N GLU D 343 18.44 23.17 3.08
CA GLU D 343 19.37 22.63 2.07
C GLU D 343 19.82 21.22 2.48
N ALA D 344 20.04 21.01 3.77
CA ALA D 344 20.43 19.70 4.28
C ALA D 344 19.30 18.68 4.09
N ALA D 345 18.05 19.14 4.22
CA ALA D 345 16.89 18.29 4.01
C ALA D 345 16.75 17.87 2.56
N MET D 346 16.95 18.82 1.64
CA MET D 346 16.81 18.52 0.21
C MET D 346 17.92 17.60 -0.28
N GLU D 347 19.11 17.77 0.29
CA GLU D 347 20.23 16.87 0.01
C GLU D 347 19.94 15.48 0.60
N SER D 348 19.52 15.43 1.87
CA SER D 348 19.15 14.17 2.53
C SER D 348 18.18 13.35 1.69
N SER D 349 17.15 14.03 1.18
CA SER D 349 16.10 13.40 0.41
C SER D 349 16.64 12.80 -0.90
N LYS D 350 17.38 13.61 -1.64
CA LYS D 350 18.01 13.25 -2.90
C LYS D 350 18.96 12.07 -2.77
N GLU D 351 19.78 12.06 -1.72
CA GLU D 351 20.81 11.03 -1.56
C GLU D 351 20.36 9.87 -0.68
N LYS D 352 19.16 9.99 -0.10
CA LYS D 352 18.54 8.89 0.64
C LYS D 352 19.36 8.48 1.87
N ARG D 353 19.80 9.47 2.64
CA ARG D 353 20.63 9.21 3.83
C ARG D 353 20.64 10.41 4.79
N THR D 354 21.15 10.20 5.99
CA THR D 354 21.21 11.25 6.99
C THR D 354 22.39 12.17 6.69
N ILE D 355 22.13 13.46 6.63
CA ILE D 355 23.17 14.45 6.44
C ILE D 355 23.56 15.03 7.80
N MET D 356 24.84 14.92 8.12
CA MET D 356 25.44 15.52 9.31
C MET D 356 25.68 17.01 9.05
N LEU D 357 25.33 17.86 10.02
CA LEU D 357 25.72 19.28 10.03
C LEU D 357 27.02 19.45 10.77
N GLY E 8 -16.43 67.56 57.22
CA GLY E 8 -16.01 67.35 55.80
C GLY E 8 -14.70 66.58 55.62
N ARG E 9 -14.18 66.57 54.39
CA ARG E 9 -13.01 65.74 53.99
C ARG E 9 -11.79 65.83 54.92
N ARG E 10 -11.19 64.66 55.18
CA ARG E 10 -10.17 64.46 56.20
C ARG E 10 -9.18 63.36 55.76
N LYS E 11 -8.08 63.21 56.48
CA LYS E 11 -7.13 62.12 56.25
C LYS E 11 -7.91 60.78 56.15
N VAL E 12 -7.70 60.01 55.08
CA VAL E 12 -8.26 58.64 54.98
C VAL E 12 -7.44 57.55 55.70
N ASP E 13 -7.94 57.19 56.86
CA ASP E 13 -7.48 56.03 57.58
C ASP E 13 -8.23 54.82 57.01
N THR E 14 -7.75 53.61 57.26
CA THR E 14 -8.51 52.40 56.98
C THR E 14 -9.94 52.45 57.53
N ILE E 15 -10.85 51.74 56.89
CA ILE E 15 -12.20 51.61 57.41
C ILE E 15 -12.19 50.53 58.49
N LYS E 16 -12.66 50.88 59.68
CA LYS E 16 -12.62 49.98 60.82
C LYS E 16 -13.84 49.10 60.77
N VAL E 17 -13.60 47.78 60.71
CA VAL E 17 -14.64 46.80 60.56
C VAL E 17 -14.78 45.89 61.78
N GLY E 18 -16.02 45.64 62.18
CA GLY E 18 -16.36 44.57 63.08
C GLY E 18 -17.17 43.51 62.34
N ILE E 19 -16.81 42.25 62.56
CA ILE E 19 -17.46 41.11 61.92
C ILE E 19 -18.29 40.39 63.00
N LEU E 20 -19.58 40.21 62.76
CA LEU E 20 -20.38 39.46 63.69
C LEU E 20 -20.45 38.04 63.16
N GLY E 21 -19.91 37.12 63.94
CA GLY E 21 -19.86 35.73 63.57
C GLY E 21 -18.60 35.38 62.81
N TYR E 22 -18.06 34.21 63.11
CA TYR E 22 -16.86 33.75 62.45
C TYR E 22 -16.97 32.27 62.06
N GLY E 23 -18.14 31.88 61.57
CA GLY E 23 -18.28 30.58 60.95
C GLY E 23 -17.89 30.64 59.47
N LEU E 24 -18.51 29.79 58.65
CA LEU E 24 -18.22 29.76 57.23
C LEU E 24 -18.18 31.16 56.56
N SER E 25 -19.23 31.97 56.70
CA SER E 25 -19.26 33.26 55.98
C SER E 25 -18.16 34.13 56.47
N GLY E 26 -18.12 34.34 57.80
CA GLY E 26 -17.23 35.31 58.41
C GLY E 26 -15.79 35.03 58.07
N SER E 27 -15.40 33.76 58.22
CA SER E 27 -14.00 33.39 58.20
C SER E 27 -13.50 32.91 56.87
N VAL E 28 -14.41 32.44 56.01
CA VAL E 28 -14.01 31.97 54.68
C VAL E 28 -14.47 32.90 53.57
N PHE E 29 -15.66 33.46 53.72
CA PHE E 29 -16.26 34.31 52.67
C PHE E 29 -16.06 35.84 52.79
N HIS E 30 -15.85 36.36 54.00
CA HIS E 30 -15.66 37.80 54.16
C HIS E 30 -14.27 38.19 54.67
N GLY E 31 -13.82 37.54 55.75
CA GLY E 31 -12.48 37.76 56.30
C GLY E 31 -11.38 37.81 55.26
N PRO E 32 -11.28 36.79 54.39
CA PRO E 32 -10.12 36.85 53.50
C PRO E 32 -10.16 37.97 52.44
N LEU E 33 -11.33 38.41 52.01
CA LEU E 33 -11.44 39.52 51.03
C LEU E 33 -11.12 40.87 51.73
N LEU E 34 -11.70 41.06 52.91
CA LEU E 34 -11.34 42.21 53.75
C LEU E 34 -9.86 42.24 54.05
N ASP E 35 -9.25 41.07 54.20
CA ASP E 35 -7.82 41.01 54.59
C ASP E 35 -6.90 41.50 53.46
N VAL E 36 -7.22 41.23 52.21
CA VAL E 36 -6.35 41.67 51.09
C VAL E 36 -6.61 43.10 50.63
N LEU E 37 -7.72 43.71 51.03
CA LEU E 37 -7.99 45.11 50.69
C LEU E 37 -7.34 46.12 51.64
N ASP E 38 -6.53 47.01 51.08
CA ASP E 38 -5.94 48.08 51.91
C ASP E 38 -6.88 49.09 52.55
N GLU E 39 -8.08 49.26 51.98
CA GLU E 39 -9.11 50.15 52.52
C GLU E 39 -9.63 49.78 53.89
N TYR E 40 -9.48 48.52 54.28
CA TYR E 40 -10.19 47.98 55.44
C TYR E 40 -9.27 47.47 56.52
N GLN E 41 -9.69 47.65 57.77
CA GLN E 41 -8.99 47.00 58.86
CA GLN E 41 -8.99 47.07 58.91
C GLN E 41 -9.96 46.31 59.81
N ILE E 42 -9.64 45.08 60.14
CA ILE E 42 -10.52 44.32 60.99
C ILE E 42 -10.14 44.53 62.45
N SER E 43 -10.96 45.29 63.16
CA SER E 43 -10.70 45.67 64.52
C SER E 43 -11.22 44.65 65.52
N LYS E 44 -12.42 44.12 65.25
CA LYS E 44 -13.13 43.28 66.21
C LYS E 44 -13.93 42.21 65.53
N ILE E 45 -14.01 41.05 66.18
CA ILE E 45 -14.83 39.93 65.68
C ILE E 45 -15.56 39.37 66.88
N MET E 46 -16.88 39.19 66.73
CA MET E 46 -17.75 38.59 67.72
C MET E 46 -17.83 37.09 67.46
N THR E 47 -17.21 36.30 68.32
CA THR E 47 -17.22 34.86 68.11
C THR E 47 -16.77 34.13 69.34
N SER E 48 -17.06 32.83 69.37
CA SER E 48 -16.59 31.92 70.42
C SER E 48 -15.27 31.29 70.00
N ARG E 49 -14.97 31.36 68.70
CA ARG E 49 -13.73 30.85 68.11
C ARG E 49 -12.50 31.77 68.25
N THR E 50 -12.22 32.19 69.48
CA THR E 50 -11.13 33.09 69.83
C THR E 50 -9.76 32.69 69.23
N GLU E 51 -9.42 31.40 69.28
CA GLU E 51 -8.11 30.97 68.81
C GLU E 51 -7.97 31.11 67.30
N GLU E 52 -9.07 30.92 66.60
CA GLU E 52 -9.03 30.94 65.17
C GLU E 52 -8.81 32.39 64.73
N VAL E 53 -9.45 33.32 65.43
CA VAL E 53 -9.30 34.73 65.12
C VAL E 53 -7.87 35.14 65.47
N LYS E 54 -7.29 34.47 66.47
CA LYS E 54 -5.91 34.66 66.86
C LYS E 54 -4.93 34.30 65.75
N ARG E 55 -5.17 33.17 65.08
CA ARG E 55 -4.35 32.72 63.96
C ARG E 55 -4.51 33.66 62.78
N ASP E 56 -5.75 33.90 62.37
CA ASP E 56 -6.06 34.66 61.16
C ASP E 56 -5.83 36.15 61.28
N PHE E 57 -6.14 36.75 62.41
CA PHE E 57 -6.00 38.19 62.59
C PHE E 57 -5.42 38.48 63.97
N PRO E 58 -4.10 38.28 64.15
CA PRO E 58 -3.42 38.47 65.45
C PRO E 58 -3.70 39.84 66.09
N ASP E 59 -4.18 40.79 65.28
CA ASP E 59 -4.41 42.16 65.75
C ASP E 59 -5.86 42.48 66.09
N ALA E 60 -6.80 41.65 65.64
CA ALA E 60 -8.20 41.85 65.96
C ALA E 60 -8.50 41.49 67.40
N GLU E 61 -9.44 42.19 68.00
CA GLU E 61 -9.92 41.86 69.34
C GLU E 61 -11.18 41.00 69.29
N VAL E 62 -11.16 39.86 69.96
CA VAL E 62 -12.34 39.01 70.02
C VAL E 62 -13.26 39.42 71.15
N VAL E 63 -14.54 39.58 70.81
CA VAL E 63 -15.56 39.97 71.77
C VAL E 63 -16.69 38.93 71.81
N HIS E 64 -17.53 39.01 72.84
CA HIS E 64 -18.56 37.99 73.04
C HIS E 64 -20.00 38.50 73.17
N GLU E 65 -20.17 39.77 73.54
CA GLU E 65 -21.47 40.42 73.45
C GLU E 65 -21.42 41.43 72.32
N LEU E 66 -22.54 41.57 71.62
CA LEU E 66 -22.72 42.54 70.55
C LEU E 66 -22.42 44.00 70.92
N GLU E 67 -22.71 44.39 72.16
CA GLU E 67 -22.51 45.77 72.63
C GLU E 67 -21.05 46.24 72.50
N GLU E 68 -20.15 45.27 72.44
CA GLU E 68 -18.72 45.54 72.45
C GLU E 68 -18.24 46.02 71.10
N ILE E 69 -19.12 45.89 70.12
CA ILE E 69 -18.92 46.39 68.79
C ILE E 69 -19.76 47.66 68.56
N THR E 70 -21.03 47.59 68.96
CA THR E 70 -21.99 48.66 68.67
C THR E 70 -21.69 49.94 69.46
N ASN E 71 -21.26 49.80 70.71
CA ASN E 71 -20.93 50.96 71.52
C ASN E 71 -19.45 51.32 71.41
N ASP E 72 -18.80 50.81 70.37
CA ASP E 72 -17.42 51.17 70.08
C ASP E 72 -17.38 52.29 69.00
N PRO E 73 -17.07 53.54 69.41
CA PRO E 73 -17.14 54.69 68.51
C PRO E 73 -16.22 54.56 67.30
N ALA E 74 -15.14 53.81 67.45
CA ALA E 74 -14.13 53.66 66.39
C ALA E 74 -14.61 52.79 65.22
N ILE E 75 -15.50 51.85 65.48
CA ILE E 75 -16.00 50.94 64.42
C ILE E 75 -16.89 51.66 63.43
N GLU E 76 -16.66 51.47 62.14
CA GLU E 76 -17.44 52.18 61.09
C GLU E 76 -18.44 51.30 60.36
N LEU E 77 -18.09 50.03 60.19
CA LEU E 77 -18.85 49.12 59.38
C LEU E 77 -18.89 47.74 60.04
N VAL E 78 -20.08 47.14 60.03
CA VAL E 78 -20.30 45.83 60.62
C VAL E 78 -20.76 44.86 59.54
N ILE E 79 -20.17 43.68 59.53
CA ILE E 79 -20.59 42.63 58.63
C ILE E 79 -21.39 41.70 59.51
N VAL E 80 -22.66 41.54 59.19
CA VAL E 80 -23.54 40.66 59.93
C VAL E 80 -23.55 39.30 59.23
N THR E 81 -22.81 38.35 59.79
CA THR E 81 -22.63 37.00 59.21
C THR E 81 -23.17 35.95 60.16
N THR E 82 -23.92 36.39 61.16
CA THR E 82 -24.52 35.47 62.13
C THR E 82 -25.66 34.59 61.55
N PRO E 83 -26.25 33.72 62.38
CA PRO E 83 -27.37 32.93 61.83
C PRO E 83 -28.57 33.78 61.41
N SER E 84 -29.17 33.41 60.28
CA SER E 84 -30.42 33.98 59.75
C SER E 84 -31.40 34.62 60.74
N GLY E 85 -31.83 33.86 61.75
CA GLY E 85 -32.84 34.31 62.67
C GLY E 85 -32.36 35.38 63.64
N LEU E 86 -31.11 35.81 63.46
CA LEU E 86 -30.52 36.87 64.26
C LEU E 86 -30.22 38.10 63.41
N HIS E 87 -30.33 37.96 62.09
CA HIS E 87 -30.05 39.03 61.14
C HIS E 87 -30.70 40.36 61.49
N TYR E 88 -32.02 40.32 61.66
CA TYR E 88 -32.80 41.52 61.94
C TYR E 88 -32.32 42.21 63.23
N GLU E 89 -32.25 41.44 64.31
CA GLU E 89 -31.82 41.93 65.60
C GLU E 89 -30.43 42.58 65.55
N HIS E 90 -29.48 41.91 64.93
CA HIS E 90 -28.12 42.44 64.91
C HIS E 90 -27.96 43.68 64.09
N THR E 91 -28.59 43.70 62.93
CA THR E 91 -28.51 44.83 62.05
C THR E 91 -29.16 46.03 62.70
N MET E 92 -30.37 45.86 63.20
CA MET E 92 -31.09 46.96 63.84
C MET E 92 -30.24 47.63 64.90
N ALA E 93 -29.55 46.81 65.70
CA ALA E 93 -28.78 47.34 66.80
C ALA E 93 -27.57 48.14 66.30
N CYS E 94 -27.00 47.73 65.15
CA CYS E 94 -25.89 48.43 64.52
C CYS E 94 -26.37 49.77 63.97
N ILE E 95 -27.49 49.72 63.27
CA ILE E 95 -28.11 50.94 62.75
C ILE E 95 -28.30 51.99 63.85
N GLN E 96 -28.89 51.59 64.97
CA GLN E 96 -29.13 52.51 66.08
C GLN E 96 -27.84 53.04 66.68
N ALA E 97 -26.78 52.26 66.55
CA ALA E 97 -25.46 52.72 66.99
C ALA E 97 -24.76 53.64 65.94
N GLY E 98 -25.38 53.86 64.77
CA GLY E 98 -24.83 54.76 63.76
C GLY E 98 -23.77 54.14 62.85
N LYS E 99 -23.81 52.81 62.73
CA LYS E 99 -22.83 52.05 61.97
C LYS E 99 -23.35 51.71 60.58
N HIS E 100 -22.48 51.72 59.58
CA HIS E 100 -22.85 51.13 58.28
C HIS E 100 -22.89 49.61 58.37
N VAL E 101 -23.74 48.98 57.56
CA VAL E 101 -23.93 47.53 57.67
C VAL E 101 -24.00 46.78 56.35
N VAL E 102 -23.23 45.72 56.25
CA VAL E 102 -23.31 44.78 55.17
C VAL E 102 -23.96 43.54 55.78
N MET E 103 -25.12 43.16 55.25
CA MET E 103 -25.87 41.98 55.71
C MET E 103 -25.54 40.78 54.86
N GLU E 104 -25.31 39.60 55.42
CA GLU E 104 -25.29 38.35 54.58
C GLU E 104 -26.66 38.10 53.96
N LYS E 105 -26.68 37.35 52.86
CA LYS E 105 -27.94 36.91 52.29
C LYS E 105 -28.39 35.62 53.02
N PRO E 106 -29.69 35.32 53.02
CA PRO E 106 -30.76 36.18 52.58
C PRO E 106 -30.94 37.29 53.63
N MET E 107 -31.32 38.47 53.16
CA MET E 107 -31.55 39.61 54.01
C MET E 107 -32.33 39.19 55.26
N THR E 108 -33.62 38.84 55.06
CA THR E 108 -34.55 38.43 56.14
C THR E 108 -35.55 37.41 55.61
N ALA E 109 -36.36 36.85 56.50
CA ALA E 109 -37.44 35.94 56.10
C ALA E 109 -38.55 36.65 55.34
N THR E 110 -38.94 37.84 55.80
CA THR E 110 -40.03 38.58 55.15
C THR E 110 -39.61 39.96 54.64
N ALA E 111 -40.33 40.43 53.63
CA ALA E 111 -40.17 41.80 53.11
C ALA E 111 -40.39 42.91 54.14
N GLU E 112 -41.48 42.84 54.89
CA GLU E 112 -41.77 43.81 55.95
C GLU E 112 -40.58 44.08 56.91
N GLU E 113 -39.88 43.03 57.34
CA GLU E 113 -38.69 43.19 58.17
C GLU E 113 -37.56 43.89 57.42
N GLY E 114 -37.34 43.57 56.15
CA GLY E 114 -36.33 44.25 55.35
C GLY E 114 -36.65 45.75 55.21
N GLU E 115 -37.94 46.03 55.01
CA GLU E 115 -38.42 47.39 54.86
C GLU E 115 -38.15 48.24 56.10
N THR E 116 -38.40 47.68 57.28
CA THR E 116 -38.18 48.35 58.55
C THR E 116 -36.69 48.61 58.73
N LEU E 117 -35.87 47.66 58.33
CA LEU E 117 -34.43 47.85 58.38
C LEU E 117 -33.99 49.02 57.50
N LYS E 118 -34.46 49.01 56.25
CA LYS E 118 -34.17 50.09 55.30
C LYS E 118 -34.60 51.46 55.84
N ARG E 119 -35.81 51.52 56.38
CA ARG E 119 -36.40 52.75 56.89
C ARG E 119 -35.58 53.36 58.05
N ALA E 120 -35.25 52.55 59.06
CA ALA E 120 -34.40 52.97 60.17
C ALA E 120 -33.00 53.41 59.71
N ALA E 121 -32.42 52.70 58.76
CA ALA E 121 -31.12 53.05 58.20
C ALA E 121 -31.14 54.43 57.50
N ASP E 122 -32.22 54.71 56.79
CA ASP E 122 -32.39 55.99 56.12
C ASP E 122 -32.59 57.08 57.15
N GLU E 123 -33.39 56.80 58.19
CA GLU E 123 -33.63 57.77 59.26
C GLU E 123 -32.34 58.13 59.95
N LYS E 124 -31.59 57.10 60.37
CA LYS E 124 -30.32 57.28 61.04
C LYS E 124 -29.18 57.71 60.11
N GLY E 125 -29.38 57.63 58.80
CA GLY E 125 -28.40 58.12 57.83
C GLY E 125 -27.17 57.24 57.65
N VAL E 126 -27.34 55.93 57.77
CA VAL E 126 -26.22 55.02 57.52
C VAL E 126 -26.45 54.19 56.27
N LEU E 127 -25.36 53.61 55.75
CA LEU E 127 -25.41 52.67 54.60
C LEU E 127 -25.79 51.25 54.99
N LEU E 128 -26.79 50.74 54.29
CA LEU E 128 -27.26 49.41 54.53
C LEU E 128 -27.14 48.65 53.20
N SER E 129 -26.30 47.63 53.17
CA SER E 129 -26.12 46.85 51.96
C SER E 129 -26.31 45.36 52.29
N VAL E 130 -26.59 44.58 51.25
CA VAL E 130 -26.78 43.13 51.33
C VAL E 130 -25.72 42.43 50.48
N TYR E 131 -25.14 41.36 51.00
CA TYR E 131 -24.07 40.64 50.30
C TYR E 131 -24.55 39.71 49.16
N HIS E 132 -25.13 40.31 48.12
CA HIS E 132 -25.49 39.54 46.92
C HIS E 132 -24.34 39.53 45.96
N ASN E 133 -23.26 38.86 46.35
CA ASN E 133 -22.02 38.94 45.58
C ASN E 133 -22.02 38.07 44.33
N ARG E 134 -23.12 37.37 44.05
CA ARG E 134 -23.18 36.63 42.80
C ARG E 134 -23.37 37.50 41.55
N ARG E 135 -23.61 38.81 41.73
CA ARG E 135 -23.46 39.74 40.60
C ARG E 135 -22.03 39.81 40.06
N TRP E 136 -21.05 39.38 40.86
CA TRP E 136 -19.64 39.31 40.44
C TRP E 136 -19.09 37.86 40.23
N ASP E 137 -19.99 36.88 40.06
CA ASP E 137 -19.64 35.56 39.51
C ASP E 137 -19.16 35.66 38.06
N ASN E 138 -18.17 34.83 37.71
CA ASN E 138 -17.62 34.87 36.36
C ASN E 138 -18.67 34.70 35.25
N ASP E 139 -19.54 33.69 35.38
CA ASP E 139 -20.60 33.49 34.38
C ASP E 139 -21.54 34.67 34.23
N PHE E 140 -21.95 35.23 35.37
CA PHE E 140 -22.85 36.39 35.36
C PHE E 140 -22.20 37.65 34.81
N LEU E 141 -20.93 37.89 35.15
CA LEU E 141 -20.19 39.01 34.56
C LEU E 141 -20.10 38.86 33.04
N THR E 142 -19.96 37.61 32.60
CA THR E 142 -19.93 37.27 31.19
C THR E 142 -21.28 37.51 30.48
N ILE E 143 -22.38 37.13 31.12
CA ILE E 143 -23.70 37.46 30.61
C ILE E 143 -23.88 38.99 30.46
N LYS E 144 -23.58 39.75 31.50
CA LYS E 144 -23.74 41.20 31.42
C LYS E 144 -22.91 41.81 30.31
N LYS E 145 -21.68 41.31 30.14
CA LYS E 145 -20.81 41.84 29.12
C LYS E 145 -21.41 41.61 27.75
N LEU E 146 -21.97 40.42 27.56
CA LEU E 146 -22.61 40.06 26.33
C LEU E 146 -23.82 40.93 26.05
N ILE E 147 -24.63 41.18 27.08
CA ILE E 147 -25.77 42.07 26.89
C ILE E 147 -25.31 43.47 26.46
N SER E 148 -24.35 44.04 27.19
CA SER E 148 -23.94 45.42 26.90
C SER E 148 -23.28 45.58 25.54
N GLU E 149 -22.69 44.51 25.02
CA GLU E 149 -22.14 44.54 23.65
C GLU E 149 -23.12 44.21 22.55
N GLY E 150 -24.39 44.00 22.92
CA GLY E 150 -25.41 43.78 21.91
C GLY E 150 -25.47 42.39 21.35
N SER E 151 -24.73 41.46 21.95
CA SER E 151 -24.74 40.07 21.50
C SER E 151 -25.96 39.27 21.98
N LEU E 152 -26.71 39.79 22.96
CA LEU E 152 -27.89 39.10 23.48
C LEU E 152 -29.12 40.01 23.48
N GLU E 153 -29.53 40.50 22.32
CA GLU E 153 -30.63 41.45 22.25
C GLU E 153 -31.98 40.78 22.46
N ASP E 154 -32.84 41.46 23.21
CA ASP E 154 -34.28 41.20 23.22
C ASP E 154 -34.55 39.75 23.65
N ILE E 155 -34.09 39.46 24.87
CA ILE E 155 -34.22 38.15 25.52
C ILE E 155 -35.68 37.77 25.75
N ASN E 156 -36.03 36.54 25.35
CA ASN E 156 -37.38 36.03 25.52
C ASN E 156 -37.48 34.91 26.57
N THR E 157 -36.36 34.24 26.81
CA THR E 157 -36.34 33.11 27.72
C THR E 157 -35.05 33.12 28.51
N TYR E 158 -35.16 33.04 29.82
CA TYR E 158 -33.98 33.11 30.68
C TYR E 158 -34.09 32.01 31.71
N GLN E 159 -33.38 30.90 31.49
CA GLN E 159 -33.49 29.75 32.39
C GLN E 159 -32.22 29.51 33.16
N VAL E 160 -32.36 29.43 34.48
CA VAL E 160 -31.25 29.20 35.38
C VAL E 160 -31.53 28.02 36.27
N SER E 161 -30.57 27.12 36.40
CA SER E 161 -30.77 25.97 37.27
C SER E 161 -29.70 26.04 38.36
N TYR E 162 -30.08 25.73 39.58
CA TYR E 162 -29.13 25.77 40.65
C TYR E 162 -29.28 24.48 41.40
N ASN E 163 -28.81 23.38 40.81
CA ASN E 163 -28.98 22.05 41.38
C ASN E 163 -27.82 21.64 42.28
N ARG E 164 -28.06 20.64 43.12
CA ARG E 164 -26.98 20.02 43.88
C ARG E 164 -27.31 18.52 44.02
N TYR E 165 -26.36 17.73 44.51
CA TYR E 165 -26.71 16.35 44.87
C TYR E 165 -26.50 16.11 46.36
N ARG E 166 -27.56 16.30 47.15
CA ARG E 166 -27.52 15.98 48.58
C ARG E 166 -28.63 15.01 48.97
N PRO E 167 -28.50 13.73 48.61
CA PRO E 167 -29.63 12.85 48.89
C PRO E 167 -29.83 12.54 50.37
N GLU E 168 -28.81 12.76 51.21
CA GLU E 168 -28.91 12.55 52.66
C GLU E 168 -29.37 13.83 53.37
N VAL E 169 -30.57 13.76 53.96
CA VAL E 169 -31.10 14.84 54.80
C VAL E 169 -30.20 14.98 56.04
N THR E 179 -36.61 29.70 60.63
CA THR E 179 -36.27 31.00 60.07
C THR E 179 -35.50 30.93 58.75
N ALA E 180 -36.14 31.38 57.66
CA ALA E 180 -35.49 31.48 56.35
C ALA E 180 -34.57 30.29 56.02
N THR E 181 -35.10 29.08 56.13
CA THR E 181 -34.32 27.87 55.83
C THR E 181 -34.60 27.32 54.42
N GLY E 182 -33.68 26.47 53.96
CA GLY E 182 -33.84 25.68 52.77
C GLY E 182 -33.35 26.38 51.52
N THR E 183 -33.42 25.68 50.40
CA THR E 183 -32.66 26.03 49.22
C THR E 183 -33.18 27.25 48.46
N LEU E 184 -34.45 27.58 48.61
CA LEU E 184 -34.98 28.76 47.93
C LEU E 184 -34.33 30.04 48.52
N TYR E 185 -34.32 30.16 49.84
CA TYR E 185 -33.60 31.20 50.52
C TYR E 185 -32.06 31.10 50.32
N ASP E 186 -31.53 29.89 50.44
CA ASP E 186 -30.07 29.72 50.42
C ASP E 186 -29.42 29.81 49.02
N LEU E 187 -30.04 29.18 48.01
CA LEU E 187 -29.53 29.21 46.63
C LEU E 187 -30.36 30.11 45.70
N GLY E 188 -31.68 29.99 45.79
CA GLY E 188 -32.60 30.74 44.93
C GLY E 188 -32.34 32.24 44.94
N SER E 189 -32.10 32.80 46.12
CA SER E 189 -31.89 34.24 46.24
C SER E 189 -30.78 34.71 45.31
N HIS E 190 -29.64 34.02 45.27
CA HIS E 190 -28.56 34.39 44.31
C HIS E 190 -29.12 34.56 42.91
N ILE E 191 -29.86 33.57 42.43
CA ILE E 191 -30.27 33.63 41.04
C ILE E 191 -31.48 34.51 40.84
N ILE E 192 -32.26 34.76 41.90
CA ILE E 192 -33.35 35.74 41.86
C ILE E 192 -32.73 37.14 41.77
N ASP E 193 -31.75 37.43 42.63
CA ASP E 193 -31.10 38.72 42.56
C ASP E 193 -30.45 38.98 41.20
N GLN E 194 -29.86 37.95 40.59
CA GLN E 194 -29.33 38.12 39.22
C GLN E 194 -30.42 38.53 38.25
N THR E 195 -31.53 37.80 38.29
CA THR E 195 -32.68 38.06 37.45
C THR E 195 -33.23 39.48 37.64
N LEU E 196 -33.38 39.92 38.88
CA LEU E 196 -33.90 41.27 39.11
C LEU E 196 -32.93 42.32 38.64
N HIS E 197 -31.63 42.07 38.84
CA HIS E 197 -30.59 42.95 38.34
C HIS E 197 -30.69 43.12 36.83
N LEU E 198 -30.89 42.01 36.10
CA LEU E 198 -31.04 42.08 34.62
C LEU E 198 -32.31 42.72 34.10
N PHE E 199 -33.46 42.42 34.72
CA PHE E 199 -34.76 42.71 34.12
C PHE E 199 -35.72 43.56 34.97
N GLY E 200 -35.33 43.92 36.19
CA GLY E 200 -36.27 44.55 37.14
C GLY E 200 -37.30 43.57 37.71
N MET E 201 -38.39 44.11 38.24
CA MET E 201 -39.44 43.31 38.85
C MET E 201 -40.40 42.75 37.78
N PRO E 202 -40.84 41.49 37.91
CA PRO E 202 -41.86 40.95 37.02
C PRO E 202 -43.27 41.35 37.43
N LYS E 203 -44.28 41.05 36.61
CA LYS E 203 -45.68 41.28 36.98
C LYS E 203 -46.16 40.20 37.94
N ALA E 204 -45.55 39.02 37.91
CA ALA E 204 -46.14 37.83 38.53
C ALA E 204 -45.14 36.71 38.82
N VAL E 205 -45.43 35.91 39.86
CA VAL E 205 -44.63 34.71 40.17
C VAL E 205 -45.55 33.47 40.17
N THR E 206 -45.15 32.40 39.52
CA THR E 206 -45.79 31.09 39.66
C THR E 206 -44.71 30.11 40.13
N ALA E 207 -44.93 29.44 41.27
CA ALA E 207 -43.89 28.52 41.78
C ALA E 207 -44.41 27.21 42.38
N ASN E 208 -43.52 26.20 42.34
CA ASN E 208 -43.60 25.00 43.16
C ASN E 208 -42.33 24.95 44.01
N VAL E 209 -42.51 24.82 45.31
CA VAL E 209 -41.41 24.89 46.25
C VAL E 209 -41.68 23.72 47.19
N MET E 210 -40.74 22.82 47.37
CA MET E 210 -41.06 21.63 48.15
C MET E 210 -39.85 20.93 48.81
N ALA E 211 -40.18 19.94 49.62
CA ALA E 211 -39.25 18.99 50.18
C ALA E 211 -39.45 17.68 49.41
N GLN E 212 -38.52 17.38 48.53
CA GLN E 212 -38.59 16.26 47.61
C GLN E 212 -37.95 15.01 48.21
N ARG E 213 -36.98 15.24 49.09
CA ARG E 213 -36.25 14.16 49.72
C ARG E 213 -37.05 13.48 50.80
N GLU E 214 -36.87 12.17 50.86
CA GLU E 214 -37.47 11.29 51.87
C GLU E 214 -37.28 11.87 53.29
N ASN E 215 -38.38 11.95 54.04
CA ASN E 215 -38.39 12.45 55.43
C ASN E 215 -37.98 13.91 55.61
N ALA E 216 -38.16 14.75 54.61
CA ALA E 216 -37.63 16.11 54.67
C ALA E 216 -38.65 17.12 55.11
N GLU E 217 -38.25 17.91 56.11
CA GLU E 217 -39.01 19.05 56.60
C GLU E 217 -38.77 20.26 55.66
N THR E 218 -37.50 20.60 55.46
CA THR E 218 -37.12 21.85 54.82
C THR E 218 -37.10 21.77 53.30
N VAL E 219 -37.33 22.93 52.70
CA VAL E 219 -37.38 23.11 51.27
C VAL E 219 -36.07 22.71 50.60
N ASP E 220 -36.16 21.75 49.67
CA ASP E 220 -34.98 21.27 48.97
C ASP E 220 -35.14 21.28 47.46
N TYR E 221 -36.25 21.84 46.98
CA TYR E 221 -36.57 21.90 45.56
C TYR E 221 -37.40 23.14 45.30
N PHE E 222 -37.06 23.87 44.24
CA PHE E 222 -37.86 25.03 43.81
C PHE E 222 -37.90 25.16 42.30
N HIS E 223 -39.05 25.61 41.79
CA HIS E 223 -39.24 25.92 40.38
C HIS E 223 -40.12 27.17 40.30
N LEU E 224 -39.54 28.29 39.89
CA LEU E 224 -40.20 29.58 39.81
C LEU E 224 -40.21 30.06 38.39
N THR E 225 -41.36 30.58 37.96
CA THR E 225 -41.51 31.34 36.74
C THR E 225 -41.75 32.80 37.12
N LEU E 226 -40.90 33.68 36.60
CA LEU E 226 -41.11 35.10 36.77
C LEU E 226 -41.62 35.62 35.43
N ASP E 227 -42.78 36.26 35.50
CA ASP E 227 -43.53 36.70 34.32
C ASP E 227 -43.21 38.14 33.95
N TYR E 228 -42.46 38.30 32.87
CA TYR E 228 -42.19 39.61 32.29
C TYR E 228 -42.93 39.81 30.95
N GLY E 229 -44.16 39.30 30.84
CA GLY E 229 -44.95 39.39 29.61
C GLY E 229 -44.40 38.43 28.58
N LYS E 230 -43.71 38.96 27.57
CA LYS E 230 -43.11 38.15 26.50
C LYS E 230 -41.91 37.42 27.07
N LEU E 231 -41.14 38.10 27.90
CA LEU E 231 -39.97 37.50 28.53
C LEU E 231 -40.39 36.57 29.66
N GLN E 232 -39.85 35.35 29.65
CA GLN E 232 -40.09 34.41 30.75
C GLN E 232 -38.77 34.00 31.40
N ALA E 233 -38.69 34.19 32.72
CA ALA E 233 -37.52 33.83 33.49
C ALA E 233 -37.87 32.63 34.38
N ILE E 234 -37.16 31.52 34.15
CA ILE E 234 -37.41 30.27 34.87
C ILE E 234 -36.20 30.01 35.73
N LEU E 235 -36.41 29.86 37.04
CA LEU E 235 -35.36 29.65 38.01
C LEU E 235 -35.72 28.43 38.82
N TYR E 236 -34.83 27.44 38.89
CA TYR E 236 -35.11 26.22 39.61
C TYR E 236 -33.88 25.49 40.15
N GLY E 237 -34.11 24.57 41.07
CA GLY E 237 -33.02 23.79 41.59
C GLY E 237 -33.59 22.68 42.41
N GLY E 238 -32.97 21.51 42.33
CA GLY E 238 -33.29 20.39 43.20
C GLY E 238 -32.05 19.95 43.96
N SER E 239 -32.24 18.95 44.80
CA SER E 239 -31.22 18.48 45.72
C SER E 239 -30.89 17.02 45.46
N ILE E 240 -31.62 16.40 44.53
CA ILE E 240 -31.32 15.02 44.13
C ILE E 240 -30.99 15.00 42.64
N VAL E 241 -29.91 15.69 42.29
CA VAL E 241 -29.48 15.83 40.88
C VAL E 241 -28.04 15.37 40.72
N PRO E 242 -27.85 14.13 40.23
CA PRO E 242 -26.47 13.68 40.01
C PRO E 242 -25.63 14.50 39.02
N ALA E 243 -26.20 15.01 37.93
CA ALA E 243 -25.47 15.85 36.97
C ALA E 243 -26.35 16.99 36.53
N ASN E 244 -25.85 18.20 36.68
CA ASN E 244 -26.52 19.41 36.24
C ASN E 244 -26.58 19.49 34.70
N GLY E 245 -27.67 20.02 34.18
CA GLY E 245 -27.63 20.46 32.80
C GLY E 245 -26.97 21.82 32.84
N PRO E 246 -27.19 22.64 31.80
CA PRO E 246 -26.56 23.96 31.84
C PRO E 246 -27.12 24.77 33.00
N ARG E 247 -26.27 25.65 33.55
CA ARG E 247 -26.68 26.60 34.53
C ARG E 247 -27.51 27.71 33.90
N TYR E 248 -27.16 28.14 32.69
CA TYR E 248 -27.85 29.25 32.03
C TYR E 248 -28.27 28.81 30.66
N GLN E 249 -29.51 29.08 30.29
CA GLN E 249 -29.91 28.99 28.90
C GLN E 249 -30.60 30.30 28.63
N ILE E 250 -30.05 31.11 27.74
CA ILE E 250 -30.65 32.41 27.47
C ILE E 250 -30.95 32.56 25.99
N HIS E 251 -32.19 32.85 25.64
CA HIS E 251 -32.55 33.04 24.25
C HIS E 251 -33.12 34.41 23.95
N GLY E 252 -32.64 35.02 22.88
CA GLY E 252 -33.10 36.35 22.47
C GLY E 252 -33.51 36.30 21.02
N LYS E 253 -33.75 37.46 20.41
CA LYS E 253 -34.31 37.49 19.05
C LYS E 253 -33.48 36.70 18.02
N ASP E 254 -32.17 36.66 18.20
CA ASP E 254 -31.36 36.03 17.17
C ASP E 254 -30.06 35.43 17.71
N SER E 255 -29.97 35.27 19.03
CA SER E 255 -28.85 34.58 19.64
C SER E 255 -29.25 33.84 20.89
N SER E 256 -28.48 32.81 21.23
CA SER E 256 -28.62 32.08 22.50
C SER E 256 -27.27 32.00 23.18
N PHE E 257 -27.31 31.88 24.51
CA PHE E 257 -26.14 31.58 25.32
C PHE E 257 -26.47 30.41 26.27
N ILE E 258 -25.74 29.31 26.11
CA ILE E 258 -25.85 28.12 26.95
C ILE E 258 -24.53 27.95 27.74
N LYS E 259 -24.61 27.84 29.05
CA LYS E 259 -23.39 27.69 29.83
C LYS E 259 -23.55 26.72 30.97
N TYR E 260 -22.58 25.81 31.11
CA TYR E 260 -22.49 24.90 32.23
C TYR E 260 -21.54 25.46 33.29
N GLY E 261 -21.63 24.89 34.50
CA GLY E 261 -20.63 25.07 35.53
C GLY E 261 -20.98 26.12 36.55
N ILE E 262 -20.12 26.28 37.55
CA ILE E 262 -20.29 27.27 38.61
C ILE E 262 -19.00 28.07 38.89
N ASP E 263 -19.13 29.31 39.36
CA ASP E 263 -17.97 30.14 39.72
C ASP E 263 -17.13 29.43 40.80
N GLY E 264 -15.82 29.42 40.62
CA GLY E 264 -14.90 28.72 41.53
C GLY E 264 -14.35 29.53 42.71
N GLN E 265 -14.79 30.79 42.87
CA GLN E 265 -14.25 31.67 43.90
C GLN E 265 -14.51 31.12 45.33
N GLU E 266 -15.71 30.64 45.60
CA GLU E 266 -15.93 29.99 46.89
C GLU E 266 -15.01 28.78 47.18
N ASP E 267 -14.82 27.89 46.21
CA ASP E 267 -13.96 26.74 46.41
C ASP E 267 -12.56 27.16 46.73
N ALA E 268 -12.07 28.13 45.97
CA ALA E 268 -10.75 28.72 46.23
C ALA E 268 -10.65 29.29 47.64
N LEU E 269 -11.70 30.00 48.09
CA LEU E 269 -11.72 30.55 49.43
C LEU E 269 -11.67 29.41 50.48
N ARG E 270 -12.51 28.40 50.30
CA ARG E 270 -12.49 27.19 51.13
C ARG E 270 -11.15 26.48 51.11
N ALA E 271 -10.42 26.55 50.00
CA ALA E 271 -9.11 25.90 49.93
C ALA E 271 -8.04 26.75 50.61
N GLY E 272 -8.45 27.80 51.29
CA GLY E 272 -7.52 28.70 51.94
C GLY E 272 -6.74 29.67 51.04
N ARG E 273 -7.14 29.77 49.76
CA ARG E 273 -6.48 30.67 48.81
CA ARG E 273 -6.50 30.67 48.79
C ARG E 273 -7.10 32.08 48.84
N LYS E 274 -6.26 33.09 48.57
CA LYS E 274 -6.69 34.50 48.57
C LYS E 274 -6.61 35.15 47.18
N PRO E 275 -7.35 36.24 46.93
CA PRO E 275 -7.06 36.96 45.68
C PRO E 275 -5.75 37.75 45.76
N GLU E 276 -4.88 37.60 44.78
CA GLU E 276 -3.58 38.27 44.77
C GLU E 276 -3.01 38.55 43.36
N ASP E 277 -3.60 37.94 42.34
CA ASP E 277 -3.18 38.10 40.95
C ASP E 277 -4.39 37.95 40.03
N ASP E 278 -4.13 37.99 38.73
CA ASP E 278 -5.20 37.99 37.72
C ASP E 278 -5.74 36.62 37.38
N SER E 279 -5.14 35.55 37.92
CA SER E 279 -5.76 34.23 37.77
C SER E 279 -7.06 34.09 38.60
N TRP E 280 -7.30 35.01 39.52
CA TRP E 280 -8.48 34.93 40.36
C TRP E 280 -9.81 34.99 39.60
N GLY E 281 -10.68 34.03 39.88
CA GLY E 281 -12.03 34.02 39.35
C GLY E 281 -12.08 33.44 37.97
N ALA E 282 -10.96 32.90 37.51
CA ALA E 282 -10.95 32.36 36.18
C ALA E 282 -11.88 31.16 36.10
N ASP E 283 -12.58 31.05 34.98
CA ASP E 283 -13.35 29.89 34.68
C ASP E 283 -12.48 28.81 34.04
N VAL E 284 -12.99 27.59 34.03
CA VAL E 284 -12.28 26.45 33.45
C VAL E 284 -12.75 26.37 31.99
N PRO E 285 -11.81 26.28 31.04
CA PRO E 285 -12.19 26.38 29.62
C PRO E 285 -13.27 25.39 29.16
N GLU E 286 -13.33 24.20 29.76
CA GLU E 286 -14.36 23.23 29.31
C GLU E 286 -15.74 23.74 29.66
N PHE E 287 -15.81 24.69 30.59
CA PHE E 287 -17.07 25.21 31.04
C PHE E 287 -17.42 26.59 30.45
N TYR E 288 -16.63 27.07 29.50
CA TYR E 288 -16.95 28.37 28.92
C TYR E 288 -18.32 28.26 28.23
N GLY E 289 -19.16 29.29 28.37
CA GLY E 289 -20.43 29.34 27.64
C GLY E 289 -20.33 29.34 26.11
N LYS E 290 -21.37 28.83 25.46
CA LYS E 290 -21.49 28.89 24.00
C LYS E 290 -22.55 29.88 23.49
N LEU E 291 -22.11 30.81 22.64
CA LEU E 291 -22.98 31.84 22.05
C LEU E 291 -23.28 31.46 20.62
N THR E 292 -24.55 31.18 20.34
CA THR E 292 -25.04 30.92 18.99
C THR E 292 -25.71 32.19 18.45
N THR E 293 -25.33 32.64 17.24
CA THR E 293 -25.85 33.88 16.66
C THR E 293 -26.38 33.63 15.25
N ILE E 294 -27.60 34.09 14.99
CA ILE E 294 -28.26 33.91 13.70
C ILE E 294 -28.44 35.26 13.01
N ARG E 295 -27.93 35.38 11.78
CA ARG E 295 -28.03 36.62 11.03
C ARG E 295 -28.52 36.29 9.64
N GLY E 296 -29.82 36.50 9.43
CA GLY E 296 -30.46 36.07 8.18
C GLY E 296 -30.41 34.55 8.09
N SER E 297 -29.80 34.05 7.03
CA SER E 297 -29.68 32.60 6.79
C SER E 297 -28.43 31.98 7.42
N ASP E 298 -27.68 32.80 8.14
CA ASP E 298 -26.38 32.42 8.65
C ASP E 298 -26.36 32.17 10.14
N LYS E 299 -25.65 31.13 10.53
CA LYS E 299 -25.55 30.69 11.92
C LYS E 299 -24.11 30.38 12.28
N LYS E 300 -23.62 30.99 13.35
CA LYS E 300 -22.34 30.57 13.88
C LYS E 300 -22.48 30.26 15.38
N THR E 301 -21.50 29.55 15.92
CA THR E 301 -21.43 29.25 17.34
C THR E 301 -20.00 29.43 17.81
N GLU E 302 -19.86 30.08 18.95
CA GLU E 302 -18.62 30.67 19.38
C GLU E 302 -18.54 30.32 20.88
N THR E 303 -17.36 29.89 21.33
CA THR E 303 -17.16 29.63 22.75
C THR E 303 -16.63 30.93 23.35
N ILE E 304 -17.31 31.44 24.37
CA ILE E 304 -16.97 32.74 24.96
C ILE E 304 -16.14 32.54 26.23
N PRO E 305 -14.89 33.08 26.25
CA PRO E 305 -14.07 33.03 27.47
C PRO E 305 -14.71 33.85 28.57
N SER E 306 -14.85 33.25 29.75
CA SER E 306 -15.51 33.90 30.83
C SER E 306 -14.73 35.10 31.39
N VAL E 307 -15.46 36.11 31.84
CA VAL E 307 -14.87 37.25 32.52
C VAL E 307 -14.57 36.74 33.93
N ASN E 308 -13.37 37.00 34.43
CA ASN E 308 -12.97 36.53 35.73
C ASN E 308 -13.92 37.03 36.82
N GLY E 309 -14.35 36.10 37.68
CA GLY E 309 -15.08 36.46 38.89
C GLY E 309 -14.28 37.41 39.77
N SER E 310 -14.99 38.16 40.60
CA SER E 310 -14.38 39.30 41.20
C SER E 310 -15.19 39.76 42.38
N TYR E 311 -15.28 38.89 43.38
CA TYR E 311 -15.91 39.26 44.65
C TYR E 311 -15.27 40.47 45.32
N LEU E 312 -14.00 40.76 45.07
CA LEU E 312 -13.36 41.97 45.66
C LEU E 312 -14.09 43.27 45.29
N THR E 313 -14.65 43.29 44.09
CA THR E 313 -15.36 44.49 43.60
C THR E 313 -16.47 44.94 44.56
N TYR E 314 -17.13 44.00 45.22
CA TYR E 314 -18.18 44.38 46.16
C TYR E 314 -17.64 45.23 47.30
N TYR E 315 -16.55 44.79 47.92
CA TYR E 315 -15.96 45.54 49.00
C TYR E 315 -15.21 46.82 48.57
N ARG E 316 -14.59 46.81 47.40
CA ARG E 316 -14.02 48.07 46.87
C ARG E 316 -15.10 49.12 46.75
N LYS E 317 -16.24 48.70 46.22
CA LYS E 317 -17.38 49.60 46.00
C LYS E 317 -18.02 50.08 47.30
N ILE E 318 -17.98 49.25 48.33
CA ILE E 318 -18.46 49.61 49.68
C ILE E 318 -17.55 50.72 50.26
N ALA E 319 -16.24 50.49 50.18
CA ALA E 319 -15.25 51.48 50.58
C ALA E 319 -15.49 52.83 49.90
N GLU E 320 -15.83 52.80 48.62
CA GLU E 320 -16.07 54.03 47.84
C GLU E 320 -17.36 54.69 48.28
N SER E 321 -18.33 53.90 48.75
CA SER E 321 -19.60 54.45 49.20
C SER E 321 -19.42 55.15 50.51
N ILE E 322 -18.69 54.50 51.42
CA ILE E 322 -18.42 55.04 52.73
C ILE E 322 -17.54 56.30 52.67
N ARG E 323 -16.58 56.34 51.75
CA ARG E 323 -15.64 57.43 51.75
CA ARG E 323 -15.60 57.42 51.69
C ARG E 323 -15.98 58.56 50.76
N GLU E 324 -16.62 58.25 49.63
CA GLU E 324 -16.91 59.23 48.55
CA GLU E 324 -16.92 59.28 48.62
C GLU E 324 -18.41 59.44 48.25
N GLY E 325 -19.32 58.85 49.03
CA GLY E 325 -20.75 58.90 48.70
C GLY E 325 -21.13 58.24 47.38
N ALA E 326 -20.38 57.23 46.96
CA ALA E 326 -20.72 56.52 45.74
C ALA E 326 -21.94 55.61 45.97
N ALA E 327 -22.73 55.36 44.92
CA ALA E 327 -23.84 54.41 44.96
C ALA E 327 -23.38 53.05 45.49
N LEU E 328 -24.11 52.47 46.41
CA LEU E 328 -23.81 51.16 46.94
C LEU E 328 -23.80 50.10 45.87
N PRO E 329 -22.97 49.05 46.03
CA PRO E 329 -22.98 47.95 45.07
C PRO E 329 -24.31 47.17 45.08
N VAL E 330 -24.88 46.90 46.24
CA VAL E 330 -26.21 46.30 46.32
C VAL E 330 -26.99 47.17 47.32
N THR E 331 -28.18 47.63 46.94
CA THR E 331 -28.99 48.46 47.87
C THR E 331 -29.94 47.61 48.70
N ALA E 332 -30.36 48.17 49.84
CA ALA E 332 -31.37 47.55 50.68
C ALA E 332 -32.68 47.21 49.93
N GLU E 333 -33.15 48.11 49.05
CA GLU E 333 -34.31 47.84 48.18
C GLU E 333 -34.13 46.62 47.27
N GLU E 334 -32.95 46.44 46.67
CA GLU E 334 -32.66 45.26 45.88
C GLU E 334 -32.71 44.00 46.71
N GLY E 335 -32.13 44.05 47.91
CA GLY E 335 -32.23 42.92 48.82
C GLY E 335 -33.69 42.66 49.22
N ILE E 336 -34.48 43.71 49.39
CA ILE E 336 -35.84 43.50 49.81
C ILE E 336 -36.62 42.85 48.67
N ASN E 337 -36.30 43.27 47.45
CA ASN E 337 -36.99 42.72 46.28
C ASN E 337 -36.77 41.23 46.05
N VAL E 338 -35.59 40.71 46.41
CA VAL E 338 -35.38 39.27 46.39
C VAL E 338 -36.36 38.57 47.33
N ILE E 339 -36.51 39.10 48.55
CA ILE E 339 -37.43 38.51 49.53
C ILE E 339 -38.91 38.61 49.08
N ARG E 340 -39.28 39.70 48.44
CA ARG E 340 -40.64 39.80 47.92
C ARG E 340 -40.93 38.63 46.94
N ILE E 341 -39.95 38.31 46.08
CA ILE E 341 -40.10 37.24 45.12
C ILE E 341 -40.20 35.91 45.84
N ILE E 342 -39.36 35.73 46.87
CA ILE E 342 -39.39 34.50 47.64
C ILE E 342 -40.73 34.28 48.31
N GLU E 343 -41.28 35.30 48.93
CA GLU E 343 -42.58 35.14 49.62
C GLU E 343 -43.70 34.95 48.60
N ALA E 344 -43.55 35.59 47.43
CA ALA E 344 -44.52 35.40 46.36
C ALA E 344 -44.44 33.96 45.82
N ALA E 345 -43.25 33.40 45.74
CA ALA E 345 -43.06 32.00 45.34
C ALA E 345 -43.66 31.03 46.36
N MET E 346 -43.41 31.30 47.65
CA MET E 346 -43.96 30.51 48.74
C MET E 346 -45.47 30.59 48.74
N GLU E 347 -46.02 31.80 48.61
CA GLU E 347 -47.51 31.94 48.57
C GLU E 347 -48.10 31.23 47.35
N SER E 348 -47.46 31.41 46.19
CA SER E 348 -47.85 30.72 44.95
C SER E 348 -47.85 29.20 45.13
N SER E 349 -46.73 28.62 45.59
CA SER E 349 -46.66 27.17 45.79
C SER E 349 -47.76 26.67 46.71
N LYS E 350 -47.98 27.36 47.82
CA LYS E 350 -48.97 26.99 48.83
C LYS E 350 -50.38 27.10 48.27
N GLU E 351 -50.65 28.16 47.53
CA GLU E 351 -52.01 28.39 47.06
C GLU E 351 -52.33 27.80 45.69
N LYS E 352 -51.34 27.12 45.08
CA LYS E 352 -51.47 26.48 43.78
C LYS E 352 -52.00 27.44 42.72
N ARG E 353 -51.55 28.70 42.77
CA ARG E 353 -51.94 29.70 41.79
C ARG E 353 -50.85 30.72 41.59
N THR E 354 -50.97 31.50 40.51
CA THR E 354 -50.01 32.53 40.18
C THR E 354 -50.24 33.74 41.09
N ILE E 355 -49.18 34.37 41.59
CA ILE E 355 -49.31 35.54 42.45
C ILE E 355 -48.97 36.83 41.70
N MET E 356 -49.94 37.70 41.46
CA MET E 356 -49.66 39.02 40.88
C MET E 356 -48.80 39.86 41.85
N LEU E 357 -47.81 40.58 41.33
CA LEU E 357 -46.96 41.45 42.17
C LEU E 357 -47.51 42.88 42.34
N GLU E 358 -47.36 43.43 43.55
CA GLU E 358 -47.81 44.80 43.86
C GLU E 358 -47.55 45.81 42.72
N ARG F 10 -59.36 -17.57 8.67
CA ARG F 10 -59.34 -17.25 7.20
C ARG F 10 -57.91 -17.03 6.71
N LYS F 11 -57.69 -17.08 5.40
CA LYS F 11 -56.37 -16.75 4.85
C LYS F 11 -56.02 -15.27 5.03
N VAL F 12 -54.86 -15.05 5.67
CA VAL F 12 -54.26 -13.73 5.77
C VAL F 12 -53.48 -13.39 4.48
N ASP F 13 -53.93 -12.35 3.81
CA ASP F 13 -53.16 -11.71 2.75
C ASP F 13 -53.12 -10.19 3.07
N THR F 14 -52.56 -9.36 2.21
CA THR F 14 -52.31 -7.95 2.51
C THR F 14 -53.49 -7.17 3.12
N ILE F 15 -53.24 -6.46 4.22
CA ILE F 15 -54.22 -5.51 4.75
C ILE F 15 -54.43 -4.38 3.75
N LYS F 16 -55.67 -4.17 3.34
CA LYS F 16 -56.02 -3.17 2.33
C LYS F 16 -56.27 -1.81 2.95
N VAL F 17 -55.42 -0.85 2.60
CA VAL F 17 -55.40 0.47 3.22
C VAL F 17 -55.96 1.57 2.32
N GLY F 18 -56.76 2.46 2.89
CA GLY F 18 -57.02 3.77 2.28
C GLY F 18 -56.26 4.83 3.05
N ILE F 19 -55.71 5.82 2.36
CA ILE F 19 -55.05 6.93 3.05
C ILE F 19 -55.83 8.22 2.85
N LEU F 20 -56.21 8.90 3.93
CA LEU F 20 -56.79 10.23 3.75
C LEU F 20 -55.68 11.29 3.77
N GLY F 21 -55.54 12.01 2.65
CA GLY F 21 -54.49 13.01 2.50
C GLY F 21 -53.20 12.50 1.87
N TYR F 22 -52.60 13.32 1.03
CA TYR F 22 -51.31 12.96 0.44
C TYR F 22 -50.34 14.13 0.47
N GLY F 23 -50.39 14.90 1.55
CA GLY F 23 -49.43 15.96 1.77
C GLY F 23 -48.20 15.39 2.46
N LEU F 24 -47.64 16.18 3.36
CA LEU F 24 -46.41 15.80 4.01
C LEU F 24 -46.63 14.48 4.77
N SER F 25 -47.62 14.46 5.67
CA SER F 25 -47.90 13.28 6.47
C SER F 25 -48.11 12.05 5.62
N GLY F 26 -49.12 12.10 4.74
CA GLY F 26 -49.52 10.93 3.99
C GLY F 26 -48.42 10.43 3.10
N SER F 27 -47.66 11.31 2.48
CA SER F 27 -46.75 10.86 1.41
C SER F 27 -45.30 10.70 1.89
N VAL F 28 -44.95 11.34 3.00
CA VAL F 28 -43.59 11.24 3.51
C VAL F 28 -43.56 10.39 4.79
N PHE F 29 -44.47 10.66 5.73
CA PHE F 29 -44.47 9.99 7.04
C PHE F 29 -45.29 8.67 7.17
N HIS F 30 -46.16 8.36 6.22
CA HIS F 30 -46.95 7.13 6.32
C HIS F 30 -46.77 6.17 5.14
N GLY F 31 -47.06 6.69 3.94
CA GLY F 31 -46.94 5.94 2.70
C GLY F 31 -45.63 5.18 2.52
N PRO F 32 -44.48 5.79 2.82
CA PRO F 32 -43.25 5.04 2.55
C PRO F 32 -43.06 3.82 3.48
N LEU F 33 -43.56 3.92 4.71
CA LEU F 33 -43.45 2.86 5.71
C LEU F 33 -44.42 1.71 5.43
N LEU F 34 -45.65 2.05 5.08
CA LEU F 34 -46.61 1.06 4.62
C LEU F 34 -46.09 0.37 3.38
N ASP F 35 -45.35 1.12 2.56
CA ASP F 35 -44.73 0.62 1.35
C ASP F 35 -43.79 -0.55 1.66
N VAL F 36 -42.75 -0.34 2.46
CA VAL F 36 -41.75 -1.41 2.69
C VAL F 36 -42.27 -2.61 3.49
N LEU F 37 -43.49 -2.52 3.99
CA LEU F 37 -44.07 -3.62 4.76
C LEU F 37 -44.94 -4.50 3.87
N ASP F 38 -44.77 -5.81 4.01
CA ASP F 38 -45.53 -6.79 3.21
C ASP F 38 -46.97 -6.90 3.66
N GLU F 39 -47.22 -6.58 4.93
CA GLU F 39 -48.54 -6.70 5.52
C GLU F 39 -49.57 -5.80 4.85
N TYR F 40 -49.11 -4.74 4.21
CA TYR F 40 -49.97 -3.67 3.73
C TYR F 40 -49.91 -3.50 2.24
N GLN F 41 -51.08 -3.23 1.66
CA GLN F 41 -51.23 -2.78 0.29
C GLN F 41 -52.07 -1.49 0.27
N ILE F 42 -51.55 -0.45 -0.40
CA ILE F 42 -52.29 0.80 -0.56
C ILE F 42 -53.25 0.72 -1.75
N SER F 43 -54.52 0.59 -1.44
CA SER F 43 -55.56 0.48 -2.43
C SER F 43 -55.99 1.84 -2.94
N LYS F 44 -56.28 2.75 -2.02
CA LYS F 44 -56.84 4.05 -2.38
C LYS F 44 -56.22 5.19 -1.59
N ILE F 45 -56.14 6.36 -2.20
CA ILE F 45 -55.70 7.56 -1.51
C ILE F 45 -56.66 8.71 -1.88
N MET F 46 -57.24 9.34 -0.87
CA MET F 46 -58.09 10.52 -1.05
C MET F 46 -57.19 11.76 -1.00
N THR F 47 -57.05 12.42 -2.16
CA THR F 47 -56.18 13.58 -2.35
C THR F 47 -56.38 14.19 -3.73
N SER F 48 -56.19 15.49 -3.84
CA SER F 48 -56.19 16.15 -5.16
C SER F 48 -54.81 16.13 -5.81
N ARG F 49 -53.81 15.57 -5.11
CA ARG F 49 -52.47 15.40 -5.72
C ARG F 49 -52.44 14.11 -6.56
N THR F 50 -53.28 14.07 -7.57
CA THR F 50 -53.51 12.90 -8.38
C THR F 50 -52.24 12.36 -9.02
N GLU F 51 -51.46 13.24 -9.63
CA GLU F 51 -50.26 12.87 -10.36
C GLU F 51 -49.12 12.43 -9.43
N GLU F 52 -49.12 12.96 -8.22
CA GLU F 52 -48.11 12.61 -7.23
C GLU F 52 -48.31 11.17 -6.78
N VAL F 53 -49.56 10.74 -6.67
CA VAL F 53 -49.88 9.35 -6.33
C VAL F 53 -49.57 8.43 -7.49
N LYS F 54 -50.05 8.79 -8.67
CA LYS F 54 -49.78 8.05 -9.88
C LYS F 54 -48.27 7.76 -10.02
N ARG F 55 -47.43 8.69 -9.59
CA ARG F 55 -45.98 8.49 -9.60
C ARG F 55 -45.44 7.66 -8.41
N ASP F 56 -46.15 7.64 -7.28
CA ASP F 56 -45.66 6.90 -6.12
C ASP F 56 -46.22 5.48 -6.02
N PHE F 57 -47.53 5.35 -6.20
CA PHE F 57 -48.18 4.06 -6.13
C PHE F 57 -48.93 3.81 -7.42
N PRO F 58 -48.21 3.30 -8.43
CA PRO F 58 -48.85 3.20 -9.76
C PRO F 58 -50.15 2.37 -9.75
N ASP F 59 -50.34 1.51 -8.75
CA ASP F 59 -51.54 0.64 -8.73
C ASP F 59 -52.62 1.16 -7.82
N ALA F 60 -52.28 2.07 -6.89
CA ALA F 60 -53.30 2.67 -6.04
C ALA F 60 -54.28 3.47 -6.89
N GLU F 61 -55.55 3.47 -6.48
CA GLU F 61 -56.58 4.32 -7.08
C GLU F 61 -56.70 5.64 -6.27
N VAL F 62 -56.66 6.76 -6.97
CA VAL F 62 -56.85 8.08 -6.37
C VAL F 62 -58.33 8.41 -6.37
N VAL F 63 -58.85 8.92 -5.25
CA VAL F 63 -60.24 9.34 -5.14
C VAL F 63 -60.40 10.77 -4.61
N HIS F 64 -61.57 11.35 -4.80
CA HIS F 64 -61.77 12.76 -4.43
C HIS F 64 -62.85 12.98 -3.38
N GLU F 65 -63.66 11.95 -3.17
CA GLU F 65 -64.68 11.99 -2.16
C GLU F 65 -64.39 10.95 -1.07
N LEU F 66 -64.65 11.31 0.18
CA LEU F 66 -64.55 10.39 1.30
C LEU F 66 -65.28 9.06 1.07
N GLU F 67 -66.52 9.14 0.60
CA GLU F 67 -67.39 7.98 0.36
C GLU F 67 -66.85 6.89 -0.59
N GLU F 68 -65.91 7.25 -1.46
CA GLU F 68 -65.20 6.27 -2.29
C GLU F 68 -64.27 5.31 -1.50
N ILE F 69 -63.89 5.71 -0.28
CA ILE F 69 -63.10 4.87 0.63
C ILE F 69 -64.01 4.09 1.60
N THR F 70 -64.97 4.79 2.21
CA THR F 70 -65.81 4.19 3.25
C THR F 70 -66.82 3.16 2.71
N ASN F 71 -67.34 3.37 1.50
CA ASN F 71 -68.26 2.39 0.89
C ASN F 71 -67.56 1.29 0.12
N ASP F 72 -66.23 1.33 0.10
CA ASP F 72 -65.44 0.23 -0.45
C ASP F 72 -65.41 -0.92 0.58
N PRO F 73 -66.05 -2.06 0.26
CA PRO F 73 -66.07 -3.18 1.19
C PRO F 73 -64.70 -3.82 1.42
N ALA F 74 -63.79 -3.67 0.46
CA ALA F 74 -62.46 -4.25 0.52
C ALA F 74 -61.46 -3.47 1.41
N ILE F 75 -61.70 -2.17 1.63
CA ILE F 75 -60.81 -1.38 2.51
C ILE F 75 -60.98 -1.91 3.93
N GLU F 76 -59.86 -2.22 4.57
CA GLU F 76 -59.88 -2.66 5.96
C GLU F 76 -59.42 -1.57 6.94
N LEU F 77 -58.38 -0.83 6.54
CA LEU F 77 -57.75 0.17 7.40
C LEU F 77 -57.59 1.51 6.67
N VAL F 78 -58.03 2.57 7.33
CA VAL F 78 -57.87 3.93 6.81
C VAL F 78 -56.89 4.72 7.69
N ILE F 79 -55.95 5.44 7.05
CA ILE F 79 -55.02 6.33 7.75
C ILE F 79 -55.51 7.77 7.60
N VAL F 80 -55.84 8.40 8.72
CA VAL F 80 -56.39 9.76 8.63
C VAL F 80 -55.28 10.77 8.80
N THR F 81 -54.74 11.27 7.68
CA THR F 81 -53.60 12.20 7.72
C THR F 81 -53.95 13.63 7.27
N THR F 82 -55.25 13.91 7.19
CA THR F 82 -55.75 15.22 6.84
C THR F 82 -55.45 16.25 7.95
N PRO F 83 -55.79 17.53 7.75
CA PRO F 83 -55.44 18.45 8.84
C PRO F 83 -56.32 18.25 10.09
N SER F 84 -55.75 18.59 11.25
CA SER F 84 -56.42 18.52 12.58
C SER F 84 -57.94 18.65 12.59
N GLY F 85 -58.47 19.70 11.97
CA GLY F 85 -59.88 20.04 12.04
C GLY F 85 -60.84 19.14 11.27
N LEU F 86 -60.31 18.23 10.46
CA LEU F 86 -61.09 17.27 9.71
C LEU F 86 -60.99 15.90 10.36
N HIS F 87 -60.10 15.75 11.35
CA HIS F 87 -59.86 14.46 11.99
C HIS F 87 -61.13 13.81 12.51
N TYR F 88 -61.91 14.55 13.27
CA TYR F 88 -63.07 13.98 13.93
C TYR F 88 -64.08 13.43 12.92
N GLU F 89 -64.50 14.26 11.96
CA GLU F 89 -65.53 13.88 10.98
C GLU F 89 -65.03 12.82 10.01
N HIS F 90 -63.75 12.91 9.67
CA HIS F 90 -63.12 11.90 8.83
C HIS F 90 -63.06 10.55 9.54
N THR F 91 -62.62 10.55 10.81
CA THR F 91 -62.53 9.32 11.58
C THR F 91 -63.89 8.69 11.87
N MET F 92 -64.88 9.51 12.20
CA MET F 92 -66.21 9.00 12.52
C MET F 92 -66.86 8.28 11.32
N ALA F 93 -66.69 8.84 10.13
CA ALA F 93 -67.25 8.23 8.92
C ALA F 93 -66.57 6.88 8.62
N CYS F 94 -65.27 6.80 8.90
CA CYS F 94 -64.57 5.54 8.81
C CYS F 94 -65.12 4.55 9.79
N ILE F 95 -65.23 4.95 11.06
CA ILE F 95 -65.84 4.12 12.10
C ILE F 95 -67.27 3.69 11.74
N GLN F 96 -68.10 4.63 11.29
CA GLN F 96 -69.49 4.31 10.97
C GLN F 96 -69.62 3.31 9.85
N ALA F 97 -68.56 3.19 9.04
CA ALA F 97 -68.56 2.28 7.91
C ALA F 97 -67.71 1.02 8.20
N GLY F 98 -67.36 0.80 9.46
CA GLY F 98 -66.74 -0.46 9.88
C GLY F 98 -65.27 -0.68 9.55
N LYS F 99 -64.50 0.39 9.36
CA LYS F 99 -63.06 0.31 9.04
C LYS F 99 -62.29 0.51 10.31
N HIS F 100 -61.10 -0.07 10.40
CA HIS F 100 -60.16 0.30 11.44
C HIS F 100 -59.49 1.60 11.05
N VAL F 101 -59.05 2.37 12.04
CA VAL F 101 -58.54 3.69 11.75
C VAL F 101 -57.26 3.98 12.52
N VAL F 102 -56.27 4.54 11.83
CA VAL F 102 -55.12 5.16 12.47
C VAL F 102 -55.22 6.68 12.25
N MET F 103 -55.25 7.44 13.33
CA MET F 103 -55.34 8.90 13.27
C MET F 103 -53.96 9.51 13.42
N GLU F 104 -53.58 10.43 12.53
CA GLU F 104 -52.47 11.33 12.86
C GLU F 104 -52.75 12.14 14.13
N LYS F 105 -51.69 12.51 14.84
CA LYS F 105 -51.82 13.42 15.97
C LYS F 105 -51.80 14.82 15.37
N PRO F 106 -52.30 15.83 16.11
CA PRO F 106 -52.98 15.64 17.39
C PRO F 106 -54.34 14.97 17.14
N MET F 107 -54.76 14.12 18.05
CA MET F 107 -56.02 13.38 17.92
C MET F 107 -57.24 14.28 17.56
N THR F 108 -57.67 15.10 18.51
CA THR F 108 -58.79 16.00 18.32
C THR F 108 -58.52 17.23 19.15
N ALA F 109 -59.40 18.22 19.06
CA ALA F 109 -59.27 19.46 19.83
C ALA F 109 -59.68 19.26 21.28
N THR F 110 -60.77 18.54 21.52
CA THR F 110 -61.28 18.31 22.88
C THR F 110 -61.24 16.83 23.24
N ALA F 111 -61.17 16.52 24.53
CA ALA F 111 -61.19 15.16 25.04
C ALA F 111 -62.48 14.50 24.64
N GLU F 112 -63.57 15.26 24.69
CA GLU F 112 -64.91 14.72 24.47
C GLU F 112 -65.14 14.20 23.07
N GLU F 113 -64.52 14.85 22.10
CA GLU F 113 -64.59 14.35 20.76
C GLU F 113 -63.89 13.01 20.72
N GLY F 114 -62.74 12.93 21.40
CA GLY F 114 -62.01 11.66 21.60
C GLY F 114 -62.87 10.55 22.16
N GLU F 115 -63.56 10.81 23.27
CA GLU F 115 -64.39 9.79 23.92
C GLU F 115 -65.51 9.33 23.00
N THR F 116 -66.06 10.26 22.23
CA THR F 116 -67.13 9.96 21.30
C THR F 116 -66.61 9.03 20.19
N LEU F 117 -65.43 9.31 19.65
CA LEU F 117 -64.76 8.41 18.69
C LEU F 117 -64.46 7.05 19.30
N LYS F 118 -63.87 7.05 20.49
CA LYS F 118 -63.65 5.81 21.22
C LYS F 118 -64.95 4.98 21.39
N ARG F 119 -66.06 5.62 21.75
CA ARG F 119 -67.29 4.87 22.01
C ARG F 119 -67.84 4.24 20.75
N ALA F 120 -67.85 5.02 19.68
CA ALA F 120 -68.29 4.55 18.37
C ALA F 120 -67.44 3.37 17.90
N ALA F 121 -66.11 3.46 18.04
CA ALA F 121 -65.25 2.34 17.68
C ALA F 121 -65.60 1.04 18.44
N ASP F 122 -65.81 1.14 19.75
CA ASP F 122 -66.32 0.02 20.54
C ASP F 122 -67.68 -0.49 20.01
N GLU F 123 -68.68 0.39 19.89
CA GLU F 123 -70.02 0.01 19.36
C GLU F 123 -69.94 -0.72 18.02
N LYS F 124 -69.11 -0.22 17.14
CA LYS F 124 -68.97 -0.77 15.81
C LYS F 124 -67.98 -1.94 15.75
N GLY F 125 -67.27 -2.21 16.85
CA GLY F 125 -66.27 -3.28 16.88
C GLY F 125 -65.07 -3.07 15.96
N VAL F 126 -64.53 -1.86 15.95
CA VAL F 126 -63.35 -1.58 15.13
C VAL F 126 -62.18 -1.06 15.98
N LEU F 127 -60.96 -1.16 15.46
CA LEU F 127 -59.79 -0.73 16.19
C LEU F 127 -59.52 0.73 15.88
N LEU F 128 -59.30 1.53 16.92
CA LEU F 128 -58.98 2.94 16.79
C LEU F 128 -57.64 3.25 17.44
N SER F 129 -56.66 3.67 16.65
CA SER F 129 -55.36 3.98 17.20
C SER F 129 -54.99 5.40 16.81
N VAL F 130 -54.08 6.00 17.58
CA VAL F 130 -53.59 7.35 17.28
C VAL F 130 -52.12 7.24 16.98
N TYR F 131 -51.65 7.97 15.97
CA TYR F 131 -50.26 7.79 15.50
C TYR F 131 -49.25 8.49 16.39
N HIS F 132 -49.10 8.01 17.64
CA HIS F 132 -48.06 8.52 18.53
C HIS F 132 -46.70 7.84 18.35
N ASN F 133 -46.04 8.08 17.22
CA ASN F 133 -44.88 7.30 16.86
C ASN F 133 -43.56 7.70 17.57
N ARG F 134 -43.61 8.72 18.41
CA ARG F 134 -42.40 9.13 19.13
C ARG F 134 -42.05 8.23 20.33
N ARG F 135 -42.91 7.26 20.61
CA ARG F 135 -42.55 6.21 21.57
C ARG F 135 -41.51 5.33 20.91
N TRP F 136 -41.28 5.55 19.61
CA TRP F 136 -40.28 4.81 18.86
C TRP F 136 -39.13 5.70 18.31
N ASP F 137 -38.91 6.84 18.95
CA ASP F 137 -37.78 7.68 18.66
C ASP F 137 -36.56 7.03 19.30
N ASN F 138 -35.40 7.25 18.69
CA ASN F 138 -34.16 6.70 19.23
C ASN F 138 -33.92 7.15 20.68
N ASP F 139 -34.01 8.45 20.96
CA ASP F 139 -33.76 8.94 22.30
C ASP F 139 -34.70 8.30 23.33
N PHE F 140 -35.98 8.18 22.99
CA PHE F 140 -36.96 7.71 23.94
C PHE F 140 -36.81 6.21 24.17
N LEU F 141 -36.43 5.48 23.13
CA LEU F 141 -36.17 4.07 23.27
C LEU F 141 -34.99 3.87 24.18
N THR F 142 -34.05 4.80 24.13
CA THR F 142 -32.85 4.67 24.93
C THR F 142 -33.25 4.86 26.39
N ILE F 143 -34.09 5.87 26.64
CA ILE F 143 -34.61 6.13 27.97
C ILE F 143 -35.35 4.91 28.49
N LYS F 144 -36.29 4.38 27.73
CA LYS F 144 -36.99 3.18 28.18
C LYS F 144 -36.08 2.02 28.54
N LYS F 145 -35.00 1.85 27.78
CA LYS F 145 -34.07 0.79 28.03
C LYS F 145 -33.27 1.05 29.31
N LEU F 146 -32.79 2.29 29.48
CA LEU F 146 -32.13 2.67 30.71
C LEU F 146 -33.03 2.41 31.93
N ILE F 147 -34.31 2.79 31.83
CA ILE F 147 -35.28 2.49 32.86
C ILE F 147 -35.44 1.00 33.18
N SER F 148 -35.59 0.13 32.17
CA SER F 148 -35.78 -1.31 32.48
C SER F 148 -34.53 -2.05 32.94
N GLU F 149 -33.34 -1.53 32.66
CA GLU F 149 -32.09 -2.12 33.19
C GLU F 149 -31.71 -1.66 34.59
N GLY F 150 -32.47 -0.72 35.14
CA GLY F 150 -32.19 -0.16 36.47
C GLY F 150 -31.07 0.85 36.50
N SER F 151 -30.88 1.55 35.39
CA SER F 151 -29.91 2.62 35.27
C SER F 151 -30.49 3.99 35.59
N LEU F 152 -31.81 4.14 35.48
CA LEU F 152 -32.49 5.37 35.89
C LEU F 152 -33.55 5.06 36.89
N GLU F 153 -33.20 5.03 38.17
CA GLU F 153 -34.08 4.53 39.21
C GLU F 153 -34.73 5.66 39.96
N ASP F 154 -35.99 5.45 40.31
CA ASP F 154 -36.83 6.45 40.98
C ASP F 154 -36.54 7.88 40.51
N ILE F 155 -37.00 8.18 39.31
CA ILE F 155 -36.86 9.50 38.73
C ILE F 155 -37.58 10.52 39.61
N ASN F 156 -36.90 11.60 39.96
CA ASN F 156 -37.55 12.70 40.68
C ASN F 156 -37.85 13.88 39.79
N THR F 157 -37.07 14.06 38.74
CA THR F 157 -37.24 15.22 37.87
C THR F 157 -37.09 14.80 36.41
N TYR F 158 -38.01 15.22 35.57
CA TYR F 158 -38.08 14.80 34.15
C TYR F 158 -38.38 16.05 33.27
N GLN F 159 -37.33 16.56 32.60
CA GLN F 159 -37.42 17.86 31.88
C GLN F 159 -37.21 17.69 30.40
N VAL F 160 -38.22 18.08 29.62
CA VAL F 160 -38.17 17.88 28.20
C VAL F 160 -38.44 19.17 27.47
N SER F 161 -37.65 19.44 26.43
CA SER F 161 -37.70 20.70 25.72
C SER F 161 -37.88 20.44 24.22
N TYR F 162 -38.66 21.28 23.55
CA TYR F 162 -39.00 21.02 22.17
C TYR F 162 -39.10 22.40 21.55
N ASN F 163 -37.93 22.98 21.31
CA ASN F 163 -37.77 24.34 20.86
C ASN F 163 -37.50 24.38 19.36
N ARG F 164 -37.89 25.46 18.71
CA ARG F 164 -37.49 25.71 17.33
C ARG F 164 -37.04 27.16 17.25
N TYR F 165 -36.43 27.52 16.13
CA TYR F 165 -36.22 28.91 15.76
C TYR F 165 -37.02 29.27 14.50
N ARG F 166 -38.25 29.73 14.67
CA ARG F 166 -39.04 30.25 13.58
C ARG F 166 -39.57 31.63 13.98
N PRO F 167 -38.69 32.67 13.92
CA PRO F 167 -39.07 34.03 14.37
C PRO F 167 -40.20 34.64 13.56
N GLU F 168 -40.31 34.29 12.28
CA GLU F 168 -41.30 34.91 11.43
C GLU F 168 -42.57 34.09 11.44
N VAL F 169 -43.71 34.77 11.57
CA VAL F 169 -45.02 34.10 11.55
C VAL F 169 -45.48 33.86 10.09
N GLN F 170 -45.75 32.59 9.77
CA GLN F 170 -46.13 32.20 8.41
C GLN F 170 -47.63 31.83 8.31
N GLY F 178 -59.42 24.33 12.39
CA GLY F 178 -60.08 24.41 13.68
C GLY F 178 -59.16 24.93 14.80
N THR F 179 -59.20 24.27 15.94
CA THR F 179 -58.61 24.84 17.12
C THR F 179 -57.35 24.11 17.59
N ALA F 180 -57.22 22.84 17.16
CA ALA F 180 -56.10 22.00 17.56
C ALA F 180 -54.84 22.43 16.80
N THR F 181 -54.47 23.69 16.99
CA THR F 181 -53.32 24.28 16.29
C THR F 181 -52.29 24.85 17.25
N GLY F 182 -51.12 25.16 16.71
CA GLY F 182 -50.07 25.80 17.45
C GLY F 182 -49.19 24.72 18.03
N THR F 183 -48.14 25.15 18.72
CA THR F 183 -47.07 24.26 19.14
C THR F 183 -47.40 23.31 20.28
N LEU F 184 -48.38 23.67 21.12
CA LEU F 184 -48.74 22.80 22.24
C LEU F 184 -49.34 21.52 21.68
N TYR F 185 -50.31 21.69 20.79
CA TYR F 185 -50.89 20.58 20.05
C TYR F 185 -49.92 19.93 19.06
N ASP F 186 -49.13 20.74 18.36
CA ASP F 186 -48.27 20.14 17.37
C ASP F 186 -47.05 19.43 17.93
N LEU F 187 -46.38 20.06 18.89
CA LEU F 187 -45.11 19.54 19.39
C LEU F 187 -45.30 18.92 20.78
N GLY F 188 -46.05 19.62 21.63
CA GLY F 188 -46.35 19.17 22.97
C GLY F 188 -46.96 17.78 23.08
N SER F 189 -47.87 17.44 22.18
CA SER F 189 -48.49 16.15 22.32
C SER F 189 -47.52 14.98 22.28
N HIS F 190 -46.47 15.08 21.47
CA HIS F 190 -45.39 14.08 21.42
C HIS F 190 -44.69 13.81 22.76
N ILE F 191 -44.22 14.87 23.41
CA ILE F 191 -43.50 14.75 24.67
C ILE F 191 -44.48 14.54 25.83
N ILE F 192 -45.71 15.01 25.67
CA ILE F 192 -46.78 14.67 26.60
C ILE F 192 -47.06 13.17 26.57
N ASP F 193 -47.31 12.62 25.38
CA ASP F 193 -47.55 11.17 25.27
C ASP F 193 -46.41 10.36 25.87
N GLN F 194 -45.18 10.83 25.65
CA GLN F 194 -44.02 10.14 26.17
C GLN F 194 -44.09 10.13 27.68
N THR F 195 -44.36 11.29 28.26
CA THR F 195 -44.48 11.41 29.70
C THR F 195 -45.53 10.46 30.29
N LEU F 196 -46.75 10.48 29.76
CA LEU F 196 -47.83 9.61 30.28
C LEU F 196 -47.46 8.13 30.16
N HIS F 197 -46.76 7.79 29.07
CA HIS F 197 -46.28 6.43 28.83
C HIS F 197 -45.28 5.98 29.89
N LEU F 198 -44.36 6.85 30.31
CA LEU F 198 -43.40 6.54 31.39
C LEU F 198 -44.04 6.52 32.79
N PHE F 199 -44.93 7.49 33.06
CA PHE F 199 -45.38 7.77 34.45
C PHE F 199 -46.87 7.65 34.74
N GLY F 200 -47.70 7.47 33.73
CA GLY F 200 -49.15 7.46 33.92
C GLY F 200 -49.66 8.89 34.10
N MET F 201 -50.89 9.03 34.57
CA MET F 201 -51.50 10.36 34.74
C MET F 201 -51.01 11.11 36.00
N PRO F 202 -50.70 12.41 35.85
CA PRO F 202 -50.30 13.21 37.03
C PRO F 202 -51.52 13.69 37.82
N LYS F 203 -51.35 14.28 39.00
CA LYS F 203 -52.52 14.80 39.73
C LYS F 203 -52.93 16.20 39.34
N ALA F 204 -51.97 16.96 38.81
CA ALA F 204 -52.19 18.37 38.51
C ALA F 204 -51.33 18.76 37.33
N VAL F 205 -51.78 19.76 36.61
CA VAL F 205 -51.01 20.44 35.57
C VAL F 205 -51.03 21.94 35.90
N THR F 206 -49.87 22.56 35.72
CA THR F 206 -49.66 23.99 35.90
C THR F 206 -48.95 24.42 34.64
N ALA F 207 -49.43 25.49 34.01
CA ALA F 207 -48.96 25.77 32.66
C ALA F 207 -49.06 27.22 32.28
N ASN F 208 -48.15 27.61 31.41
CA ASN F 208 -48.22 28.90 30.80
C ASN F 208 -48.11 28.66 29.31
N VAL F 209 -49.10 29.16 28.58
CA VAL F 209 -49.25 28.90 27.15
C VAL F 209 -49.47 30.22 26.47
N MET F 210 -48.60 30.57 25.54
CA MET F 210 -48.65 31.90 24.97
C MET F 210 -48.20 31.98 23.48
N ALA F 211 -48.38 33.17 22.91
CA ALA F 211 -47.77 33.55 21.66
C ALA F 211 -46.68 34.56 22.02
N GLN F 212 -45.42 34.18 21.85
CA GLN F 212 -44.32 35.08 22.15
C GLN F 212 -44.00 35.97 20.97
N ARG F 213 -44.06 35.41 19.77
CA ARG F 213 -43.81 36.15 18.54
C ARG F 213 -44.82 37.26 18.31
N GLU F 214 -44.31 38.34 17.72
CA GLU F 214 -44.96 39.66 17.58
C GLU F 214 -46.42 39.76 17.10
N ASN F 215 -46.76 39.06 16.03
CA ASN F 215 -48.10 39.13 15.43
C ASN F 215 -48.71 37.75 15.35
N ALA F 216 -48.38 36.91 16.34
CA ALA F 216 -48.87 35.55 16.40
C ALA F 216 -50.32 35.51 16.93
N GLU F 217 -51.07 34.54 16.42
CA GLU F 217 -52.45 34.30 16.83
C GLU F 217 -52.56 32.85 17.34
N THR F 218 -51.59 32.01 16.95
CA THR F 218 -51.48 30.67 17.49
C THR F 218 -50.45 30.57 18.63
N VAL F 219 -50.60 29.54 19.45
CA VAL F 219 -49.66 29.20 20.50
C VAL F 219 -48.32 28.90 19.86
N ASP F 220 -47.25 29.55 20.36
CA ASP F 220 -45.92 29.31 19.86
C ASP F 220 -44.93 29.04 21.01
N TYR F 221 -45.47 29.00 22.22
CA TYR F 221 -44.69 28.85 23.43
C TYR F 221 -45.53 28.13 24.47
N PHE F 222 -44.95 27.13 25.12
CA PHE F 222 -45.62 26.46 26.22
C PHE F 222 -44.65 26.02 27.32
N HIS F 223 -45.14 25.93 28.55
CA HIS F 223 -44.35 25.43 29.66
C HIS F 223 -45.31 24.75 30.60
N LEU F 224 -45.13 23.44 30.78
CA LEU F 224 -46.09 22.61 31.51
C LEU F 224 -45.36 21.91 32.61
N THR F 225 -45.94 21.95 33.80
CA THR F 225 -45.53 21.12 34.90
C THR F 225 -46.62 20.11 35.13
N LEU F 226 -46.24 18.85 35.09
CA LEU F 226 -47.13 17.76 35.44
C LEU F 226 -46.73 17.32 36.83
N ASP F 227 -47.68 17.39 37.76
CA ASP F 227 -47.38 17.10 39.15
C ASP F 227 -47.64 15.61 39.50
N TYR F 228 -46.58 14.90 39.87
CA TYR F 228 -46.64 13.49 40.26
C TYR F 228 -46.24 13.27 41.71
N GLY F 229 -46.32 14.32 42.54
CA GLY F 229 -45.83 14.28 43.91
C GLY F 229 -44.35 14.64 43.99
N LYS F 230 -43.57 13.71 44.52
CA LYS F 230 -42.13 13.84 44.58
C LYS F 230 -41.55 14.03 43.16
N LEU F 231 -42.03 13.25 42.21
CA LEU F 231 -41.64 13.40 40.80
C LEU F 231 -42.26 14.64 40.13
N GLN F 232 -41.42 15.44 39.47
CA GLN F 232 -41.91 16.59 38.68
C GLN F 232 -41.55 16.49 37.21
N ALA F 233 -42.54 16.57 36.34
CA ALA F 233 -42.20 16.52 34.94
C ALA F 233 -42.45 17.88 34.33
N ILE F 234 -41.40 18.46 33.75
CA ILE F 234 -41.46 19.78 33.09
C ILE F 234 -41.37 19.66 31.54
N LEU F 235 -42.38 20.17 30.83
CA LEU F 235 -42.45 20.03 29.38
C LEU F 235 -42.67 21.41 28.74
N TYR F 236 -41.70 21.84 27.94
CA TYR F 236 -41.69 23.19 27.44
C TYR F 236 -41.06 23.31 26.07
N GLY F 237 -41.38 24.42 25.41
CA GLY F 237 -40.88 24.72 24.07
C GLY F 237 -41.20 26.12 23.63
N GLY F 238 -40.22 26.78 23.02
CA GLY F 238 -40.42 28.09 22.46
C GLY F 238 -40.14 28.08 20.96
N SER F 239 -40.33 29.21 20.30
CA SER F 239 -40.22 29.30 18.86
C SER F 239 -39.24 30.40 18.44
N ILE F 240 -38.66 31.09 19.43
CA ILE F 240 -37.55 32.04 19.18
C ILE F 240 -36.28 31.54 19.92
N VAL F 241 -35.89 30.29 19.65
CA VAL F 241 -34.75 29.63 20.31
C VAL F 241 -33.62 29.24 19.35
N PRO F 242 -32.61 30.12 19.17
CA PRO F 242 -31.54 29.88 18.21
C PRO F 242 -30.75 28.60 18.45
N ALA F 243 -30.53 28.24 19.72
CA ALA F 243 -29.76 27.02 20.04
C ALA F 243 -30.42 26.29 21.15
N ASN F 244 -30.60 25.00 20.93
CA ASN F 244 -31.33 24.18 21.84
C ASN F 244 -30.46 23.85 23.01
N GLY F 245 -31.06 23.78 24.18
CA GLY F 245 -30.40 23.11 25.29
C GLY F 245 -30.64 21.61 25.13
N PRO F 246 -30.50 20.87 26.21
CA PRO F 246 -30.79 19.44 26.14
C PRO F 246 -32.26 19.16 25.86
N ARG F 247 -32.55 18.17 25.02
CA ARG F 247 -33.93 17.68 24.89
C ARG F 247 -34.45 17.00 26.17
N TYR F 248 -33.59 16.26 26.86
CA TYR F 248 -33.97 15.51 28.05
C TYR F 248 -32.99 15.82 29.15
N GLN F 249 -33.50 16.21 30.31
CA GLN F 249 -32.72 16.13 31.52
C GLN F 249 -33.53 15.24 32.46
N ILE F 250 -32.96 14.11 32.87
CA ILE F 250 -33.70 13.20 33.75
C ILE F 250 -32.90 12.86 34.99
N HIS F 251 -33.48 13.09 36.17
CA HIS F 251 -32.74 12.79 37.38
C HIS F 251 -33.45 11.79 38.29
N GLY F 252 -32.72 10.77 38.72
CA GLY F 252 -33.23 9.73 39.64
C GLY F 252 -32.46 9.79 40.92
N LYS F 253 -32.58 8.79 41.77
CA LYS F 253 -31.87 8.80 43.05
C LYS F 253 -30.33 8.66 42.96
N ASP F 254 -29.84 8.13 41.86
CA ASP F 254 -28.44 7.73 41.70
C ASP F 254 -27.81 8.24 40.43
N SER F 255 -28.64 8.53 39.44
CA SER F 255 -28.13 8.82 38.12
C SER F 255 -28.87 9.96 37.44
N SER F 256 -28.19 10.59 36.50
CA SER F 256 -28.80 11.58 35.64
C SER F 256 -28.61 11.12 34.22
N PHE F 257 -29.56 11.47 33.36
CA PHE F 257 -29.39 11.30 31.92
C PHE F 257 -29.70 12.63 31.21
N ILE F 258 -28.69 13.12 30.49
CA ILE F 258 -28.79 14.39 29.78
C ILE F 258 -28.44 14.19 28.29
N LYS F 259 -29.37 14.57 27.41
CA LYS F 259 -29.24 14.28 26.00
C LYS F 259 -29.77 15.41 25.12
N TYR F 260 -29.01 15.68 24.06
CA TYR F 260 -29.32 16.70 23.08
C TYR F 260 -29.81 16.01 21.83
N GLY F 261 -30.40 16.80 20.94
CA GLY F 261 -30.70 16.37 19.60
C GLY F 261 -32.10 15.81 19.42
N ILE F 262 -32.44 15.55 18.18
CA ILE F 262 -33.74 15.02 17.84
C ILE F 262 -33.59 13.79 16.93
N ASP F 263 -34.59 12.90 16.95
CA ASP F 263 -34.62 11.73 16.08
C ASP F 263 -34.54 12.14 14.59
N GLY F 264 -33.75 11.40 13.82
CA GLY F 264 -33.50 11.69 12.41
C GLY F 264 -34.35 10.89 11.41
N GLN F 265 -35.38 10.16 11.86
CA GLN F 265 -36.17 9.39 10.89
C GLN F 265 -37.02 10.25 9.94
N GLU F 266 -37.66 11.30 10.48
CA GLU F 266 -38.45 12.23 9.65
C GLU F 266 -37.60 12.90 8.55
N ASP F 267 -36.38 13.34 8.90
CA ASP F 267 -35.44 13.87 7.88
C ASP F 267 -34.96 12.85 6.85
N ALA F 268 -34.69 11.62 7.28
CA ALA F 268 -34.38 10.56 6.33
C ALA F 268 -35.59 10.26 5.41
N LEU F 269 -36.81 10.21 5.96
CA LEU F 269 -37.99 10.07 5.13
C LEU F 269 -38.15 11.27 4.15
N ARG F 270 -38.01 12.49 4.66
CA ARG F 270 -38.04 13.68 3.81
C ARG F 270 -37.06 13.62 2.62
N ALA F 271 -35.89 13.02 2.83
CA ALA F 271 -34.85 12.91 1.79
C ALA F 271 -35.11 11.79 0.83
N GLY F 272 -36.18 11.03 1.02
CA GLY F 272 -36.49 9.92 0.14
C GLY F 272 -35.93 8.57 0.58
N ARG F 273 -35.31 8.52 1.77
CA ARG F 273 -34.79 7.25 2.25
CA ARG F 273 -34.78 7.27 2.32
C ARG F 273 -35.92 6.46 2.91
N LYS F 274 -35.85 5.13 2.80
CA LYS F 274 -36.82 4.22 3.39
C LYS F 274 -36.09 3.27 4.32
N PRO F 275 -36.79 2.66 5.32
CA PRO F 275 -36.14 1.72 6.22
C PRO F 275 -35.86 0.37 5.54
N GLU F 276 -34.58 0.04 5.39
CA GLU F 276 -34.18 -1.16 4.66
C GLU F 276 -33.25 -2.08 5.46
N ASP F 277 -32.55 -1.54 6.48
CA ASP F 277 -31.45 -2.26 7.14
C ASP F 277 -31.22 -1.84 8.60
N ASP F 278 -30.21 -2.42 9.24
CA ASP F 278 -29.84 -2.13 10.64
C ASP F 278 -29.54 -0.67 10.92
N SER F 279 -29.13 0.07 9.89
CA SER F 279 -28.67 1.45 10.04
C SER F 279 -29.81 2.46 10.19
N TRP F 280 -31.04 2.05 9.86
CA TRP F 280 -32.23 2.90 10.05
C TRP F 280 -32.36 3.40 11.47
N GLY F 281 -32.66 4.69 11.60
CA GLY F 281 -32.98 5.34 12.87
C GLY F 281 -31.81 5.58 13.81
N ALA F 282 -30.59 5.29 13.36
CA ALA F 282 -29.37 5.47 14.18
C ALA F 282 -29.18 6.94 14.61
N ASP F 283 -28.64 7.14 15.80
CA ASP F 283 -28.32 8.48 16.24
C ASP F 283 -26.93 8.88 15.74
N VAL F 284 -26.64 10.17 15.80
CA VAL F 284 -25.31 10.73 15.55
C VAL F 284 -24.53 10.72 16.87
N PRO F 285 -23.32 10.13 16.88
CA PRO F 285 -22.53 10.02 18.12
C PRO F 285 -22.39 11.28 18.98
N GLU F 286 -22.30 12.47 18.36
CA GLU F 286 -22.14 13.66 19.19
C GLU F 286 -23.43 14.04 19.93
N PHE F 287 -24.56 13.43 19.57
CA PHE F 287 -25.82 13.66 20.28
C PHE F 287 -26.22 12.50 21.22
N TYR F 288 -25.35 11.52 21.39
CA TYR F 288 -25.64 10.47 22.36
C TYR F 288 -25.79 11.07 23.75
N GLY F 289 -26.78 10.60 24.51
CA GLY F 289 -26.97 11.05 25.87
C GLY F 289 -25.84 10.65 26.82
N LYS F 290 -25.70 11.41 27.90
CA LYS F 290 -24.74 11.13 28.95
C LYS F 290 -25.41 10.65 30.23
N LEU F 291 -24.94 9.51 30.74
CA LEU F 291 -25.39 8.97 32.01
C LEU F 291 -24.34 9.20 33.07
N THR F 292 -24.75 9.84 34.16
CA THR F 292 -23.89 10.04 35.32
C THR F 292 -24.38 9.17 36.48
N THR F 293 -23.48 8.43 37.08
CA THR F 293 -23.85 7.51 38.14
C THR F 293 -22.98 7.77 39.35
N ILE F 294 -23.64 7.88 40.49
CA ILE F 294 -22.98 8.14 41.74
C ILE F 294 -23.26 6.95 42.64
N ARG F 295 -22.21 6.24 43.03
CA ARG F 295 -22.31 5.15 43.99
C ARG F 295 -21.52 5.57 45.21
N GLY F 296 -22.26 5.97 46.24
CA GLY F 296 -21.68 6.57 47.42
C GLY F 296 -20.80 7.75 47.07
N SER F 297 -19.50 7.49 47.07
CA SER F 297 -18.50 8.53 46.94
C SER F 297 -17.98 8.69 45.50
N ASP F 298 -18.21 7.68 44.66
CA ASP F 298 -17.64 7.69 43.31
C ASP F 298 -18.62 8.12 42.21
N LYS F 299 -18.20 9.07 41.40
CA LYS F 299 -19.01 9.68 40.34
C LYS F 299 -18.45 9.28 38.98
N LYS F 300 -19.33 8.77 38.11
CA LYS F 300 -18.94 8.20 36.82
C LYS F 300 -19.86 8.74 35.71
N THR F 301 -19.30 9.00 34.53
CA THR F 301 -20.07 9.45 33.39
C THR F 301 -19.76 8.59 32.17
N GLU F 302 -20.82 8.10 31.52
CA GLU F 302 -20.69 7.26 30.33
C GLU F 302 -21.53 7.84 29.23
N THR F 303 -21.01 7.75 28.01
CA THR F 303 -21.80 8.11 26.86
C THR F 303 -22.57 6.87 26.43
N ILE F 304 -23.88 7.01 26.28
CA ILE F 304 -24.74 5.88 25.96
C ILE F 304 -25.14 5.92 24.49
N PRO F 305 -24.65 4.97 23.68
CA PRO F 305 -25.12 4.88 22.28
C PRO F 305 -26.63 4.63 22.24
N SER F 306 -27.35 5.41 21.44
CA SER F 306 -28.80 5.35 21.44
C SER F 306 -29.30 4.09 20.78
N VAL F 307 -30.48 3.63 21.17
CA VAL F 307 -31.17 2.54 20.47
C VAL F 307 -31.65 3.10 19.14
N ASN F 308 -31.58 2.31 18.08
CA ASN F 308 -32.10 2.77 16.79
C ASN F 308 -33.60 3.08 16.81
N GLY F 309 -33.97 4.16 16.12
CA GLY F 309 -35.37 4.53 16.00
C GLY F 309 -36.12 3.53 15.16
N SER F 310 -37.40 3.36 15.42
CA SER F 310 -38.09 2.24 14.83
C SER F 310 -39.54 2.48 14.57
N TYR F 311 -39.83 3.52 13.78
CA TYR F 311 -41.21 3.86 13.43
C TYR F 311 -41.94 2.68 12.79
N LEU F 312 -41.22 1.78 12.12
CA LEU F 312 -41.87 0.59 11.54
C LEU F 312 -42.65 -0.21 12.56
N THR F 313 -42.18 -0.20 13.79
CA THR F 313 -42.79 -1.01 14.83
C THR F 313 -44.26 -0.65 15.03
N TYR F 314 -44.59 0.63 14.92
CA TYR F 314 -45.98 1.05 15.04
C TYR F 314 -46.91 0.25 14.12
N TYR F 315 -46.55 0.21 12.84
CA TYR F 315 -47.37 -0.42 11.85
C TYR F 315 -47.32 -1.93 11.88
N ARG F 316 -46.15 -2.50 12.23
CA ARG F 316 -46.04 -3.93 12.42
C ARG F 316 -47.00 -4.33 13.50
N LYS F 317 -47.10 -3.51 14.53
CA LYS F 317 -48.00 -3.81 15.61
C LYS F 317 -49.48 -3.67 15.25
N ILE F 318 -49.80 -2.69 14.41
CA ILE F 318 -51.16 -2.47 13.97
C ILE F 318 -51.60 -3.68 13.15
N ALA F 319 -50.67 -4.20 12.36
CA ALA F 319 -50.98 -5.35 11.54
C ALA F 319 -51.29 -6.53 12.46
N GLU F 320 -50.58 -6.62 13.57
CA GLU F 320 -50.82 -7.74 14.49
C GLU F 320 -52.11 -7.60 15.25
N SER F 321 -52.53 -6.37 15.49
CA SER F 321 -53.80 -6.17 16.16
C SER F 321 -54.94 -6.50 15.22
N ILE F 322 -54.76 -6.23 13.93
CA ILE F 322 -55.80 -6.45 12.95
C ILE F 322 -55.93 -7.92 12.59
N ARG F 323 -54.78 -8.59 12.47
CA ARG F 323 -54.71 -9.96 12.00
C ARG F 323 -54.85 -11.01 13.12
N GLU F 324 -54.27 -10.72 14.30
CA GLU F 324 -54.09 -11.68 15.39
CA GLU F 324 -54.20 -11.72 15.37
C GLU F 324 -54.78 -11.25 16.72
N GLY F 325 -55.40 -10.07 16.74
CA GLY F 325 -55.98 -9.54 17.97
C GLY F 325 -54.97 -9.09 19.03
N ALA F 326 -53.73 -8.82 18.63
CA ALA F 326 -52.76 -8.18 19.57
C ALA F 326 -53.24 -6.82 20.09
N ALA F 327 -52.85 -6.46 21.31
CA ALA F 327 -53.14 -5.14 21.86
C ALA F 327 -52.51 -4.10 20.96
N LEU F 328 -53.24 -3.00 20.76
CA LEU F 328 -52.79 -1.94 19.87
C LEU F 328 -51.52 -1.29 20.43
N PRO F 329 -50.65 -0.79 19.52
CA PRO F 329 -49.44 -0.08 19.96
C PRO F 329 -49.73 1.22 20.72
N VAL F 330 -50.79 1.91 20.35
CA VAL F 330 -51.27 3.11 21.03
C VAL F 330 -52.81 3.04 21.00
N THR F 331 -53.45 3.17 22.14
CA THR F 331 -54.90 3.06 22.19
C THR F 331 -55.55 4.44 22.09
N ALA F 332 -56.84 4.45 21.73
CA ALA F 332 -57.70 5.63 21.86
C ALA F 332 -57.54 6.32 23.21
N GLU F 333 -57.63 5.55 24.29
CA GLU F 333 -57.56 6.08 25.65
C GLU F 333 -56.27 6.87 25.95
N GLU F 334 -55.13 6.36 25.52
CA GLU F 334 -53.88 7.09 25.69
C GLU F 334 -53.88 8.41 24.90
N GLY F 335 -54.41 8.38 23.69
CA GLY F 335 -54.51 9.56 22.86
C GLY F 335 -55.45 10.57 23.48
N ILE F 336 -56.55 10.11 24.07
CA ILE F 336 -57.49 10.99 24.73
C ILE F 336 -56.82 11.68 25.91
N ASN F 337 -56.05 10.91 26.68
CA ASN F 337 -55.33 11.45 27.82
C ASN F 337 -54.33 12.55 27.47
N VAL F 338 -53.77 12.50 26.27
CA VAL F 338 -52.81 13.51 25.88
C VAL F 338 -53.56 14.83 25.70
N ILE F 339 -54.69 14.76 25.04
CA ILE F 339 -55.59 15.89 24.89
C ILE F 339 -56.13 16.42 26.26
N ARG F 340 -56.34 15.52 27.22
CA ARG F 340 -56.80 15.94 28.55
C ARG F 340 -55.75 16.79 29.24
N ILE F 341 -54.48 16.43 29.03
CA ILE F 341 -53.35 17.26 29.52
C ILE F 341 -53.32 18.64 28.83
N ILE F 342 -53.46 18.63 27.52
CA ILE F 342 -53.47 19.88 26.75
C ILE F 342 -54.63 20.78 27.20
N GLU F 343 -55.81 20.20 27.38
CA GLU F 343 -56.97 21.00 27.81
C GLU F 343 -56.76 21.57 29.21
N ALA F 344 -56.15 20.78 30.09
CA ALA F 344 -55.86 21.21 31.45
C ALA F 344 -54.74 22.23 31.45
N ALA F 345 -53.76 22.07 30.57
CA ALA F 345 -52.72 23.07 30.43
C ALA F 345 -53.30 24.42 30.00
N MET F 346 -54.25 24.39 29.08
CA MET F 346 -54.79 25.63 28.50
C MET F 346 -55.62 26.38 29.53
N GLU F 347 -56.45 25.65 30.27
CA GLU F 347 -57.29 26.22 31.34
C GLU F 347 -56.38 26.74 32.49
N SER F 348 -55.22 26.10 32.68
CA SER F 348 -54.28 26.53 33.71
C SER F 348 -53.68 27.87 33.39
N SER F 349 -53.30 28.04 32.13
CA SER F 349 -52.69 29.25 31.65
C SER F 349 -53.67 30.41 31.67
N LYS F 350 -54.91 30.13 31.32
CA LYS F 350 -55.97 31.15 31.31
C LYS F 350 -56.43 31.52 32.70
N GLU F 351 -56.66 30.53 33.54
CA GLU F 351 -57.15 30.80 34.88
C GLU F 351 -56.03 31.26 35.81
N LYS F 352 -54.77 31.01 35.41
CA LYS F 352 -53.56 31.37 36.16
C LYS F 352 -53.47 30.58 37.48
N ARG F 353 -53.80 29.29 37.41
CA ARG F 353 -53.78 28.43 38.58
C ARG F 353 -53.60 26.98 38.16
N THR F 354 -53.16 26.18 39.13
CA THR F 354 -52.99 24.76 38.96
C THR F 354 -54.33 24.06 38.81
N ILE F 355 -54.42 23.14 37.86
CA ILE F 355 -55.64 22.40 37.62
C ILE F 355 -55.46 20.94 38.07
N MET F 356 -56.25 20.54 39.07
CA MET F 356 -56.32 19.14 39.51
C MET F 356 -57.00 18.30 38.44
N LEU F 357 -56.39 17.17 38.11
CA LEU F 357 -57.01 16.21 37.22
C LEU F 357 -57.92 15.33 38.08
N GLU F 358 -59.12 15.03 37.59
CA GLU F 358 -60.15 14.36 38.42
C GLU F 358 -59.93 12.84 38.60
N ARG G 9 39.36 12.76 -14.74
CA ARG G 9 40.47 12.12 -15.54
C ARG G 9 41.78 12.21 -14.78
N ARG G 10 42.34 11.04 -14.53
CA ARG G 10 43.46 10.86 -13.62
C ARG G 10 44.45 9.85 -14.25
N LYS G 11 45.49 9.49 -13.50
CA LYS G 11 46.42 8.42 -13.90
C LYS G 11 45.64 7.10 -14.16
N VAL G 12 45.99 6.40 -15.24
CA VAL G 12 45.45 5.06 -15.48
C VAL G 12 46.26 4.04 -14.69
N ASP G 13 45.65 3.51 -13.65
CA ASP G 13 46.22 2.38 -12.95
C ASP G 13 45.53 1.14 -13.49
N THR G 14 46.22 0.00 -13.48
CA THR G 14 45.56 -1.28 -13.76
C THR G 14 44.22 -1.35 -13.01
N ILE G 15 43.22 -1.94 -13.64
CA ILE G 15 41.94 -2.20 -12.99
C ILE G 15 42.10 -3.32 -11.95
N LYS G 16 41.77 -2.98 -10.70
CA LYS G 16 41.87 -3.91 -9.59
C LYS G 16 40.65 -4.82 -9.54
N VAL G 17 40.91 -6.11 -9.66
CA VAL G 17 39.89 -7.12 -9.86
C VAL G 17 39.81 -8.08 -8.66
N GLY G 18 38.59 -8.47 -8.32
CA GLY G 18 38.35 -9.60 -7.44
C GLY G 18 37.59 -10.66 -8.18
N ILE G 19 38.01 -11.91 -8.04
CA ILE G 19 37.24 -13.01 -8.63
C ILE G 19 36.53 -13.77 -7.52
N LEU G 20 35.22 -13.92 -7.68
CA LEU G 20 34.43 -14.75 -6.78
C LEU G 20 34.27 -16.15 -7.37
N GLY G 21 34.88 -17.11 -6.71
CA GLY G 21 34.93 -18.48 -7.21
C GLY G 21 36.23 -18.70 -7.96
N TYR G 22 36.81 -19.88 -7.76
CA TYR G 22 38.02 -20.30 -8.45
C TYR G 22 38.03 -21.83 -8.73
N GLY G 23 36.90 -22.33 -9.24
CA GLY G 23 36.87 -23.64 -9.88
C GLY G 23 36.96 -23.41 -11.38
N LEU G 24 36.07 -24.05 -12.13
CA LEU G 24 36.16 -24.02 -13.59
C LEU G 24 36.16 -22.59 -14.19
N SER G 25 35.13 -21.79 -13.92
CA SER G 25 35.10 -20.44 -14.49
C SER G 25 36.33 -19.64 -14.08
N GLY G 26 36.51 -19.44 -12.78
CA GLY G 26 37.45 -18.46 -12.27
C GLY G 26 38.89 -18.76 -12.63
N SER G 27 39.32 -19.99 -12.38
CA SER G 27 40.73 -20.35 -12.56
C SER G 27 41.07 -20.56 -14.02
N VAL G 28 40.16 -21.21 -14.75
CA VAL G 28 40.43 -21.62 -16.13
C VAL G 28 39.88 -20.64 -17.18
N PHE G 29 38.68 -20.12 -16.96
CA PHE G 29 38.04 -19.30 -17.99
C PHE G 29 38.25 -17.79 -17.90
N HIS G 30 38.70 -17.26 -16.76
CA HIS G 30 38.78 -15.80 -16.61
C HIS G 30 40.17 -15.32 -16.24
N GLY G 31 40.74 -15.91 -15.19
CA GLY G 31 42.11 -15.64 -14.76
C GLY G 31 43.12 -15.61 -15.89
N PRO G 32 43.15 -16.66 -16.76
CA PRO G 32 44.16 -16.60 -17.82
C PRO G 32 43.98 -15.41 -18.76
N LEU G 33 42.74 -15.01 -19.02
CA LEU G 33 42.48 -13.83 -19.86
C LEU G 33 42.89 -12.50 -19.19
N LEU G 34 42.62 -12.33 -17.90
CA LEU G 34 42.97 -11.10 -17.19
C LEU G 34 44.47 -11.04 -17.00
N ASP G 35 45.07 -12.20 -16.74
CA ASP G 35 46.52 -12.31 -16.64
C ASP G 35 47.23 -11.79 -17.90
N VAL G 36 46.75 -12.10 -19.11
CA VAL G 36 47.46 -11.56 -20.28
C VAL G 36 47.25 -10.06 -20.53
N LEU G 37 46.13 -9.51 -20.07
CA LEU G 37 45.82 -8.10 -20.28
C LEU G 37 46.51 -7.11 -19.31
N ASP G 38 47.19 -6.12 -19.87
CA ASP G 38 47.91 -5.12 -19.08
C ASP G 38 46.96 -4.25 -18.28
N GLU G 39 45.72 -4.22 -18.71
CA GLU G 39 44.73 -3.32 -18.13
C GLU G 39 44.27 -3.77 -16.77
N TYR G 40 44.54 -5.03 -16.42
CA TYR G 40 43.99 -5.67 -15.23
C TYR G 40 45.03 -6.19 -14.27
N GLN G 41 44.79 -5.98 -12.98
CA GLN G 41 45.56 -6.60 -11.93
C GLN G 41 44.64 -7.41 -11.03
N ILE G 42 44.94 -8.69 -10.87
CA ILE G 42 44.14 -9.56 -10.01
C ILE G 42 44.64 -9.43 -8.59
N SER G 43 43.82 -8.87 -7.71
CA SER G 43 44.22 -8.61 -6.32
C SER G 43 43.77 -9.67 -5.32
N LYS G 44 42.56 -10.18 -5.52
CA LYS G 44 41.92 -11.04 -4.54
C LYS G 44 41.06 -12.06 -5.25
N ILE G 45 41.04 -13.28 -4.70
CA ILE G 45 40.16 -14.33 -5.18
C ILE G 45 39.49 -15.00 -3.98
N MET G 46 38.16 -15.11 -4.04
CA MET G 46 37.41 -15.81 -3.00
C MET G 46 37.28 -17.26 -3.43
N THR G 47 37.91 -18.15 -2.67
CA THR G 47 37.90 -19.57 -3.01
C THR G 47 38.37 -20.48 -1.86
N SER G 48 37.95 -21.74 -1.92
CA SER G 48 38.42 -22.78 -1.00
C SER G 48 39.85 -23.18 -1.37
N ARG G 49 40.16 -23.19 -2.67
CA ARG G 49 41.40 -23.71 -3.21
C ARG G 49 42.64 -22.79 -3.11
N THR G 50 42.92 -22.32 -1.91
CA THR G 50 44.04 -21.42 -1.63
C THR G 50 45.33 -21.80 -2.37
N GLU G 51 45.61 -23.11 -2.48
CA GLU G 51 46.88 -23.58 -3.06
C GLU G 51 47.07 -23.33 -4.54
N GLU G 52 46.00 -23.44 -5.32
CA GLU G 52 46.13 -23.15 -6.74
C GLU G 52 46.01 -21.67 -7.04
N VAL G 53 45.64 -20.88 -6.06
CA VAL G 53 45.76 -19.44 -6.18
C VAL G 53 47.22 -19.03 -6.02
N LYS G 54 47.88 -19.53 -4.98
CA LYS G 54 49.31 -19.27 -4.82
C LYS G 54 50.07 -19.63 -6.10
N ARG G 55 49.83 -20.82 -6.65
CA ARG G 55 50.60 -21.29 -7.79
C ARG G 55 50.18 -20.68 -9.12
N ASP G 56 49.25 -19.73 -9.09
CA ASP G 56 48.74 -19.08 -10.30
C ASP G 56 48.86 -17.57 -10.24
N PHE G 57 48.51 -17.03 -9.07
CA PHE G 57 48.60 -15.60 -8.82
C PHE G 57 49.31 -15.36 -7.50
N PRO G 58 50.65 -15.36 -7.52
CA PRO G 58 51.47 -15.18 -6.31
C PRO G 58 51.12 -13.92 -5.56
N ASP G 59 50.73 -12.87 -6.28
CA ASP G 59 50.51 -11.57 -5.66
C ASP G 59 49.07 -11.34 -5.26
N ALA G 60 48.18 -12.21 -5.74
CA ALA G 60 46.78 -12.17 -5.33
C ALA G 60 46.60 -12.74 -3.93
N GLU G 61 45.92 -11.97 -3.08
CA GLU G 61 45.53 -12.38 -1.74
C GLU G 61 44.26 -13.24 -1.80
N VAL G 62 44.30 -14.40 -1.15
CA VAL G 62 43.16 -15.32 -1.12
C VAL G 62 42.25 -15.00 0.05
N VAL G 63 40.95 -14.92 -0.23
CA VAL G 63 39.96 -14.58 0.80
C VAL G 63 38.90 -15.67 0.92
N HIS G 64 38.18 -15.69 2.03
CA HIS G 64 37.23 -16.78 2.28
C HIS G 64 35.80 -16.36 2.51
N GLU G 65 35.57 -15.07 2.69
CA GLU G 65 34.21 -14.55 2.76
C GLU G 65 34.05 -13.36 1.82
N LEU G 66 32.84 -13.26 1.24
CA LEU G 66 32.47 -12.16 0.38
C LEU G 66 32.97 -10.79 0.89
N GLU G 67 32.75 -10.52 2.16
CA GLU G 67 33.14 -9.25 2.78
C GLU G 67 34.52 -8.75 2.36
N GLU G 68 35.50 -9.63 2.38
CA GLU G 68 36.88 -9.23 2.14
C GLU G 68 37.12 -8.68 0.72
N ILE G 69 36.20 -8.94 -0.20
CA ILE G 69 36.28 -8.34 -1.53
C ILE G 69 35.36 -7.12 -1.62
N THR G 70 34.09 -7.28 -1.29
CA THR G 70 33.11 -6.20 -1.40
C THR G 70 33.52 -5.00 -0.56
N ASN G 71 34.03 -5.26 0.64
CA ASN G 71 34.40 -4.18 1.55
C ASN G 71 35.73 -3.52 1.21
N ASP G 72 36.62 -4.26 0.54
CA ASP G 72 37.91 -3.72 0.09
C ASP G 72 37.71 -2.52 -0.86
N PRO G 73 38.04 -1.30 -0.40
CA PRO G 73 37.81 -0.09 -1.22
C PRO G 73 38.69 -0.05 -2.48
N ALA G 74 39.80 -0.79 -2.47
CA ALA G 74 40.69 -0.87 -3.64
C ALA G 74 40.11 -1.63 -4.84
N ILE G 75 39.30 -2.67 -4.59
CA ILE G 75 38.75 -3.50 -5.68
C ILE G 75 37.77 -2.69 -6.55
N GLU G 76 37.99 -2.68 -7.86
CA GLU G 76 37.16 -1.90 -8.79
C GLU G 76 36.12 -2.75 -9.50
N LEU G 77 36.51 -3.96 -9.88
CA LEU G 77 35.65 -4.85 -10.65
C LEU G 77 35.62 -6.27 -10.08
N VAL G 78 34.43 -6.85 -9.96
CA VAL G 78 34.27 -8.18 -9.41
C VAL G 78 33.78 -9.11 -10.49
N ILE G 79 34.39 -10.29 -10.59
CA ILE G 79 33.93 -11.32 -11.53
C ILE G 79 33.22 -12.35 -10.71
N VAL G 80 31.93 -12.52 -10.99
CA VAL G 80 31.14 -13.46 -10.22
C VAL G 80 31.04 -14.79 -10.97
N THR G 81 31.91 -15.74 -10.59
CA THR G 81 31.95 -17.08 -11.21
C THR G 81 31.42 -18.20 -10.31
N THR G 82 30.85 -17.81 -9.18
CA THR G 82 30.24 -18.73 -8.21
C THR G 82 28.98 -19.41 -8.77
N PRO G 83 28.52 -20.49 -8.10
CA PRO G 83 27.32 -21.22 -8.55
C PRO G 83 26.13 -20.32 -8.85
N SER G 84 25.42 -20.64 -9.93
CA SER G 84 24.18 -19.95 -10.35
C SER G 84 23.27 -19.43 -9.23
N GLY G 85 22.84 -20.33 -8.34
CA GLY G 85 21.93 -19.98 -7.27
C GLY G 85 22.52 -18.96 -6.33
N LEU G 86 23.83 -18.74 -6.42
CA LEU G 86 24.49 -17.71 -5.62
C LEU G 86 24.74 -16.42 -6.40
N HIS G 87 24.54 -16.49 -7.72
CA HIS G 87 24.75 -15.36 -8.63
C HIS G 87 24.09 -14.08 -8.11
N TYR G 88 22.82 -14.19 -7.74
CA TYR G 88 22.02 -13.03 -7.38
C TYR G 88 22.57 -12.26 -6.20
N GLU G 89 22.79 -12.95 -5.07
CA GLU G 89 23.16 -12.27 -3.83
C GLU G 89 24.57 -11.72 -3.85
N HIS G 90 25.50 -12.51 -4.40
CA HIS G 90 26.88 -12.04 -4.60
C HIS G 90 26.89 -10.80 -5.48
N THR G 91 26.09 -10.79 -6.53
CA THR G 91 26.08 -9.65 -7.43
C THR G 91 25.47 -8.46 -6.75
N MET G 92 24.34 -8.67 -6.08
CA MET G 92 23.71 -7.60 -5.35
C MET G 92 24.69 -6.99 -4.31
N ALA G 93 25.42 -7.85 -3.59
CA ALA G 93 26.40 -7.37 -2.61
C ALA G 93 27.55 -6.55 -3.23
N CYS G 94 27.89 -6.82 -4.50
CA CYS G 94 28.95 -6.07 -5.16
C CYS G 94 28.42 -4.71 -5.60
N ILE G 95 27.19 -4.71 -6.12
CA ILE G 95 26.50 -3.50 -6.50
C ILE G 95 26.39 -2.67 -5.25
N GLN G 96 25.82 -3.26 -4.20
CA GLN G 96 25.65 -2.58 -2.93
C GLN G 96 26.90 -1.80 -2.59
N ALA G 97 28.04 -2.46 -2.75
CA ALA G 97 29.31 -1.96 -2.26
C ALA G 97 30.02 -1.04 -3.24
N GLY G 98 29.33 -0.71 -4.35
CA GLY G 98 29.81 0.25 -5.35
C GLY G 98 30.76 -0.27 -6.42
N LYS G 99 30.78 -1.59 -6.64
CA LYS G 99 31.77 -2.22 -7.54
C LYS G 99 31.20 -2.60 -8.90
N HIS G 100 31.97 -2.42 -9.96
CA HIS G 100 31.58 -2.93 -11.27
C HIS G 100 31.55 -4.47 -11.27
N VAL G 101 30.65 -5.05 -12.04
CA VAL G 101 30.50 -6.51 -12.02
C VAL G 101 30.32 -7.17 -13.39
N VAL G 102 31.03 -8.28 -13.56
CA VAL G 102 30.84 -9.21 -14.65
C VAL G 102 30.29 -10.51 -14.03
N MET G 103 29.09 -10.92 -14.48
CA MET G 103 28.45 -12.15 -14.04
C MET G 103 28.69 -13.26 -15.07
N GLU G 104 28.95 -14.49 -14.63
CA GLU G 104 28.91 -15.62 -15.55
C GLU G 104 27.47 -15.87 -16.06
N LYS G 105 27.36 -16.46 -17.23
CA LYS G 105 26.08 -16.95 -17.71
C LYS G 105 25.74 -18.27 -16.99
N PRO G 106 24.45 -18.61 -16.90
CA PRO G 106 23.30 -17.75 -17.19
C PRO G 106 23.19 -16.68 -16.10
N MET G 107 22.74 -15.50 -16.48
CA MET G 107 22.61 -14.40 -15.54
C MET G 107 21.94 -14.83 -14.21
N THR G 108 20.66 -15.20 -14.28
CA THR G 108 19.88 -15.58 -13.11
C THR G 108 18.81 -16.59 -13.54
N ALA G 109 18.07 -17.13 -12.58
CA ALA G 109 17.02 -18.09 -12.89
C ALA G 109 15.82 -17.42 -13.56
N THR G 110 15.46 -16.22 -13.10
CA THR G 110 14.27 -15.53 -13.60
C THR G 110 14.62 -14.13 -14.10
N ALA G 111 13.87 -13.68 -15.10
CA ALA G 111 13.96 -12.32 -15.62
C ALA G 111 13.76 -11.25 -14.53
N GLU G 112 12.69 -11.35 -13.73
CA GLU G 112 12.44 -10.38 -12.65
C GLU G 112 13.68 -10.13 -11.73
N GLU G 113 14.38 -11.20 -11.37
CA GLU G 113 15.60 -11.12 -10.59
C GLU G 113 16.67 -10.29 -11.30
N GLY G 114 16.90 -10.61 -12.58
CA GLY G 114 17.81 -9.85 -13.42
C GLY G 114 17.41 -8.38 -13.55
N GLU G 115 16.11 -8.14 -13.62
CA GLU G 115 15.57 -6.78 -13.68
C GLU G 115 15.96 -5.99 -12.44
N THR G 116 15.80 -6.60 -11.27
CA THR G 116 16.21 -6.02 -10.00
C THR G 116 17.71 -5.66 -9.97
N LEU G 117 18.58 -6.60 -10.37
CA LEU G 117 20.03 -6.32 -10.43
C LEU G 117 20.33 -5.16 -11.34
N LYS G 118 19.79 -5.18 -12.55
CA LYS G 118 20.00 -4.07 -13.47
C LYS G 118 19.58 -2.77 -12.81
N ARG G 119 18.37 -2.76 -12.25
CA ARG G 119 17.82 -1.57 -11.59
C ARG G 119 18.73 -0.99 -10.50
N ALA G 120 19.26 -1.85 -9.64
CA ALA G 120 20.17 -1.44 -8.57
C ALA G 120 21.53 -0.89 -9.07
N ALA G 121 22.01 -1.43 -10.19
CA ALA G 121 23.25 -0.95 -10.80
C ALA G 121 23.08 0.46 -11.38
N ASP G 122 21.90 0.75 -11.92
CA ASP G 122 21.61 2.10 -12.35
C ASP G 122 21.51 3.06 -11.17
N GLU G 123 20.73 2.69 -10.17
CA GLU G 123 20.64 3.51 -8.96
C GLU G 123 22.04 3.84 -8.41
N LYS G 124 22.87 2.81 -8.26
CA LYS G 124 24.20 2.96 -7.63
C LYS G 124 25.30 3.52 -8.57
N GLY G 125 25.04 3.47 -9.88
CA GLY G 125 25.94 4.05 -10.88
C GLY G 125 27.10 3.16 -11.29
N VAL G 126 26.94 1.84 -11.17
CA VAL G 126 28.00 0.91 -11.58
C VAL G 126 27.61 0.13 -12.82
N LEU G 127 28.61 -0.32 -13.55
CA LEU G 127 28.38 -1.11 -14.74
C LEU G 127 28.11 -2.55 -14.36
N LEU G 128 27.22 -3.17 -15.11
CA LEU G 128 26.89 -4.57 -14.92
C LEU G 128 26.85 -5.28 -16.27
N SER G 129 27.67 -6.29 -16.45
CA SER G 129 27.68 -7.05 -17.68
C SER G 129 27.58 -8.54 -17.38
N VAL G 130 27.24 -9.29 -18.42
CA VAL G 130 27.12 -10.73 -18.35
C VAL G 130 28.15 -11.30 -19.30
N TYR G 131 28.76 -12.42 -18.90
CA TYR G 131 29.84 -12.98 -19.67
C TYR G 131 29.29 -13.87 -20.79
N HIS G 132 28.63 -13.24 -21.75
CA HIS G 132 28.16 -13.92 -22.96
C HIS G 132 29.24 -13.89 -24.02
N ASN G 133 30.31 -14.64 -23.80
CA ASN G 133 31.52 -14.54 -24.61
C ASN G 133 31.47 -15.33 -25.92
N ARG G 134 30.40 -16.11 -26.13
CA ARG G 134 30.24 -16.84 -27.38
C ARG G 134 29.89 -15.93 -28.52
N ARG G 135 29.71 -14.63 -28.22
CA ARG G 135 29.70 -13.61 -29.27
C ARG G 135 31.06 -13.51 -29.94
N TRP G 136 32.12 -14.00 -29.30
CA TRP G 136 33.46 -13.93 -29.89
C TRP G 136 34.04 -15.31 -30.20
N ASP G 137 33.14 -16.28 -30.33
CA ASP G 137 33.49 -17.57 -30.90
C ASP G 137 33.91 -17.42 -32.37
N ASN G 138 34.82 -18.28 -32.82
CA ASN G 138 35.26 -18.26 -34.24
C ASN G 138 34.11 -18.44 -35.26
N ASP G 139 33.30 -19.49 -35.09
CA ASP G 139 32.15 -19.70 -35.99
C ASP G 139 31.18 -18.52 -36.04
N PHE G 140 30.87 -17.94 -34.89
CA PHE G 140 29.88 -16.85 -34.82
C PHE G 140 30.40 -15.51 -35.32
N LEU G 141 31.69 -15.24 -35.06
CA LEU G 141 32.36 -14.06 -35.59
C LEU G 141 32.36 -14.13 -37.10
N THR G 142 32.43 -15.36 -37.63
CA THR G 142 32.44 -15.60 -39.08
C THR G 142 31.05 -15.40 -39.66
N ILE G 143 30.03 -15.86 -38.95
CA ILE G 143 28.65 -15.58 -39.36
C ILE G 143 28.40 -14.06 -39.42
N LYS G 144 28.76 -13.35 -38.37
CA LYS G 144 28.68 -11.88 -38.40
C LYS G 144 29.37 -11.26 -39.62
N LYS G 145 30.62 -11.62 -39.86
CA LYS G 145 31.33 -11.13 -41.07
C LYS G 145 30.58 -11.40 -42.35
N LEU G 146 30.16 -12.64 -42.55
CA LEU G 146 29.34 -12.96 -43.71
C LEU G 146 28.11 -12.07 -43.80
N ILE G 147 27.45 -11.83 -42.67
CA ILE G 147 26.28 -10.98 -42.72
C ILE G 147 26.62 -9.55 -43.14
N SER G 148 27.69 -9.00 -42.54
CA SER G 148 27.98 -7.59 -42.71
C SER G 148 28.46 -7.30 -44.13
N GLU G 149 29.00 -8.32 -44.78
CA GLU G 149 29.46 -8.22 -46.16
C GLU G 149 28.42 -8.60 -47.21
N GLY G 150 27.18 -8.81 -46.78
CA GLY G 150 26.08 -9.17 -47.68
C GLY G 150 26.14 -10.56 -48.32
N SER G 151 26.80 -11.50 -47.67
CA SER G 151 26.91 -12.85 -48.21
C SER G 151 25.83 -13.73 -47.65
N LEU G 152 25.04 -13.20 -46.71
CA LEU G 152 23.84 -13.87 -46.23
C LEU G 152 22.64 -12.93 -46.11
N GLU G 153 22.16 -12.41 -47.23
CA GLU G 153 21.04 -11.49 -47.17
C GLU G 153 19.74 -12.19 -46.73
N ASP G 154 18.82 -11.39 -46.19
CA ASP G 154 17.49 -11.83 -45.73
C ASP G 154 17.37 -13.30 -45.34
N ILE G 155 17.90 -13.59 -44.15
CA ILE G 155 17.86 -14.89 -43.54
C ILE G 155 16.42 -15.31 -43.24
N ASN G 156 16.00 -16.45 -43.77
CA ASN G 156 14.67 -16.97 -43.47
C ASN G 156 14.73 -18.11 -42.45
N THR G 157 15.84 -18.83 -42.39
CA THR G 157 15.99 -19.96 -41.45
C THR G 157 17.34 -19.98 -40.74
N TYR G 158 17.29 -20.07 -39.41
CA TYR G 158 18.49 -20.08 -38.57
C TYR G 158 18.40 -21.25 -37.58
N GLN G 159 19.22 -22.28 -37.78
CA GLN G 159 19.14 -23.46 -36.93
C GLN G 159 20.47 -23.77 -36.32
N VAL G 160 20.47 -23.84 -35.00
CA VAL G 160 21.67 -24.08 -34.23
C VAL G 160 21.50 -25.30 -33.34
N SER G 161 22.57 -26.10 -33.33
CA SER G 161 22.72 -27.31 -32.53
C SER G 161 23.74 -27.15 -31.43
N TYR G 162 23.53 -27.82 -30.32
CA TYR G 162 24.46 -27.79 -29.24
C TYR G 162 24.25 -29.08 -28.52
N ASN G 163 24.67 -30.16 -29.17
CA ASN G 163 24.47 -31.49 -28.65
C ASN G 163 25.66 -31.92 -27.78
N ARG G 164 25.49 -32.97 -27.00
CA ARG G 164 26.62 -33.58 -26.32
C ARG G 164 26.35 -35.08 -26.17
N TYR G 165 27.37 -35.83 -25.80
CA TYR G 165 27.19 -37.23 -25.51
C TYR G 165 27.50 -37.50 -24.04
N ARG G 166 26.48 -37.33 -23.19
CA ARG G 166 26.60 -37.61 -21.76
C ARG G 166 25.51 -38.58 -21.27
N PRO G 167 25.59 -39.87 -21.65
CA PRO G 167 24.45 -40.75 -21.42
C PRO G 167 24.26 -41.16 -19.94
N GLU G 168 25.27 -40.88 -19.11
CA GLU G 168 25.21 -41.24 -17.71
C GLU G 168 24.98 -40.02 -16.83
N VAL G 169 23.88 -40.02 -16.10
CA VAL G 169 23.52 -38.93 -15.20
C VAL G 169 24.50 -38.67 -14.03
N GLN G 170 24.82 -37.40 -13.81
CA GLN G 170 25.76 -36.96 -12.77
C GLN G 170 25.13 -36.89 -11.36
N ALA G 180 18.58 -23.01 -11.40
CA ALA G 180 18.94 -22.71 -12.78
C ALA G 180 19.83 -23.81 -13.37
N THR G 181 19.34 -25.04 -13.29
CA THR G 181 20.09 -26.23 -13.68
C THR G 181 19.73 -26.68 -15.10
N GLY G 182 20.55 -27.60 -15.64
CA GLY G 182 20.26 -28.27 -16.89
C GLY G 182 20.80 -27.56 -18.10
N THR G 183 20.67 -28.21 -19.26
CA THR G 183 21.37 -27.82 -20.48
C THR G 183 20.77 -26.61 -21.20
N LEU G 184 19.51 -26.32 -20.93
CA LEU G 184 18.90 -25.13 -21.51
C LEU G 184 19.52 -23.86 -20.88
N TYR G 185 19.64 -23.83 -19.55
CA TYR G 185 20.37 -22.76 -18.91
C TYR G 185 21.86 -22.73 -19.28
N ASP G 186 22.55 -23.87 -19.20
CA ASP G 186 24.01 -23.92 -19.36
C ASP G 186 24.49 -23.82 -20.80
N LEU G 187 23.82 -24.49 -21.74
CA LEU G 187 24.31 -24.51 -23.13
C LEU G 187 23.42 -23.63 -23.99
N GLY G 188 22.13 -23.67 -23.73
CA GLY G 188 21.17 -22.93 -24.51
C GLY G 188 21.39 -21.43 -24.50
N SER G 189 21.77 -20.88 -23.36
CA SER G 189 21.84 -19.44 -23.21
C SER G 189 22.87 -18.83 -24.16
N HIS G 190 23.92 -19.58 -24.44
CA HIS G 190 24.90 -19.13 -25.46
C HIS G 190 24.26 -18.92 -26.83
N ILE G 191 23.50 -19.91 -27.28
CA ILE G 191 23.01 -19.82 -28.64
C ILE G 191 21.78 -18.95 -28.71
N ILE G 192 21.04 -18.85 -27.60
CA ILE G 192 19.93 -17.88 -27.50
C ILE G 192 20.49 -16.49 -27.56
N ASP G 193 21.51 -16.21 -26.75
CA ASP G 193 22.09 -14.90 -26.81
C ASP G 193 22.54 -14.52 -28.22
N GLN G 194 23.25 -15.43 -28.90
CA GLN G 194 23.69 -15.23 -30.30
C GLN G 194 22.53 -14.85 -31.23
N THR G 195 21.42 -15.60 -31.11
CA THR G 195 20.21 -15.38 -31.90
C THR G 195 19.65 -13.99 -31.64
N LEU G 196 19.60 -13.57 -30.37
CA LEU G 196 19.07 -12.24 -30.05
C LEU G 196 20.01 -11.16 -30.57
N HIS G 197 21.31 -11.42 -30.49
CA HIS G 197 22.31 -10.49 -31.02
C HIS G 197 22.15 -10.24 -32.51
N LEU G 198 21.86 -11.30 -33.29
CA LEU G 198 21.66 -11.18 -34.73
C LEU G 198 20.31 -10.66 -35.13
N PHE G 199 19.24 -10.97 -34.39
CA PHE G 199 17.88 -10.67 -34.84
C PHE G 199 16.99 -9.82 -33.89
N GLY G 200 17.45 -9.57 -32.68
CA GLY G 200 16.58 -9.00 -31.64
C GLY G 200 15.58 -10.02 -31.14
N MET G 201 14.51 -9.52 -30.51
CA MET G 201 13.55 -10.37 -29.81
C MET G 201 12.47 -10.91 -30.79
N PRO G 202 12.14 -12.20 -30.68
CA PRO G 202 11.06 -12.77 -31.48
C PRO G 202 9.69 -12.38 -30.94
N LYS G 203 8.62 -12.69 -31.68
CA LYS G 203 7.25 -12.45 -31.20
C LYS G 203 6.83 -13.54 -30.23
N ALA G 204 7.38 -14.75 -30.42
CA ALA G 204 6.90 -15.92 -29.68
C ALA G 204 7.95 -17.02 -29.57
N VAL G 205 7.83 -17.83 -28.52
CA VAL G 205 8.65 -19.03 -28.31
C VAL G 205 7.78 -20.29 -28.27
N THR G 206 8.26 -21.37 -28.87
CA THR G 206 7.60 -22.66 -28.79
C THR G 206 8.71 -23.62 -28.47
N ALA G 207 8.51 -24.45 -27.47
CA ALA G 207 9.60 -25.22 -26.97
C ALA G 207 9.17 -26.53 -26.40
N ASN G 208 10.05 -27.51 -26.59
CA ASN G 208 10.04 -28.73 -25.81
C ASN G 208 11.38 -28.77 -25.05
N VAL G 209 11.27 -28.92 -23.73
CA VAL G 209 12.40 -28.95 -22.82
C VAL G 209 12.21 -30.17 -21.91
N MET G 210 13.13 -31.13 -21.88
CA MET G 210 12.88 -32.28 -21.03
C MET G 210 14.16 -32.95 -20.53
N ALA G 211 13.96 -34.01 -19.76
CA ALA G 211 15.03 -34.93 -19.38
C ALA G 211 14.86 -36.23 -20.18
N GLN G 212 15.73 -36.46 -21.17
CA GLN G 212 15.67 -37.67 -22.00
C GLN G 212 16.26 -38.95 -21.40
N ARG G 213 17.22 -38.78 -20.51
CA ARG G 213 17.98 -39.92 -20.01
C ARG G 213 17.27 -40.56 -18.84
N GLU G 214 17.70 -41.78 -18.51
CA GLU G 214 16.93 -42.68 -17.68
C GLU G 214 16.47 -42.16 -16.31
N ASN G 215 17.39 -41.94 -15.38
CA ASN G 215 16.95 -41.57 -14.03
C ASN G 215 17.17 -40.09 -13.74
N ALA G 216 17.14 -39.30 -14.82
CA ALA G 216 17.37 -37.87 -14.76
C ALA G 216 16.16 -37.13 -14.23
N GLU G 217 16.39 -35.94 -13.69
CA GLU G 217 15.30 -35.01 -13.40
C GLU G 217 15.58 -33.72 -14.12
N THR G 218 16.86 -33.34 -14.18
CA THR G 218 17.25 -32.04 -14.73
C THR G 218 17.23 -32.05 -16.27
N VAL G 219 17.02 -30.87 -16.86
CA VAL G 219 16.88 -30.73 -18.30
C VAL G 219 18.15 -31.18 -19.06
N ASP G 220 18.01 -32.13 -19.99
CA ASP G 220 19.14 -32.57 -20.78
C ASP G 220 18.87 -32.45 -22.29
N TYR G 221 17.68 -31.95 -22.60
CA TYR G 221 17.24 -31.85 -23.98
C TYR G 221 16.40 -30.61 -24.15
N PHE G 222 16.64 -29.88 -25.24
CA PHE G 222 15.80 -28.73 -25.54
C PHE G 222 15.63 -28.50 -27.04
N HIS G 223 14.45 -28.03 -27.44
CA HIS G 223 14.16 -27.67 -28.81
C HIS G 223 13.30 -26.41 -28.84
N LEU G 224 13.89 -25.28 -29.19
CA LEU G 224 13.20 -24.00 -29.18
C LEU G 224 13.01 -23.49 -30.60
N THR G 225 11.80 -23.02 -30.90
CA THR G 225 11.52 -22.33 -32.14
C THR G 225 11.29 -20.89 -31.72
N LEU G 226 12.10 -19.98 -32.23
CA LEU G 226 11.88 -18.56 -31.98
C LEU G 226 11.21 -17.95 -33.23
N ASP G 227 10.05 -17.33 -33.04
CA ASP G 227 9.20 -16.88 -34.15
C ASP G 227 9.43 -15.42 -34.49
N TYR G 228 10.05 -15.20 -35.64
CA TYR G 228 10.31 -13.86 -36.15
C TYR G 228 9.51 -13.65 -37.44
N GLY G 229 8.27 -14.14 -37.48
CA GLY G 229 7.41 -14.03 -38.68
C GLY G 229 7.89 -14.91 -39.82
N LYS G 230 8.33 -14.27 -40.92
CA LYS G 230 8.95 -14.98 -42.04
C LYS G 230 10.22 -15.73 -41.59
N LEU G 231 11.06 -15.12 -40.77
CA LEU G 231 12.25 -15.80 -40.24
C LEU G 231 11.89 -16.79 -39.12
N GLN G 232 12.51 -17.97 -39.12
CA GLN G 232 12.30 -18.93 -38.05
C GLN G 232 13.64 -19.37 -37.48
N ALA G 233 13.79 -19.24 -36.18
CA ALA G 233 15.06 -19.61 -35.53
C ALA G 233 14.85 -20.88 -34.71
N ILE G 234 15.52 -21.96 -35.07
CA ILE G 234 15.40 -23.19 -34.29
C ILE G 234 16.69 -23.46 -33.51
N LEU G 235 16.57 -23.63 -32.20
CA LEU G 235 17.72 -23.84 -31.32
C LEU G 235 17.52 -25.14 -30.53
N TYR G 236 18.46 -26.06 -30.64
CA TYR G 236 18.27 -27.36 -30.01
C TYR G 236 19.52 -28.02 -29.51
N GLY G 237 19.33 -29.00 -28.63
CA GLY G 237 20.44 -29.71 -28.04
C GLY G 237 19.99 -30.92 -27.27
N GLY G 238 20.63 -32.04 -27.53
CA GLY G 238 20.38 -33.26 -26.78
C GLY G 238 21.60 -33.62 -25.97
N SER G 239 21.47 -34.66 -25.16
CA SER G 239 22.57 -35.12 -24.32
C SER G 239 22.98 -36.57 -24.59
N ILE G 240 22.24 -37.22 -25.50
CA ILE G 240 22.59 -38.58 -25.94
C ILE G 240 22.87 -38.56 -27.46
N VAL G 241 23.86 -37.79 -27.89
CA VAL G 241 24.14 -37.57 -29.30
C VAL G 241 25.60 -37.89 -29.64
N PRO G 242 25.87 -39.10 -30.12
CA PRO G 242 27.22 -39.53 -30.45
C PRO G 242 27.94 -38.65 -31.50
N ALA G 243 27.21 -38.22 -32.53
CA ALA G 243 27.79 -37.29 -33.50
C ALA G 243 26.82 -36.18 -33.79
N ASN G 244 27.36 -34.97 -33.76
CA ASN G 244 26.63 -33.80 -34.12
C ASN G 244 26.50 -33.68 -35.64
N GLY G 245 25.37 -33.13 -36.09
CA GLY G 245 25.29 -32.71 -37.46
C GLY G 245 25.90 -31.34 -37.35
N PRO G 246 25.68 -30.49 -38.34
CA PRO G 246 26.16 -29.12 -38.31
C PRO G 246 25.72 -28.35 -37.07
N ARG G 247 26.64 -27.54 -36.52
CA ARG G 247 26.28 -26.59 -35.51
C ARG G 247 25.37 -25.53 -36.12
N TYR G 248 25.73 -24.97 -37.26
CA TYR G 248 24.93 -23.90 -37.89
C TYR G 248 24.39 -24.30 -39.24
N GLN G 249 23.08 -24.11 -39.45
CA GLN G 249 22.45 -24.13 -40.78
C GLN G 249 21.72 -22.81 -40.98
N ILE G 250 22.23 -21.99 -41.89
CA ILE G 250 21.62 -20.67 -42.07
C ILE G 250 21.24 -20.48 -43.52
N HIS G 251 19.96 -20.20 -43.75
CA HIS G 251 19.43 -20.01 -45.09
C HIS G 251 18.82 -18.63 -45.27
N GLY G 252 19.22 -17.97 -46.35
CA GLY G 252 18.66 -16.69 -46.75
C GLY G 252 18.17 -16.77 -48.18
N LYS G 253 17.85 -15.62 -48.77
CA LYS G 253 17.25 -15.61 -50.10
C LYS G 253 18.08 -16.20 -51.25
N ASP G 254 19.41 -16.21 -51.12
CA ASP G 254 20.35 -16.57 -52.21
C ASP G 254 21.45 -17.52 -51.77
N SER G 255 21.65 -17.62 -50.47
CA SER G 255 22.80 -18.36 -49.94
C SER G 255 22.47 -19.17 -48.72
N SER G 256 23.27 -20.19 -48.47
CA SER G 256 23.20 -20.96 -47.24
C SER G 256 24.59 -21.05 -46.64
N PHE G 257 24.65 -21.02 -45.32
CA PHE G 257 25.88 -21.31 -44.61
C PHE G 257 25.68 -22.53 -43.69
N ILE G 258 26.53 -23.56 -43.86
CA ILE G 258 26.48 -24.81 -43.05
C ILE G 258 27.85 -25.02 -42.39
N LYS G 259 27.87 -25.18 -41.06
CA LYS G 259 29.15 -25.37 -40.33
C LYS G 259 29.13 -26.39 -39.19
N TYR G 260 30.17 -27.21 -39.13
CA TYR G 260 30.32 -28.19 -38.08
C TYR G 260 31.27 -27.65 -37.04
N GLY G 261 31.22 -28.22 -35.85
CA GLY G 261 32.27 -28.04 -34.88
C GLY G 261 31.98 -26.95 -33.89
N ILE G 262 32.91 -26.79 -32.98
CA ILE G 262 32.76 -25.87 -31.86
C ILE G 262 34.05 -25.08 -31.68
N ASP G 263 33.97 -23.94 -31.01
CA ASP G 263 35.16 -23.07 -30.84
C ASP G 263 36.10 -23.77 -29.85
N GLY G 264 37.41 -23.71 -30.13
CA GLY G 264 38.44 -24.38 -29.33
C GLY G 264 39.13 -23.53 -28.25
N GLN G 265 38.58 -22.37 -27.93
CA GLN G 265 39.25 -21.51 -26.95
C GLN G 265 39.20 -22.09 -25.51
N GLU G 266 38.07 -22.69 -25.17
CA GLU G 266 37.88 -23.29 -23.87
C GLU G 266 38.81 -24.46 -23.69
N ASP G 267 38.96 -25.29 -24.72
CA ASP G 267 39.88 -26.41 -24.61
C ASP G 267 41.31 -25.94 -24.52
N ALA G 268 41.66 -24.92 -25.28
CA ALA G 268 42.99 -24.35 -25.19
C ALA G 268 43.30 -23.91 -23.75
N LEU G 269 42.35 -23.19 -23.13
CA LEU G 269 42.45 -22.79 -21.72
C LEU G 269 42.50 -23.96 -20.72
N ARG G 270 41.70 -25.00 -20.95
CA ARG G 270 41.76 -26.19 -20.10
C ARG G 270 43.14 -26.80 -20.16
N ALA G 271 43.77 -26.71 -21.31
CA ALA G 271 45.11 -27.29 -21.51
C ALA G 271 46.26 -26.40 -21.01
N GLY G 272 45.92 -25.24 -20.43
CA GLY G 272 46.92 -24.38 -19.84
C GLY G 272 47.60 -23.51 -20.88
N ARG G 273 46.86 -23.13 -21.92
CA ARG G 273 47.38 -22.23 -22.94
CA ARG G 273 47.37 -22.23 -22.95
C ARG G 273 46.71 -20.88 -22.80
N LYS G 274 47.42 -19.83 -23.18
CA LYS G 274 46.93 -18.46 -22.99
C LYS G 274 47.07 -17.74 -24.32
N PRO G 275 46.16 -16.79 -24.61
CA PRO G 275 46.32 -15.99 -25.83
C PRO G 275 47.67 -15.28 -25.84
N GLU G 276 48.51 -15.59 -26.83
CA GLU G 276 49.89 -15.07 -26.86
C GLU G 276 50.35 -14.71 -28.26
N ASP G 277 49.52 -15.01 -29.25
CA ASP G 277 49.88 -14.74 -30.63
C ASP G 277 48.64 -14.85 -31.51
N ASP G 278 48.86 -14.69 -32.81
CA ASP G 278 47.82 -14.61 -33.83
C ASP G 278 47.02 -15.88 -33.99
N SER G 279 47.64 -17.03 -33.71
CA SER G 279 46.99 -18.31 -33.94
C SER G 279 45.94 -18.66 -32.85
N TRP G 280 45.73 -17.76 -31.90
CA TRP G 280 44.75 -18.00 -30.86
C TRP G 280 43.34 -18.05 -31.43
N GLY G 281 42.63 -19.11 -31.11
CA GLY G 281 41.26 -19.23 -31.52
C GLY G 281 41.12 -19.57 -32.98
N ALA G 282 42.18 -20.10 -33.59
CA ALA G 282 42.09 -20.59 -34.96
C ALA G 282 41.13 -21.77 -35.01
N ASP G 283 40.40 -21.85 -36.11
CA ASP G 283 39.56 -22.99 -36.38
C ASP G 283 40.34 -24.05 -37.14
N VAL G 284 39.84 -25.28 -37.11
CA VAL G 284 40.43 -26.39 -37.83
C VAL G 284 39.82 -26.44 -39.25
N PRO G 285 40.67 -26.41 -40.31
CA PRO G 285 40.19 -26.35 -41.70
C PRO G 285 39.07 -27.34 -42.10
N GLU G 286 39.13 -28.57 -41.63
CA GLU G 286 38.08 -29.56 -41.89
C GLU G 286 36.73 -29.09 -41.40
N PHE G 287 36.72 -28.06 -40.55
CA PHE G 287 35.50 -27.63 -39.87
C PHE G 287 35.09 -26.24 -40.32
N TYR G 288 35.83 -25.67 -41.27
CA TYR G 288 35.45 -24.38 -41.83
C TYR G 288 34.06 -24.53 -42.46
N GLY G 289 33.23 -23.51 -42.33
CA GLY G 289 31.87 -23.53 -42.88
C GLY G 289 31.86 -23.49 -44.40
N LYS G 290 30.76 -23.97 -44.99
CA LYS G 290 30.57 -23.99 -46.41
C LYS G 290 29.45 -23.02 -46.80
N LEU G 291 29.78 -22.05 -47.65
CA LEU G 291 28.84 -21.05 -48.11
C LEU G 291 28.36 -21.39 -49.52
N THR G 292 27.05 -21.55 -49.69
CA THR G 292 26.51 -21.85 -51.01
C THR G 292 25.80 -20.61 -51.52
N THR G 293 26.07 -20.23 -52.77
CA THR G 293 25.49 -19.00 -53.31
C THR G 293 24.86 -19.30 -54.64
N ILE G 294 23.62 -18.86 -54.81
CA ILE G 294 22.93 -19.01 -56.10
C ILE G 294 22.61 -17.65 -56.70
N ARG G 295 23.26 -17.33 -57.82
CA ARG G 295 22.91 -16.13 -58.61
C ARG G 295 22.30 -16.64 -59.92
N GLY G 296 21.00 -16.45 -60.07
CA GLY G 296 20.27 -16.99 -61.21
C GLY G 296 20.26 -18.51 -61.22
N SER G 297 20.85 -19.10 -62.26
CA SER G 297 20.92 -20.56 -62.42
C SER G 297 22.28 -21.17 -62.05
N ASP G 298 23.24 -20.32 -61.68
CA ASP G 298 24.51 -20.80 -61.17
C ASP G 298 24.55 -21.02 -59.63
N LYS G 299 24.92 -22.24 -59.25
CA LYS G 299 25.14 -22.62 -57.86
C LYS G 299 26.63 -22.81 -57.64
N LYS G 300 27.19 -22.13 -56.64
CA LYS G 300 28.61 -22.27 -56.29
C LYS G 300 28.81 -22.49 -54.77
N THR G 301 29.77 -23.35 -54.41
CA THR G 301 30.14 -23.58 -53.00
C THR G 301 31.59 -23.20 -52.71
N GLU G 302 31.78 -22.54 -51.58
CA GLU G 302 33.04 -21.93 -51.21
C GLU G 302 33.27 -22.26 -49.74
N THR G 303 34.49 -22.66 -49.37
CA THR G 303 34.80 -22.92 -47.96
C THR G 303 35.36 -21.64 -47.36
N ILE G 304 34.80 -21.20 -46.24
CA ILE G 304 35.15 -19.93 -45.63
C ILE G 304 36.03 -20.11 -44.41
N PRO G 305 37.28 -19.61 -44.46
CA PRO G 305 38.13 -19.71 -43.26
C PRO G 305 37.47 -19.01 -42.08
N SER G 306 37.49 -19.60 -40.91
CA SER G 306 36.86 -18.96 -39.77
C SER G 306 37.67 -17.74 -39.34
N VAL G 307 36.99 -16.67 -38.93
CA VAL G 307 37.62 -15.58 -38.22
C VAL G 307 38.13 -16.18 -36.90
N ASN G 308 39.31 -15.80 -36.42
CA ASN G 308 39.77 -16.30 -35.15
C ASN G 308 38.85 -15.92 -33.99
N GLY G 309 38.60 -16.87 -33.10
CA GLY G 309 37.95 -16.58 -31.82
C GLY G 309 38.75 -15.59 -30.97
N SER G 310 38.05 -14.86 -30.11
CA SER G 310 38.66 -13.71 -29.50
C SER G 310 38.00 -13.36 -28.21
N TYR G 311 38.06 -14.27 -27.24
CA TYR G 311 37.48 -14.00 -25.91
C TYR G 311 38.09 -12.77 -25.25
N LEU G 312 39.38 -12.55 -25.41
CA LEU G 312 40.03 -11.33 -24.95
C LEU G 312 39.22 -10.05 -25.23
N THR G 313 38.59 -9.96 -26.40
CA THR G 313 37.90 -8.73 -26.84
C THR G 313 36.86 -8.30 -25.82
N TYR G 314 36.25 -9.27 -25.16
CA TYR G 314 35.27 -8.99 -24.15
C TYR G 314 35.87 -8.13 -23.04
N TYR G 315 37.01 -8.57 -22.51
CA TYR G 315 37.64 -7.89 -21.39
C TYR G 315 38.36 -6.64 -21.85
N ARG G 316 38.71 -6.57 -23.12
CA ARG G 316 39.24 -5.32 -23.67
C ARG G 316 38.17 -4.25 -23.62
N LYS G 317 36.96 -4.66 -23.97
CA LYS G 317 35.84 -3.77 -24.05
C LYS G 317 35.40 -3.35 -22.64
N ILE G 318 35.44 -4.29 -21.70
CA ILE G 318 35.07 -4.00 -20.33
C ILE G 318 35.93 -2.88 -19.76
N ALA G 319 37.24 -2.96 -19.98
CA ALA G 319 38.18 -1.96 -19.47
C ALA G 319 37.88 -0.60 -20.08
N GLU G 320 37.50 -0.61 -21.34
CA GLU G 320 37.20 0.63 -22.01
C GLU G 320 35.94 1.32 -21.51
N SER G 321 34.93 0.54 -21.16
CA SER G 321 33.76 1.10 -20.52
C SER G 321 34.11 1.66 -19.15
N ILE G 322 35.01 0.99 -18.44
CA ILE G 322 35.37 1.42 -17.11
C ILE G 322 36.14 2.71 -17.17
N ARG G 323 37.11 2.78 -18.05
CA ARG G 323 38.00 3.93 -18.09
C ARG G 323 37.50 5.08 -18.98
N GLU G 324 36.83 4.77 -20.08
CA GLU G 324 36.47 5.72 -21.13
CA GLU G 324 36.46 5.79 -21.06
C GLU G 324 34.96 5.93 -21.29
N GLY G 325 34.16 5.23 -20.50
CA GLY G 325 32.70 5.32 -20.65
C GLY G 325 32.09 4.65 -21.89
N ALA G 326 32.84 3.75 -22.53
CA ALA G 326 32.37 3.08 -23.76
C ALA G 326 31.22 2.09 -23.52
N ALA G 327 30.42 1.83 -24.54
CA ALA G 327 29.31 0.85 -24.42
C ALA G 327 29.82 -0.49 -23.95
N LEU G 328 29.17 -1.09 -22.95
CA LEU G 328 29.58 -2.41 -22.49
C LEU G 328 29.40 -3.41 -23.62
N PRO G 329 30.27 -4.43 -23.68
CA PRO G 329 30.19 -5.42 -24.75
C PRO G 329 28.95 -6.33 -24.66
N VAL G 330 28.47 -6.59 -23.45
CA VAL G 330 27.18 -7.26 -23.24
C VAL G 330 26.46 -6.51 -22.14
N THR G 331 25.27 -5.99 -22.42
CA THR G 331 24.55 -5.21 -21.42
C THR G 331 23.70 -6.10 -20.53
N ALA G 332 23.26 -5.55 -19.40
CA ALA G 332 22.36 -6.23 -18.48
C ALA G 332 21.04 -6.56 -19.18
N GLU G 333 20.52 -5.60 -19.94
CA GLU G 333 19.29 -5.84 -20.68
C GLU G 333 19.40 -7.06 -21.61
N GLU G 334 20.53 -7.21 -22.28
CA GLU G 334 20.71 -8.36 -23.16
C GLU G 334 20.72 -9.68 -22.36
N GLY G 335 21.35 -9.65 -21.19
CA GLY G 335 21.40 -10.81 -20.31
C GLY G 335 20.01 -11.18 -19.84
N ILE G 336 19.26 -10.16 -19.43
CA ILE G 336 17.88 -10.32 -19.02
C ILE G 336 17.05 -11.02 -20.11
N ASN G 337 17.23 -10.58 -21.36
CA ASN G 337 16.48 -11.14 -22.47
C ASN G 337 16.69 -12.63 -22.69
N VAL G 338 17.93 -13.08 -22.49
CA VAL G 338 18.22 -14.49 -22.63
C VAL G 338 17.34 -15.26 -21.65
N ILE G 339 17.21 -14.73 -20.45
CA ILE G 339 16.43 -15.36 -19.40
C ILE G 339 14.94 -15.29 -19.72
N ARG G 340 14.48 -14.19 -20.29
CA ARG G 340 13.11 -14.12 -20.79
C ARG G 340 12.81 -15.27 -21.77
N ILE G 341 13.71 -15.50 -22.73
CA ILE G 341 13.53 -16.59 -23.68
C ILE G 341 13.48 -17.93 -22.99
N ILE G 342 14.40 -18.15 -22.06
CA ILE G 342 14.47 -19.42 -21.32
C ILE G 342 13.18 -19.67 -20.53
N GLU G 343 12.72 -18.66 -19.81
CA GLU G 343 11.50 -18.81 -19.02
C GLU G 343 10.28 -19.10 -19.89
N ALA G 344 10.22 -18.44 -21.04
CA ALA G 344 9.13 -18.63 -22.00
C ALA G 344 9.19 -20.03 -22.61
N ALA G 345 10.40 -20.54 -22.83
CA ALA G 345 10.59 -21.91 -23.31
C ALA G 345 10.05 -22.91 -22.29
N MET G 346 10.58 -22.82 -21.06
CA MET G 346 10.16 -23.72 -19.98
C MET G 346 8.65 -23.74 -19.76
N GLU G 347 8.01 -22.57 -19.85
CA GLU G 347 6.55 -22.52 -19.62
C GLU G 347 5.76 -23.00 -20.84
N SER G 348 6.33 -22.82 -22.03
CA SER G 348 5.75 -23.36 -23.26
C SER G 348 5.74 -24.89 -23.24
N SER G 349 6.89 -25.45 -22.86
CA SER G 349 7.03 -26.90 -22.72
C SER G 349 6.05 -27.48 -21.69
N LYS G 350 5.88 -26.75 -20.59
CA LYS G 350 5.09 -27.18 -19.45
C LYS G 350 3.59 -27.07 -19.76
N GLU G 351 3.20 -26.08 -20.56
CA GLU G 351 1.79 -25.86 -20.88
C GLU G 351 1.39 -26.41 -22.24
N LYS G 352 2.39 -26.91 -22.98
CA LYS G 352 2.19 -27.55 -24.29
C LYS G 352 1.58 -26.60 -25.34
N ARG G 353 1.95 -25.32 -25.28
CA ARG G 353 1.50 -24.33 -26.25
C ARG G 353 2.59 -23.30 -26.51
N THR G 354 2.42 -22.54 -27.60
CA THR G 354 3.22 -21.36 -27.90
C THR G 354 2.94 -20.21 -26.91
N ILE G 355 4.00 -19.44 -26.60
CA ILE G 355 3.95 -18.36 -25.63
C ILE G 355 4.36 -17.05 -26.29
N MET G 356 3.38 -16.17 -26.47
CA MET G 356 3.61 -14.81 -26.95
C MET G 356 4.40 -13.99 -25.90
N LEU G 357 5.21 -13.05 -26.38
CA LEU G 357 6.11 -12.28 -25.50
C LEU G 357 5.62 -10.90 -25.07
N LYS H 11 -4.96 -69.94 -65.81
CA LYS H 11 -5.61 -69.13 -64.73
C LYS H 11 -4.86 -67.80 -64.43
N VAL H 12 -3.54 -67.87 -64.25
CA VAL H 12 -2.74 -66.67 -63.97
C VAL H 12 -2.29 -65.97 -65.28
N ASP H 13 -3.21 -65.15 -65.78
CA ASP H 13 -2.93 -64.25 -66.88
C ASP H 13 -2.33 -63.00 -66.23
N THR H 14 -1.71 -62.15 -67.03
CA THR H 14 -1.18 -60.87 -66.55
C THR H 14 -2.28 -60.04 -65.88
N ILE H 15 -1.90 -59.25 -64.88
CA ILE H 15 -2.83 -58.33 -64.25
C ILE H 15 -3.16 -57.19 -65.22
N LYS H 16 -4.45 -56.99 -65.48
CA LYS H 16 -4.90 -55.98 -66.43
C LYS H 16 -5.10 -54.62 -65.75
N VAL H 17 -4.34 -53.63 -66.22
CA VAL H 17 -4.25 -52.34 -65.53
C VAL H 17 -4.94 -51.20 -66.27
N GLY H 18 -5.72 -50.42 -65.53
CA GLY H 18 -6.17 -49.13 -65.98
C GLY H 18 -5.45 -48.02 -65.22
N ILE H 19 -4.76 -47.13 -65.94
CA ILE H 19 -4.15 -45.94 -65.35
C ILE H 19 -5.08 -44.72 -65.53
N LEU H 20 -5.37 -44.03 -64.43
CA LEU H 20 -6.13 -42.79 -64.50
C LEU H 20 -5.16 -41.63 -64.49
N GLY H 21 -5.12 -40.89 -65.59
CA GLY H 21 -4.18 -39.77 -65.76
C GLY H 21 -2.83 -40.18 -66.29
N TYR H 22 -2.35 -39.46 -67.30
CA TYR H 22 -1.02 -39.69 -67.85
C TYR H 22 -0.15 -38.44 -67.72
N GLY H 23 -0.15 -37.86 -66.51
CA GLY H 23 0.61 -36.65 -66.21
C GLY H 23 2.03 -36.96 -65.79
N LEU H 24 2.59 -36.17 -64.89
CA LEU H 24 3.89 -36.49 -64.39
C LEU H 24 3.83 -37.89 -63.76
N SER H 25 2.90 -38.12 -62.82
CA SER H 25 2.84 -39.41 -62.09
C SER H 25 2.67 -40.62 -62.99
N GLY H 26 1.61 -40.58 -63.79
CA GLY H 26 1.25 -41.74 -64.61
C GLY H 26 2.32 -42.10 -65.63
N SER H 27 2.93 -41.09 -66.25
CA SER H 27 3.82 -41.33 -67.38
C SER H 27 5.26 -41.56 -66.95
N VAL H 28 5.66 -40.95 -65.85
CA VAL H 28 7.05 -41.04 -65.43
C VAL H 28 7.24 -41.92 -64.19
N PHE H 29 6.33 -41.84 -63.23
CA PHE H 29 6.57 -42.54 -61.99
C PHE H 29 5.92 -43.91 -61.96
N HIS H 30 4.85 -44.09 -62.72
CA HIS H 30 4.15 -45.36 -62.66
C HIS H 30 4.36 -46.19 -63.89
N GLY H 31 4.04 -45.62 -65.05
CA GLY H 31 4.17 -46.30 -66.34
C GLY H 31 5.45 -47.09 -66.56
N PRO H 32 6.62 -46.43 -66.39
CA PRO H 32 7.88 -47.12 -66.68
C PRO H 32 8.16 -48.32 -65.77
N LEU H 33 7.85 -48.19 -64.48
CA LEU H 33 7.92 -49.32 -63.54
C LEU H 33 7.05 -50.48 -64.00
N LEU H 34 5.75 -50.24 -64.19
CA LEU H 34 4.84 -51.34 -64.60
C LEU H 34 5.27 -51.95 -65.92
N ASP H 35 5.84 -51.14 -66.79
CA ASP H 35 6.28 -51.60 -68.10
C ASP H 35 7.30 -52.74 -67.99
N VAL H 36 8.24 -52.63 -67.03
CA VAL H 36 9.31 -53.63 -66.94
C VAL H 36 8.87 -54.95 -66.29
N LEU H 37 7.75 -54.93 -65.58
CA LEU H 37 7.27 -56.12 -64.88
C LEU H 37 6.33 -56.97 -65.71
N ASP H 38 6.67 -58.25 -65.81
CA ASP H 38 5.93 -59.22 -66.61
C ASP H 38 4.53 -59.49 -66.08
N GLU H 39 4.35 -59.27 -64.78
CA GLU H 39 3.08 -59.47 -64.10
C GLU H 39 1.91 -58.60 -64.60
N TYR H 40 2.23 -57.54 -65.33
CA TYR H 40 1.29 -56.45 -65.59
C TYR H 40 1.12 -56.18 -67.07
N GLN H 41 -0.12 -55.91 -67.45
CA GLN H 41 -0.45 -55.44 -68.78
C GLN H 41 -1.25 -54.14 -68.68
N ILE H 42 -0.84 -53.12 -69.41
CA ILE H 42 -1.59 -51.87 -69.44
C ILE H 42 -2.63 -51.89 -70.56
N SER H 43 -3.90 -51.93 -70.18
CA SER H 43 -4.99 -52.03 -71.14
C SER H 43 -5.56 -50.67 -71.46
N LYS H 44 -5.52 -49.75 -70.51
CA LYS H 44 -6.20 -48.47 -70.68
C LYS H 44 -5.60 -47.35 -69.84
N ILE H 45 -5.57 -46.16 -70.43
CA ILE H 45 -5.15 -44.93 -69.77
C ILE H 45 -6.19 -43.83 -70.05
N MET H 46 -6.67 -43.19 -68.99
CA MET H 46 -7.61 -42.06 -69.10
C MET H 46 -6.78 -40.79 -69.17
N THR H 47 -6.64 -40.25 -70.37
CA THR H 47 -5.87 -39.03 -70.58
C THR H 47 -6.28 -38.38 -71.88
N SER H 48 -5.94 -37.10 -72.05
CA SER H 48 -6.17 -36.42 -73.32
C SER H 48 -4.92 -36.53 -74.22
N ARG H 49 -3.81 -36.93 -73.62
CA ARG H 49 -2.50 -37.02 -74.28
C ARG H 49 -2.35 -38.33 -75.07
N THR H 50 -3.07 -38.42 -76.19
CA THR H 50 -3.15 -39.64 -76.99
C THR H 50 -1.84 -40.03 -77.65
N GLU H 51 -1.06 -39.02 -78.08
CA GLU H 51 0.21 -39.25 -78.78
C GLU H 51 1.21 -39.95 -77.89
N GLU H 52 1.26 -39.52 -76.64
CA GLU H 52 2.25 -40.00 -75.69
C GLU H 52 1.97 -41.45 -75.24
N VAL H 53 0.70 -41.84 -75.22
CA VAL H 53 0.33 -43.22 -74.87
C VAL H 53 0.62 -44.20 -76.01
N LYS H 54 0.24 -43.80 -77.22
CA LYS H 54 0.60 -44.55 -78.43
C LYS H 54 2.09 -44.88 -78.43
N ARG H 55 2.91 -43.92 -78.04
CA ARG H 55 4.35 -44.09 -78.02
C ARG H 55 4.80 -45.14 -76.99
N ASP H 56 4.63 -44.83 -75.70
CA ASP H 56 5.06 -45.70 -74.59
C ASP H 56 4.38 -47.07 -74.59
N PHE H 57 3.08 -47.08 -74.86
CA PHE H 57 2.28 -48.30 -74.84
C PHE H 57 1.45 -48.48 -76.12
N PRO H 58 2.04 -49.13 -77.14
CA PRO H 58 1.36 -49.33 -78.42
C PRO H 58 0.05 -50.11 -78.33
N ASP H 59 -0.04 -51.10 -77.45
CA ASP H 59 -1.26 -51.93 -77.35
C ASP H 59 -2.31 -51.39 -76.38
N ALA H 60 -1.96 -50.32 -75.66
CA ALA H 60 -2.91 -49.69 -74.74
C ALA H 60 -3.93 -48.84 -75.49
N GLU H 61 -5.14 -48.79 -74.94
CA GLU H 61 -6.23 -48.00 -75.47
C GLU H 61 -6.34 -46.71 -74.67
N VAL H 62 -6.62 -45.62 -75.35
CA VAL H 62 -6.77 -44.33 -74.69
C VAL H 62 -8.25 -43.98 -74.54
N VAL H 63 -8.66 -43.64 -73.32
CA VAL H 63 -10.03 -43.28 -73.00
C VAL H 63 -10.10 -41.88 -72.42
N HIS H 64 -11.29 -41.29 -72.41
CA HIS H 64 -11.45 -39.89 -72.00
C HIS H 64 -12.47 -39.69 -70.86
N GLU H 65 -13.44 -40.59 -70.79
CA GLU H 65 -14.40 -40.57 -69.69
C GLU H 65 -14.07 -41.71 -68.75
N LEU H 66 -14.24 -41.48 -67.46
CA LEU H 66 -13.84 -42.45 -66.44
C LEU H 66 -14.55 -43.81 -66.53
N GLU H 67 -15.83 -43.78 -66.94
CA GLU H 67 -16.71 -44.96 -66.96
C GLU H 67 -16.22 -46.05 -67.90
N GLU H 68 -15.28 -45.69 -68.76
CA GLU H 68 -14.70 -46.62 -69.71
C GLU H 68 -13.81 -47.65 -69.03
N ILE H 69 -13.21 -47.25 -67.89
CA ILE H 69 -12.42 -48.17 -67.07
C ILE H 69 -13.30 -48.93 -66.09
N THR H 70 -14.11 -48.19 -65.35
CA THR H 70 -14.92 -48.76 -64.27
C THR H 70 -15.94 -49.76 -64.79
N ASN H 71 -16.57 -49.47 -65.92
CA ASN H 71 -17.54 -50.39 -66.49
C ASN H 71 -16.92 -51.49 -67.39
N ASP H 72 -15.58 -51.55 -67.41
CA ASP H 72 -14.88 -52.59 -68.16
C ASP H 72 -14.53 -53.78 -67.25
N PRO H 73 -15.17 -54.95 -67.47
CA PRO H 73 -14.97 -56.13 -66.63
C PRO H 73 -13.55 -56.73 -66.66
N ALA H 74 -12.78 -56.47 -67.73
CA ALA H 74 -11.42 -57.00 -67.88
C ALA H 74 -10.41 -56.35 -66.93
N ILE H 75 -10.56 -55.05 -66.66
CA ILE H 75 -9.63 -54.29 -65.80
C ILE H 75 -9.67 -54.77 -64.34
N GLU H 76 -8.51 -55.17 -63.83
CA GLU H 76 -8.41 -55.74 -62.49
C GLU H 76 -7.96 -54.67 -61.49
N LEU H 77 -6.98 -53.87 -61.91
CA LEU H 77 -6.32 -52.87 -61.07
C LEU H 77 -6.33 -51.49 -61.70
N VAL H 78 -6.63 -50.48 -60.90
CA VAL H 78 -6.62 -49.11 -61.39
C VAL H 78 -5.58 -48.32 -60.64
N ILE H 79 -4.79 -47.54 -61.36
CA ILE H 79 -3.81 -46.64 -60.75
C ILE H 79 -4.35 -45.23 -60.81
N VAL H 80 -4.66 -44.66 -59.66
CA VAL H 80 -5.22 -43.31 -59.64
C VAL H 80 -4.09 -42.28 -59.48
N THR H 81 -3.84 -41.54 -60.56
CA THR H 81 -2.74 -40.57 -60.61
C THR H 81 -3.15 -39.13 -61.01
N THR H 82 -4.44 -38.96 -61.30
CA THR H 82 -5.10 -37.65 -61.48
C THR H 82 -4.91 -36.73 -60.24
N PRO H 83 -5.14 -35.41 -60.40
CA PRO H 83 -4.75 -34.53 -59.27
C PRO H 83 -5.43 -34.87 -57.94
N SER H 84 -4.72 -34.62 -56.85
CA SER H 84 -5.13 -34.94 -55.48
C SER H 84 -6.58 -34.63 -55.12
N GLY H 85 -7.06 -33.44 -55.53
CA GLY H 85 -8.41 -33.01 -55.21
C GLY H 85 -9.47 -33.89 -55.84
N LEU H 86 -9.03 -34.85 -56.64
CA LEU H 86 -9.90 -35.74 -57.39
C LEU H 86 -9.67 -37.22 -57.00
N HIS H 87 -8.65 -37.45 -56.17
CA HIS H 87 -8.32 -38.81 -55.69
C HIS H 87 -9.53 -39.53 -55.13
N TYR H 88 -10.26 -38.87 -54.22
CA TYR H 88 -11.48 -39.43 -53.61
C TYR H 88 -12.53 -39.88 -54.63
N GLU H 89 -12.92 -39.01 -55.54
CA GLU H 89 -13.93 -39.34 -56.54
C GLU H 89 -13.60 -40.59 -57.37
N HIS H 90 -12.42 -40.61 -58.00
CA HIS H 90 -12.06 -41.71 -58.89
C HIS H 90 -11.84 -43.01 -58.13
N THR H 91 -11.10 -42.95 -57.03
CA THR H 91 -10.94 -44.10 -56.15
C THR H 91 -12.30 -44.71 -55.75
N MET H 92 -13.21 -43.88 -55.25
CA MET H 92 -14.50 -44.37 -54.76
C MET H 92 -15.35 -44.98 -55.86
N ALA H 93 -15.22 -44.46 -57.08
CA ALA H 93 -15.90 -45.05 -58.23
C ALA H 93 -15.36 -46.45 -58.54
N CYS H 94 -14.05 -46.59 -58.57
CA CYS H 94 -13.38 -47.87 -58.75
C CYS H 94 -13.80 -48.94 -57.75
N ILE H 95 -13.78 -48.59 -56.46
CA ILE H 95 -14.19 -49.52 -55.41
C ILE H 95 -15.63 -50.02 -55.62
N GLN H 96 -16.57 -49.08 -55.77
CA GLN H 96 -17.96 -49.42 -56.05
C GLN H 96 -18.12 -50.24 -57.34
N ALA H 97 -17.21 -50.04 -58.28
CA ALA H 97 -17.21 -50.79 -59.53
C ALA H 97 -16.45 -52.11 -59.44
N GLY H 98 -15.83 -52.39 -58.28
CA GLY H 98 -15.19 -53.68 -57.99
C GLY H 98 -13.74 -53.83 -58.43
N LYS H 99 -12.96 -52.75 -58.42
CA LYS H 99 -11.58 -52.84 -58.84
C LYS H 99 -10.62 -52.68 -57.66
N HIS H 100 -9.45 -53.30 -57.75
CA HIS H 100 -8.37 -53.01 -56.81
C HIS H 100 -7.79 -51.63 -57.12
N VAL H 101 -7.41 -50.87 -56.09
CA VAL H 101 -6.94 -49.51 -56.32
C VAL H 101 -5.60 -49.16 -55.70
N VAL H 102 -4.72 -48.60 -56.51
CA VAL H 102 -3.54 -47.88 -56.00
C VAL H 102 -3.74 -46.37 -56.14
N MET H 103 -3.85 -45.67 -55.02
CA MET H 103 -3.93 -44.20 -55.02
C MET H 103 -2.53 -43.59 -54.94
N GLU H 104 -2.28 -42.54 -55.71
CA GLU H 104 -1.07 -41.72 -55.46
C GLU H 104 -1.16 -41.02 -54.11
N LYS H 105 -0.01 -40.64 -53.56
CA LYS H 105 0.00 -39.77 -52.40
C LYS H 105 -0.18 -38.31 -52.85
N PRO H 106 -0.73 -37.45 -51.96
CA PRO H 106 -1.28 -37.80 -50.66
C PRO H 106 -2.64 -38.50 -50.83
N MET H 107 -2.94 -39.43 -49.94
CA MET H 107 -4.20 -40.17 -50.00
C MET H 107 -5.37 -39.24 -50.39
N THR H 108 -5.80 -38.42 -49.43
CA THR H 108 -6.91 -37.48 -49.60
C THR H 108 -6.64 -36.36 -48.60
N ALA H 109 -7.51 -35.36 -48.53
CA ALA H 109 -7.27 -34.21 -47.64
C ALA H 109 -7.57 -34.47 -46.14
N THR H 110 -8.53 -35.34 -45.86
CA THR H 110 -8.87 -35.70 -44.46
C THR H 110 -8.86 -37.21 -44.22
N ALA H 111 -8.63 -37.57 -42.96
CA ALA H 111 -8.68 -38.96 -42.50
C ALA H 111 -10.09 -39.54 -42.51
N GLU H 112 -11.12 -38.73 -42.28
CA GLU H 112 -12.52 -39.19 -42.41
C GLU H 112 -12.82 -39.65 -43.86
N GLU H 113 -12.31 -38.91 -44.85
CA GLU H 113 -12.41 -39.30 -46.27
C GLU H 113 -11.71 -40.63 -46.50
N GLY H 114 -10.51 -40.75 -45.96
CA GLY H 114 -9.74 -41.98 -46.09
C GLY H 114 -10.37 -43.20 -45.41
N GLU H 115 -11.01 -42.97 -44.27
CA GLU H 115 -11.76 -44.01 -43.56
C GLU H 115 -12.90 -44.52 -44.43
N THR H 116 -13.59 -43.61 -45.13
CA THR H 116 -14.75 -43.98 -45.93
C THR H 116 -14.35 -44.88 -47.12
N LEU H 117 -13.27 -44.53 -47.80
CA LEU H 117 -12.72 -45.40 -48.83
C LEU H 117 -12.35 -46.78 -48.29
N LYS H 118 -11.63 -46.83 -47.18
CA LYS H 118 -11.22 -48.10 -46.59
C LYS H 118 -12.44 -48.95 -46.27
N ARG H 119 -13.48 -48.34 -45.72
CA ARG H 119 -14.69 -49.09 -45.40
C ARG H 119 -15.35 -49.64 -46.65
N ALA H 120 -15.45 -48.82 -47.69
CA ALA H 120 -16.01 -49.25 -48.97
C ALA H 120 -15.19 -50.38 -49.60
N ALA H 121 -13.87 -50.22 -49.54
CA ALA H 121 -12.93 -51.21 -50.07
C ALA H 121 -13.14 -52.53 -49.38
N ASP H 122 -13.25 -52.49 -48.05
CA ASP H 122 -13.46 -53.70 -47.26
C ASP H 122 -14.84 -54.32 -47.40
N GLU H 123 -15.88 -53.49 -47.55
CA GLU H 123 -17.24 -54.00 -47.76
C GLU H 123 -17.47 -54.53 -49.19
N LYS H 124 -16.61 -54.13 -50.12
CA LYS H 124 -16.66 -54.64 -51.51
C LYS H 124 -15.57 -55.70 -51.76
N GLY H 125 -14.75 -55.97 -50.74
CA GLY H 125 -13.71 -56.99 -50.81
C GLY H 125 -12.69 -56.79 -51.91
N VAL H 126 -12.19 -55.57 -52.04
CA VAL H 126 -11.15 -55.27 -53.00
C VAL H 126 -9.94 -54.62 -52.29
N LEU H 127 -8.79 -54.67 -52.95
CA LEU H 127 -7.56 -54.13 -52.36
C LEU H 127 -7.37 -52.65 -52.66
N LEU H 128 -7.13 -51.90 -51.60
CA LEU H 128 -6.87 -50.49 -51.66
C LEU H 128 -5.50 -50.22 -51.10
N SER H 129 -4.65 -49.56 -51.88
CA SER H 129 -3.31 -49.19 -51.42
C SER H 129 -2.93 -47.74 -51.85
N VAL H 130 -2.07 -47.11 -51.05
CA VAL H 130 -1.53 -45.79 -51.35
C VAL H 130 -0.07 -45.96 -51.74
N TYR H 131 0.38 -45.24 -52.77
CA TYR H 131 1.71 -45.38 -53.32
C TYR H 131 2.76 -44.58 -52.52
N HIS H 132 2.97 -44.98 -51.27
CA HIS H 132 4.07 -44.47 -50.47
C HIS H 132 5.39 -45.19 -50.77
N ASN H 133 5.98 -44.90 -51.91
CA ASN H 133 7.13 -45.67 -52.36
C ASN H 133 8.49 -45.27 -51.72
N ARG H 134 8.48 -44.19 -50.95
CA ARG H 134 9.69 -43.75 -50.28
C ARG H 134 10.12 -44.73 -49.20
N ARG H 135 9.32 -45.78 -48.98
CA ARG H 135 9.77 -46.88 -48.16
C ARG H 135 10.85 -47.67 -48.84
N TRP H 136 11.00 -47.46 -50.15
CA TRP H 136 12.04 -48.14 -50.91
C TRP H 136 13.11 -47.21 -51.51
N ASP H 137 13.27 -46.03 -50.92
CA ASP H 137 14.40 -45.16 -51.23
C ASP H 137 15.66 -45.79 -50.67
N ASN H 138 16.80 -45.57 -51.37
CA ASN H 138 18.10 -46.09 -50.90
C ASN H 138 18.44 -45.72 -49.45
N ASP H 139 18.35 -44.45 -49.12
CA ASP H 139 18.65 -44.02 -47.77
C ASP H 139 17.76 -44.70 -46.71
N PHE H 140 16.45 -44.72 -46.94
CA PHE H 140 15.53 -45.32 -45.98
C PHE H 140 15.69 -46.83 -45.84
N LEU H 141 15.95 -47.52 -46.96
CA LEU H 141 16.31 -48.94 -46.92
C LEU H 141 17.57 -49.18 -46.09
N THR H 142 18.53 -48.26 -46.19
CA THR H 142 19.76 -48.33 -45.44
C THR H 142 19.48 -48.14 -43.94
N ILE H 143 18.61 -47.18 -43.63
CA ILE H 143 18.23 -46.96 -42.26
C ILE H 143 17.61 -48.20 -41.66
N LYS H 144 16.62 -48.78 -42.34
CA LYS H 144 16.04 -50.05 -41.90
C LYS H 144 17.05 -51.19 -41.70
N LYS H 145 17.98 -51.33 -42.63
CA LYS H 145 19.02 -52.34 -42.52
C LYS H 145 19.89 -52.11 -41.28
N LEU H 146 20.27 -50.87 -41.02
CA LEU H 146 21.02 -50.56 -39.81
C LEU H 146 20.24 -50.88 -38.52
N ILE H 147 19.00 -50.39 -38.42
CA ILE H 147 18.13 -50.73 -37.30
C ILE H 147 18.04 -52.23 -37.09
N SER H 148 17.75 -52.99 -38.15
CA SER H 148 17.58 -54.43 -37.95
C SER H 148 18.86 -55.18 -37.60
N GLU H 149 20.03 -54.59 -37.86
CA GLU H 149 21.32 -55.22 -37.47
C GLU H 149 21.83 -54.76 -36.11
N GLY H 150 20.98 -54.06 -35.36
CA GLY H 150 21.37 -53.52 -34.07
C GLY H 150 22.45 -52.45 -34.13
N SER H 151 22.48 -51.68 -35.20
CA SER H 151 23.45 -50.60 -35.33
C SER H 151 22.91 -49.25 -34.86
N LEU H 152 21.58 -49.14 -34.77
CA LEU H 152 20.91 -47.96 -34.29
C LEU H 152 19.93 -48.31 -33.17
N GLU H 153 20.44 -48.83 -32.06
CA GLU H 153 19.58 -49.24 -30.96
C GLU H 153 19.00 -48.02 -30.23
N ASP H 154 17.73 -48.12 -29.83
CA ASP H 154 17.17 -47.21 -28.84
C ASP H 154 17.24 -45.74 -29.32
N ILE H 155 16.63 -45.48 -30.46
CA ILE H 155 16.68 -44.15 -31.06
C ILE H 155 15.97 -43.12 -30.17
N ASN H 156 16.69 -42.03 -29.85
CA ASN H 156 16.08 -40.93 -29.08
C ASN H 156 15.67 -39.74 -29.94
N THR H 157 16.42 -39.48 -31.01
CA THR H 157 16.14 -38.34 -31.84
C THR H 157 16.19 -38.73 -33.30
N TYR H 158 15.15 -38.36 -34.04
CA TYR H 158 15.06 -38.64 -35.46
C TYR H 158 14.68 -37.33 -36.17
N GLN H 159 15.65 -36.71 -36.84
CA GLN H 159 15.42 -35.47 -37.59
C GLN H 159 15.56 -35.69 -39.11
N VAL H 160 14.52 -35.32 -39.84
CA VAL H 160 14.50 -35.49 -41.28
C VAL H 160 14.23 -34.15 -41.92
N SER H 161 15.11 -33.69 -42.78
CA SER H 161 14.89 -32.44 -43.51
C SER H 161 14.52 -32.74 -44.97
N TYR H 162 13.63 -31.94 -45.56
CA TYR H 162 13.19 -32.12 -46.94
C TYR H 162 12.97 -30.72 -47.54
N ASN H 163 14.08 -30.10 -47.93
CA ASN H 163 14.14 -28.73 -48.39
C ASN H 163 14.20 -28.65 -49.91
N ARG H 164 13.99 -27.46 -50.45
CA ARG H 164 14.16 -27.18 -51.88
C ARG H 164 14.50 -25.70 -52.06
N TYR H 165 15.07 -25.39 -53.21
CA TYR H 165 15.29 -23.99 -53.54
C TYR H 165 14.38 -23.55 -54.66
N ARG H 166 13.18 -23.10 -54.31
CA ARG H 166 12.23 -22.58 -55.29
C ARG H 166 11.74 -21.19 -54.91
N PRO H 167 12.61 -20.17 -55.02
CA PRO H 167 12.21 -18.85 -54.54
C PRO H 167 11.05 -18.26 -55.36
N GLU H 168 11.04 -18.49 -56.67
CA GLU H 168 9.98 -17.96 -57.51
C GLU H 168 8.75 -18.86 -57.38
N VAL H 169 7.58 -18.24 -57.31
CA VAL H 169 6.31 -18.94 -57.05
C VAL H 169 5.63 -19.36 -58.37
N GLN H 170 4.97 -20.52 -58.37
CA GLN H 170 4.24 -21.03 -59.55
C GLN H 170 3.18 -20.04 -60.09
N ALA H 180 -5.64 -30.13 -50.88
CA ALA H 180 -4.47 -30.88 -50.43
C ALA H 180 -3.14 -30.51 -51.15
N THR H 181 -2.94 -29.22 -51.45
CA THR H 181 -1.70 -28.73 -52.05
C THR H 181 -0.69 -28.30 -50.99
N GLY H 182 0.48 -27.87 -51.43
CA GLY H 182 1.51 -27.43 -50.51
C GLY H 182 2.46 -28.55 -50.14
N THR H 183 3.60 -28.14 -49.59
CA THR H 183 4.72 -29.06 -49.37
C THR H 183 4.49 -30.08 -48.24
N LEU H 184 3.61 -29.75 -47.29
CA LEU H 184 3.32 -30.69 -46.22
C LEU H 184 2.62 -31.92 -46.79
N TYR H 185 1.64 -31.71 -47.65
CA TYR H 185 0.98 -32.81 -48.36
C TYR H 185 1.90 -33.47 -49.37
N ASP H 186 2.58 -32.65 -50.17
CA ASP H 186 3.37 -33.16 -51.30
C ASP H 186 4.64 -33.81 -50.78
N LEU H 187 5.46 -33.07 -50.03
CA LEU H 187 6.74 -33.62 -49.55
C LEU H 187 6.69 -34.25 -48.14
N GLY H 188 5.99 -33.60 -47.20
CA GLY H 188 6.01 -34.04 -45.80
C GLY H 188 5.44 -35.44 -45.62
N SER H 189 4.41 -35.73 -46.42
CA SER H 189 3.77 -37.02 -46.35
C SER H 189 4.75 -38.17 -46.56
N HIS H 190 5.75 -37.99 -47.44
CA HIS H 190 6.79 -39.01 -47.60
C HIS H 190 7.51 -39.32 -46.29
N ILE H 191 8.02 -38.30 -45.63
CA ILE H 191 8.84 -38.55 -44.45
C ILE H 191 7.99 -38.88 -43.20
N ILE H 192 6.72 -38.49 -43.24
CA ILE H 192 5.83 -38.83 -42.16
C ILE H 192 5.62 -40.32 -42.26
N ASP H 193 5.20 -40.78 -43.45
CA ASP H 193 4.99 -42.21 -43.66
C ASP H 193 6.18 -43.01 -43.16
N GLN H 194 7.39 -42.60 -43.55
CA GLN H 194 8.64 -43.23 -43.08
C GLN H 194 8.71 -43.33 -41.55
N THR H 195 8.53 -42.19 -40.89
CA THR H 195 8.51 -42.13 -39.43
C THR H 195 7.49 -43.12 -38.82
N LEU H 196 6.27 -43.13 -39.36
CA LEU H 196 5.24 -44.03 -38.85
C LEU H 196 5.64 -45.49 -39.03
N HIS H 197 6.28 -45.79 -40.15
CA HIS H 197 6.80 -47.12 -40.40
C HIS H 197 7.87 -47.56 -39.39
N LEU H 198 8.80 -46.68 -39.03
CA LEU H 198 9.81 -46.99 -38.03
C LEU H 198 9.29 -47.13 -36.61
N PHE H 199 8.33 -46.27 -36.23
CA PHE H 199 8.02 -46.00 -34.81
C PHE H 199 6.58 -46.10 -34.34
N GLY H 200 5.63 -46.32 -35.26
CA GLY H 200 4.21 -46.28 -34.90
C GLY H 200 3.71 -44.84 -34.75
N MET H 201 2.52 -44.68 -34.17
CA MET H 201 1.91 -43.36 -33.96
C MET H 201 2.42 -42.66 -32.69
N PRO H 202 2.73 -41.36 -32.77
CA PRO H 202 3.19 -40.63 -31.60
C PRO H 202 2.02 -40.26 -30.70
N LYS H 203 2.27 -39.75 -29.51
CA LYS H 203 1.13 -39.24 -28.74
C LYS H 203 0.63 -37.86 -29.15
N ALA H 204 1.49 -37.04 -29.75
CA ALA H 204 1.14 -35.65 -30.06
C ALA H 204 1.98 -35.07 -31.17
N VAL H 205 1.46 -34.03 -31.82
CA VAL H 205 2.17 -33.32 -32.88
C VAL H 205 2.19 -31.85 -32.52
N THR H 206 3.36 -31.22 -32.63
CA THR H 206 3.49 -29.76 -32.52
C THR H 206 4.08 -29.24 -33.81
N ALA H 207 3.42 -28.28 -34.44
CA ALA H 207 3.84 -27.87 -35.76
C ALA H 207 3.72 -26.39 -36.01
N ASN H 208 4.55 -25.92 -36.93
CA ASN H 208 4.39 -24.64 -37.54
C ASN H 208 4.40 -24.94 -39.03
N VAL H 209 3.37 -24.45 -39.68
CA VAL H 209 3.12 -24.71 -41.08
C VAL H 209 2.87 -23.32 -41.64
N MET H 210 3.73 -22.87 -42.55
CA MET H 210 3.56 -21.52 -43.11
C MET H 210 3.77 -21.40 -44.62
N ALA H 211 3.68 -20.17 -45.08
CA ALA H 211 4.02 -19.78 -46.43
C ALA H 211 5.07 -18.70 -46.30
N GLN H 212 6.33 -19.09 -46.39
CA GLN H 212 7.46 -18.17 -46.23
C GLN H 212 7.68 -17.25 -47.41
N ARG H 213 7.51 -17.75 -48.63
CA ARG H 213 7.77 -16.92 -49.81
C ARG H 213 6.83 -15.72 -49.88
N GLU H 214 7.34 -14.61 -50.40
CA GLU H 214 6.70 -13.29 -50.23
C GLU H 214 5.24 -13.16 -50.68
N ASN H 215 4.85 -13.88 -51.74
CA ASN H 215 3.46 -13.78 -52.23
C ASN H 215 2.68 -15.08 -52.14
N ALA H 216 3.23 -16.03 -51.39
CA ALA H 216 2.71 -17.39 -51.33
C ALA H 216 1.33 -17.48 -50.70
N GLU H 217 0.45 -18.22 -51.38
CA GLU H 217 -0.85 -18.56 -50.85
C GLU H 217 -0.81 -20.00 -50.29
N THR H 218 0.16 -20.79 -50.74
CA THR H 218 0.21 -22.20 -50.41
C THR H 218 1.30 -22.51 -49.38
N VAL H 219 1.18 -23.66 -48.72
CA VAL H 219 2.18 -24.09 -47.77
C VAL H 219 3.49 -24.39 -48.52
N ASP H 220 4.58 -23.75 -48.06
CA ASP H 220 5.92 -23.96 -48.59
C ASP H 220 6.94 -24.12 -47.46
N TYR H 221 6.45 -24.36 -46.25
CA TYR H 221 7.31 -24.48 -45.08
C TYR H 221 6.61 -25.28 -44.01
N PHE H 222 7.32 -26.23 -43.42
CA PHE H 222 6.76 -26.92 -42.27
C PHE H 222 7.81 -27.37 -41.25
N HIS H 223 7.37 -27.50 -40.00
CA HIS H 223 8.24 -28.02 -38.98
C HIS H 223 7.41 -28.80 -37.99
N LEU H 224 7.55 -30.12 -38.02
CA LEU H 224 6.72 -31.00 -37.21
C LEU H 224 7.52 -31.68 -36.14
N THR H 225 7.06 -31.59 -34.89
CA THR H 225 7.56 -32.50 -33.86
C THR H 225 6.51 -33.58 -33.55
N LEU H 226 6.91 -34.84 -33.72
CA LEU H 226 6.13 -36.00 -33.32
C LEU H 226 6.61 -36.47 -31.96
N ASP H 227 5.75 -36.35 -30.95
CA ASP H 227 6.06 -36.71 -29.57
C ASP H 227 5.95 -38.23 -29.35
N TYR H 228 7.07 -38.90 -29.10
CA TYR H 228 7.09 -40.33 -28.79
C TYR H 228 7.65 -40.57 -27.39
N GLY H 229 7.47 -39.60 -26.49
CA GLY H 229 8.06 -39.69 -25.16
C GLY H 229 9.54 -39.31 -25.15
N LYS H 230 10.39 -40.27 -24.82
CA LYS H 230 11.83 -40.07 -24.85
C LYS H 230 12.27 -39.77 -26.30
N LEU H 231 11.71 -40.53 -27.25
CA LEU H 231 11.97 -40.34 -28.68
C LEU H 231 11.25 -39.11 -29.21
N GLN H 232 11.99 -38.26 -29.90
CA GLN H 232 11.43 -37.06 -30.51
C GLN H 232 11.72 -37.14 -32.00
N ALA H 233 10.70 -37.01 -32.82
CA ALA H 233 10.95 -37.03 -34.24
C ALA H 233 10.63 -35.66 -34.82
N ILE H 234 11.63 -35.06 -35.48
CA ILE H 234 11.47 -33.73 -36.08
C ILE H 234 11.49 -33.88 -37.59
N LEU H 235 10.48 -33.32 -38.24
CA LEU H 235 10.35 -33.36 -39.69
C LEU H 235 10.11 -31.94 -40.19
N TYR H 236 10.95 -31.48 -41.11
CA TYR H 236 10.84 -30.13 -41.59
C TYR H 236 11.36 -29.94 -43.00
N GLY H 237 11.01 -28.81 -43.59
CA GLY H 237 11.50 -28.42 -44.91
C GLY H 237 11.03 -27.03 -45.25
N GLY H 238 11.89 -26.26 -45.89
CA GLY H 238 11.51 -24.96 -46.40
C GLY H 238 11.69 -24.96 -47.91
N SER H 239 11.43 -23.79 -48.51
CA SER H 239 11.43 -23.65 -49.98
C SER H 239 12.35 -22.51 -50.47
N ILE H 240 13.01 -21.83 -49.52
CA ILE H 240 14.12 -20.93 -49.81
C ILE H 240 15.39 -21.48 -49.13
N VAL H 241 15.87 -22.63 -49.60
CA VAL H 241 17.05 -23.29 -49.02
C VAL H 241 18.12 -23.60 -50.09
N PRO H 242 19.10 -22.70 -50.25
CA PRO H 242 20.13 -22.91 -51.27
C PRO H 242 20.94 -24.22 -51.11
N ALA H 243 21.21 -24.64 -49.88
CA ALA H 243 21.99 -25.87 -49.64
C ALA H 243 21.34 -26.63 -48.53
N ASN H 244 21.17 -27.93 -48.75
CA ASN H 244 20.60 -28.78 -47.73
C ASN H 244 21.68 -29.22 -46.76
N GLY H 245 21.31 -29.31 -45.49
CA GLY H 245 22.11 -29.98 -44.50
C GLY H 245 21.75 -31.44 -44.66
N PRO H 246 22.16 -32.26 -43.69
CA PRO H 246 21.84 -33.68 -43.76
C PRO H 246 20.36 -33.91 -43.97
N ARG H 247 19.98 -34.92 -44.75
CA ARG H 247 18.58 -35.29 -44.83
C ARG H 247 18.12 -36.04 -43.57
N TYR H 248 18.98 -36.90 -43.04
CA TYR H 248 18.71 -37.67 -41.83
C TYR H 248 19.77 -37.44 -40.77
N GLN H 249 19.34 -37.05 -39.57
CA GLN H 249 20.20 -37.09 -38.38
C GLN H 249 19.50 -38.02 -37.42
N ILE H 250 20.15 -39.14 -37.09
CA ILE H 250 19.49 -40.10 -36.23
C ILE H 250 20.36 -40.42 -35.00
N HIS H 251 19.82 -40.21 -33.80
CA HIS H 251 20.58 -40.52 -32.60
C HIS H 251 19.94 -41.59 -31.76
N GLY H 252 20.77 -42.55 -31.39
CA GLY H 252 20.41 -43.61 -30.45
C GLY H 252 21.40 -43.62 -29.30
N LYS H 253 21.45 -44.71 -28.56
CA LYS H 253 22.07 -44.68 -27.25
C LYS H 253 23.58 -44.79 -27.28
N ASP H 254 24.13 -45.27 -28.38
CA ASP H 254 25.57 -45.23 -28.54
C ASP H 254 26.03 -45.20 -29.99
N SER H 255 25.11 -44.85 -30.90
CA SER H 255 25.47 -44.56 -32.29
C SER H 255 24.60 -43.47 -32.90
N SER H 256 25.12 -42.82 -33.94
CA SER H 256 24.41 -41.82 -34.74
C SER H 256 24.60 -42.15 -36.20
N PHE H 257 23.63 -41.77 -37.03
CA PHE H 257 23.74 -41.91 -38.46
C PHE H 257 23.33 -40.58 -39.06
N ILE H 258 24.23 -39.99 -39.83
CA ILE H 258 24.00 -38.69 -40.46
C ILE H 258 24.17 -38.84 -41.96
N LYS H 259 23.19 -38.43 -42.75
CA LYS H 259 23.25 -38.70 -44.19
C LYS H 259 22.66 -37.60 -45.02
N TYR H 260 23.36 -37.28 -46.10
CA TYR H 260 23.00 -36.21 -47.02
C TYR H 260 22.43 -36.86 -48.27
N GLY H 261 21.81 -36.05 -49.13
CA GLY H 261 21.41 -36.49 -50.43
C GLY H 261 19.97 -36.97 -50.54
N ILE H 262 19.63 -37.40 -51.75
CA ILE H 262 18.28 -37.74 -52.11
C ILE H 262 18.38 -38.95 -53.00
N ASP H 263 17.41 -39.84 -52.87
CA ASP H 263 17.33 -41.02 -53.72
C ASP H 263 17.19 -40.56 -55.18
N GLY H 264 17.90 -41.24 -56.08
CA GLY H 264 17.90 -40.84 -57.49
C GLY H 264 16.96 -41.57 -58.45
N GLN H 265 16.06 -42.43 -57.97
CA GLN H 265 15.19 -43.20 -58.87
C GLN H 265 14.26 -42.34 -59.73
N GLU H 266 13.73 -41.27 -59.13
CA GLU H 266 12.88 -40.36 -59.87
C GLU H 266 13.70 -39.68 -60.97
N ASP H 267 14.86 -39.14 -60.61
CA ASP H 267 15.70 -38.47 -61.61
C ASP H 267 16.02 -39.40 -62.77
N ALA H 268 16.27 -40.66 -62.46
CA ALA H 268 16.55 -41.68 -63.48
C ALA H 268 15.30 -41.97 -64.32
N LEU H 269 14.14 -42.02 -63.70
CA LEU H 269 12.89 -42.17 -64.45
C LEU H 269 12.55 -40.95 -65.33
N ARG H 270 12.84 -39.73 -64.86
CA ARG H 270 12.63 -38.51 -65.65
C ARG H 270 13.50 -38.46 -66.91
N ALA H 271 14.66 -39.09 -66.82
CA ALA H 271 15.64 -39.14 -67.89
C ALA H 271 15.33 -40.25 -68.90
N GLY H 272 14.32 -41.06 -68.60
CA GLY H 272 13.95 -42.17 -69.49
C GLY H 272 14.59 -43.52 -69.22
N ARG H 273 15.38 -43.63 -68.14
CA ARG H 273 15.98 -44.91 -67.81
CA ARG H 273 16.01 -44.89 -67.71
C ARG H 273 14.96 -45.80 -67.10
N LYS H 274 15.06 -47.11 -67.37
CA LYS H 274 14.15 -48.10 -66.76
C LYS H 274 14.98 -49.00 -65.86
N PRO H 275 14.37 -49.58 -64.81
CA PRO H 275 15.12 -50.51 -63.95
C PRO H 275 15.39 -51.81 -64.70
N GLU H 276 16.58 -51.92 -65.25
CA GLU H 276 16.97 -53.03 -66.11
C GLU H 276 18.06 -53.91 -65.51
N ASP H 277 18.77 -53.44 -64.46
CA ASP H 277 19.72 -54.29 -63.70
C ASP H 277 20.05 -53.83 -62.27
N ASP H 278 21.02 -54.54 -61.70
CA ASP H 278 21.45 -54.40 -60.31
C ASP H 278 21.81 -52.96 -59.89
N SER H 279 22.40 -52.19 -60.81
CA SER H 279 22.83 -50.79 -60.56
C SER H 279 21.69 -49.78 -60.38
N TRP H 280 20.45 -50.21 -60.65
CA TRP H 280 19.30 -49.34 -60.44
C TRP H 280 19.24 -48.90 -58.99
N GLY H 281 19.08 -47.60 -58.77
CA GLY H 281 18.87 -47.04 -57.45
C GLY H 281 20.13 -47.02 -56.60
N ALA H 282 21.29 -47.09 -57.23
CA ALA H 282 22.55 -46.99 -56.47
C ALA H 282 22.68 -45.57 -55.94
N ASP H 283 23.27 -45.44 -54.75
CA ASP H 283 23.61 -44.13 -54.22
C ASP H 283 24.97 -43.65 -54.75
N VAL H 284 25.20 -42.35 -54.64
CA VAL H 284 26.45 -41.72 -55.02
C VAL H 284 27.34 -41.80 -53.78
N PRO H 285 28.49 -42.49 -53.88
CA PRO H 285 29.42 -42.65 -52.75
C PRO H 285 29.59 -41.42 -51.86
N GLU H 286 29.74 -40.22 -52.42
CA GLU H 286 29.90 -39.00 -51.61
C GLU H 286 28.66 -38.68 -50.79
N PHE H 287 27.58 -39.43 -51.03
CA PHE H 287 26.35 -39.19 -50.31
C PHE H 287 26.00 -40.32 -49.41
N TYR H 288 26.90 -41.30 -49.31
CA TYR H 288 26.72 -42.38 -48.36
C TYR H 288 26.60 -41.80 -46.94
N GLY H 289 25.80 -42.43 -46.09
CA GLY H 289 25.65 -42.06 -44.68
C GLY H 289 26.89 -42.35 -43.84
N LYS H 290 27.09 -41.56 -42.79
CA LYS H 290 28.15 -41.81 -41.81
C LYS H 290 27.58 -42.36 -40.50
N LEU H 291 27.99 -43.56 -40.13
CA LEU H 291 27.65 -44.18 -38.87
C LEU H 291 28.76 -43.99 -37.86
N THR H 292 28.48 -43.24 -36.80
CA THR H 292 29.39 -43.10 -35.65
C THR H 292 28.91 -43.99 -34.52
N THR H 293 29.82 -44.76 -33.94
CA THR H 293 29.51 -45.66 -32.84
C THR H 293 30.45 -45.34 -31.67
N ILE H 294 29.88 -45.28 -30.48
CA ILE H 294 30.68 -45.14 -29.26
C ILE H 294 30.56 -46.38 -28.40
N ARG H 295 31.71 -46.96 -28.05
CA ARG H 295 31.75 -48.08 -27.10
C ARG H 295 32.71 -47.71 -25.99
N GLY H 296 32.16 -47.31 -24.84
CA GLY H 296 32.96 -46.79 -23.73
C GLY H 296 33.81 -45.62 -24.16
N SER H 297 35.10 -45.89 -24.34
CA SER H 297 36.06 -44.90 -24.85
C SER H 297 36.28 -44.89 -26.36
N ASP H 298 36.00 -45.99 -27.06
CA ASP H 298 36.16 -45.98 -28.51
C ASP H 298 35.01 -45.26 -29.24
N LYS H 299 35.40 -44.18 -29.96
CA LYS H 299 34.56 -43.48 -30.94
C LYS H 299 35.05 -43.81 -32.35
N LYS H 300 34.18 -44.40 -33.15
CA LYS H 300 34.56 -44.86 -34.46
C LYS H 300 33.56 -44.29 -35.48
N THR H 301 34.02 -43.96 -36.68
CA THR H 301 33.12 -43.55 -37.75
C THR H 301 33.32 -44.41 -38.98
N GLU H 302 32.22 -44.74 -39.65
CA GLU H 302 32.20 -45.70 -40.74
C GLU H 302 31.27 -45.10 -41.78
N THR H 303 31.66 -45.17 -43.04
CA THR H 303 30.80 -44.70 -44.10
C THR H 303 30.05 -45.93 -44.58
N ILE H 304 28.73 -45.85 -44.59
CA ILE H 304 27.89 -46.97 -44.96
C ILE H 304 27.43 -46.88 -46.40
N PRO H 305 27.84 -47.84 -47.24
CA PRO H 305 27.28 -47.86 -48.59
C PRO H 305 25.77 -48.08 -48.54
N SER H 306 25.04 -47.28 -49.27
CA SER H 306 23.59 -47.37 -49.29
C SER H 306 23.10 -48.61 -50.03
N VAL H 307 22.07 -49.24 -49.47
CA VAL H 307 21.32 -50.28 -50.16
C VAL H 307 20.66 -49.58 -51.34
N ASN H 308 20.64 -50.26 -52.48
CA ASN H 308 19.93 -49.77 -53.64
C ASN H 308 18.44 -49.54 -53.44
N GLY H 309 17.94 -48.48 -54.04
CA GLY H 309 16.53 -48.16 -54.03
C GLY H 309 15.83 -49.15 -54.94
N SER H 310 14.56 -49.40 -54.66
CA SER H 310 13.89 -50.47 -55.34
C SER H 310 12.40 -50.23 -55.39
N TYR H 311 11.99 -49.18 -56.12
CA TYR H 311 10.57 -48.90 -56.30
C TYR H 311 9.83 -50.11 -56.85
N LEU H 312 10.50 -50.93 -57.66
CA LEU H 312 9.88 -52.11 -58.26
C LEU H 312 9.22 -52.98 -57.22
N THR H 313 9.82 -53.03 -56.04
CA THR H 313 9.34 -53.86 -54.97
C THR H 313 7.87 -53.54 -54.63
N TYR H 314 7.52 -52.25 -54.63
CA TYR H 314 6.14 -51.89 -54.34
C TYR H 314 5.20 -52.65 -55.25
N TYR H 315 5.52 -52.70 -56.54
CA TYR H 315 4.64 -53.33 -57.49
C TYR H 315 4.67 -54.85 -57.54
N ARG H 316 5.84 -55.42 -57.32
CA ARG H 316 5.93 -56.87 -57.17
C ARG H 316 5.03 -57.33 -56.06
N LYS H 317 5.07 -56.61 -54.93
CA LYS H 317 4.23 -56.93 -53.78
C LYS H 317 2.74 -56.79 -54.03
N ILE H 318 2.36 -55.73 -54.73
CA ILE H 318 0.98 -55.59 -55.17
C ILE H 318 0.52 -56.79 -56.01
N ALA H 319 1.40 -57.31 -56.87
CA ALA H 319 1.03 -58.43 -57.74
C ALA H 319 0.75 -59.61 -56.84
N GLU H 320 1.62 -59.82 -55.88
CA GLU H 320 1.46 -60.88 -54.91
C GLU H 320 0.18 -60.78 -54.08
N SER H 321 -0.20 -59.57 -53.66
CA SER H 321 -1.48 -59.39 -52.97
C SER H 321 -2.67 -59.83 -53.85
N ILE H 322 -2.62 -59.48 -55.13
CA ILE H 322 -3.73 -59.71 -56.02
C ILE H 322 -3.81 -61.19 -56.35
N ARG H 323 -2.64 -61.79 -56.58
CA ARG H 323 -2.53 -63.12 -57.15
C ARG H 323 -2.40 -64.22 -56.09
N GLU H 324 -1.82 -63.90 -54.94
CA GLU H 324 -1.59 -64.90 -53.90
C GLU H 324 -2.10 -64.50 -52.52
N GLY H 325 -2.81 -63.38 -52.45
CA GLY H 325 -3.39 -62.92 -51.17
C GLY H 325 -2.38 -62.41 -50.16
N ALA H 326 -1.18 -62.05 -50.62
CA ALA H 326 -0.11 -61.50 -49.78
C ALA H 326 -0.49 -60.15 -49.18
N ALA H 327 0.11 -59.81 -48.03
CA ALA H 327 -0.16 -58.53 -47.38
C ALA H 327 0.23 -57.37 -48.29
N LEU H 328 -0.62 -56.35 -48.37
CA LEU H 328 -0.34 -55.18 -49.19
C LEU H 328 0.91 -54.53 -48.70
N PRO H 329 1.73 -54.02 -49.63
CA PRO H 329 2.98 -53.35 -49.27
C PRO H 329 2.75 -52.06 -48.49
N VAL H 330 1.62 -51.39 -48.74
CA VAL H 330 1.20 -50.24 -47.96
C VAL H 330 -0.30 -50.35 -47.80
N THR H 331 -0.79 -50.34 -46.56
CA THR H 331 -2.21 -50.47 -46.32
C THR H 331 -2.89 -49.14 -46.36
N ALA H 332 -4.17 -49.16 -46.71
CA ALA H 332 -5.12 -48.06 -46.47
C ALA H 332 -4.93 -47.39 -45.09
N GLU H 333 -5.05 -48.16 -43.99
CA GLU H 333 -4.89 -47.62 -42.65
C GLU H 333 -3.59 -46.84 -42.44
N GLU H 334 -2.50 -47.25 -43.11
CA GLU H 334 -1.25 -46.50 -43.06
C GLU H 334 -1.36 -45.15 -43.75
N GLY H 335 -1.97 -45.12 -44.94
CA GLY H 335 -2.22 -43.88 -45.67
C GLY H 335 -3.03 -42.89 -44.85
N ILE H 336 -4.10 -43.37 -44.24
CA ILE H 336 -4.92 -42.55 -43.35
C ILE H 336 -4.08 -42.00 -42.21
N ASN H 337 -3.30 -42.88 -41.57
CA ASN H 337 -2.45 -42.43 -40.49
C ASN H 337 -1.58 -41.22 -40.88
N VAL H 338 -0.98 -41.27 -42.05
CA VAL H 338 -0.20 -40.12 -42.53
C VAL H 338 -1.03 -38.83 -42.56
N ILE H 339 -2.29 -38.94 -43.01
CA ILE H 339 -3.21 -37.77 -43.11
C ILE H 339 -3.58 -37.23 -41.73
N ARG H 340 -3.84 -38.13 -40.79
CA ARG H 340 -4.06 -37.76 -39.38
C ARG H 340 -2.91 -36.92 -38.81
N ILE H 341 -1.67 -37.29 -39.16
CA ILE H 341 -0.51 -36.54 -38.71
C ILE H 341 -0.53 -35.12 -39.32
N ILE H 342 -0.63 -35.05 -40.64
CA ILE H 342 -0.84 -33.80 -41.37
C ILE H 342 -1.96 -32.93 -40.78
N GLU H 343 -3.16 -33.51 -40.59
CA GLU H 343 -4.30 -32.76 -40.03
C GLU H 343 -3.96 -32.20 -38.64
N ALA H 344 -3.37 -33.02 -37.79
CA ALA H 344 -2.99 -32.59 -36.46
C ALA H 344 -1.95 -31.47 -36.54
N ALA H 345 -1.08 -31.55 -37.55
CA ALA H 345 -0.06 -30.54 -37.75
C ALA H 345 -0.71 -29.21 -38.11
N MET H 346 -1.76 -29.26 -38.93
CA MET H 346 -2.44 -28.04 -39.35
C MET H 346 -3.28 -27.42 -38.22
N GLU H 347 -3.95 -28.26 -37.45
CA GLU H 347 -4.69 -27.79 -36.28
C GLU H 347 -3.66 -27.19 -35.27
N SER H 348 -2.53 -27.89 -35.08
CA SER H 348 -1.46 -27.41 -34.20
C SER H 348 -0.96 -26.03 -34.58
N SER H 349 -0.60 -25.85 -35.85
CA SER H 349 -0.11 -24.58 -36.34
C SER H 349 -1.14 -23.47 -36.27
N LYS H 350 -2.39 -23.81 -36.56
CA LYS H 350 -3.52 -22.88 -36.57
C LYS H 350 -3.87 -22.45 -35.15
N GLU H 351 -3.83 -23.39 -34.21
CA GLU H 351 -4.24 -23.10 -32.83
C GLU H 351 -3.05 -22.64 -32.01
N LYS H 352 -1.85 -22.79 -32.57
CA LYS H 352 -0.58 -22.45 -31.89
C LYS H 352 -0.37 -23.25 -30.59
N ARG H 353 -0.67 -24.55 -30.63
CA ARG H 353 -0.42 -25.44 -29.48
C ARG H 353 -0.20 -26.89 -29.91
N THR H 354 0.35 -27.70 -29.01
CA THR H 354 0.53 -29.13 -29.22
C THR H 354 -0.80 -29.87 -29.24
N ILE H 355 -1.00 -30.76 -30.23
CA ILE H 355 -2.26 -31.49 -30.32
C ILE H 355 -2.10 -32.95 -29.94
N MET H 356 -2.85 -33.35 -28.92
CA MET H 356 -2.84 -34.73 -28.43
C MET H 356 -3.52 -35.65 -29.45
N LEU H 357 -2.81 -36.68 -29.93
CA LEU H 357 -3.42 -37.65 -30.82
C LEU H 357 -4.22 -38.66 -30.02
N GLU H 358 -5.47 -38.89 -30.44
CA GLU H 358 -6.36 -39.81 -29.71
C GLU H 358 -6.84 -40.94 -30.62
N ASP I 13 -117.20 -8.57 38.14
CA ASP I 13 -118.26 -7.51 38.22
C ASP I 13 -117.85 -6.24 37.44
N THR I 14 -118.76 -5.69 36.62
CA THR I 14 -118.49 -4.43 35.90
C THR I 14 -118.44 -3.23 36.85
N ILE I 15 -117.52 -2.31 36.61
CA ILE I 15 -117.42 -1.08 37.41
C ILE I 15 -118.62 -0.18 37.09
N LYS I 16 -119.46 0.04 38.10
CA LYS I 16 -120.65 0.87 37.90
C LYS I 16 -120.26 2.35 37.82
N VAL I 17 -120.59 2.97 36.68
CA VAL I 17 -120.15 4.33 36.38
C VAL I 17 -121.32 5.29 36.32
N GLY I 18 -121.08 6.51 36.79
CA GLY I 18 -122.01 7.62 36.67
C GLY I 18 -121.30 8.80 36.06
N ILE I 19 -121.94 9.45 35.10
CA ILE I 19 -121.32 10.53 34.35
C ILE I 19 -122.01 11.83 34.68
N LEU I 20 -121.25 12.82 35.13
CA LEU I 20 -121.83 14.13 35.36
C LEU I 20 -121.73 14.94 34.09
N GLY I 21 -122.88 15.37 33.57
CA GLY I 21 -122.94 16.15 32.32
C GLY I 21 -122.88 15.27 31.06
N TYR I 22 -123.68 15.60 30.06
CA TYR I 22 -123.62 14.87 28.77
C TYR I 22 -123.49 15.85 27.60
N GLY I 23 -122.68 16.88 27.83
CA GLY I 23 -122.35 17.84 26.79
C GLY I 23 -121.34 17.23 25.83
N LEU I 24 -120.54 18.08 25.21
CA LEU I 24 -119.52 17.63 24.29
C LEU I 24 -118.58 16.59 24.93
N SER I 25 -118.04 16.90 26.10
CA SER I 25 -117.10 16.01 26.78
C SER I 25 -117.74 14.68 27.21
N GLY I 26 -118.93 14.77 27.77
CA GLY I 26 -119.59 13.59 28.30
C GLY I 26 -119.96 12.60 27.21
N SER I 27 -120.46 13.09 26.08
CA SER I 27 -121.01 12.21 25.05
C SER I 27 -120.02 11.77 23.96
N VAL I 28 -118.91 12.49 23.84
CA VAL I 28 -118.00 12.24 22.72
C VAL I 28 -116.64 11.70 23.18
N PHE I 29 -116.10 12.26 24.26
CA PHE I 29 -114.73 11.93 24.68
C PHE I 29 -114.66 10.85 25.75
N HIS I 30 -115.70 10.73 26.56
CA HIS I 30 -115.70 9.74 27.61
C HIS I 30 -116.64 8.60 27.26
N GLY I 31 -117.93 8.90 27.19
CA GLY I 31 -118.95 7.96 26.77
C GLY I 31 -118.46 6.83 25.88
N PRO I 32 -118.16 7.12 24.60
CA PRO I 32 -117.85 6.08 23.61
C PRO I 32 -116.63 5.23 23.99
N LEU I 33 -115.67 5.82 24.69
CA LEU I 33 -114.55 5.03 25.19
C LEU I 33 -115.02 4.08 26.30
N LEU I 34 -115.83 4.61 27.22
CA LEU I 34 -116.36 3.82 28.33
C LEU I 34 -117.13 2.64 27.76
N ASP I 35 -118.02 2.93 26.82
CA ASP I 35 -118.84 1.95 26.11
C ASP I 35 -118.08 0.71 25.54
N VAL I 36 -116.91 0.89 24.95
CA VAL I 36 -116.25 -0.24 24.24
C VAL I 36 -115.52 -1.25 25.14
N LEU I 37 -115.24 -0.87 26.39
CA LEU I 37 -114.61 -1.77 27.37
C LEU I 37 -115.63 -2.42 28.29
N ASP I 38 -115.76 -3.74 28.22
CA ASP I 38 -116.70 -4.43 29.12
C ASP I 38 -116.19 -4.52 30.56
N GLU I 39 -115.25 -3.62 30.88
CA GLU I 39 -114.81 -3.37 32.24
C GLU I 39 -115.80 -2.45 32.94
N TYR I 40 -116.50 -1.63 32.14
CA TYR I 40 -117.34 -0.55 32.67
C TYR I 40 -118.82 -0.60 32.33
N GLN I 41 -119.65 -0.38 33.34
CA GLN I 41 -121.10 -0.26 33.20
C GLN I 41 -121.57 1.16 33.48
N ILE I 42 -122.22 1.80 32.52
CA ILE I 42 -122.73 3.14 32.75
C ILE I 42 -124.16 3.06 33.27
N SER I 43 -124.33 3.37 34.56
CA SER I 43 -125.61 3.21 35.26
C SER I 43 -126.47 4.46 35.25
N LYS I 44 -125.84 5.63 35.40
CA LYS I 44 -126.55 6.91 35.50
C LYS I 44 -125.84 8.06 34.80
N ILE I 45 -126.60 9.07 34.38
CA ILE I 45 -126.04 10.26 33.74
C ILE I 45 -126.78 11.53 34.19
N MET I 46 -126.03 12.48 34.78
CA MET I 46 -126.64 13.71 35.27
C MET I 46 -126.58 14.80 34.20
N THR I 47 -127.73 15.08 33.62
CA THR I 47 -127.82 15.85 32.39
C THR I 47 -129.27 16.23 32.17
N SER I 48 -129.53 17.22 31.32
CA SER I 48 -130.90 17.49 30.85
C SER I 48 -131.17 16.84 29.49
N ARG I 49 -130.09 16.51 28.76
CA ARG I 49 -130.17 15.89 27.44
C ARG I 49 -130.77 14.46 27.43
N THR I 50 -132.04 14.36 27.81
CA THR I 50 -132.72 13.08 28.08
C THR I 50 -132.70 12.04 26.94
N GLU I 51 -133.25 12.41 25.78
CA GLU I 51 -133.35 11.47 24.65
C GLU I 51 -131.98 11.08 24.08
N GLU I 52 -131.04 12.02 24.14
CA GLU I 52 -129.67 11.81 23.67
C GLU I 52 -129.01 10.64 24.42
N VAL I 53 -129.30 10.52 25.71
CA VAL I 53 -128.82 9.39 26.51
C VAL I 53 -129.50 8.11 26.06
N LYS I 54 -130.82 8.16 25.88
CA LYS I 54 -131.58 6.99 25.51
C LYS I 54 -131.07 6.42 24.19
N ARG I 55 -130.74 7.31 23.26
CA ARG I 55 -130.00 6.94 22.04
C ARG I 55 -128.74 6.08 22.37
N ASP I 56 -127.83 6.58 23.21
CA ASP I 56 -126.52 5.95 23.41
C ASP I 56 -126.43 4.89 24.51
N PHE I 57 -127.17 5.08 25.60
CA PHE I 57 -127.16 4.11 26.68
C PHE I 57 -128.58 3.75 27.16
N PRO I 58 -129.23 2.80 26.45
CA PRO I 58 -130.60 2.36 26.70
C PRO I 58 -130.87 1.98 28.16
N ASP I 59 -129.86 1.42 28.84
CA ASP I 59 -130.04 0.87 30.19
C ASP I 59 -129.57 1.82 31.30
N ALA I 60 -128.90 2.89 30.90
CA ALA I 60 -128.52 3.95 31.83
C ALA I 60 -129.76 4.77 32.21
N GLU I 61 -129.69 5.46 33.33
CA GLU I 61 -130.79 6.31 33.79
C GLU I 61 -130.39 7.77 33.80
N VAL I 62 -131.31 8.65 33.40
CA VAL I 62 -131.08 10.09 33.44
C VAL I 62 -131.54 10.66 34.79
N VAL I 63 -130.69 11.46 35.41
CA VAL I 63 -131.00 12.13 36.69
C VAL I 63 -130.69 13.61 36.56
N HIS I 64 -131.20 14.44 37.47
CA HIS I 64 -131.07 15.90 37.33
C HIS I 64 -130.44 16.60 38.52
N GLU I 65 -130.70 16.13 39.73
CA GLU I 65 -129.96 16.60 40.89
C GLU I 65 -128.75 15.69 41.15
N LEU I 66 -127.66 16.29 41.64
CA LEU I 66 -126.42 15.58 41.99
C LEU I 66 -126.62 14.43 43.00
N GLU I 67 -127.46 14.64 44.02
CA GLU I 67 -127.65 13.69 45.12
C GLU I 67 -128.15 12.31 44.68
N GLU I 68 -128.46 12.18 43.39
CA GLU I 68 -128.99 10.92 42.85
C GLU I 68 -127.90 10.01 42.29
N ILE I 69 -126.70 10.57 42.11
CA ILE I 69 -125.52 9.74 41.84
C ILE I 69 -124.78 9.47 43.13
N THR I 70 -124.58 10.50 43.96
CA THR I 70 -123.73 10.37 45.15
C THR I 70 -124.38 9.47 46.20
N ASN I 71 -125.66 9.67 46.45
CA ASN I 71 -126.41 8.85 47.40
C ASN I 71 -126.86 7.47 46.88
N ASP I 72 -126.46 7.15 45.65
CA ASP I 72 -126.55 5.78 45.15
C ASP I 72 -125.31 5.02 45.65
N PRO I 73 -125.50 3.91 46.39
CA PRO I 73 -124.38 3.10 46.86
C PRO I 73 -123.82 2.13 45.82
N ALA I 74 -124.56 1.87 44.75
CA ALA I 74 -124.11 0.96 43.68
C ALA I 74 -123.03 1.55 42.75
N ILE I 75 -123.03 2.88 42.60
CA ILE I 75 -122.07 3.61 41.76
C ILE I 75 -120.68 3.66 42.41
N GLU I 76 -119.65 3.27 41.67
CA GLU I 76 -118.27 3.25 42.19
C GLU I 76 -117.42 4.40 41.67
N LEU I 77 -117.62 4.75 40.40
CA LEU I 77 -116.85 5.79 39.73
C LEU I 77 -117.77 6.84 39.15
N VAL I 78 -117.42 8.10 39.37
CA VAL I 78 -118.11 9.22 38.74
C VAL I 78 -117.15 9.93 37.79
N ILE I 79 -117.61 10.21 36.58
CA ILE I 79 -116.84 10.96 35.60
C ILE I 79 -117.38 12.38 35.59
N VAL I 80 -116.58 13.33 36.07
CA VAL I 80 -117.03 14.71 36.20
C VAL I 80 -116.72 15.50 34.93
N THR I 81 -117.74 15.67 34.09
CA THR I 81 -117.57 16.39 32.81
C THR I 81 -118.37 17.69 32.70
N THR I 82 -118.82 18.20 33.85
CA THR I 82 -119.56 19.46 33.93
C THR I 82 -118.66 20.69 33.69
N PRO I 83 -119.26 21.90 33.61
CA PRO I 83 -118.46 23.14 33.43
C PRO I 83 -117.43 23.31 34.54
N SER I 84 -116.31 23.95 34.23
CA SER I 84 -115.13 24.02 35.12
C SER I 84 -115.40 24.62 36.49
N GLY I 85 -116.23 25.67 36.53
CA GLY I 85 -116.59 26.36 37.77
C GLY I 85 -117.38 25.47 38.70
N LEU I 86 -117.87 24.35 38.18
CA LEU I 86 -118.56 23.39 39.01
C LEU I 86 -117.67 22.21 39.46
N HIS I 87 -116.48 22.06 38.86
CA HIS I 87 -115.57 20.94 39.18
C HIS I 87 -115.31 20.76 40.68
N TYR I 88 -115.06 21.85 41.40
CA TYR I 88 -114.76 21.73 42.82
C TYR I 88 -115.92 21.11 43.61
N GLU I 89 -117.14 21.59 43.37
CA GLU I 89 -118.25 21.20 44.24
C GLU I 89 -118.75 19.80 43.95
N HIS I 90 -118.82 19.45 42.66
CA HIS I 90 -119.25 18.12 42.25
C HIS I 90 -118.26 17.04 42.69
N THR I 91 -116.97 17.30 42.48
CA THR I 91 -115.90 16.39 42.86
C THR I 91 -115.88 16.17 44.38
N MET I 92 -115.98 17.25 45.15
CA MET I 92 -116.00 17.13 46.61
C MET I 92 -117.20 16.33 47.10
N ALA I 93 -118.34 16.52 46.42
CA ALA I 93 -119.55 15.82 46.76
C ALA I 93 -119.42 14.30 46.49
N CYS I 94 -118.69 13.94 45.45
CA CYS I 94 -118.39 12.54 45.13
C CYS I 94 -117.45 11.90 46.14
N ILE I 95 -116.37 12.61 46.47
CA ILE I 95 -115.41 12.13 47.46
C ILE I 95 -116.05 12.01 48.84
N GLN I 96 -116.79 13.01 49.27
CA GLN I 96 -117.50 12.94 50.57
C GLN I 96 -118.47 11.76 50.64
N ALA I 97 -118.82 11.20 49.49
CA ALA I 97 -119.76 10.08 49.45
C ALA I 97 -119.08 8.73 49.20
N GLY I 98 -117.75 8.76 49.04
CA GLY I 98 -116.95 7.54 48.90
C GLY I 98 -116.82 7.00 47.49
N LYS I 99 -116.95 7.88 46.50
CA LYS I 99 -116.88 7.49 45.10
C LYS I 99 -115.49 7.76 44.57
N HIS I 100 -115.00 6.92 43.67
CA HIS I 100 -113.80 7.29 42.90
C HIS I 100 -114.21 8.33 41.86
N VAL I 101 -113.29 9.23 41.49
CA VAL I 101 -113.61 10.31 40.53
C VAL I 101 -112.62 10.39 39.37
N VAL I 102 -113.12 10.65 38.18
CA VAL I 102 -112.30 11.17 37.09
C VAL I 102 -112.78 12.59 36.72
N MET I 103 -111.95 13.60 37.01
CA MET I 103 -112.25 14.99 36.65
C MET I 103 -111.75 15.27 35.23
N GLU I 104 -112.49 16.05 34.45
CA GLU I 104 -111.96 16.62 33.21
C GLU I 104 -110.93 17.73 33.52
N LYS I 105 -109.96 17.91 32.63
CA LYS I 105 -109.15 19.10 32.68
C LYS I 105 -109.96 20.27 32.07
N PRO I 106 -109.64 21.51 32.46
CA PRO I 106 -108.69 21.85 33.54
C PRO I 106 -109.21 21.32 34.88
N MET I 107 -108.29 20.86 35.73
CA MET I 107 -108.66 20.35 37.04
C MET I 107 -109.55 21.37 37.77
N THR I 108 -108.94 22.47 38.22
CA THR I 108 -109.63 23.55 38.94
C THR I 108 -108.98 24.85 38.56
N ALA I 109 -109.56 25.97 39.00
CA ALA I 109 -108.98 27.29 38.77
C ALA I 109 -107.63 27.55 39.50
N THR I 110 -107.51 27.04 40.73
CA THR I 110 -106.34 27.27 41.58
C THR I 110 -105.76 25.98 42.15
N ALA I 111 -104.47 26.00 42.45
CA ALA I 111 -103.79 24.87 43.10
C ALA I 111 -104.28 24.58 44.52
N GLU I 112 -104.67 25.62 45.25
CA GLU I 112 -105.23 25.47 46.60
C GLU I 112 -106.48 24.59 46.58
N GLU I 113 -107.36 24.83 45.62
CA GLU I 113 -108.60 24.06 45.45
C GLU I 113 -108.32 22.59 45.18
N GLY I 114 -107.34 22.32 44.34
CA GLY I 114 -106.96 20.95 43.99
C GLY I 114 -106.30 20.18 45.11
N GLU I 115 -105.51 20.89 45.91
CA GLU I 115 -104.91 20.38 47.13
C GLU I 115 -105.99 19.87 48.09
N THR I 116 -107.02 20.68 48.29
CA THR I 116 -108.12 20.36 49.19
C THR I 116 -108.84 19.08 48.77
N LEU I 117 -109.03 18.88 47.47
CA LEU I 117 -109.66 17.69 46.93
C LEU I 117 -108.79 16.43 47.04
N LYS I 118 -107.49 16.59 46.77
CA LYS I 118 -106.53 15.50 46.91
C LYS I 118 -106.50 15.03 48.37
N ARG I 119 -106.38 16.01 49.28
CA ARG I 119 -106.41 15.76 50.72
C ARG I 119 -107.65 14.96 51.12
N ALA I 120 -108.81 15.37 50.64
CA ALA I 120 -110.04 14.66 50.97
C ALA I 120 -110.08 13.26 50.37
N ALA I 121 -109.55 13.11 49.14
CA ALA I 121 -109.59 11.82 48.46
C ALA I 121 -108.70 10.81 49.17
N ASP I 122 -107.43 11.19 49.34
CA ASP I 122 -106.45 10.42 50.10
C ASP I 122 -106.98 10.03 51.49
N GLU I 123 -107.65 10.99 52.15
CA GLU I 123 -108.30 10.82 53.46
C GLU I 123 -109.35 9.73 53.46
N LYS I 124 -110.18 9.73 52.42
CA LYS I 124 -111.34 8.86 52.35
C LYS I 124 -110.94 7.49 51.83
N GLY I 125 -109.82 7.41 51.12
CA GLY I 125 -109.37 6.14 50.57
C GLY I 125 -109.84 5.94 49.14
N VAL I 126 -110.26 7.02 48.48
CA VAL I 126 -110.73 6.92 47.10
C VAL I 126 -109.70 7.39 46.06
N LEU I 127 -109.85 6.89 44.84
CA LEU I 127 -109.01 7.30 43.71
C LEU I 127 -109.49 8.60 43.08
N LEU I 128 -108.57 9.56 43.00
CA LEU I 128 -108.85 10.80 42.30
C LEU I 128 -107.90 10.99 41.11
N SER I 129 -108.48 11.23 39.95
CA SER I 129 -107.69 11.34 38.75
C SER I 129 -108.15 12.54 37.95
N VAL I 130 -107.30 12.99 37.04
CA VAL I 130 -107.59 14.09 36.15
C VAL I 130 -107.41 13.57 34.72
N TYR I 131 -108.30 13.94 33.82
CA TYR I 131 -108.30 13.35 32.49
C TYR I 131 -107.26 13.98 31.58
N HIS I 132 -105.99 13.73 31.86
CA HIS I 132 -104.91 14.20 31.00
C HIS I 132 -104.54 13.15 29.95
N ASN I 133 -105.46 12.90 29.03
CA ASN I 133 -105.32 11.83 28.07
C ASN I 133 -104.34 12.16 26.96
N ARG I 134 -103.82 13.38 26.94
CA ARG I 134 -102.88 13.74 25.89
C ARG I 134 -101.57 12.99 26.04
N ARG I 135 -101.40 12.34 27.19
CA ARG I 135 -100.28 11.44 27.37
C ARG I 135 -100.36 10.22 26.43
N TRP I 136 -101.48 10.09 25.71
CA TRP I 136 -101.69 8.96 24.82
C TRP I 136 -102.01 9.42 23.40
N ASP I 137 -101.62 10.65 23.09
CA ASP I 137 -101.68 11.15 21.73
C ASP I 137 -100.62 10.41 20.93
N ASN I 138 -100.89 10.19 19.63
CA ASN I 138 -99.93 9.51 18.74
C ASN I 138 -98.52 10.16 18.70
N ASP I 139 -98.48 11.48 18.57
CA ASP I 139 -97.23 12.16 18.57
C ASP I 139 -96.44 11.96 19.89
N PHE I 140 -97.13 12.07 21.02
CA PHE I 140 -96.47 11.96 22.29
C PHE I 140 -95.95 10.54 22.60
N LEU I 141 -96.74 9.53 22.23
CA LEU I 141 -96.33 8.16 22.40
C LEU I 141 -95.10 7.87 21.57
N THR I 142 -94.99 8.56 20.43
CA THR I 142 -93.81 8.47 19.56
C THR I 142 -92.55 9.09 20.20
N ILE I 143 -92.71 10.25 20.82
CA ILE I 143 -91.58 10.88 21.51
C ILE I 143 -91.09 9.94 22.61
N LYS I 144 -92.00 9.50 23.47
CA LYS I 144 -91.63 8.58 24.55
C LYS I 144 -90.92 7.32 24.06
N LYS I 145 -91.40 6.75 22.96
CA LYS I 145 -90.77 5.54 22.42
C LYS I 145 -89.36 5.82 21.92
N LEU I 146 -89.18 6.99 21.30
CA LEU I 146 -87.86 7.43 20.86
C LEU I 146 -86.95 7.67 22.04
N ILE I 147 -87.48 8.31 23.09
CA ILE I 147 -86.72 8.55 24.31
C ILE I 147 -86.23 7.22 24.88
N SER I 148 -87.15 6.27 25.01
CA SER I 148 -86.86 4.98 25.62
C SER I 148 -85.90 4.13 24.76
N GLU I 149 -85.77 4.46 23.49
CA GLU I 149 -84.86 3.77 22.57
C GLU I 149 -83.48 4.41 22.55
N GLY I 150 -83.34 5.52 23.26
CA GLY I 150 -82.10 6.27 23.30
C GLY I 150 -81.85 7.03 22.01
N SER I 151 -82.93 7.39 21.33
CA SER I 151 -82.85 8.18 20.10
C SER I 151 -82.91 9.68 20.34
N LEU I 152 -83.18 10.09 21.59
CA LEU I 152 -83.23 11.51 21.95
C LEU I 152 -82.49 11.74 23.26
N GLU I 153 -81.22 11.36 23.29
CA GLU I 153 -80.45 11.44 24.51
C GLU I 153 -80.14 12.88 24.85
N ASP I 154 -80.31 13.25 26.12
CA ASP I 154 -79.92 14.55 26.68
C ASP I 154 -80.59 15.75 26.00
N ILE I 155 -81.91 15.83 26.17
CA ILE I 155 -82.69 16.89 25.59
C ILE I 155 -82.28 18.23 26.21
N ASN I 156 -82.10 19.22 25.36
CA ASN I 156 -81.74 20.58 25.77
C ASN I 156 -82.80 21.62 25.41
N THR I 157 -83.63 21.34 24.41
CA THR I 157 -84.70 22.25 24.05
C THR I 157 -85.97 21.51 23.62
N TYR I 158 -87.08 21.95 24.18
CA TYR I 158 -88.34 21.30 24.00
C TYR I 158 -89.35 22.39 23.67
N GLN I 159 -89.68 22.58 22.38
CA GLN I 159 -90.61 23.64 21.94
C GLN I 159 -91.89 23.02 21.42
N VAL I 160 -93.03 23.49 21.96
CA VAL I 160 -94.33 22.96 21.57
C VAL I 160 -95.30 24.09 21.35
N SER I 161 -95.94 24.05 20.19
CA SER I 161 -96.86 25.06 19.85
C SER I 161 -98.24 24.46 19.74
N TYR I 162 -99.22 25.24 20.12
CA TYR I 162 -100.60 24.82 20.04
C TYR I 162 -101.36 26.04 19.51
N ASN I 163 -101.21 26.29 18.22
CA ASN I 163 -101.81 27.44 17.57
C ASN I 163 -103.16 27.07 16.95
N ARG I 164 -103.96 28.08 16.64
CA ARG I 164 -105.23 27.88 15.96
C ARG I 164 -105.59 29.15 15.17
N TYR I 165 -106.56 29.05 14.28
CA TYR I 165 -107.01 30.23 13.56
C TYR I 165 -108.47 30.51 13.90
N ARG I 166 -108.67 31.34 14.90
CA ARG I 166 -109.99 31.79 15.29
C ARG I 166 -110.00 33.26 15.59
N PRO I 167 -109.99 34.10 14.52
CA PRO I 167 -109.91 35.56 14.65
C PRO I 167 -111.15 36.23 15.28
N GLU I 168 -112.32 35.63 15.11
CA GLU I 168 -113.59 36.17 15.64
C GLU I 168 -113.86 35.68 17.08
N VAL I 169 -114.39 36.55 17.94
CA VAL I 169 -114.54 36.21 19.38
C VAL I 169 -115.74 35.32 19.79
N ALA I 180 -111.45 29.81 35.32
CA ALA I 180 -110.54 28.96 34.55
C ALA I 180 -110.98 28.87 33.08
N THR I 181 -111.00 30.03 32.42
CA THR I 181 -111.36 30.19 31.00
C THR I 181 -110.12 30.45 30.13
N GLY I 182 -110.29 30.36 28.81
CA GLY I 182 -109.23 30.75 27.88
C GLY I 182 -108.26 29.64 27.53
N THR I 183 -107.38 29.92 26.58
CA THR I 183 -106.58 28.89 25.95
C THR I 183 -105.36 28.43 26.78
N LEU I 184 -104.99 29.16 27.83
CA LEU I 184 -103.93 28.66 28.69
C LEU I 184 -104.46 27.47 29.50
N TYR I 185 -105.64 27.62 30.09
CA TYR I 185 -106.35 26.52 30.75
C TYR I 185 -106.84 25.39 29.83
N ASP I 186 -107.48 25.76 28.71
CA ASP I 186 -108.09 24.80 27.80
C ASP I 186 -107.05 24.01 26.96
N LEU I 187 -106.06 24.70 26.41
CA LEU I 187 -105.09 24.06 25.51
C LEU I 187 -103.71 23.89 26.15
N GLY I 188 -103.23 24.92 26.84
CA GLY I 188 -101.95 24.87 27.51
C GLY I 188 -101.82 23.77 28.56
N SER I 189 -102.88 23.48 29.28
CA SER I 189 -102.80 22.39 30.25
C SER I 189 -102.26 21.10 29.62
N HIS I 190 -102.68 20.80 28.38
CA HIS I 190 -102.29 19.55 27.70
C HIS I 190 -100.80 19.44 27.47
N ILE I 191 -100.21 20.51 26.94
CA ILE I 191 -98.80 20.48 26.61
C ILE I 191 -97.93 20.74 27.84
N ILE I 192 -98.50 21.35 28.87
CA ILE I 192 -97.86 21.43 30.17
C ILE I 192 -97.81 20.04 30.82
N ASP I 193 -98.90 19.31 30.80
CA ASP I 193 -98.88 17.97 31.37
C ASP I 193 -97.82 17.07 30.72
N GLN I 194 -97.70 17.13 29.41
CA GLN I 194 -96.75 16.30 28.69
C GLN I 194 -95.33 16.65 29.12
N THR I 195 -95.10 17.94 29.33
CA THR I 195 -93.81 18.45 29.73
C THR I 195 -93.41 18.01 31.14
N LEU I 196 -94.28 18.25 32.12
CA LEU I 196 -94.07 17.74 33.47
C LEU I 196 -93.84 16.25 33.44
N HIS I 197 -94.60 15.55 32.61
CA HIS I 197 -94.54 14.09 32.64
C HIS I 197 -93.18 13.63 32.16
N LEU I 198 -92.59 14.38 31.24
CA LEU I 198 -91.30 14.04 30.71
C LEU I 198 -90.17 14.40 31.65
N PHE I 199 -90.27 15.58 32.27
CA PHE I 199 -89.10 16.22 32.89
C PHE I 199 -89.22 16.62 34.36
N GLY I 200 -90.37 16.37 34.98
CA GLY I 200 -90.65 16.83 36.36
C GLY I 200 -90.98 18.32 36.39
N MET I 201 -90.83 18.96 37.56
CA MET I 201 -91.17 20.38 37.76
C MET I 201 -89.96 21.23 37.49
N PRO I 202 -90.14 22.39 36.83
CA PRO I 202 -89.01 23.29 36.57
C PRO I 202 -88.60 24.16 37.76
N LYS I 203 -87.58 24.99 37.60
CA LYS I 203 -87.19 25.96 38.62
C LYS I 203 -88.18 27.11 38.69
N ALA I 204 -88.52 27.64 37.52
CA ALA I 204 -89.22 28.91 37.41
C ALA I 204 -90.04 28.92 36.14
N VAL I 205 -90.91 29.93 36.01
CA VAL I 205 -91.80 30.07 34.87
C VAL I 205 -91.71 31.52 34.45
N THR I 206 -91.47 31.75 33.16
CA THR I 206 -91.53 33.10 32.62
C THR I 206 -92.61 33.12 31.54
N ALA I 207 -93.57 34.02 31.70
CA ALA I 207 -94.69 33.95 30.81
C ALA I 207 -95.18 35.28 30.28
N ASN I 208 -95.77 35.19 29.10
CA ASN I 208 -96.57 36.23 28.54
C ASN I 208 -97.89 35.57 28.17
N VAL I 209 -98.96 36.02 28.80
CA VAL I 209 -100.27 35.50 28.53
C VAL I 209 -101.12 36.73 28.27
N MET I 210 -101.96 36.68 27.25
CA MET I 210 -102.74 37.86 26.93
C MET I 210 -103.96 37.55 26.07
N ALA I 211 -104.73 38.59 25.81
CA ALA I 211 -105.76 38.58 24.80
C ALA I 211 -105.25 39.40 23.61
N GLN I 212 -105.00 38.73 22.49
CA GLN I 212 -104.46 39.36 21.28
C GLN I 212 -105.57 39.88 20.35
N ARG I 213 -106.69 39.17 20.33
CA ARG I 213 -107.77 39.42 19.36
C ARG I 213 -108.53 40.72 19.61
N GLU I 214 -109.09 41.27 18.53
CA GLU I 214 -109.65 42.60 18.55
C GLU I 214 -110.50 42.96 19.79
N ASN I 215 -111.49 42.13 20.13
CA ASN I 215 -112.43 42.50 21.20
C ASN I 215 -112.55 41.50 22.32
N ALA I 216 -111.39 40.98 22.74
CA ALA I 216 -111.34 39.78 23.57
C ALA I 216 -111.23 40.05 25.07
N GLU I 217 -111.69 39.08 25.86
CA GLU I 217 -111.61 39.15 27.32
C GLU I 217 -110.70 38.02 27.79
N THR I 218 -111.08 36.80 27.45
CA THR I 218 -110.32 35.61 27.84
C THR I 218 -108.97 35.48 27.13
N VAL I 219 -108.05 34.80 27.78
CA VAL I 219 -106.73 34.55 27.21
C VAL I 219 -106.84 33.81 25.87
N ASP I 220 -106.20 34.36 24.83
CA ASP I 220 -106.18 33.69 23.51
C ASP I 220 -104.76 33.49 22.95
N TYR I 221 -103.76 33.80 23.77
CA TYR I 221 -102.36 33.69 23.40
C TYR I 221 -101.58 33.38 24.68
N PHE I 222 -100.67 32.40 24.65
CA PHE I 222 -99.75 32.21 25.78
C PHE I 222 -98.33 31.92 25.31
N HIS I 223 -97.35 32.40 26.06
CA HIS I 223 -95.96 32.04 25.79
C HIS I 223 -95.26 31.81 27.10
N LEU I 224 -94.91 30.55 27.31
CA LEU I 224 -94.38 30.00 28.56
C LEU I 224 -92.99 29.43 28.36
N THR I 225 -92.09 29.78 29.25
CA THR I 225 -90.76 29.20 29.31
C THR I 225 -90.65 28.50 30.67
N LEU I 226 -90.47 27.18 30.64
CA LEU I 226 -90.21 26.45 31.87
C LEU I 226 -88.72 26.21 32.01
N ASP I 227 -88.17 26.71 33.11
CA ASP I 227 -86.72 26.73 33.30
C ASP I 227 -86.23 25.44 33.97
N TYR I 228 -85.47 24.64 33.21
CA TYR I 228 -84.95 23.37 33.72
C TYR I 228 -83.43 23.35 33.71
N GLY I 229 -82.81 24.50 33.94
CA GLY I 229 -81.35 24.61 33.88
C GLY I 229 -80.89 24.65 32.45
N LYS I 230 -79.93 23.79 32.12
CA LYS I 230 -79.48 23.63 30.75
C LYS I 230 -80.65 23.30 29.81
N LEU I 231 -81.63 22.54 30.31
CA LEU I 231 -82.83 22.24 29.51
C LEU I 231 -83.79 23.43 29.59
N GLN I 232 -84.31 23.83 28.44
CA GLN I 232 -85.35 24.86 28.38
C GLN I 232 -86.57 24.30 27.62
N ALA I 233 -87.74 24.48 28.21
CA ALA I 233 -88.98 24.07 27.58
C ALA I 233 -89.81 25.30 27.28
N ILE I 234 -90.23 25.40 26.02
CA ILE I 234 -91.01 26.54 25.54
C ILE I 234 -92.35 26.07 25.03
N LEU I 235 -93.42 26.61 25.61
CA LEU I 235 -94.78 26.20 25.26
C LEU I 235 -95.54 27.45 24.90
N TYR I 236 -96.16 27.45 23.72
CA TYR I 236 -96.85 28.64 23.25
C TYR I 236 -98.00 28.29 22.32
N GLY I 237 -98.83 29.26 22.05
CA GLY I 237 -99.98 29.04 21.23
C GLY I 237 -100.72 30.33 21.06
N GLY I 238 -101.05 30.66 19.82
CA GLY I 238 -101.84 31.86 19.50
C GLY I 238 -103.19 31.49 18.90
N SER I 239 -103.99 32.51 18.61
CA SER I 239 -105.34 32.28 18.06
C SER I 239 -105.62 32.95 16.70
N ILE I 240 -104.64 33.69 16.18
CA ILE I 240 -104.69 34.29 14.85
C ILE I 240 -103.47 33.76 14.10
N VAL I 241 -103.36 32.43 14.02
CA VAL I 241 -102.32 31.72 13.26
C VAL I 241 -102.91 30.91 12.10
N PRO I 242 -102.84 31.45 10.89
CA PRO I 242 -103.35 30.77 9.69
C PRO I 242 -102.68 29.40 9.37
N ALA I 243 -101.40 29.29 9.66
CA ALA I 243 -100.67 28.08 9.32
C ALA I 243 -99.74 27.70 10.46
N ASN I 244 -99.83 26.46 10.89
CA ASN I 244 -98.97 26.02 11.98
C ASN I 244 -97.57 25.67 11.48
N GLY I 245 -96.56 26.13 12.21
CA GLY I 245 -95.24 25.53 12.12
C GLY I 245 -95.36 24.15 12.77
N PRO I 246 -94.25 23.62 13.29
CA PRO I 246 -94.27 22.30 13.89
C PRO I 246 -94.93 22.34 15.25
N ARG I 247 -95.71 21.33 15.60
CA ARG I 247 -96.17 21.19 16.99
C ARG I 247 -94.99 20.90 17.97
N TYR I 248 -94.07 20.01 17.59
CA TYR I 248 -92.91 19.68 18.40
C TYR I 248 -91.60 20.00 17.71
N GLN I 249 -90.68 20.59 18.48
CA GLN I 249 -89.31 20.76 18.06
C GLN I 249 -88.49 20.32 19.29
N ILE I 250 -87.71 19.24 19.15
CA ILE I 250 -86.97 18.67 20.27
C ILE I 250 -85.51 18.44 19.90
N HIS I 251 -84.62 19.08 20.66
CA HIS I 251 -83.19 19.03 20.42
C HIS I 251 -82.41 18.46 21.61
N GLY I 252 -81.70 17.35 21.35
CA GLY I 252 -80.81 16.70 22.31
C GLY I 252 -79.40 16.82 21.76
N LYS I 253 -78.45 16.07 22.29
CA LYS I 253 -77.04 16.29 21.94
C LYS I 253 -76.63 15.84 20.54
N ASP I 254 -77.36 14.86 20.00
CA ASP I 254 -77.02 14.15 18.77
C ASP I 254 -78.12 14.28 17.74
N SER I 255 -79.31 14.64 18.19
CA SER I 255 -80.47 14.49 17.35
C SER I 255 -81.62 15.43 17.66
N SER I 256 -82.45 15.66 16.64
CA SER I 256 -83.61 16.53 16.73
C SER I 256 -84.80 15.74 16.28
N PHE I 257 -85.96 16.09 16.84
CA PHE I 257 -87.22 15.56 16.32
C PHE I 257 -88.17 16.74 16.12
N ILE I 258 -88.52 16.98 14.85
CA ILE I 258 -89.44 18.03 14.39
C ILE I 258 -90.72 17.40 13.88
N LYS I 259 -91.88 17.85 14.33
CA LYS I 259 -93.14 17.22 13.92
C LYS I 259 -94.33 18.14 13.84
N TYR I 260 -95.02 18.06 12.71
CA TYR I 260 -96.27 18.77 12.47
C TYR I 260 -97.47 17.89 12.84
N GLY I 261 -98.62 18.55 12.97
CA GLY I 261 -99.90 17.88 13.09
C GLY I 261 -100.39 17.70 14.51
N ILE I 262 -101.65 17.31 14.61
CA ILE I 262 -102.33 17.03 15.88
C ILE I 262 -102.91 15.61 15.83
N ASP I 263 -103.05 14.95 16.98
CA ASP I 263 -103.63 13.61 17.04
C ASP I 263 -105.08 13.62 16.51
N GLY I 264 -105.47 12.55 15.82
CA GLY I 264 -106.77 12.48 15.16
C GLY I 264 -107.88 11.78 15.93
N GLN I 265 -107.59 11.34 17.15
CA GLN I 265 -108.60 10.68 17.98
C GLN I 265 -109.86 11.53 18.30
N GLU I 266 -109.70 12.78 18.70
CA GLU I 266 -110.86 13.60 19.05
C GLU I 266 -111.80 13.87 17.87
N ASP I 267 -111.25 13.99 16.66
CA ASP I 267 -112.04 14.12 15.43
C ASP I 267 -112.75 12.81 15.09
N ALA I 268 -112.08 11.69 15.33
CA ALA I 268 -112.62 10.36 15.06
C ALA I 268 -113.82 10.07 15.97
N LEU I 269 -113.69 10.42 17.25
CA LEU I 269 -114.80 10.34 18.19
C LEU I 269 -115.97 11.22 17.76
N ARG I 270 -115.70 12.49 17.41
CA ARG I 270 -116.71 13.40 16.82
C ARG I 270 -117.40 12.82 15.59
N ALA I 271 -116.66 12.06 14.79
CA ALA I 271 -117.21 11.49 13.57
C ALA I 271 -118.05 10.24 13.87
N GLY I 272 -118.13 9.85 15.15
CA GLY I 272 -118.93 8.70 15.55
C GLY I 272 -118.23 7.36 15.36
N ARG I 273 -116.92 7.40 15.15
CA ARG I 273 -116.11 6.18 15.07
C ARG I 273 -115.71 5.76 16.49
N LYS I 274 -115.54 4.46 16.71
CA LYS I 274 -115.17 3.93 18.02
C LYS I 274 -113.85 3.19 17.88
N PRO I 275 -113.09 3.07 18.98
CA PRO I 275 -111.88 2.22 18.98
C PRO I 275 -112.27 0.74 18.85
N GLU I 276 -111.91 0.15 17.73
CA GLU I 276 -112.41 -1.19 17.39
C GLU I 276 -111.28 -2.12 16.93
N ASP I 277 -110.27 -1.57 16.28
CA ASP I 277 -109.23 -2.39 15.66
C ASP I 277 -107.85 -1.76 15.86
N ASP I 278 -106.88 -2.24 15.07
CA ASP I 278 -105.52 -1.75 15.15
C ASP I 278 -105.33 -0.39 14.47
N SER I 279 -106.24 -0.05 13.55
CA SER I 279 -106.20 1.20 12.77
C SER I 279 -106.56 2.44 13.58
N TRP I 280 -107.06 2.26 14.80
CA TRP I 280 -107.43 3.40 15.64
C TRP I 280 -106.19 4.20 16.05
N GLY I 281 -106.30 5.53 16.02
CA GLY I 281 -105.26 6.39 16.54
C GLY I 281 -104.09 6.64 15.60
N ALA I 282 -104.15 6.04 14.41
CA ALA I 282 -103.10 6.20 13.40
C ALA I 282 -102.92 7.65 13.01
N ASP I 283 -101.67 8.01 12.72
CA ASP I 283 -101.32 9.31 12.15
C ASP I 283 -101.39 9.22 10.61
N VAL I 284 -101.27 10.39 9.97
CA VAL I 284 -101.28 10.51 8.52
C VAL I 284 -99.83 10.65 8.05
N PRO I 285 -99.41 9.80 7.11
CA PRO I 285 -98.02 9.74 6.57
C PRO I 285 -97.33 11.07 6.23
N GLU I 286 -98.11 12.02 5.71
CA GLU I 286 -97.59 13.38 5.46
C GLU I 286 -97.15 14.05 6.78
N PHE I 287 -97.76 13.63 7.88
CA PHE I 287 -97.50 14.28 9.16
C PHE I 287 -96.57 13.51 10.09
N TYR I 288 -96.00 12.42 9.61
CA TYR I 288 -95.01 11.69 10.41
C TYR I 288 -93.82 12.61 10.68
N GLY I 289 -93.24 12.49 11.87
CA GLY I 289 -92.12 13.31 12.32
C GLY I 289 -90.76 12.95 11.75
N LYS I 290 -89.84 13.90 11.86
CA LYS I 290 -88.52 13.70 11.30
C LYS I 290 -87.43 13.61 12.37
N LEU I 291 -86.71 12.50 12.37
CA LEU I 291 -85.60 12.32 13.29
C LEU I 291 -84.29 12.56 12.56
N THR I 292 -83.58 13.58 13.03
CA THR I 292 -82.30 13.93 12.46
C THR I 292 -81.18 13.54 13.43
N THR I 293 -80.42 12.51 13.06
CA THR I 293 -79.31 12.03 13.87
C THR I 293 -77.96 12.43 13.27
N ILE I 294 -77.12 13.08 14.08
CA ILE I 294 -75.78 13.52 13.63
C ILE I 294 -74.65 12.70 14.21
N ARG I 295 -73.88 12.06 13.34
CA ARG I 295 -72.68 11.32 13.72
C ARG I 295 -71.52 11.88 12.90
N GLY I 296 -70.64 12.61 13.57
CA GLY I 296 -69.59 13.37 12.90
C GLY I 296 -70.23 14.56 12.22
N SER I 297 -69.94 14.74 10.93
CA SER I 297 -70.61 15.73 10.09
C SER I 297 -71.56 15.02 9.13
N ASP I 298 -71.86 13.76 9.43
CA ASP I 298 -72.94 13.06 8.75
C ASP I 298 -74.31 13.29 9.46
N LYS I 299 -75.23 13.86 8.70
CA LYS I 299 -76.56 14.22 9.15
C LYS I 299 -77.54 13.31 8.42
N LYS I 300 -78.20 12.43 9.16
CA LYS I 300 -79.14 11.52 8.54
C LYS I 300 -80.54 11.93 8.99
N THR I 301 -81.49 11.93 8.05
CA THR I 301 -82.86 12.24 8.41
C THR I 301 -83.80 11.07 8.15
N GLU I 302 -84.53 10.66 9.17
CA GLU I 302 -85.52 9.61 8.98
C GLU I 302 -86.91 10.12 9.29
N THR I 303 -87.86 9.73 8.44
CA THR I 303 -89.27 9.84 8.75
C THR I 303 -89.62 8.75 9.76
N ILE I 304 -90.28 9.13 10.86
CA ILE I 304 -90.68 8.20 11.91
C ILE I 304 -92.20 7.97 11.98
N PRO I 305 -92.66 6.78 11.59
CA PRO I 305 -94.09 6.39 11.64
C PRO I 305 -94.62 6.52 13.04
N SER I 306 -95.71 7.23 13.24
CA SER I 306 -96.19 7.47 14.60
C SER I 306 -96.71 6.18 15.25
N VAL I 307 -96.53 6.06 16.57
CA VAL I 307 -97.22 5.04 17.35
C VAL I 307 -98.67 5.50 17.43
N ASN I 308 -99.59 4.58 17.18
CA ASN I 308 -101.01 4.85 17.28
C ASN I 308 -101.43 5.52 18.60
N GLY I 309 -102.35 6.47 18.52
CA GLY I 309 -103.01 7.03 19.68
C GLY I 309 -103.80 5.98 20.44
N SER I 310 -103.81 6.10 21.76
CA SER I 310 -104.37 5.05 22.62
C SER I 310 -105.10 5.60 23.85
N TYR I 311 -106.05 6.50 23.63
CA TYR I 311 -106.91 7.02 24.69
C TYR I 311 -107.54 5.94 25.58
N LEU I 312 -107.88 4.79 25.00
CA LEU I 312 -108.35 3.64 25.78
C LEU I 312 -107.46 3.23 26.98
N THR I 313 -106.15 3.42 26.83
CA THR I 313 -105.17 3.01 27.84
C THR I 313 -105.53 3.67 29.16
N TYR I 314 -105.94 4.93 29.08
CA TYR I 314 -106.25 5.70 30.27
C TYR I 314 -107.28 5.01 31.11
N TYR I 315 -108.38 4.64 30.46
CA TYR I 315 -109.49 4.03 31.16
C TYR I 315 -109.29 2.55 31.46
N ARG I 316 -108.50 1.86 30.65
CA ARG I 316 -108.04 0.52 31.02
C ARG I 316 -107.21 0.61 32.30
N LYS I 317 -106.38 1.65 32.41
CA LYS I 317 -105.52 1.82 33.57
C LYS I 317 -106.31 2.16 34.82
N ILE I 318 -107.40 2.90 34.66
CA ILE I 318 -108.32 3.22 35.76
C ILE I 318 -108.99 1.93 36.26
N ALA I 319 -109.37 1.07 35.31
CA ALA I 319 -109.94 -0.24 35.64
C ALA I 319 -108.96 -0.99 36.54
N GLU I 320 -107.71 -1.09 36.09
CA GLU I 320 -106.66 -1.76 36.86
C GLU I 320 -106.38 -1.15 38.25
N SER I 321 -106.59 0.17 38.38
CA SER I 321 -106.46 0.85 39.67
C SER I 321 -107.61 0.49 40.59
N ILE I 322 -108.84 0.65 40.10
CA ILE I 322 -110.03 0.34 40.91
C ILE I 322 -110.04 -1.14 41.33
N ARG I 323 -109.68 -2.02 40.40
CA ARG I 323 -109.79 -3.46 40.65
C ARG I 323 -108.54 -4.08 41.32
N GLU I 324 -107.36 -3.71 40.88
CA GLU I 324 -106.14 -4.38 41.37
C GLU I 324 -105.14 -3.45 42.05
N GLY I 325 -105.63 -2.28 42.48
CA GLY I 325 -104.81 -1.24 43.11
C GLY I 325 -103.53 -0.79 42.40
N ALA I 326 -103.48 -0.92 41.07
CA ALA I 326 -102.31 -0.49 40.30
C ALA I 326 -102.20 1.02 40.38
N ALA I 327 -101.02 1.56 40.09
CA ALA I 327 -100.81 3.01 40.17
C ALA I 327 -101.73 3.72 39.18
N LEU I 328 -102.17 4.93 39.53
CA LEU I 328 -103.12 5.64 38.66
C LEU I 328 -102.43 6.06 37.38
N PRO I 329 -103.17 6.12 36.25
CA PRO I 329 -102.51 6.54 35.01
C PRO I 329 -102.12 8.02 35.06
N VAL I 330 -102.93 8.79 35.79
CA VAL I 330 -102.68 10.20 36.06
C VAL I 330 -103.13 10.52 37.50
N THR I 331 -102.22 11.06 38.30
CA THR I 331 -102.47 11.31 39.73
C THR I 331 -103.01 12.70 39.93
N ALA I 332 -103.61 12.93 41.09
CA ALA I 332 -104.08 14.23 41.51
C ALA I 332 -102.94 15.25 41.56
N GLU I 333 -101.82 14.88 42.20
CA GLU I 333 -100.67 15.75 42.28
C GLU I 333 -100.22 16.15 40.87
N GLU I 334 -100.25 15.22 39.94
CA GLU I 334 -99.87 15.53 38.56
C GLU I 334 -100.75 16.63 38.00
N GLY I 335 -102.05 16.45 38.20
CA GLY I 335 -103.07 17.43 37.87
C GLY I 335 -102.85 18.76 38.54
N ILE I 336 -102.54 18.75 39.84
CA ILE I 336 -102.35 19.98 40.60
C ILE I 336 -101.13 20.71 40.10
N ASN I 337 -100.12 19.97 39.66
CA ASN I 337 -98.89 20.58 39.19
C ASN I 337 -99.10 21.35 37.90
N VAL I 338 -99.98 20.86 37.04
CA VAL I 338 -100.33 21.59 35.84
C VAL I 338 -100.93 22.95 36.21
N ILE I 339 -101.79 22.98 37.24
CA ILE I 339 -102.44 24.22 37.64
C ILE I 339 -101.43 25.16 38.25
N ARG I 340 -100.48 24.62 38.99
CA ARG I 340 -99.40 25.41 39.56
C ARG I 340 -98.62 26.18 38.50
N ILE I 341 -98.21 25.49 37.44
CA ILE I 341 -97.52 26.10 36.30
C ILE I 341 -98.41 27.19 35.71
N ILE I 342 -99.70 26.88 35.54
CA ILE I 342 -100.68 27.85 35.00
C ILE I 342 -100.78 29.11 35.87
N GLU I 343 -100.77 28.96 37.19
CA GLU I 343 -100.91 30.12 38.06
C GLU I 343 -99.63 30.93 38.08
N ALA I 344 -98.51 30.23 38.12
CA ALA I 344 -97.20 30.86 38.02
C ALA I 344 -97.11 31.67 36.74
N ALA I 345 -97.48 31.03 35.63
CA ALA I 345 -97.49 31.67 34.32
C ALA I 345 -98.24 32.99 34.37
N MET I 346 -99.51 32.91 34.79
CA MET I 346 -100.40 34.06 34.85
C MET I 346 -99.85 35.20 35.71
N GLU I 347 -99.22 34.83 36.82
CA GLU I 347 -98.61 35.81 37.70
C GLU I 347 -97.34 36.39 37.07
N SER I 348 -96.58 35.56 36.35
CA SER I 348 -95.41 36.04 35.61
C SER I 348 -95.80 37.14 34.61
N SER I 349 -96.91 36.92 33.93
CA SER I 349 -97.37 37.82 32.89
C SER I 349 -97.90 39.14 33.49
N LYS I 350 -98.56 39.03 34.63
CA LYS I 350 -99.11 40.19 35.32
C LYS I 350 -97.99 40.99 35.98
N GLU I 351 -97.02 40.30 36.58
CA GLU I 351 -95.96 40.98 37.36
C GLU I 351 -94.72 41.34 36.55
N LYS I 352 -94.68 40.89 35.29
CA LYS I 352 -93.62 41.21 34.31
C LYS I 352 -92.26 40.66 34.73
N ARG I 353 -92.28 39.46 35.28
CA ARG I 353 -91.08 38.89 35.84
C ARG I 353 -91.17 37.36 35.93
N THR I 354 -90.01 36.74 36.01
CA THR I 354 -89.92 35.33 36.24
C THR I 354 -90.48 34.98 37.64
N ILE I 355 -91.29 33.93 37.72
CA ILE I 355 -91.77 33.43 39.02
C ILE I 355 -91.06 32.14 39.37
N MET I 356 -90.28 32.20 40.43
CA MET I 356 -89.63 31.03 41.00
C MET I 356 -90.68 30.12 41.62
N LEU I 357 -90.52 28.81 41.40
CA LEU I 357 -91.43 27.81 41.93
C LEU I 357 -91.03 27.30 43.31
N GLU I 358 -92.04 27.20 44.18
CA GLU I 358 -92.01 26.46 45.46
C GLU I 358 -92.67 27.20 46.62
N ASP J 13 -65.49 58.91 -9.78
CA ASP J 13 -64.05 58.56 -9.47
C ASP J 13 -63.88 57.86 -8.13
N THR J 14 -62.91 56.95 -8.09
CA THR J 14 -62.78 55.96 -7.03
C THR J 14 -62.78 56.49 -5.58
N ILE J 15 -63.62 55.87 -4.76
CA ILE J 15 -63.55 56.05 -3.31
C ILE J 15 -62.31 55.35 -2.78
N LYS J 16 -61.49 56.08 -2.05
CA LYS J 16 -60.21 55.57 -1.59
C LYS J 16 -60.41 54.85 -0.27
N VAL J 17 -60.17 53.54 -0.25
CA VAL J 17 -60.52 52.74 0.94
C VAL J 17 -59.31 52.18 1.67
N GLY J 18 -59.37 52.26 2.99
CA GLY J 18 -58.41 51.60 3.89
C GLY J 18 -59.12 50.57 4.76
N ILE J 19 -58.69 49.33 4.66
CA ILE J 19 -59.32 48.24 5.38
C ILE J 19 -58.49 47.87 6.61
N LEU J 20 -59.11 47.92 7.78
CA LEU J 20 -58.46 47.52 9.02
C LEU J 20 -58.75 46.04 9.30
N GLY J 21 -57.69 45.24 9.42
CA GLY J 21 -57.83 43.81 9.67
C GLY J 21 -58.16 43.08 8.37
N TYR J 22 -57.60 41.88 8.23
CA TYR J 22 -57.76 41.08 7.01
C TYR J 22 -57.80 39.59 7.32
N GLY J 23 -58.55 39.26 8.35
CA GLY J 23 -58.87 37.87 8.64
C GLY J 23 -60.18 37.55 7.94
N LEU J 24 -61.06 36.88 8.67
CA LEU J 24 -62.35 36.47 8.14
C LEU J 24 -63.18 37.61 7.50
N SER J 25 -63.61 38.62 8.27
CA SER J 25 -64.38 39.73 7.70
C SER J 25 -63.70 40.37 6.50
N GLY J 26 -62.49 40.86 6.73
CA GLY J 26 -61.74 41.64 5.75
C GLY J 26 -61.56 40.91 4.43
N SER J 27 -61.00 39.70 4.50
CA SER J 27 -60.61 38.95 3.31
C SER J 27 -61.78 38.24 2.63
N VAL J 28 -62.88 38.04 3.35
CA VAL J 28 -63.95 37.17 2.84
C VAL J 28 -65.29 37.86 2.69
N PHE J 29 -65.69 38.63 3.69
CA PHE J 29 -67.01 39.23 3.70
C PHE J 29 -67.03 40.67 3.20
N HIS J 30 -65.86 41.30 3.11
CA HIS J 30 -65.80 42.70 2.71
C HIS J 30 -65.01 42.92 1.43
N GLY J 31 -63.72 42.55 1.47
CA GLY J 31 -62.82 42.63 0.34
C GLY J 31 -63.41 42.27 -1.01
N PRO J 32 -63.87 41.00 -1.19
CA PRO J 32 -64.36 40.52 -2.49
C PRO J 32 -65.60 41.27 -2.99
N LEU J 33 -66.37 41.86 -2.09
CA LEU J 33 -67.49 42.70 -2.49
C LEU J 33 -67.01 44.06 -3.05
N LEU J 34 -66.14 44.73 -2.29
CA LEU J 34 -65.56 46.00 -2.71
C LEU J 34 -64.73 45.83 -3.98
N ASP J 35 -64.23 44.62 -4.21
CA ASP J 35 -63.40 44.34 -5.37
C ASP J 35 -64.16 44.30 -6.70
N VAL J 36 -65.46 43.98 -6.66
CA VAL J 36 -66.24 43.90 -7.91
C VAL J 36 -66.95 45.21 -8.20
N LEU J 37 -66.89 46.12 -7.22
CA LEU J 37 -67.47 47.44 -7.36
C LEU J 37 -66.45 48.49 -7.78
N ASP J 38 -66.58 48.97 -9.02
CA ASP J 38 -65.74 50.02 -9.60
C ASP J 38 -65.60 51.28 -8.76
N GLU J 39 -66.66 51.61 -8.01
CA GLU J 39 -66.70 52.83 -7.19
C GLU J 39 -65.59 52.89 -6.15
N TYR J 40 -65.01 51.75 -5.78
CA TYR J 40 -63.99 51.69 -4.74
C TYR J 40 -62.57 51.38 -5.22
N GLN J 41 -61.59 52.01 -4.55
CA GLN J 41 -60.19 51.66 -4.66
C GLN J 41 -59.65 51.25 -3.31
N ILE J 42 -59.22 50.00 -3.17
CA ILE J 42 -58.58 49.55 -1.94
C ILE J 42 -57.13 49.97 -1.94
N SER J 43 -56.85 51.06 -1.24
CA SER J 43 -55.50 51.59 -1.22
C SER J 43 -54.60 50.86 -0.20
N LYS J 44 -55.11 50.72 1.02
CA LYS J 44 -54.33 50.23 2.17
C LYS J 44 -55.10 49.21 3.02
N ILE J 45 -54.40 48.17 3.46
CA ILE J 45 -54.97 47.18 4.35
C ILE J 45 -54.05 47.02 5.56
N MET J 46 -54.55 47.38 6.76
CA MET J 46 -53.78 47.19 7.99
C MET J 46 -53.79 45.73 8.39
N THR J 47 -52.66 45.06 8.24
CA THR J 47 -52.56 43.64 8.60
C THR J 47 -51.10 43.18 8.62
N SER J 48 -50.86 41.96 9.09
CA SER J 48 -49.53 41.34 8.94
C SER J 48 -49.56 40.21 7.92
N ARG J 49 -50.76 39.80 7.55
CA ARG J 49 -51.00 38.83 6.50
C ARG J 49 -50.62 39.40 5.12
N THR J 50 -49.36 39.83 4.99
CA THR J 50 -48.84 40.55 3.82
C THR J 50 -48.97 39.75 2.53
N GLU J 51 -48.61 38.48 2.60
CA GLU J 51 -48.66 37.61 1.42
C GLU J 51 -50.10 37.29 0.97
N GLU J 52 -51.05 37.30 1.90
CA GLU J 52 -52.49 37.20 1.56
C GLU J 52 -53.01 38.40 0.74
N VAL J 53 -52.48 39.59 0.99
CA VAL J 53 -52.94 40.81 0.30
C VAL J 53 -52.39 40.89 -1.14
N LYS J 54 -51.07 40.81 -1.28
CA LYS J 54 -50.43 40.73 -2.59
C LYS J 54 -51.24 39.84 -3.54
N ARG J 55 -51.75 38.74 -3.00
CA ARG J 55 -52.52 37.78 -3.75
C ARG J 55 -53.86 38.36 -4.19
N ASP J 56 -54.54 39.04 -3.28
CA ASP J 56 -55.91 39.51 -3.54
C ASP J 56 -56.00 40.92 -4.12
N PHE J 57 -55.10 41.81 -3.71
CA PHE J 57 -55.07 43.18 -4.19
C PHE J 57 -53.62 43.58 -4.39
N PRO J 58 -53.06 43.30 -5.59
CA PRO J 58 -51.60 43.44 -5.77
C PRO J 58 -51.13 44.91 -5.77
N ASP J 59 -52.07 45.84 -5.94
CA ASP J 59 -51.75 47.25 -6.00
C ASP J 59 -52.02 47.95 -4.67
N ALA J 60 -52.36 47.18 -3.66
CA ALA J 60 -52.67 47.72 -2.33
C ALA J 60 -51.44 47.72 -1.40
N GLU J 61 -51.15 48.88 -0.79
CA GLU J 61 -50.03 49.03 0.16
C GLU J 61 -50.40 48.41 1.51
N VAL J 62 -49.52 47.57 2.07
CA VAL J 62 -49.81 46.96 3.36
C VAL J 62 -49.16 47.77 4.48
N VAL J 63 -49.93 48.09 5.51
CA VAL J 63 -49.44 48.86 6.66
C VAL J 63 -49.68 48.10 7.98
N HIS J 64 -48.85 48.36 8.99
CA HIS J 64 -48.93 47.63 10.26
C HIS J 64 -49.22 48.54 11.43
N GLU J 65 -49.20 49.84 11.14
CA GLU J 65 -49.54 50.87 12.10
C GLU J 65 -50.84 51.55 11.64
N LEU J 66 -51.82 51.63 12.54
CA LEU J 66 -53.06 52.36 12.32
C LEU J 66 -52.87 53.77 11.73
N GLU J 67 -51.90 54.50 12.27
CA GLU J 67 -51.70 55.92 11.89
C GLU J 67 -51.31 56.10 10.44
N GLU J 68 -51.02 55.00 9.76
CA GLU J 68 -50.67 55.06 8.34
C GLU J 68 -51.92 55.09 7.47
N ILE J 69 -53.05 54.76 8.07
CA ILE J 69 -54.33 54.86 7.39
C ILE J 69 -55.02 56.16 7.79
N THR J 70 -55.09 56.44 9.08
CA THR J 70 -55.83 57.60 9.58
C THR J 70 -55.23 58.95 9.15
N ASN J 71 -53.92 59.08 9.12
CA ASN J 71 -53.40 60.30 8.53
C ASN J 71 -52.79 60.14 7.13
N ASP J 72 -53.44 59.34 6.29
CA ASP J 72 -53.29 59.47 4.83
C ASP J 72 -54.40 60.42 4.37
N PRO J 73 -54.03 61.65 3.95
CA PRO J 73 -55.01 62.61 3.42
C PRO J 73 -55.95 62.04 2.34
N ALA J 74 -55.43 61.12 1.52
CA ALA J 74 -56.14 60.56 0.36
C ALA J 74 -57.27 59.56 0.68
N ILE J 75 -57.11 58.77 1.73
CA ILE J 75 -58.12 57.79 2.17
C ILE J 75 -59.40 58.49 2.58
N GLU J 76 -60.54 57.96 2.16
CA GLU J 76 -61.83 58.58 2.43
C GLU J 76 -62.63 57.73 3.37
N LEU J 77 -62.64 56.42 3.11
CA LEU J 77 -63.47 55.49 3.85
C LEU J 77 -62.64 54.41 4.50
N VAL J 78 -62.88 54.17 5.79
CA VAL J 78 -62.21 53.05 6.47
C VAL J 78 -63.20 51.94 6.86
N ILE J 79 -62.85 50.69 6.52
CA ILE J 79 -63.66 49.55 6.94
C ILE J 79 -63.02 48.92 8.17
N VAL J 80 -63.75 48.96 9.29
CA VAL J 80 -63.24 48.42 10.54
C VAL J 80 -63.65 46.95 10.69
N THR J 81 -62.66 46.06 10.55
CA THR J 81 -62.92 44.63 10.68
C THR J 81 -62.02 43.97 11.74
N THR J 82 -61.30 44.79 12.51
CA THR J 82 -60.49 44.33 13.64
C THR J 82 -61.34 43.59 14.72
N PRO J 83 -60.68 42.84 15.66
CA PRO J 83 -61.47 42.13 16.72
C PRO J 83 -62.53 43.03 17.40
N SER J 84 -63.69 42.48 17.74
CA SER J 84 -64.76 43.26 18.39
C SER J 84 -64.28 44.25 19.48
N GLY J 85 -63.40 43.81 20.39
CA GLY J 85 -62.89 44.66 21.47
C GLY J 85 -61.97 45.81 21.08
N LEU J 86 -61.79 46.03 19.78
CA LEU J 86 -60.96 47.15 19.28
C LEU J 86 -61.72 48.11 18.33
N HIS J 87 -62.99 47.78 18.04
CA HIS J 87 -63.88 48.61 17.22
C HIS J 87 -63.90 50.06 17.66
N TYR J 88 -64.11 50.28 18.97
CA TYR J 88 -64.25 51.61 19.54
C TYR J 88 -63.02 52.50 19.34
N GLU J 89 -61.85 51.96 19.64
CA GLU J 89 -60.61 52.70 19.54
C GLU J 89 -60.26 53.05 18.10
N HIS J 90 -60.46 52.10 17.20
CA HIS J 90 -60.17 52.29 15.80
C HIS J 90 -61.15 53.23 15.13
N THR J 91 -62.45 53.02 15.36
CA THR J 91 -63.45 53.90 14.79
C THR J 91 -63.20 55.35 15.21
N MET J 92 -62.95 55.56 16.49
CA MET J 92 -62.72 56.89 17.01
C MET J 92 -61.46 57.53 16.46
N ALA J 93 -60.41 56.75 16.16
CA ALA J 93 -59.24 57.37 15.52
C ALA J 93 -59.56 57.72 14.06
N CYS J 94 -60.37 56.90 13.42
CA CYS J 94 -60.80 57.17 12.07
C CYS J 94 -61.67 58.41 12.00
N ILE J 95 -62.59 58.56 12.95
CA ILE J 95 -63.48 59.72 12.94
C ILE J 95 -62.70 60.99 13.19
N GLN J 96 -61.81 60.96 14.20
CA GLN J 96 -60.96 62.11 14.52
C GLN J 96 -60.05 62.53 13.37
N ALA J 97 -59.78 61.60 12.45
CA ALA J 97 -58.90 61.81 11.30
C ALA J 97 -59.65 62.36 10.08
N GLY J 98 -60.97 62.37 10.19
CA GLY J 98 -61.85 62.87 9.13
C GLY J 98 -62.26 61.81 8.13
N LYS J 99 -62.22 60.54 8.54
CA LYS J 99 -62.63 59.43 7.68
C LYS J 99 -64.08 59.03 7.90
N HIS J 100 -64.71 58.59 6.81
CA HIS J 100 -65.99 57.92 6.89
C HIS J 100 -65.71 56.50 7.38
N VAL J 101 -66.58 55.97 8.20
CA VAL J 101 -66.33 54.63 8.71
C VAL J 101 -67.50 53.65 8.48
N VAL J 102 -67.15 52.47 7.97
CA VAL J 102 -68.07 51.33 7.98
C VAL J 102 -67.59 50.38 9.10
N MET J 103 -68.46 50.09 10.08
CA MET J 103 -68.12 49.21 11.26
C MET J 103 -68.75 47.81 11.10
N GLU J 104 -67.96 46.75 11.26
CA GLU J 104 -68.50 45.40 11.40
C GLU J 104 -69.40 45.37 12.64
N LYS J 105 -70.46 44.54 12.59
CA LYS J 105 -71.28 44.28 13.76
C LYS J 105 -70.60 43.24 14.69
N PRO J 106 -71.00 43.19 15.98
CA PRO J 106 -71.82 44.15 16.72
C PRO J 106 -71.05 45.45 16.84
N MET J 107 -71.76 46.56 16.73
CA MET J 107 -71.13 47.87 16.81
C MET J 107 -70.14 47.93 18.00
N THR J 108 -70.69 47.81 19.22
CA THR J 108 -69.91 47.90 20.48
C THR J 108 -70.53 47.02 21.52
N ALA J 109 -69.90 46.89 22.69
CA ALA J 109 -70.54 46.16 23.77
C ALA J 109 -71.70 46.97 24.40
N THR J 110 -71.56 48.29 24.44
CA THR J 110 -72.52 49.12 25.17
C THR J 110 -73.05 50.27 24.33
N ALA J 111 -74.35 50.55 24.50
CA ALA J 111 -75.03 51.67 23.86
C ALA J 111 -74.25 52.98 24.05
N GLU J 112 -73.79 53.26 25.28
CA GLU J 112 -73.09 54.51 25.64
C GLU J 112 -71.85 54.70 24.76
N GLU J 113 -71.13 53.62 24.48
CA GLU J 113 -70.00 53.69 23.54
C GLU J 113 -70.50 54.00 22.13
N GLY J 114 -71.56 53.31 21.73
CA GLY J 114 -72.27 53.64 20.49
C GLY J 114 -72.59 55.12 20.37
N GLU J 115 -73.30 55.67 21.35
CA GLU J 115 -73.70 57.08 21.35
C GLU J 115 -72.50 58.03 21.25
N THR J 116 -71.35 57.62 21.77
CA THR J 116 -70.18 58.51 21.80
C THR J 116 -69.50 58.56 20.43
N LEU J 117 -69.53 57.43 19.72
CA LEU J 117 -69.00 57.38 18.37
C LEU J 117 -69.87 58.23 17.45
N LYS J 118 -71.18 58.08 17.58
CA LYS J 118 -72.14 58.84 16.80
C LYS J 118 -72.05 60.38 17.01
N ARG J 119 -72.00 60.85 18.26
CA ARG J 119 -71.77 62.28 18.51
C ARG J 119 -70.46 62.77 17.91
N ALA J 120 -69.41 61.96 17.98
CA ALA J 120 -68.13 62.37 17.43
C ALA J 120 -68.18 62.47 15.90
N ALA J 121 -68.83 61.50 15.27
CA ALA J 121 -69.02 61.50 13.82
C ALA J 121 -69.83 62.69 13.33
N ASP J 122 -70.88 63.04 14.08
CA ASP J 122 -71.74 64.19 13.78
C ASP J 122 -71.01 65.54 13.99
N GLU J 123 -70.16 65.61 15.02
CA GLU J 123 -69.35 66.78 15.30
C GLU J 123 -68.39 67.02 14.16
N LYS J 124 -67.71 65.95 13.76
CA LYS J 124 -66.68 65.98 12.74
C LYS J 124 -67.27 66.12 11.34
N GLY J 125 -68.53 65.69 11.20
CA GLY J 125 -69.23 65.69 9.92
C GLY J 125 -68.77 64.59 8.98
N VAL J 126 -68.68 63.37 9.48
CA VAL J 126 -68.36 62.22 8.63
C VAL J 126 -69.47 61.19 8.71
N LEU J 127 -69.55 60.31 7.72
CA LEU J 127 -70.53 59.21 7.73
C LEU J 127 -70.05 58.06 8.59
N LEU J 128 -70.96 57.53 9.39
CA LEU J 128 -70.68 56.38 10.23
C LEU J 128 -71.83 55.41 10.10
N SER J 129 -71.52 54.19 9.64
CA SER J 129 -72.52 53.16 9.38
C SER J 129 -72.06 51.83 9.94
N VAL J 130 -73.01 50.92 10.14
CA VAL J 130 -72.70 49.60 10.69
C VAL J 130 -73.07 48.56 9.65
N TYR J 131 -72.32 47.45 9.62
CA TYR J 131 -72.48 46.46 8.56
C TYR J 131 -73.60 45.45 8.86
N HIS J 132 -74.82 45.96 8.99
CA HIS J 132 -75.98 45.11 9.20
C HIS J 132 -76.50 44.65 7.84
N ASN J 133 -75.71 43.81 7.19
CA ASN J 133 -76.01 43.36 5.82
C ASN J 133 -77.08 42.25 5.70
N ARG J 134 -77.50 41.66 6.82
CA ARG J 134 -78.58 40.68 6.75
C ARG J 134 -79.90 41.28 6.24
N ARG J 135 -79.95 42.60 6.15
CA ARG J 135 -81.11 43.26 5.58
C ARG J 135 -81.20 42.95 4.10
N TRP J 136 -80.11 42.46 3.52
CA TRP J 136 -80.07 42.10 2.09
C TRP J 136 -79.95 40.61 1.87
N ASP J 137 -80.25 39.83 2.90
CA ASP J 137 -80.46 38.39 2.80
C ASP J 137 -81.70 38.07 1.97
N ASN J 138 -81.62 37.02 1.15
CA ASN J 138 -82.71 36.62 0.29
C ASN J 138 -84.05 36.45 1.01
N ASP J 139 -84.05 35.67 2.10
CA ASP J 139 -85.28 35.46 2.86
C ASP J 139 -85.86 36.77 3.37
N PHE J 140 -84.99 37.66 3.83
CA PHE J 140 -85.46 38.86 4.45
C PHE J 140 -86.06 39.74 3.39
N LEU J 141 -85.33 39.88 2.28
CA LEU J 141 -85.82 40.65 1.16
C LEU J 141 -87.14 40.11 0.63
N THR J 142 -87.37 38.81 0.79
CA THR J 142 -88.61 38.21 0.35
C THR J 142 -89.71 38.63 1.30
N ILE J 143 -89.38 38.70 2.59
CA ILE J 143 -90.36 39.13 3.57
C ILE J 143 -90.70 40.59 3.31
N LYS J 144 -89.71 41.45 3.09
CA LYS J 144 -90.02 42.85 2.78
C LYS J 144 -90.94 43.02 1.58
N LYS J 145 -90.71 42.26 0.52
CA LYS J 145 -91.55 42.29 -0.66
C LYS J 145 -93.00 41.92 -0.35
N LEU J 146 -93.20 40.89 0.47
CA LEU J 146 -94.54 40.41 0.82
C LEU J 146 -95.27 41.42 1.67
N ILE J 147 -94.56 42.04 2.60
CA ILE J 147 -95.15 43.09 3.40
C ILE J 147 -95.63 44.21 2.48
N SER J 148 -94.72 44.83 1.75
CA SER J 148 -95.09 46.00 0.98
C SER J 148 -96.08 45.71 -0.16
N GLU J 149 -96.26 44.43 -0.50
CA GLU J 149 -97.28 43.98 -1.49
C GLU J 149 -98.65 43.62 -0.90
N GLY J 150 -98.86 43.86 0.39
CA GLY J 150 -100.12 43.55 1.05
C GLY J 150 -100.38 42.08 1.40
N SER J 151 -99.32 41.27 1.36
CA SER J 151 -99.50 39.83 1.54
C SER J 151 -99.39 39.42 3.00
N LEU J 152 -98.87 40.31 3.83
CA LEU J 152 -98.66 40.05 5.25
C LEU J 152 -99.24 41.14 6.16
N GLU J 153 -100.51 41.46 5.97
CA GLU J 153 -101.18 42.48 6.77
C GLU J 153 -101.20 42.17 8.26
N ASP J 154 -101.01 43.23 9.07
CA ASP J 154 -101.31 43.21 10.50
C ASP J 154 -100.62 42.04 11.23
N ILE J 155 -99.31 41.95 11.07
CA ILE J 155 -98.52 40.89 11.68
C ILE J 155 -98.71 40.91 13.20
N ASN J 156 -99.05 39.74 13.77
CA ASN J 156 -99.24 39.58 15.23
C ASN J 156 -98.12 38.80 15.90
N THR J 157 -97.52 37.87 15.19
CA THR J 157 -96.41 37.10 15.72
C THR J 157 -95.30 37.06 14.68
N TYR J 158 -94.08 37.30 15.13
CA TYR J 158 -92.91 37.24 14.25
C TYR J 158 -91.81 36.42 14.95
N GLN J 159 -91.61 35.19 14.50
CA GLN J 159 -90.76 34.22 15.22
C GLN J 159 -89.53 33.86 14.40
N VAL J 160 -88.35 34.17 14.92
CA VAL J 160 -87.14 33.92 14.18
C VAL J 160 -86.20 33.07 14.99
N SER J 161 -85.82 31.91 14.44
CA SER J 161 -84.85 31.06 15.10
C SER J 161 -83.53 31.15 14.36
N TYR J 162 -82.44 31.14 15.09
CA TYR J 162 -81.14 31.21 14.44
C TYR J 162 -80.25 30.23 15.17
N ASN J 163 -80.46 28.94 14.93
CA ASN J 163 -79.76 27.88 15.62
C ASN J 163 -78.51 27.37 14.92
N ARG J 164 -77.72 26.60 15.64
CA ARG J 164 -76.58 25.95 15.02
C ARG J 164 -76.29 24.66 15.77
N TYR J 165 -75.48 23.80 15.18
CA TYR J 165 -75.05 22.61 15.86
C TYR J 165 -73.54 22.61 15.97
N ARG J 166 -73.05 23.18 17.06
CA ARG J 166 -71.64 23.17 17.42
C ARG J 166 -71.53 22.71 18.86
N PRO J 167 -71.74 21.41 19.11
CA PRO J 167 -71.82 20.94 20.49
C PRO J 167 -70.53 21.16 21.31
N GLU J 168 -69.43 21.53 20.64
CA GLU J 168 -68.08 21.56 21.25
C GLU J 168 -67.60 22.97 21.52
N VAL J 169 -67.17 23.23 22.74
CA VAL J 169 -66.66 24.55 23.11
C VAL J 169 -65.20 24.76 22.65
N GLN J 170 -64.90 25.96 22.11
CA GLN J 170 -63.56 26.27 21.61
C GLN J 170 -62.58 26.78 22.71
N ALA J 171 -62.06 25.85 23.52
CA ALA J 171 -61.11 26.14 24.62
C ALA J 171 -60.10 27.29 24.37
N ARG J 172 -60.00 28.20 25.35
CA ARG J 172 -59.12 29.38 25.28
C ARG J 172 -57.91 29.27 26.22
N TRP J 173 -56.81 29.92 25.85
CA TRP J 173 -55.54 29.86 26.57
C TRP J 173 -55.14 31.25 27.06
N ALA J 180 -68.20 41.74 24.50
CA ALA J 180 -69.13 41.59 23.38
C ALA J 180 -68.98 40.25 22.64
N THR J 181 -68.88 39.16 23.41
CA THR J 181 -68.68 37.85 22.81
C THR J 181 -69.94 37.02 22.87
N GLY J 182 -69.97 35.90 22.16
CA GLY J 182 -71.12 35.02 22.21
C GLY J 182 -72.18 35.23 21.15
N THR J 183 -73.14 34.32 21.13
CA THR J 183 -74.12 34.25 20.05
C THR J 183 -75.17 35.34 20.02
N LEU J 184 -75.44 36.00 21.15
CA LEU J 184 -76.43 37.08 21.17
C LEU J 184 -75.84 38.24 20.38
N TYR J 185 -74.58 38.55 20.70
CA TYR J 185 -73.83 39.54 19.95
C TYR J 185 -73.61 39.16 18.49
N ASP J 186 -73.08 37.96 18.26
CA ASP J 186 -72.67 37.54 16.93
C ASP J 186 -73.82 37.24 15.95
N LEU J 187 -74.87 36.57 16.41
CA LEU J 187 -75.98 36.13 15.56
C LEU J 187 -77.28 36.85 15.87
N GLY J 188 -77.57 36.99 17.16
CA GLY J 188 -78.72 37.77 17.61
C GLY J 188 -78.81 39.16 16.97
N SER J 189 -77.66 39.82 16.77
CA SER J 189 -77.66 41.19 16.24
C SER J 189 -78.29 41.25 14.86
N HIS J 190 -77.95 40.31 13.97
CA HIS J 190 -78.57 40.19 12.63
C HIS J 190 -80.08 40.13 12.70
N ILE J 191 -80.61 39.29 13.57
CA ILE J 191 -82.05 39.12 13.59
C ILE J 191 -82.74 40.18 14.41
N ILE J 192 -81.99 40.80 15.33
CA ILE J 192 -82.51 41.97 16.06
C ILE J 192 -82.64 43.13 15.06
N ASP J 193 -81.56 43.40 14.35
CA ASP J 193 -81.60 44.46 13.35
C ASP J 193 -82.79 44.31 12.40
N GLN J 194 -82.98 43.11 11.86
CA GLN J 194 -84.08 42.90 10.93
C GLN J 194 -85.41 43.29 11.58
N THR J 195 -85.59 42.88 12.83
CA THR J 195 -86.82 43.17 13.57
C THR J 195 -87.09 44.68 13.77
N LEU J 196 -86.05 45.43 14.19
CA LEU J 196 -86.20 46.87 14.39
C LEU J 196 -86.47 47.56 13.07
N HIS J 197 -85.77 47.10 12.04
CA HIS J 197 -86.05 47.51 10.67
C HIS J 197 -87.51 47.30 10.27
N LEU J 198 -88.17 46.24 10.71
CA LEU J 198 -89.54 46.04 10.28
C LEU J 198 -90.55 46.77 11.14
N PHE J 199 -90.31 46.84 12.46
CA PHE J 199 -91.34 47.34 13.38
C PHE J 199 -90.96 48.51 14.26
N GLY J 200 -89.71 48.97 14.19
CA GLY J 200 -89.22 49.98 15.11
C GLY J 200 -88.92 49.34 16.46
N MET J 201 -88.81 50.19 17.47
CA MET J 201 -88.39 49.78 18.80
C MET J 201 -89.59 49.29 19.58
N PRO J 202 -89.43 48.19 20.32
CA PRO J 202 -90.52 47.63 21.12
C PRO J 202 -90.69 48.37 22.43
N LYS J 203 -91.79 48.12 23.13
CA LYS J 203 -92.03 48.70 24.45
C LYS J 203 -91.07 48.14 25.48
N ALA J 204 -90.78 46.84 25.36
CA ALA J 204 -90.03 46.07 26.38
C ALA J 204 -89.37 44.79 25.82
N VAL J 205 -88.44 44.25 26.59
CA VAL J 205 -87.69 43.04 26.26
C VAL J 205 -87.73 42.06 27.45
N THR J 206 -87.84 40.78 27.14
CA THR J 206 -87.83 39.71 28.13
C THR J 206 -86.97 38.62 27.55
N ALA J 207 -85.98 38.15 28.31
CA ALA J 207 -85.01 37.25 27.75
C ALA J 207 -84.33 36.28 28.72
N ASN J 208 -83.89 35.18 28.14
CA ASN J 208 -83.04 34.24 28.80
C ASN J 208 -81.80 34.08 27.94
N VAL J 209 -80.66 34.37 28.55
CA VAL J 209 -79.39 34.39 27.84
C VAL J 209 -78.45 33.55 28.68
N MET J 210 -77.91 32.48 28.11
CA MET J 210 -77.13 31.55 28.92
C MET J 210 -76.03 30.86 28.13
N ALA J 211 -75.22 30.10 28.85
CA ALA J 211 -74.31 29.14 28.25
C ALA J 211 -74.92 27.75 28.46
N GLN J 212 -75.32 27.09 27.39
CA GLN J 212 -75.89 25.73 27.50
C GLN J 212 -74.85 24.63 27.49
N ARG J 213 -73.78 24.80 26.73
CA ARG J 213 -72.75 23.75 26.59
C ARG J 213 -71.93 23.55 27.86
N GLU J 214 -71.53 22.32 28.11
CA GLU J 214 -71.03 21.95 29.43
C GLU J 214 -69.87 22.80 30.02
N ASN J 215 -68.97 23.32 29.19
CA ASN J 215 -67.87 24.11 29.74
C ASN J 215 -67.80 25.49 29.15
N ALA J 216 -68.98 26.09 29.00
CA ALA J 216 -69.11 27.30 28.21
C ALA J 216 -68.68 28.55 28.98
N GLU J 217 -67.89 29.37 28.30
CA GLU J 217 -67.50 30.68 28.81
C GLU J 217 -68.59 31.65 28.36
N THR J 218 -68.86 31.61 27.07
CA THR J 218 -69.65 32.64 26.45
C THR J 218 -71.07 32.17 26.15
N VAL J 219 -71.93 33.16 25.97
CA VAL J 219 -73.30 32.97 25.55
C VAL J 219 -73.37 32.08 24.30
N ASP J 220 -74.09 30.97 24.41
CA ASP J 220 -74.40 30.07 23.26
C ASP J 220 -75.93 29.81 23.08
N TYR J 221 -76.74 30.41 23.95
CA TYR J 221 -78.18 30.32 23.86
C TYR J 221 -78.79 31.67 24.20
N PHE J 222 -79.74 32.11 23.38
CA PHE J 222 -80.54 33.29 23.68
C PHE J 222 -81.99 33.06 23.25
N HIS J 223 -82.91 33.63 24.01
CA HIS J 223 -84.32 33.62 23.66
C HIS J 223 -84.90 34.96 24.08
N LEU J 224 -85.32 35.78 23.11
CA LEU J 224 -85.79 37.14 23.37
C LEU J 224 -87.25 37.32 22.99
N THR J 225 -88.00 38.05 23.79
CA THR J 225 -89.35 38.46 23.39
C THR J 225 -89.35 39.99 23.34
N LEU J 226 -89.57 40.51 22.13
CA LEU J 226 -89.72 41.94 21.94
C LEU J 226 -91.21 42.29 22.00
N ASP J 227 -91.59 43.19 22.90
CA ASP J 227 -92.99 43.53 23.08
C ASP J 227 -93.48 44.73 22.25
N TYR J 228 -94.41 44.48 21.32
CA TYR J 228 -95.02 45.53 20.52
C TYR J 228 -96.50 45.58 20.79
N GLY J 229 -96.90 45.10 21.96
CA GLY J 229 -98.32 45.05 22.33
C GLY J 229 -98.95 43.79 21.81
N LYS J 230 -99.93 43.94 20.93
CA LYS J 230 -100.57 42.83 20.21
C LYS J 230 -99.53 42.05 19.39
N LEU J 231 -98.59 42.78 18.75
CA LEU J 231 -97.47 42.11 18.08
C LEU J 231 -96.39 41.63 19.07
N GLN J 232 -96.04 40.35 18.96
CA GLN J 232 -94.95 39.79 19.75
C GLN J 232 -93.93 39.27 18.79
N ALA J 233 -92.67 39.64 18.99
CA ALA J 233 -91.59 39.13 18.16
C ALA J 233 -90.64 38.29 19.02
N ILE J 234 -90.46 37.02 18.65
CA ILE J 234 -89.61 36.10 19.41
C ILE J 234 -88.32 35.82 18.63
N LEU J 235 -87.17 36.04 19.25
CA LEU J 235 -85.92 35.79 18.56
C LEU J 235 -85.10 34.82 19.36
N TYR J 236 -84.80 33.65 18.80
CA TYR J 236 -84.04 32.68 19.57
C TYR J 236 -82.98 31.91 18.81
N GLY J 237 -82.05 31.34 19.56
CA GLY J 237 -81.04 30.49 18.96
C GLY J 237 -80.25 29.75 20.00
N GLY J 238 -80.10 28.44 19.77
CA GLY J 238 -79.25 27.62 20.61
C GLY J 238 -78.10 27.08 19.78
N SER J 239 -77.20 26.35 20.45
CA SER J 239 -75.97 25.87 19.81
C SER J 239 -75.87 24.33 19.79
N ILE J 240 -76.85 23.69 20.39
CA ILE J 240 -76.91 22.24 20.37
C ILE J 240 -78.17 21.82 19.61
N VAL J 241 -78.28 22.27 18.37
CA VAL J 241 -79.49 22.04 17.55
C VAL J 241 -79.17 21.33 16.22
N PRO J 242 -79.23 19.99 16.21
CA PRO J 242 -78.96 19.17 15.03
C PRO J 242 -79.81 19.52 13.80
N ALA J 243 -81.11 19.78 13.98
CA ALA J 243 -81.96 20.20 12.87
C ALA J 243 -82.75 21.44 13.26
N ASN J 244 -82.70 22.47 12.42
CA ASN J 244 -83.51 23.67 12.67
C ASN J 244 -84.95 23.43 12.31
N GLY J 245 -85.87 24.09 13.00
CA GLY J 245 -87.23 24.19 12.49
C GLY J 245 -87.20 25.30 11.45
N PRO J 246 -88.35 25.95 11.22
CA PRO J 246 -88.37 27.09 10.33
C PRO J 246 -87.39 28.16 10.78
N ARG J 247 -86.78 28.87 9.86
CA ARG J 247 -86.08 30.07 10.30
C ARG J 247 -87.06 31.21 10.60
N TYR J 248 -88.14 31.30 9.83
CA TYR J 248 -89.18 32.32 10.09
C TYR J 248 -90.54 31.67 10.20
N GLN J 249 -91.32 32.14 11.16
CA GLN J 249 -92.75 31.87 11.21
C GLN J 249 -93.38 33.22 11.49
N ILE J 250 -94.12 33.74 10.52
CA ILE J 250 -94.74 35.05 10.62
C ILE J 250 -96.24 34.90 10.42
N HIS J 251 -97.02 35.39 11.39
CA HIS J 251 -98.48 35.28 11.27
C HIS J 251 -99.10 36.66 11.36
N GLY J 252 -100.03 36.94 10.44
CA GLY J 252 -100.79 38.19 10.42
C GLY J 252 -102.27 37.85 10.49
N LYS J 253 -103.13 38.81 10.15
CA LYS J 253 -104.57 38.56 10.30
C LYS J 253 -105.22 37.57 9.30
N ASP J 254 -104.66 37.45 8.10
CA ASP J 254 -105.22 36.63 7.01
C ASP J 254 -104.25 35.55 6.51
N SER J 255 -102.99 35.65 6.92
CA SER J 255 -101.90 34.89 6.28
C SER J 255 -100.70 34.53 7.18
N SER J 256 -99.94 33.54 6.73
CA SER J 256 -98.71 33.12 7.40
C SER J 256 -97.58 32.94 6.39
N PHE J 257 -96.36 33.32 6.78
CA PHE J 257 -95.16 32.95 6.01
C PHE J 257 -94.26 32.11 6.89
N ILE J 258 -93.99 30.88 6.45
CA ILE J 258 -93.08 29.98 7.16
C ILE J 258 -91.97 29.59 6.18
N LYS J 259 -90.72 29.71 6.63
CA LYS J 259 -89.61 29.47 5.73
C LYS J 259 -88.48 28.79 6.44
N TYR J 260 -87.88 27.82 5.76
CA TYR J 260 -86.69 27.16 6.24
C TYR J 260 -85.48 27.72 5.50
N GLY J 261 -84.29 27.49 6.06
CA GLY J 261 -83.07 27.72 5.34
C GLY J 261 -82.36 28.98 5.77
N ILE J 262 -81.10 29.07 5.36
CA ILE J 262 -80.24 30.25 5.57
C ILE J 262 -79.73 30.83 4.22
N ASP J 263 -79.52 32.14 4.15
CA ASP J 263 -78.98 32.80 2.94
C ASP J 263 -77.60 32.22 2.62
N GLY J 264 -77.33 32.00 1.34
CA GLY J 264 -76.11 31.29 0.92
C GLY J 264 -74.94 32.15 0.47
N GLN J 265 -75.04 33.46 0.68
CA GLN J 265 -74.02 34.39 0.22
C GLN J 265 -72.72 34.29 0.99
N GLU J 266 -72.81 34.12 2.31
CA GLU J 266 -71.60 33.99 3.11
C GLU J 266 -70.82 32.75 2.70
N ASP J 267 -71.51 31.64 2.47
CA ASP J 267 -70.87 30.39 2.02
C ASP J 267 -70.24 30.51 0.62
N ALA J 268 -70.88 31.27 -0.26
CA ALA J 268 -70.31 31.47 -1.60
C ALA J 268 -69.06 32.35 -1.52
N LEU J 269 -68.99 33.22 -0.52
CA LEU J 269 -67.80 34.01 -0.29
C LEU J 269 -66.66 33.16 0.29
N ARG J 270 -67.00 32.27 1.23
CA ARG J 270 -66.02 31.35 1.84
C ARG J 270 -65.35 30.47 0.79
N ALA J 271 -66.12 30.07 -0.22
CA ALA J 271 -65.65 29.16 -1.27
C ALA J 271 -64.89 29.86 -2.42
N GLY J 272 -64.83 31.18 -2.39
CA GLY J 272 -64.05 31.93 -3.37
C GLY J 272 -64.81 32.54 -4.54
N ARG J 273 -66.13 32.49 -4.53
CA ARG J 273 -66.93 33.16 -5.55
C ARG J 273 -67.06 34.66 -5.30
N LYS J 274 -67.26 35.42 -6.39
CA LYS J 274 -67.54 36.84 -6.33
C LYS J 274 -68.88 37.13 -7.01
N PRO J 275 -69.59 38.17 -6.53
CA PRO J 275 -70.87 38.53 -7.16
C PRO J 275 -70.64 38.94 -8.60
N GLU J 276 -71.23 38.19 -9.52
CA GLU J 276 -70.91 38.35 -10.95
C GLU J 276 -72.09 38.26 -11.90
N ASP J 277 -73.29 38.00 -11.39
CA ASP J 277 -74.45 37.79 -12.28
C ASP J 277 -75.82 37.84 -11.57
N ASP J 278 -76.87 37.73 -12.37
CA ASP J 278 -78.23 37.44 -11.91
C ASP J 278 -78.31 36.37 -10.82
N SER J 279 -77.49 35.32 -10.92
CA SER J 279 -77.68 34.14 -10.08
C SER J 279 -77.03 34.23 -8.69
N TRP J 280 -76.44 35.38 -8.39
CA TRP J 280 -75.82 35.58 -7.08
C TRP J 280 -76.86 35.68 -5.98
N GLY J 281 -76.65 34.92 -4.90
CA GLY J 281 -77.56 34.93 -3.75
C GLY J 281 -78.93 34.32 -4.03
N ALA J 282 -79.00 33.46 -5.04
CA ALA J 282 -80.22 32.68 -5.31
C ALA J 282 -80.44 31.69 -4.16
N ASP J 283 -81.67 31.65 -3.68
CA ASP J 283 -82.09 30.63 -2.71
C ASP J 283 -82.23 29.30 -3.43
N VAL J 284 -82.22 28.21 -2.66
CA VAL J 284 -82.45 26.87 -3.20
C VAL J 284 -83.96 26.59 -3.23
N PRO J 285 -84.49 26.15 -4.40
CA PRO J 285 -85.91 25.86 -4.61
C PRO J 285 -86.64 25.11 -3.48
N GLU J 286 -85.96 24.16 -2.85
CA GLU J 286 -86.54 23.32 -1.81
C GLU J 286 -86.82 24.14 -0.54
N PHE J 287 -86.17 25.30 -0.45
CA PHE J 287 -86.23 26.10 0.74
C PHE J 287 -87.06 27.37 0.55
N TYR J 288 -87.71 27.48 -0.60
CA TYR J 288 -88.68 28.57 -0.81
C TYR J 288 -89.70 28.55 0.33
N GLY J 289 -90.11 29.74 0.78
CA GLY J 289 -91.06 29.86 1.88
C GLY J 289 -92.47 29.63 1.42
N LYS J 290 -93.29 29.12 2.34
CA LYS J 290 -94.69 28.83 2.08
C LYS J 290 -95.58 29.91 2.69
N LEU J 291 -96.43 30.48 1.84
CA LEU J 291 -97.35 31.53 2.23
C LEU J 291 -98.76 30.97 2.24
N THR J 292 -99.42 31.07 3.38
CA THR J 292 -100.78 30.57 3.53
C THR J 292 -101.74 31.75 3.64
N THR J 293 -102.74 31.79 2.78
CA THR J 293 -103.71 32.88 2.81
C THR J 293 -105.11 32.33 3.03
N ILE J 294 -105.89 33.02 3.86
CA ILE J 294 -107.25 32.60 4.20
C ILE J 294 -108.22 33.75 3.98
N ARG J 295 -109.18 33.55 3.08
CA ARG J 295 -110.23 34.53 2.82
C ARG J 295 -111.57 33.84 2.99
N GLY J 296 -112.21 34.08 4.12
CA GLY J 296 -113.45 33.41 4.46
C GLY J 296 -113.17 31.97 4.83
N SER J 297 -113.72 31.05 4.06
CA SER J 297 -113.56 29.62 4.33
C SER J 297 -112.38 29.02 3.54
N ASP J 298 -111.69 29.84 2.77
CA ASP J 298 -110.75 29.34 1.78
C ASP J 298 -109.27 29.45 2.18
N LYS J 299 -108.63 28.31 2.41
CA LYS J 299 -107.22 28.23 2.77
C LYS J 299 -106.39 27.88 1.54
N LYS J 300 -105.49 28.79 1.15
CA LYS J 300 -104.54 28.50 0.08
C LYS J 300 -103.07 28.57 0.54
N THR J 301 -102.29 27.56 0.19
CA THR J 301 -100.86 27.53 0.49
C THR J 301 -100.05 27.68 -0.80
N GLU J 302 -99.10 28.60 -0.80
CA GLU J 302 -98.44 29.01 -2.02
C GLU J 302 -96.94 29.07 -1.76
N THR J 303 -96.16 28.46 -2.64
CA THR J 303 -94.71 28.57 -2.55
C THR J 303 -94.29 29.92 -3.13
N ILE J 304 -93.45 30.64 -2.39
CA ILE J 304 -92.93 31.94 -2.82
C ILE J 304 -91.47 31.78 -3.24
N PRO J 305 -91.17 31.95 -4.53
CA PRO J 305 -89.75 31.94 -4.86
C PRO J 305 -89.06 33.13 -4.18
N SER J 306 -87.83 32.94 -3.71
CA SER J 306 -87.16 34.02 -2.98
C SER J 306 -86.56 35.07 -3.90
N VAL J 307 -86.53 36.31 -3.42
CA VAL J 307 -85.72 37.39 -4.01
C VAL J 307 -84.26 37.09 -3.70
N ASN J 308 -83.38 37.27 -4.66
CA ASN J 308 -81.94 37.06 -4.45
C ASN J 308 -81.36 37.89 -3.32
N GLY J 309 -80.41 37.30 -2.60
CA GLY J 309 -79.59 38.01 -1.62
C GLY J 309 -78.75 39.02 -2.38
N SER J 310 -78.44 40.14 -1.75
CA SER J 310 -77.83 41.24 -2.45
C SER J 310 -76.92 42.08 -1.55
N TYR J 311 -75.91 41.45 -0.98
CA TYR J 311 -74.98 42.15 -0.10
C TYR J 311 -74.33 43.36 -0.74
N LEU J 312 -74.02 43.29 -2.03
CA LEU J 312 -73.49 44.44 -2.77
C LEU J 312 -74.27 45.73 -2.61
N THR J 313 -75.57 45.62 -2.38
CA THR J 313 -76.43 46.80 -2.28
C THR J 313 -75.97 47.68 -1.12
N TYR J 314 -75.52 47.08 -0.03
CA TYR J 314 -74.97 47.88 1.06
C TYR J 314 -73.87 48.84 0.55
N TYR J 315 -72.95 48.29 -0.22
CA TYR J 315 -71.81 49.05 -0.66
C TYR J 315 -72.10 49.93 -1.83
N ARG J 316 -73.08 49.56 -2.66
CA ARG J 316 -73.57 50.51 -3.67
C ARG J 316 -74.15 51.73 -2.98
N LYS J 317 -74.83 51.50 -1.86
CA LYS J 317 -75.48 52.58 -1.12
C LYS J 317 -74.54 53.48 -0.32
N ILE J 318 -73.47 52.89 0.22
CA ILE J 318 -72.40 53.65 0.84
C ILE J 318 -71.75 54.57 -0.21
N ALA J 319 -71.47 54.02 -1.40
CA ALA J 319 -70.86 54.81 -2.47
C ALA J 319 -71.69 56.06 -2.76
N GLU J 320 -72.99 55.88 -2.92
CA GLU J 320 -73.92 56.98 -3.19
C GLU J 320 -73.99 57.93 -2.01
N SER J 321 -73.85 57.37 -0.80
CA SER J 321 -73.87 58.19 0.40
C SER J 321 -72.69 59.17 0.44
N ILE J 322 -71.49 58.63 0.28
CA ILE J 322 -70.26 59.40 0.16
C ILE J 322 -70.30 60.40 -0.99
N ARG J 323 -70.60 59.95 -2.23
CA ARG J 323 -70.53 60.84 -3.42
C ARG J 323 -71.76 61.72 -3.76
N GLU J 324 -72.90 61.47 -3.12
CA GLU J 324 -74.12 62.21 -3.50
C GLU J 324 -74.95 62.69 -2.30
N GLY J 325 -74.51 62.38 -1.08
CA GLY J 325 -75.23 62.77 0.14
C GLY J 325 -76.55 62.05 0.38
N ALA J 326 -76.76 60.91 -0.28
CA ALA J 326 -77.94 60.08 -0.03
C ALA J 326 -77.86 59.40 1.35
N ALA J 327 -79.02 59.25 1.98
CA ALA J 327 -79.17 58.57 3.25
C ALA J 327 -78.41 57.23 3.26
N LEU J 328 -77.65 57.03 4.33
CA LEU J 328 -76.95 55.78 4.56
C LEU J 328 -77.89 54.56 4.57
N PRO J 329 -77.36 53.40 4.16
CA PRO J 329 -78.12 52.17 4.14
C PRO J 329 -78.45 51.67 5.55
N VAL J 330 -77.56 51.95 6.50
CA VAL J 330 -77.75 51.64 7.89
C VAL J 330 -77.13 52.77 8.66
N THR J 331 -77.87 53.32 9.61
CA THR J 331 -77.37 54.46 10.37
C THR J 331 -76.76 54.00 11.68
N ALA J 332 -75.85 54.82 12.22
CA ALA J 332 -75.33 54.68 13.57
C ALA J 332 -76.46 54.50 14.58
N GLU J 333 -77.49 55.35 14.51
CA GLU J 333 -78.66 55.23 15.37
C GLU J 333 -79.20 53.80 15.35
N GLU J 334 -79.39 53.27 14.15
CA GLU J 334 -79.85 51.88 13.97
C GLU J 334 -78.92 50.84 14.62
N GLY J 335 -77.61 50.97 14.41
CA GLY J 335 -76.61 50.22 15.14
C GLY J 335 -76.77 50.35 16.65
N ILE J 336 -76.92 51.58 17.14
CA ILE J 336 -77.06 51.78 18.58
C ILE J 336 -78.25 51.03 19.13
N ASN J 337 -79.40 51.16 18.46
CA ASN J 337 -80.62 50.48 18.86
C ASN J 337 -80.50 48.96 18.95
N VAL J 338 -79.72 48.34 18.07
CA VAL J 338 -79.47 46.91 18.19
C VAL J 338 -78.79 46.58 19.51
N ILE J 339 -77.78 47.37 19.88
CA ILE J 339 -77.05 47.17 21.13
C ILE J 339 -77.90 47.53 22.36
N ARG J 340 -78.87 48.43 22.19
CA ARG J 340 -79.84 48.67 23.25
C ARG J 340 -80.65 47.41 23.54
N ILE J 341 -81.08 46.73 22.47
CA ILE J 341 -81.86 45.52 22.61
C ILE J 341 -81.02 44.43 23.26
N ILE J 342 -79.77 44.31 22.85
CA ILE J 342 -78.87 43.31 23.46
C ILE J 342 -78.68 43.55 24.98
N GLU J 343 -78.30 44.77 25.35
CA GLU J 343 -78.17 45.14 26.77
C GLU J 343 -79.44 44.88 27.60
N ALA J 344 -80.60 45.31 27.08
CA ALA J 344 -81.86 45.12 27.81
C ALA J 344 -82.16 43.66 28.03
N ALA J 345 -81.84 42.83 27.02
CA ALA J 345 -81.92 41.37 27.08
C ALA J 345 -80.96 40.75 28.11
N MET J 346 -79.68 41.17 28.13
CA MET J 346 -78.73 40.72 29.15
C MET J 346 -79.21 41.15 30.55
N GLU J 347 -79.73 42.37 30.66
CA GLU J 347 -80.28 42.82 31.94
C GLU J 347 -81.49 41.97 32.38
N SER J 348 -82.38 41.68 31.43
CA SER J 348 -83.58 40.87 31.67
C SER J 348 -83.24 39.46 32.15
N SER J 349 -82.25 38.84 31.49
CA SER J 349 -81.80 37.53 31.85
C SER J 349 -81.23 37.50 33.28
N LYS J 350 -80.33 38.43 33.60
CA LYS J 350 -79.72 38.52 34.93
C LYS J 350 -80.69 38.89 36.06
N GLU J 351 -81.65 39.75 35.74
CA GLU J 351 -82.56 40.23 36.76
C GLU J 351 -83.85 39.45 36.83
N LYS J 352 -83.97 38.46 35.94
CA LYS J 352 -85.19 37.67 35.71
C LYS J 352 -86.47 38.49 35.71
N ARG J 353 -86.50 39.56 34.93
CA ARG J 353 -87.73 40.33 34.73
C ARG J 353 -87.76 40.95 33.34
N THR J 354 -88.93 41.41 32.94
CA THR J 354 -89.06 42.19 31.73
C THR J 354 -88.37 43.53 31.94
N ILE J 355 -87.61 43.98 30.95
CA ILE J 355 -87.02 45.31 31.00
C ILE J 355 -87.73 46.26 30.04
N MET J 356 -88.32 47.33 30.59
CA MET J 356 -88.96 48.40 29.82
C MET J 356 -87.92 49.25 29.10
N LEU J 357 -88.24 49.70 27.89
CA LEU J 357 -87.39 50.65 27.15
C LEU J 357 -87.98 52.05 27.19
N GLU J 358 -87.13 53.03 27.48
CA GLU J 358 -87.57 54.42 27.58
C GLU J 358 -87.15 55.23 26.37
N VAL K 12 20.95 -34.13 54.18
CA VAL K 12 21.87 -32.96 53.99
C VAL K 12 21.09 -31.75 53.41
N ASP K 13 21.15 -30.63 54.13
CA ASP K 13 20.19 -29.57 53.88
C ASP K 13 20.76 -28.27 53.37
N THR K 14 19.89 -27.60 52.64
CA THR K 14 20.23 -26.41 51.90
C THR K 14 20.36 -25.22 52.84
N ILE K 15 21.29 -24.33 52.53
CA ILE K 15 21.39 -23.06 53.19
C ILE K 15 20.22 -22.17 52.76
N LYS K 16 19.39 -21.81 53.75
CA LYS K 16 18.22 -20.97 53.52
C LYS K 16 18.63 -19.51 53.46
N VAL K 17 18.33 -18.89 52.31
CA VAL K 17 18.85 -17.59 51.95
C VAL K 17 17.76 -16.54 51.88
N GLY K 18 18.07 -15.36 52.41
CA GLY K 18 17.26 -14.16 52.21
C GLY K 18 18.02 -13.12 51.38
N ILE K 19 17.33 -12.52 50.42
CA ILE K 19 17.94 -11.45 49.63
C ILE K 19 17.38 -10.08 49.97
N LEU K 20 18.27 -9.17 50.38
CA LEU K 20 17.88 -7.78 50.60
C LEU K 20 18.03 -7.00 49.31
N GLY K 21 16.89 -6.57 48.75
CA GLY K 21 16.88 -5.80 47.52
C GLY K 21 16.76 -6.69 46.31
N TYR K 22 15.79 -6.40 45.46
CA TYR K 22 15.64 -7.17 44.24
C TYR K 22 15.74 -6.27 43.04
N GLY K 23 16.80 -5.49 42.97
CA GLY K 23 17.05 -4.62 41.83
C GLY K 23 18.03 -5.31 40.92
N LEU K 24 18.94 -4.53 40.35
CA LEU K 24 19.91 -5.05 39.38
C LEU K 24 20.71 -6.21 39.92
N SER K 25 21.37 -6.02 41.07
CA SER K 25 22.30 -7.04 41.56
C SER K 25 21.58 -8.13 42.32
N GLY K 26 20.47 -7.79 42.96
CA GLY K 26 19.55 -8.82 43.48
C GLY K 26 19.04 -9.78 42.39
N SER K 27 18.33 -9.26 41.40
CA SER K 27 17.65 -10.13 40.43
C SER K 27 18.52 -10.70 39.33
N VAL K 28 19.73 -10.19 39.16
CA VAL K 28 20.55 -10.54 37.99
C VAL K 28 21.96 -11.07 38.33
N PHE K 29 22.67 -10.41 39.25
CA PHE K 29 24.04 -10.86 39.57
C PHE K 29 24.09 -11.96 40.63
N HIS K 30 23.07 -12.04 41.47
CA HIS K 30 23.03 -12.98 42.59
C HIS K 30 21.98 -14.08 42.45
N GLY K 31 20.72 -13.68 42.50
CA GLY K 31 19.58 -14.61 42.42
C GLY K 31 19.72 -15.78 41.45
N PRO K 32 19.91 -15.49 40.15
CA PRO K 32 20.26 -16.51 39.16
C PRO K 32 21.37 -17.47 39.63
N LEU K 33 22.48 -16.93 40.12
CA LEU K 33 23.60 -17.77 40.55
C LEU K 33 23.19 -18.69 41.69
N LEU K 34 22.31 -18.21 42.56
CA LEU K 34 21.92 -18.99 43.73
C LEU K 34 20.87 -20.04 43.34
N ASP K 35 20.20 -19.80 42.23
CA ASP K 35 19.18 -20.73 41.76
C ASP K 35 19.78 -21.99 41.13
N VAL K 36 20.91 -21.87 40.43
CA VAL K 36 21.52 -23.03 39.76
C VAL K 36 22.14 -24.03 40.74
N LEU K 37 22.62 -23.50 41.86
CA LEU K 37 23.24 -24.29 42.92
C LEU K 37 22.17 -24.90 43.83
N ASP K 38 22.29 -26.20 44.08
CA ASP K 38 21.34 -26.86 44.96
C ASP K 38 21.78 -26.88 46.44
N GLU K 39 22.95 -26.31 46.69
CA GLU K 39 23.41 -26.05 48.05
C GLU K 39 22.60 -24.93 48.71
N TYR K 40 21.84 -24.18 47.90
CA TYR K 40 21.09 -23.01 48.38
C TYR K 40 19.62 -23.03 48.01
N GLN K 41 18.79 -22.38 48.82
CA GLN K 41 17.38 -22.14 48.50
C GLN K 41 16.99 -20.73 48.94
N ILE K 42 16.21 -20.03 48.10
CA ILE K 42 15.73 -18.68 48.47
C ILE K 42 14.35 -18.68 49.17
N SER K 43 14.33 -18.25 50.43
CA SER K 43 13.12 -18.25 51.22
C SER K 43 12.46 -16.91 51.14
N LYS K 44 13.27 -15.87 51.32
CA LYS K 44 12.75 -14.52 51.42
C LYS K 44 13.55 -13.50 50.65
N ILE K 45 12.82 -12.56 50.05
CA ILE K 45 13.40 -11.43 49.35
C ILE K 45 12.75 -10.14 49.86
N MET K 46 13.57 -9.15 50.27
CA MET K 46 13.04 -7.84 50.65
C MET K 46 13.01 -6.92 49.43
N THR K 47 11.81 -6.53 49.01
CA THR K 47 11.61 -5.70 47.81
C THR K 47 10.15 -5.21 47.68
N SER K 48 9.94 -4.19 46.84
CA SER K 48 8.58 -3.79 46.44
C SER K 48 8.20 -4.40 45.09
N ARG K 49 9.19 -4.98 44.41
CA ARG K 49 9.00 -5.66 43.13
C ARG K 49 8.44 -7.07 43.28
N THR K 50 7.16 -7.13 43.68
CA THR K 50 6.47 -8.36 44.07
C THR K 50 6.21 -9.33 42.91
N GLU K 51 5.81 -8.79 41.76
CA GLU K 51 5.46 -9.60 40.60
C GLU K 51 6.69 -10.30 40.00
N GLU K 52 7.87 -9.71 40.19
CA GLU K 52 9.10 -10.28 39.64
C GLU K 52 9.50 -11.51 40.41
N VAL K 53 9.45 -11.41 41.74
CA VAL K 53 9.83 -12.51 42.62
C VAL K 53 8.85 -13.67 42.41
N LYS K 54 7.56 -13.35 42.37
CA LYS K 54 6.55 -14.39 42.11
C LYS K 54 6.84 -15.14 40.82
N ARG K 55 7.61 -14.51 39.93
CA ARG K 55 7.95 -15.09 38.62
C ARG K 55 9.17 -16.01 38.68
N ASP K 56 10.34 -15.48 39.05
CA ASP K 56 11.56 -16.28 39.04
C ASP K 56 11.79 -17.09 40.31
N PHE K 57 11.09 -16.76 41.39
CA PHE K 57 11.15 -17.53 42.65
C PHE K 57 9.77 -17.75 43.26
N PRO K 58 9.00 -18.70 42.68
CA PRO K 58 7.61 -18.90 43.06
C PRO K 58 7.45 -19.33 44.51
N ASP K 59 8.42 -20.10 45.03
CA ASP K 59 8.33 -20.64 46.38
C ASP K 59 8.93 -19.73 47.47
N ALA K 60 9.51 -18.60 47.07
CA ALA K 60 10.06 -17.61 48.00
C ALA K 60 9.00 -16.61 48.45
N GLU K 61 9.18 -16.02 49.63
CA GLU K 61 8.21 -15.08 50.18
C GLU K 61 8.73 -13.64 50.07
N VAL K 62 7.91 -12.74 49.53
CA VAL K 62 8.29 -11.34 49.40
C VAL K 62 7.97 -10.61 50.70
N VAL K 63 8.86 -9.72 51.11
CA VAL K 63 8.66 -8.97 52.35
C VAL K 63 9.01 -7.50 52.15
N HIS K 64 8.39 -6.64 52.96
CA HIS K 64 8.50 -5.19 52.78
C HIS K 64 9.29 -4.48 53.88
N GLU K 65 9.74 -5.23 54.89
CA GLU K 65 10.61 -4.67 55.93
C GLU K 65 11.66 -5.64 56.47
N LEU K 66 12.78 -5.07 56.92
CA LEU K 66 13.97 -5.82 57.29
C LEU K 66 13.73 -6.89 58.38
N GLU K 67 12.93 -6.54 59.38
CA GLU K 67 12.56 -7.42 60.51
C GLU K 67 12.00 -8.78 60.07
N GLU K 68 11.32 -8.77 58.92
CA GLU K 68 10.72 -9.98 58.35
C GLU K 68 11.76 -11.02 57.91
N ILE K 69 13.00 -10.58 57.75
CA ILE K 69 14.10 -11.49 57.43
C ILE K 69 15.00 -11.76 58.63
N THR K 70 15.29 -10.72 59.40
CA THR K 70 16.22 -10.85 60.51
C THR K 70 15.62 -11.71 61.60
N ASN K 71 14.35 -11.48 61.90
CA ASN K 71 13.66 -12.23 62.96
C ASN K 71 13.01 -13.52 62.45
N ASP K 72 13.57 -14.06 61.37
CA ASP K 72 13.11 -15.33 60.80
C ASP K 72 14.09 -16.46 61.15
N PRO K 73 13.62 -17.46 61.91
CA PRO K 73 14.49 -18.53 62.43
C PRO K 73 14.99 -19.54 61.39
N ALA K 74 14.44 -19.48 60.19
CA ALA K 74 14.81 -20.37 59.09
C ALA K 74 15.99 -19.86 58.29
N ILE K 75 15.96 -18.57 57.94
CA ILE K 75 17.02 -17.93 57.15
C ILE K 75 18.37 -18.17 57.81
N GLU K 76 19.34 -18.72 57.05
CA GLU K 76 20.73 -18.85 57.53
C GLU K 76 21.69 -17.77 56.99
N LEU K 77 21.50 -17.42 55.72
CA LEU K 77 22.35 -16.44 55.03
C LEU K 77 21.53 -15.27 54.49
N VAL K 78 22.09 -14.08 54.60
CA VAL K 78 21.48 -12.89 54.03
C VAL K 78 22.42 -12.34 52.98
N ILE K 79 21.88 -11.94 51.83
CA ILE K 79 22.65 -11.32 50.76
C ILE K 79 22.19 -9.88 50.69
N VAL K 80 23.10 -8.97 50.97
CA VAL K 80 22.75 -7.56 51.08
C VAL K 80 23.07 -6.86 49.76
N THR K 81 22.05 -6.61 48.95
CA THR K 81 22.28 -6.11 47.59
C THR K 81 21.68 -4.73 47.41
N THR K 82 21.29 -4.13 48.54
CA THR K 82 20.65 -2.84 48.57
C THR K 82 21.72 -1.74 48.35
N PRO K 83 21.29 -0.47 48.26
CA PRO K 83 22.28 0.57 47.90
C PRO K 83 23.42 0.76 48.90
N SER K 84 24.57 1.21 48.41
CA SER K 84 25.76 1.51 49.22
C SER K 84 25.50 2.13 50.62
N GLY K 85 24.62 3.14 50.66
CA GLY K 85 24.39 3.91 51.87
C GLY K 85 23.53 3.19 52.89
N LEU K 86 22.99 2.03 52.51
CA LEU K 86 22.16 1.24 53.43
C LEU K 86 22.87 -0.04 53.91
N HIS K 87 23.97 -0.39 53.24
CA HIS K 87 24.81 -1.56 53.58
C HIS K 87 25.10 -1.70 55.09
N TYR K 88 25.64 -0.66 55.71
CA TYR K 88 26.03 -0.74 57.13
C TYR K 88 24.84 -1.08 58.01
N GLU K 89 23.80 -0.26 57.94
CA GLU K 89 22.59 -0.41 58.73
C GLU K 89 21.90 -1.76 58.50
N HIS K 90 21.86 -2.23 57.25
CA HIS K 90 21.24 -3.52 56.90
C HIS K 90 22.06 -4.73 57.34
N THR K 91 23.38 -4.68 57.08
CA THR K 91 24.32 -5.73 57.48
C THR K 91 24.39 -5.92 58.99
N MET K 92 24.45 -4.81 59.72
CA MET K 92 24.51 -4.86 61.18
C MET K 92 23.27 -5.54 61.78
N ALA K 93 22.11 -5.29 61.18
CA ALA K 93 20.87 -5.87 61.64
C ALA K 93 20.89 -7.40 61.51
N CYS K 94 21.51 -7.90 60.45
CA CYS K 94 21.58 -9.34 60.21
C CYS K 94 22.61 -9.98 61.13
N ILE K 95 23.73 -9.28 61.30
CA ILE K 95 24.76 -9.69 62.22
C ILE K 95 24.11 -9.89 63.59
N GLN K 96 23.46 -8.84 64.11
CA GLN K 96 22.81 -8.87 65.45
C GLN K 96 21.79 -9.98 65.64
N ALA K 97 21.11 -10.35 64.57
CA ALA K 97 20.09 -11.40 64.61
C ALA K 97 20.70 -12.77 64.34
N GLY K 98 22.01 -12.80 64.12
CA GLY K 98 22.78 -14.03 64.07
C GLY K 98 22.76 -14.70 62.72
N LYS K 99 22.64 -13.93 61.65
CA LYS K 99 22.71 -14.47 60.30
C LYS K 99 24.11 -14.24 59.71
N HIS K 100 24.56 -15.17 58.86
CA HIS K 100 25.72 -14.92 58.03
C HIS K 100 25.32 -13.93 56.93
N VAL K 101 26.30 -13.11 56.50
CA VAL K 101 26.05 -12.04 55.56
C VAL K 101 27.09 -12.05 54.43
N VAL K 102 26.59 -11.95 53.20
CA VAL K 102 27.39 -11.58 52.04
C VAL K 102 26.96 -10.15 51.68
N MET K 103 27.91 -9.22 51.71
CA MET K 103 27.65 -7.81 51.33
C MET K 103 28.01 -7.63 49.87
N GLU K 104 27.28 -6.77 49.16
CA GLU K 104 27.75 -6.30 47.86
C GLU K 104 28.85 -5.23 48.01
N LYS K 105 29.69 -5.07 46.98
CA LYS K 105 30.70 -4.02 46.96
C LYS K 105 30.07 -2.74 46.44
N PRO K 106 30.57 -1.57 46.88
CA PRO K 106 31.59 -1.37 47.90
C PRO K 106 31.02 -1.71 49.26
N MET K 107 31.88 -2.32 50.09
CA MET K 107 31.53 -2.71 51.43
C MET K 107 30.79 -1.58 52.17
N THR K 108 31.52 -0.54 52.56
CA THR K 108 30.97 0.62 53.24
C THR K 108 31.70 1.86 52.74
N ALA K 109 31.29 3.04 53.16
CA ALA K 109 32.00 4.25 52.76
C ALA K 109 33.38 4.38 53.41
N THR K 110 33.48 3.98 54.69
CA THR K 110 34.74 4.14 55.44
C THR K 110 35.22 2.83 56.05
N ALA K 111 36.53 2.71 56.22
CA ALA K 111 37.13 1.52 56.79
C ALA K 111 36.75 1.33 58.27
N GLU K 112 36.57 2.42 59.00
CA GLU K 112 36.14 2.40 60.39
C GLU K 112 34.76 1.74 60.56
N GLU K 113 33.84 1.98 59.62
CA GLU K 113 32.52 1.33 59.61
C GLU K 113 32.63 -0.18 59.37
N GLY K 114 33.50 -0.56 58.43
CA GLY K 114 33.76 -1.96 58.13
C GLY K 114 34.34 -2.74 59.31
N GLU K 115 35.22 -2.10 60.08
CA GLU K 115 35.81 -2.71 61.26
C GLU K 115 34.73 -3.02 62.29
N THR K 116 33.80 -2.08 62.45
CA THR K 116 32.68 -2.26 63.37
C THR K 116 31.89 -3.50 62.97
N LEU K 117 31.65 -3.65 61.66
CA LEU K 117 30.96 -4.82 61.14
C LEU K 117 31.73 -6.10 61.44
N LYS K 118 33.04 -6.08 61.14
CA LYS K 118 33.90 -7.24 61.37
C LYS K 118 33.93 -7.63 62.85
N ARG K 119 34.07 -6.65 63.74
CA ARG K 119 34.06 -6.94 65.19
C ARG K 119 32.72 -7.54 65.62
N ALA K 120 31.62 -6.96 65.14
CA ALA K 120 30.28 -7.48 65.43
C ALA K 120 30.07 -8.91 64.93
N ALA K 121 30.56 -9.20 63.71
CA ALA K 121 30.46 -10.55 63.14
C ALA K 121 31.12 -11.62 64.00
N ASP K 122 32.37 -11.39 64.39
CA ASP K 122 33.15 -12.39 65.12
C ASP K 122 32.66 -12.59 66.54
N GLU K 123 32.25 -11.50 67.17
CA GLU K 123 31.73 -11.48 68.53
C GLU K 123 30.34 -12.14 68.59
N LYS K 124 29.72 -12.35 67.44
CA LYS K 124 28.43 -13.00 67.36
C LYS K 124 28.56 -14.40 66.75
N GLY K 125 29.76 -14.74 66.29
CA GLY K 125 30.07 -16.07 65.78
C GLY K 125 29.65 -16.33 64.35
N VAL K 126 29.27 -15.29 63.61
CA VAL K 126 28.79 -15.46 62.23
C VAL K 126 29.80 -15.06 61.15
N LEU K 127 29.51 -15.42 59.90
CA LEU K 127 30.41 -15.19 58.78
C LEU K 127 30.05 -13.92 58.03
N LEU K 128 31.05 -13.09 57.78
CA LEU K 128 30.87 -11.87 57.01
C LEU K 128 31.79 -11.85 55.81
N SER K 129 31.21 -11.72 54.63
CA SER K 129 31.99 -11.70 53.40
C SER K 129 31.53 -10.59 52.46
N VAL K 130 32.38 -10.24 51.51
CA VAL K 130 32.11 -9.17 50.56
C VAL K 130 32.24 -9.73 49.15
N TYR K 131 31.20 -9.50 48.35
CA TYR K 131 31.12 -10.03 47.01
C TYR K 131 32.15 -9.37 46.07
N HIS K 132 33.43 -9.61 46.32
CA HIS K 132 34.46 -9.14 45.39
C HIS K 132 34.68 -10.26 44.37
N ASN K 133 33.69 -10.45 43.50
CA ASN K 133 33.67 -11.61 42.64
C ASN K 133 34.64 -11.55 41.48
N ARG K 134 35.23 -10.38 41.25
CA ARG K 134 36.16 -10.18 40.13
C ARG K 134 37.47 -10.95 40.30
N ARG K 135 37.62 -11.63 41.42
CA ARG K 135 38.70 -12.59 41.58
C ARG K 135 38.48 -13.78 40.68
N TRP K 136 37.28 -13.88 40.09
CA TRP K 136 36.92 -15.01 39.24
C TRP K 136 36.53 -14.56 37.84
N ASP K 137 37.09 -13.42 37.44
CA ASP K 137 37.06 -12.97 36.05
C ASP K 137 37.99 -13.86 35.21
N ASN K 138 37.64 -14.07 33.94
CA ASN K 138 38.48 -14.84 33.05
C ASN K 138 39.95 -14.35 33.03
N ASP K 139 40.10 -13.06 32.77
CA ASP K 139 41.41 -12.40 32.72
C ASP K 139 42.23 -12.57 34.00
N PHE K 140 41.60 -12.32 35.15
CA PHE K 140 42.31 -12.44 36.41
C PHE K 140 42.74 -13.87 36.69
N LEU K 141 41.83 -14.82 36.49
CA LEU K 141 42.16 -16.22 36.72
C LEU K 141 43.31 -16.66 35.83
N THR K 142 43.42 -16.02 34.66
CA THR K 142 44.46 -16.31 33.69
C THR K 142 45.84 -15.87 34.21
N ILE K 143 45.85 -14.67 34.78
CA ILE K 143 47.04 -14.02 35.35
C ILE K 143 47.59 -14.86 36.51
N LYS K 144 46.69 -15.34 37.36
CA LYS K 144 47.08 -16.17 38.49
C LYS K 144 47.71 -17.47 38.02
N LYS K 145 47.09 -18.09 37.02
CA LYS K 145 47.59 -19.34 36.43
C LYS K 145 49.02 -19.15 35.95
N LEU K 146 49.29 -18.04 35.28
CA LEU K 146 50.62 -17.68 34.78
C LEU K 146 51.62 -17.43 35.91
N ILE K 147 51.14 -16.73 36.94
CA ILE K 147 51.95 -16.45 38.12
C ILE K 147 52.36 -17.76 38.79
N SER K 148 51.41 -18.68 38.91
CA SER K 148 51.63 -19.96 39.59
C SER K 148 52.43 -20.96 38.76
N GLU K 149 52.42 -20.81 37.43
CA GLU K 149 53.21 -21.65 36.53
C GLU K 149 54.63 -21.09 36.35
N GLY K 150 54.86 -19.91 36.91
CA GLY K 150 56.19 -19.28 36.88
C GLY K 150 56.53 -18.58 35.58
N SER K 151 55.52 -17.95 34.97
CA SER K 151 55.69 -17.27 33.70
C SER K 151 55.68 -15.75 33.87
N LEU K 152 55.19 -15.28 35.03
CA LEU K 152 55.23 -13.85 35.36
C LEU K 152 56.09 -13.61 36.60
N GLU K 153 57.39 -13.76 36.43
CA GLU K 153 58.33 -13.69 37.55
C GLU K 153 58.73 -12.26 37.93
N ASP K 154 58.76 -12.01 39.23
CA ASP K 154 59.36 -10.80 39.80
C ASP K 154 58.70 -9.52 39.29
N ILE K 155 57.38 -9.55 39.14
CA ILE K 155 56.61 -8.44 38.55
C ILE K 155 57.13 -7.07 39.03
N ASN K 156 57.36 -6.15 38.11
CA ASN K 156 57.79 -4.83 38.52
C ASN K 156 56.77 -3.75 38.19
N THR K 157 55.85 -4.08 37.28
CA THR K 157 54.81 -3.15 36.86
C THR K 157 53.52 -3.88 36.53
N TYR K 158 52.43 -3.36 37.11
CA TYR K 158 51.11 -3.97 37.04
C TYR K 158 50.13 -2.84 36.72
N GLN K 159 49.70 -2.76 35.46
CA GLN K 159 48.84 -1.65 34.98
C GLN K 159 47.46 -2.10 34.56
N VAL K 160 46.45 -1.57 35.24
CA VAL K 160 45.07 -1.90 34.95
C VAL K 160 44.29 -0.64 34.65
N SER K 161 43.51 -0.68 33.57
CA SER K 161 42.59 0.41 33.24
C SER K 161 41.15 -0.08 33.26
N TYR K 162 40.27 0.75 33.80
CA TYR K 162 38.85 0.49 33.85
C TYR K 162 38.18 1.69 33.19
N ASN K 163 38.23 1.72 31.87
CA ASN K 163 37.71 2.83 31.11
C ASN K 163 36.30 2.53 30.62
N ARG K 164 35.51 3.57 30.42
CA ARG K 164 34.18 3.43 29.86
C ARG K 164 33.83 4.73 29.11
N TYR K 165 32.78 4.70 28.30
CA TYR K 165 32.38 5.90 27.55
C TYR K 165 30.99 6.41 27.96
N ARG K 166 30.98 7.36 28.89
CA ARG K 166 29.74 7.96 29.36
C ARG K 166 29.89 9.46 29.49
N PRO K 167 29.71 10.21 28.39
CA PRO K 167 29.88 11.66 28.48
C PRO K 167 28.79 12.42 29.25
N GLU K 168 27.62 11.81 29.46
CA GLU K 168 26.48 12.51 30.09
C GLU K 168 26.07 11.93 31.46
N VAL K 169 25.49 12.77 32.31
CA VAL K 169 25.09 12.37 33.68
C VAL K 169 23.65 11.86 33.80
N ALA K 180 29.09 6.73 49.40
CA ALA K 180 29.95 5.74 48.75
C ALA K 180 29.60 5.53 47.27
N THR K 181 29.61 6.62 46.50
CA THR K 181 29.29 6.61 45.07
C THR K 181 30.42 7.13 44.20
N GLY K 182 30.25 6.95 42.90
CA GLY K 182 31.29 7.28 41.92
C GLY K 182 32.04 6.04 41.49
N THR K 183 32.87 6.23 40.47
CA THR K 183 33.54 5.13 39.77
C THR K 183 34.75 4.56 40.51
N LEU K 184 35.30 5.29 41.47
CA LEU K 184 36.39 4.71 42.29
C LEU K 184 35.82 3.67 43.25
N TYR K 185 34.73 4.02 43.92
CA TYR K 185 33.97 3.07 44.75
C TYR K 185 33.30 1.98 43.92
N ASP K 186 32.69 2.36 42.81
CA ASP K 186 31.98 1.42 41.97
C ASP K 186 32.88 0.52 41.09
N LEU K 187 33.94 1.07 40.51
CA LEU K 187 34.78 0.30 39.57
C LEU K 187 36.16 0.04 40.13
N GLY K 188 36.80 1.08 40.66
CA GLY K 188 38.14 0.95 41.23
C GLY K 188 38.23 -0.23 42.19
N SER K 189 37.22 -0.36 43.06
CA SER K 189 37.25 -1.39 44.09
C SER K 189 37.50 -2.79 43.54
N HIS K 190 36.88 -3.11 42.39
CA HIS K 190 37.11 -4.40 41.70
C HIS K 190 38.59 -4.65 41.40
N ILE K 191 39.24 -3.68 40.75
CA ILE K 191 40.64 -3.83 40.37
C ILE K 191 41.59 -3.48 41.52
N ILE K 192 41.07 -2.77 42.54
CA ILE K 192 41.85 -2.57 43.77
C ILE K 192 41.94 -3.89 44.53
N ASP K 193 40.84 -4.64 44.59
CA ASP K 193 40.83 -5.91 45.30
C ASP K 193 41.81 -6.90 44.69
N GLN K 194 41.84 -6.93 43.36
CA GLN K 194 42.72 -7.81 42.60
C GLN K 194 44.17 -7.54 42.91
N THR K 195 44.55 -6.27 42.86
CA THR K 195 45.90 -5.86 43.21
C THR K 195 46.25 -6.33 44.64
N LEU K 196 45.38 -6.05 45.60
CA LEU K 196 45.66 -6.47 46.98
C LEU K 196 45.76 -7.99 47.07
N HIS K 197 44.85 -8.71 46.43
CA HIS K 197 44.87 -10.16 46.46
C HIS K 197 46.23 -10.73 46.03
N LEU K 198 46.88 -10.07 45.07
CA LEU K 198 48.11 -10.58 44.45
C LEU K 198 49.37 -10.22 45.21
N PHE K 199 49.45 -8.98 45.67
CA PHE K 199 50.69 -8.45 46.24
C PHE K 199 50.59 -8.07 47.70
N GLY K 200 49.39 -8.13 48.28
CA GLY K 200 49.19 -7.62 49.63
C GLY K 200 49.17 -6.09 49.64
N MET K 201 49.25 -5.52 50.84
CA MET K 201 49.10 -4.07 51.02
C MET K 201 50.33 -3.25 50.62
N PRO K 202 50.11 -2.12 49.92
CA PRO K 202 51.24 -1.28 49.47
C PRO K 202 51.78 -0.39 50.59
N LYS K 203 53.01 0.08 50.44
CA LYS K 203 53.60 1.05 51.36
C LYS K 203 52.80 2.37 51.41
N ALA K 204 52.24 2.78 50.27
CA ALA K 204 51.67 4.12 50.14
C ALA K 204 50.83 4.28 48.89
N VAL K 205 49.98 5.30 48.88
CA VAL K 205 49.08 5.56 47.75
C VAL K 205 49.21 7.01 47.28
N THR K 206 49.35 7.18 45.97
CA THR K 206 49.40 8.49 45.33
C THR K 206 48.27 8.52 44.30
N ALA K 207 47.29 9.39 44.50
CA ALA K 207 46.15 9.37 43.60
C ALA K 207 45.75 10.71 43.03
N ASN K 208 45.13 10.67 41.87
CA ASN K 208 44.32 11.77 41.43
C ASN K 208 42.92 11.28 41.11
N VAL K 209 41.92 11.94 41.69
CA VAL K 209 40.54 11.49 41.66
C VAL K 209 39.64 12.70 41.50
N MET K 210 38.89 12.75 40.41
CA MET K 210 38.14 13.97 40.11
C MET K 210 36.80 13.73 39.38
N ALA K 211 36.05 14.83 39.23
CA ALA K 211 34.93 14.86 38.32
C ALA K 211 35.43 15.51 37.04
N GLN K 212 35.53 14.71 35.99
CA GLN K 212 36.10 15.13 34.72
C GLN K 212 35.04 15.66 33.74
N ARG K 213 33.82 15.14 33.85
CA ARG K 213 32.73 15.45 32.93
C ARG K 213 32.02 16.76 33.23
N GLU K 214 31.75 17.54 32.19
CA GLU K 214 31.10 18.84 32.35
C GLU K 214 29.87 18.74 33.28
N ASN K 215 29.80 19.65 34.26
CA ASN K 215 28.74 19.73 35.27
C ASN K 215 28.43 18.41 35.97
N ALA K 216 29.42 17.89 36.68
CA ALA K 216 29.32 16.58 37.34
C ALA K 216 29.75 16.66 38.79
N GLU K 217 29.09 15.87 39.62
CA GLU K 217 29.30 15.91 41.06
C GLU K 217 30.15 14.73 41.58
N THR K 218 29.67 13.49 41.41
CA THR K 218 30.44 12.30 41.81
C THR K 218 31.67 12.08 40.92
N VAL K 219 32.56 11.19 41.38
CA VAL K 219 33.80 10.91 40.69
C VAL K 219 33.53 10.15 39.41
N ASP K 220 34.29 10.47 38.36
CA ASP K 220 34.23 9.71 37.10
C ASP K 220 35.63 9.46 36.51
N TYR K 221 36.66 9.83 37.25
CA TYR K 221 38.03 9.62 36.83
C TYR K 221 38.89 9.30 38.04
N PHE K 222 39.66 8.24 37.95
CA PHE K 222 40.66 8.00 38.98
C PHE K 222 41.99 7.57 38.43
N HIS K 223 43.03 7.89 39.16
CA HIS K 223 44.37 7.43 38.82
C HIS K 223 45.13 7.17 40.13
N LEU K 224 45.44 5.90 40.35
CA LEU K 224 46.01 5.43 41.59
C LEU K 224 47.37 4.80 41.38
N THR K 225 48.32 5.22 42.20
CA THR K 225 49.61 4.54 42.27
C THR K 225 49.75 3.87 43.61
N LEU K 226 49.86 2.55 43.62
CA LEU K 226 50.15 1.79 44.84
C LEU K 226 51.64 1.42 44.87
N ASP K 227 52.38 2.00 45.81
CA ASP K 227 53.84 1.84 45.88
C ASP K 227 54.15 0.55 46.61
N TYR K 228 54.85 -0.35 45.92
CA TYR K 228 55.35 -1.60 46.50
C TYR K 228 56.86 -1.63 46.34
N GLY K 229 57.51 -0.48 46.54
CA GLY K 229 58.96 -0.35 46.36
C GLY K 229 59.38 -0.50 44.92
N LYS K 230 60.08 -1.59 44.64
CA LYS K 230 60.50 -1.90 43.28
C LYS K 230 59.27 -2.11 42.40
N LEU K 231 58.26 -2.81 42.91
CA LEU K 231 57.04 -3.00 42.14
C LEU K 231 56.12 -1.80 42.23
N GLN K 232 55.60 -1.39 41.05
CA GLN K 232 54.64 -0.27 40.95
C GLN K 232 53.31 -0.71 40.35
N ALA K 233 52.23 -0.54 41.13
CA ALA K 233 50.90 -0.87 40.65
C ALA K 233 50.16 0.40 40.34
N ILE K 234 49.72 0.53 39.08
CA ILE K 234 48.99 1.69 38.61
C ILE K 234 47.55 1.26 38.23
N LEU K 235 46.55 1.86 38.86
CA LEU K 235 45.17 1.52 38.54
C LEU K 235 44.39 2.77 38.18
N TYR K 236 43.85 2.80 36.96
CA TYR K 236 43.14 3.99 36.51
C TYR K 236 41.92 3.73 35.64
N GLY K 237 41.13 4.78 35.46
CA GLY K 237 39.96 4.72 34.60
C GLY K 237 39.32 6.07 34.48
N GLY K 238 38.82 6.37 33.29
CA GLY K 238 38.06 7.59 33.06
C GLY K 238 36.71 7.22 32.48
N SER K 239 35.88 8.24 32.25
CA SER K 239 34.54 8.07 31.72
C SER K 239 34.34 8.73 30.33
N ILE K 240 35.36 9.43 29.83
CA ILE K 240 35.29 9.99 28.48
C ILE K 240 36.38 9.32 27.64
N VAL K 241 36.30 7.99 27.55
CA VAL K 241 37.28 7.15 26.84
C VAL K 241 36.59 6.31 25.74
N PRO K 242 36.56 6.81 24.49
CA PRO K 242 35.95 6.11 23.34
C PRO K 242 36.49 4.70 23.04
N ALA K 243 37.81 4.57 23.03
CA ALA K 243 38.44 3.29 22.78
C ALA K 243 39.38 2.92 23.92
N ASN K 244 39.23 1.70 24.41
CA ASN K 244 40.07 1.18 25.47
C ASN K 244 41.47 0.85 24.95
N GLY K 245 42.46 1.10 25.80
CA GLY K 245 43.75 0.43 25.68
C GLY K 245 43.69 -0.92 26.37
N PRO K 246 44.83 -1.60 26.45
CA PRO K 246 44.83 -2.86 27.17
C PRO K 246 44.35 -2.68 28.61
N ARG K 247 43.51 -3.61 29.07
CA ARG K 247 42.99 -3.62 30.42
C ARG K 247 44.11 -4.01 31.38
N TYR K 248 44.94 -4.96 30.96
CA TYR K 248 46.09 -5.35 31.77
C TYR K 248 47.42 -5.17 31.04
N GLN K 249 48.41 -4.64 31.77
CA GLN K 249 49.80 -4.59 31.34
C GLN K 249 50.68 -4.99 32.52
N ILE K 250 51.36 -6.13 32.38
CA ILE K 250 52.15 -6.67 33.48
C ILE K 250 53.58 -6.96 33.03
N HIS K 251 54.54 -6.38 33.74
CA HIS K 251 55.94 -6.47 33.39
C HIS K 251 56.78 -7.09 34.52
N GLY K 252 57.33 -8.28 34.25
CA GLY K 252 58.25 -8.96 35.17
C GLY K 252 59.66 -8.92 34.63
N LYS K 253 60.63 -9.47 35.37
CA LYS K 253 62.04 -9.35 35.00
C LYS K 253 62.37 -9.99 33.64
N ASP K 254 61.53 -10.93 33.21
CA ASP K 254 61.78 -11.75 32.03
C ASP K 254 60.64 -11.66 31.03
N SER K 255 59.48 -11.22 31.50
CA SER K 255 58.25 -11.42 30.75
C SER K 255 57.19 -10.30 30.93
N SER K 256 56.17 -10.34 30.06
CA SER K 256 55.09 -9.36 30.01
C SER K 256 53.79 -10.00 29.57
N PHE K 257 52.68 -9.40 29.99
CA PHE K 257 51.36 -9.90 29.62
C PHE K 257 50.42 -8.73 29.40
N ILE K 258 50.06 -8.52 28.14
CA ILE K 258 49.15 -7.45 27.70
C ILE K 258 47.83 -8.07 27.28
N LYS K 259 46.73 -7.48 27.73
CA LYS K 259 45.41 -8.01 27.43
C LYS K 259 44.36 -6.93 27.37
N TYR K 260 43.48 -7.04 26.38
CA TYR K 260 42.36 -6.15 26.19
C TYR K 260 41.05 -6.84 26.60
N GLY K 261 40.00 -6.05 26.81
CA GLY K 261 38.65 -6.57 27.07
C GLY K 261 38.32 -6.88 28.53
N ILE K 262 37.03 -7.10 28.78
CA ILE K 262 36.57 -7.46 30.09
C ILE K 262 35.79 -8.78 30.06
N ASP K 263 35.45 -9.26 31.26
CA ASP K 263 34.70 -10.51 31.43
C ASP K 263 33.23 -10.44 30.94
N GLY K 264 32.76 -11.56 30.39
CA GLY K 264 31.43 -11.63 29.77
C GLY K 264 30.27 -12.16 30.61
N GLN K 265 30.54 -12.56 31.85
CA GLN K 265 29.53 -13.20 32.71
C GLN K 265 28.32 -12.31 33.06
N GLU K 266 28.58 -11.05 33.42
CA GLU K 266 27.50 -10.09 33.68
C GLU K 266 26.53 -9.91 32.50
N ASP K 267 27.06 -9.92 31.28
CA ASP K 267 26.23 -9.77 30.07
C ASP K 267 25.41 -11.02 29.82
N ALA K 268 26.07 -12.19 29.88
CA ALA K 268 25.38 -13.47 29.86
C ALA K 268 24.19 -13.44 30.81
N LEU K 269 24.46 -13.03 32.05
CA LEU K 269 23.43 -12.91 33.08
C LEU K 269 22.38 -11.85 32.76
N ARG K 270 22.82 -10.73 32.18
CA ARG K 270 21.90 -9.65 31.81
C ARG K 270 20.93 -10.08 30.72
N ALA K 271 21.42 -10.88 29.78
CA ALA K 271 20.57 -11.41 28.69
C ALA K 271 19.58 -12.47 29.21
N GLY K 272 19.93 -13.07 30.35
CA GLY K 272 19.08 -14.06 31.00
C GLY K 272 19.59 -15.48 30.82
N ARG K 273 20.88 -15.68 31.06
CA ARG K 273 21.52 -17.00 30.95
C ARG K 273 22.22 -17.40 32.25
N LYS K 274 22.31 -18.71 32.47
CA LYS K 274 22.80 -19.28 33.72
C LYS K 274 23.92 -20.27 33.45
N PRO K 275 24.94 -20.30 34.31
CA PRO K 275 26.03 -21.27 34.18
C PRO K 275 25.61 -22.72 34.29
N GLU K 276 25.08 -23.29 33.22
CA GLU K 276 24.84 -24.73 33.18
C GLU K 276 26.13 -25.49 32.92
N ASP K 277 26.67 -25.31 31.71
CA ASP K 277 27.77 -26.13 31.19
C ASP K 277 29.18 -25.62 31.51
N ASP K 278 30.15 -26.22 30.81
CA ASP K 278 31.58 -25.97 30.98
C ASP K 278 32.07 -24.73 30.20
N SER K 279 31.31 -24.34 29.18
CA SER K 279 31.69 -23.22 28.31
C SER K 279 31.29 -21.84 28.86
N TRP K 280 30.74 -21.81 30.09
CA TRP K 280 30.32 -20.57 30.74
C TRP K 280 31.50 -19.64 31.01
N GLY K 281 31.32 -18.37 30.65
CA GLY K 281 32.32 -17.34 30.94
C GLY K 281 33.58 -17.47 30.12
N ALA K 282 33.43 -18.04 28.92
CA ALA K 282 34.52 -18.12 27.95
C ALA K 282 34.88 -16.70 27.52
N ASP K 283 36.18 -16.47 27.30
CA ASP K 283 36.64 -15.21 26.74
C ASP K 283 36.59 -15.36 25.22
N VAL K 284 36.66 -14.23 24.51
CA VAL K 284 36.59 -14.23 23.05
C VAL K 284 37.98 -14.35 22.41
N PRO K 285 38.12 -15.23 21.39
CA PRO K 285 39.30 -15.43 20.53
C PRO K 285 40.15 -14.16 20.28
N GLU K 286 39.51 -13.06 19.87
CA GLU K 286 40.19 -11.80 19.59
C GLU K 286 40.78 -11.13 20.86
N PHE K 287 40.27 -11.50 22.02
CA PHE K 287 40.65 -10.79 23.25
C PHE K 287 41.57 -11.57 24.18
N TYR K 288 42.13 -12.68 23.71
CA TYR K 288 43.08 -13.47 24.52
C TYR K 288 44.36 -12.66 24.75
N GLY K 289 44.94 -12.79 25.94
CA GLY K 289 46.18 -12.10 26.29
C GLY K 289 47.41 -12.53 25.50
N LYS K 290 48.51 -11.81 25.70
CA LYS K 290 49.75 -12.07 24.98
C LYS K 290 50.90 -12.13 25.96
N LEU K 291 51.52 -13.30 26.07
CA LEU K 291 52.69 -13.44 26.90
C LEU K 291 53.96 -13.36 26.05
N THR K 292 54.82 -12.42 26.42
CA THR K 292 56.10 -12.26 25.77
C THR K 292 57.18 -12.71 26.73
N THR K 293 58.17 -13.41 26.22
CA THR K 293 59.17 -14.06 27.06
C THR K 293 60.60 -13.89 26.51
N ILE K 294 61.46 -13.21 27.28
CA ILE K 294 62.86 -12.97 26.88
C ILE K 294 63.87 -13.88 27.59
N ARG K 295 64.47 -14.79 26.85
CA ARG K 295 65.55 -15.59 27.39
C ARG K 295 66.84 -15.26 26.64
N GLY K 296 67.45 -14.13 26.99
CA GLY K 296 68.69 -13.65 26.36
C GLY K 296 68.38 -12.63 25.28
N SER K 297 68.98 -12.80 24.10
CA SER K 297 68.58 -11.99 22.94
C SER K 297 67.47 -12.72 22.17
N ASP K 298 67.43 -14.04 22.36
CA ASP K 298 66.34 -14.89 21.90
C ASP K 298 64.97 -14.41 22.43
N LYS K 299 64.01 -14.20 21.52
CA LYS K 299 62.68 -13.68 21.87
C LYS K 299 61.54 -14.53 21.27
N LYS K 300 60.34 -14.37 21.85
CA LYS K 300 59.20 -15.27 21.60
C LYS K 300 57.88 -14.64 22.09
N THR K 301 56.79 -14.88 21.35
CA THR K 301 55.45 -14.39 21.71
C THR K 301 54.37 -15.47 21.63
N GLU K 302 53.72 -15.70 22.77
CA GLU K 302 52.74 -16.76 22.92
C GLU K 302 51.36 -16.13 23.16
N THR K 303 50.36 -16.59 22.43
CA THR K 303 48.97 -16.18 22.68
C THR K 303 48.34 -17.16 23.67
N ILE K 304 47.75 -16.62 24.73
CA ILE K 304 47.29 -17.44 25.87
C ILE K 304 45.76 -17.50 25.95
N PRO K 305 45.17 -18.66 25.63
CA PRO K 305 43.72 -18.81 25.79
C PRO K 305 43.32 -18.63 27.25
N SER K 306 42.40 -17.69 27.49
CA SER K 306 42.01 -17.31 28.85
C SER K 306 41.26 -18.43 29.61
N VAL K 307 41.42 -18.43 30.95
CA VAL K 307 40.70 -19.35 31.83
C VAL K 307 39.25 -18.89 31.89
N ASN K 308 38.30 -19.81 31.97
CA ASN K 308 36.89 -19.47 32.05
C ASN K 308 36.52 -18.82 33.36
N GLY K 309 35.79 -17.70 33.27
CA GLY K 309 35.15 -17.07 34.41
C GLY K 309 34.26 -18.04 35.17
N SER K 310 34.29 -17.92 36.50
CA SER K 310 33.55 -18.84 37.38
C SER K 310 33.04 -18.14 38.66
N TYR K 311 32.20 -17.13 38.47
CA TYR K 311 31.53 -16.48 39.60
C TYR K 311 30.89 -17.47 40.57
N LEU K 312 30.47 -18.64 40.07
CA LEU K 312 29.94 -19.72 40.93
C LEU K 312 30.90 -20.17 42.03
N THR K 313 32.20 -20.20 41.71
CA THR K 313 33.21 -20.59 42.68
C THR K 313 33.03 -19.79 43.99
N TYR K 314 32.62 -18.52 43.89
CA TYR K 314 32.37 -17.71 45.09
C TYR K 314 31.30 -18.31 46.01
N TYR K 315 30.11 -18.58 45.48
CA TYR K 315 29.04 -19.17 46.27
C TYR K 315 29.21 -20.66 46.62
N ARG K 316 29.95 -21.42 45.81
CA ARG K 316 30.32 -22.77 46.21
C ARG K 316 31.16 -22.72 47.48
N LYS K 317 32.10 -21.77 47.50
CA LYS K 317 33.03 -21.67 48.62
C LYS K 317 32.44 -21.04 49.87
N ILE K 318 31.47 -20.13 49.68
CA ILE K 318 30.64 -19.62 50.78
C ILE K 318 29.81 -20.74 51.40
N ALA K 319 29.32 -21.66 50.58
CA ALA K 319 28.63 -22.86 51.08
C ALA K 319 29.53 -23.82 51.88
N GLU K 320 30.76 -24.03 51.42
CA GLU K 320 31.73 -24.87 52.11
C GLU K 320 32.11 -24.26 53.44
N SER K 321 32.16 -22.92 53.49
CA SER K 321 32.48 -22.19 54.72
C SER K 321 31.41 -22.34 55.79
N ILE K 322 30.14 -22.20 55.39
CA ILE K 322 28.99 -22.25 56.29
C ILE K 322 28.75 -23.63 56.87
N ARG K 323 29.05 -24.66 56.07
CA ARG K 323 28.70 -26.03 56.41
C ARG K 323 29.84 -26.87 56.97
N GLU K 324 31.08 -26.54 56.57
CA GLU K 324 32.26 -27.36 56.88
C GLU K 324 33.41 -26.55 57.47
N GLY K 325 33.19 -25.27 57.70
CA GLY K 325 34.18 -24.42 58.38
C GLY K 325 35.36 -23.91 57.57
N ALA K 326 35.41 -24.22 56.28
CA ALA K 326 36.47 -23.69 55.39
C ALA K 326 36.64 -22.17 55.48
N ALA K 327 37.82 -21.69 55.12
CA ALA K 327 38.09 -20.26 55.09
C ALA K 327 37.21 -19.59 54.03
N LEU K 328 36.70 -18.40 54.34
CA LEU K 328 35.88 -17.63 53.41
C LEU K 328 36.60 -17.34 52.11
N PRO K 329 35.87 -17.35 50.98
CA PRO K 329 36.48 -16.98 49.69
C PRO K 329 37.03 -15.54 49.63
N VAL K 330 36.38 -14.61 50.34
CA VAL K 330 36.86 -13.24 50.50
C VAL K 330 36.56 -12.86 51.94
N THR K 331 37.58 -12.51 52.72
CA THR K 331 37.35 -12.14 54.12
C THR K 331 36.88 -10.70 54.26
N ALA K 332 36.26 -10.38 55.39
CA ALA K 332 35.88 -9.01 55.70
C ALA K 332 37.12 -8.10 55.76
N GLU K 333 38.20 -8.63 56.32
CA GLU K 333 39.49 -7.93 56.30
C GLU K 333 39.81 -7.40 54.90
N GLU K 334 39.82 -8.27 53.90
CA GLU K 334 40.18 -7.89 52.54
C GLU K 334 39.27 -6.83 51.92
N GLY K 335 38.02 -6.84 52.32
CA GLY K 335 37.07 -5.83 51.91
C GLY K 335 37.44 -4.51 52.54
N ILE K 336 37.63 -4.52 53.84
CA ILE K 336 38.04 -3.33 54.55
C ILE K 336 39.31 -2.71 53.92
N ASN K 337 40.31 -3.55 53.61
CA ASN K 337 41.54 -3.10 52.96
C ASN K 337 41.30 -2.43 51.62
N VAL K 338 40.35 -2.94 50.86
CA VAL K 338 39.94 -2.25 49.65
C VAL K 338 39.54 -0.80 49.98
N ILE K 339 38.61 -0.64 50.93
CA ILE K 339 38.13 0.67 51.36
C ILE K 339 39.25 1.55 51.93
N ARG K 340 40.17 0.94 52.68
CA ARG K 340 41.40 1.62 53.11
C ARG K 340 42.17 2.30 51.95
N ILE K 341 42.41 1.54 50.86
CA ILE K 341 43.04 2.11 49.67
C ILE K 341 42.23 3.29 49.11
N ILE K 342 40.92 3.12 48.99
CA ILE K 342 40.07 4.19 48.46
C ILE K 342 40.15 5.50 49.27
N GLU K 343 40.08 5.40 50.59
CA GLU K 343 40.18 6.60 51.43
C GLU K 343 41.57 7.20 51.35
N ALA K 344 42.59 6.34 51.31
CA ALA K 344 43.94 6.82 51.09
C ALA K 344 44.02 7.61 49.79
N ALA K 345 43.43 7.05 48.73
CA ALA K 345 43.41 7.72 47.43
C ALA K 345 42.71 9.06 47.50
N MET K 346 41.50 9.07 48.08
CA MET K 346 40.73 10.31 48.17
C MET K 346 41.49 11.40 48.96
N GLU K 347 42.09 11.02 50.09
CA GLU K 347 42.92 11.91 50.86
C GLU K 347 44.14 12.37 50.07
N SER K 348 44.78 11.46 49.33
CA SER K 348 45.96 11.78 48.53
C SER K 348 45.65 12.80 47.45
N SER K 349 44.46 12.65 46.88
CA SER K 349 44.00 13.51 45.81
C SER K 349 43.70 14.89 46.35
N LYS K 350 43.02 14.94 47.49
CA LYS K 350 42.62 16.19 48.13
C LYS K 350 43.80 16.99 48.75
N GLU K 351 44.71 16.30 49.43
CA GLU K 351 45.89 16.95 50.02
C GLU K 351 46.99 17.17 48.99
N LYS K 352 46.85 16.55 47.81
CA LYS K 352 47.84 16.66 46.74
C LYS K 352 49.21 16.15 47.23
N ARG K 353 49.20 15.00 47.89
CA ARG K 353 50.43 14.37 48.37
C ARG K 353 50.26 12.86 48.44
N THR K 354 51.38 12.16 48.63
CA THR K 354 51.38 10.71 48.85
C THR K 354 50.94 10.43 50.27
N ILE K 355 50.03 9.48 50.42
CA ILE K 355 49.67 9.01 51.76
C ILE K 355 50.42 7.72 52.08
N MET K 356 51.34 7.80 53.04
CA MET K 356 51.95 6.62 53.59
C MET K 356 50.91 5.91 54.43
N LEU K 357 50.76 4.61 54.22
CA LEU K 357 49.71 3.81 54.87
C LEU K 357 49.85 3.54 56.39
N GLU K 358 48.78 2.99 56.98
CA GLU K 358 48.74 2.64 58.40
C GLU K 358 49.91 1.75 58.83
N THR L 14 76.54 29.13 1.94
CA THR L 14 76.68 27.99 2.89
C THR L 14 77.11 28.48 4.28
N ILE L 15 76.46 27.95 5.31
CA ILE L 15 76.79 28.25 6.72
C ILE L 15 77.92 27.36 7.26
N LYS L 16 79.00 27.98 7.71
CA LYS L 16 80.18 27.27 8.18
C LYS L 16 79.98 26.68 9.59
N VAL L 17 79.94 25.35 9.64
CA VAL L 17 79.64 24.63 10.87
C VAL L 17 80.86 23.93 11.46
N GLY L 18 80.92 23.97 12.79
CA GLY L 18 81.85 23.19 13.59
C GLY L 18 81.08 22.27 14.55
N ILE L 19 81.37 20.98 14.48
CA ILE L 19 80.70 20.00 15.33
C ILE L 19 81.56 19.59 16.52
N LEU L 20 81.11 19.90 17.73
CA LEU L 20 81.82 19.51 18.94
C LEU L 20 81.43 18.09 19.31
N GLY L 21 82.42 17.19 19.30
CA GLY L 21 82.20 15.76 19.58
C GLY L 21 81.80 14.99 18.33
N TYR L 22 82.20 13.72 18.27
CA TYR L 22 81.90 12.86 17.12
C TYR L 22 81.77 11.40 17.58
N GLY L 23 80.71 11.15 18.34
CA GLY L 23 80.33 9.80 18.78
C GLY L 23 79.05 9.41 18.07
N LEU L 24 78.13 8.78 18.79
CA LEU L 24 76.83 8.46 18.23
C LEU L 24 76.05 9.75 17.96
N SER L 25 76.13 10.69 18.91
CA SER L 25 75.47 11.99 18.76
C SER L 25 75.98 12.72 17.50
N GLY L 26 77.29 12.98 17.44
CA GLY L 26 77.89 13.64 16.28
C GLY L 26 77.81 12.89 14.96
N SER L 27 78.50 11.75 14.87
CA SER L 27 78.64 11.00 13.61
C SER L 27 77.37 10.36 13.05
N VAL L 28 76.30 10.31 13.83
CA VAL L 28 75.09 9.60 13.43
C VAL L 28 73.80 10.46 13.48
N PHE L 29 73.62 11.22 14.56
CA PHE L 29 72.36 11.98 14.73
C PHE L 29 72.35 13.41 14.18
N HIS L 30 73.47 13.84 13.60
CA HIS L 30 73.60 15.17 13.05
C HIS L 30 74.35 15.09 11.73
N GLY L 31 75.49 14.41 11.76
CA GLY L 31 76.36 14.27 10.59
C GLY L 31 75.59 13.94 9.32
N PRO L 32 74.92 12.78 9.27
CA PRO L 32 74.22 12.37 8.06
C PRO L 32 73.12 13.33 7.61
N LEU L 33 72.52 14.06 8.55
CA LEU L 33 71.50 15.04 8.21
C LEU L 33 72.11 16.31 7.61
N LEU L 34 73.16 16.83 8.25
CA LEU L 34 73.82 18.04 7.77
C LEU L 34 74.49 17.84 6.42
N ASP L 35 74.79 16.58 6.09
CA ASP L 35 75.42 16.22 4.82
C ASP L 35 74.52 16.49 3.60
N VAL L 36 73.24 16.12 3.69
CA VAL L 36 72.32 16.21 2.54
C VAL L 36 71.79 17.62 2.29
N LEU L 37 72.10 18.53 3.21
CA LEU L 37 71.61 19.90 3.12
C LEU L 37 72.68 20.85 2.58
N ASP L 38 72.42 21.42 1.41
CA ASP L 38 73.44 22.19 0.70
C ASP L 38 73.72 23.58 1.29
N GLU L 39 72.92 23.99 2.28
CA GLU L 39 73.10 25.29 2.92
C GLU L 39 74.08 25.20 4.06
N TYR L 40 74.42 23.97 4.46
CA TYR L 40 75.36 23.73 5.54
C TYR L 40 76.69 23.21 5.01
N GLN L 41 77.77 23.81 5.51
CA GLN L 41 79.12 23.36 5.15
C GLN L 41 79.92 23.04 6.42
N ILE L 42 80.45 21.83 6.46
CA ILE L 42 81.00 21.23 7.68
C ILE L 42 82.52 21.38 7.72
N SER L 43 82.97 22.58 8.09
CA SER L 43 84.39 22.93 8.06
C SER L 43 85.26 22.18 9.07
N LYS L 44 84.74 21.97 10.29
CA LYS L 44 85.54 21.45 11.41
C LYS L 44 84.75 20.55 12.38
N ILE L 45 85.40 19.51 12.87
CA ILE L 45 84.87 18.63 13.91
C ILE L 45 85.95 18.44 15.00
N MET L 46 85.56 18.63 16.26
CA MET L 46 86.49 18.53 17.40
C MET L 46 86.39 17.17 18.08
N THR L 47 87.38 16.31 17.82
CA THR L 47 87.45 14.96 18.38
C THR L 47 88.83 14.37 18.19
N SER L 48 89.19 13.39 19.03
CA SER L 48 90.45 12.65 18.84
C SER L 48 90.35 11.65 17.70
N ARG L 49 89.12 11.42 17.22
CA ARG L 49 88.84 10.50 16.11
C ARG L 49 89.31 11.03 14.75
N THR L 50 90.62 11.07 14.55
CA THR L 50 91.21 11.54 13.28
C THR L 50 90.74 10.72 12.08
N GLU L 51 90.75 9.41 12.22
CA GLU L 51 90.51 8.52 11.10
C GLU L 51 89.04 8.44 10.70
N GLU L 52 88.16 8.34 11.69
CA GLU L 52 86.71 8.22 11.48
C GLU L 52 86.06 9.30 10.60
N VAL L 53 86.67 10.49 10.58
CA VAL L 53 86.12 11.66 9.86
C VAL L 53 86.46 11.68 8.35
N LYS L 54 87.63 11.15 7.97
CA LYS L 54 88.14 11.25 6.59
C LYS L 54 87.29 10.59 5.49
N ARG L 55 86.67 9.46 5.79
CA ARG L 55 85.74 8.84 4.83
C ARG L 55 84.34 9.47 4.88
N ASP L 56 84.11 10.31 5.89
CA ASP L 56 82.80 10.91 6.13
C ASP L 56 82.67 12.34 5.60
N PHE L 57 83.72 13.15 5.78
CA PHE L 57 83.72 14.56 5.35
C PHE L 57 85.10 15.00 4.84
N PRO L 58 85.63 14.38 3.75
CA PRO L 58 87.06 14.48 3.36
C PRO L 58 87.71 15.88 3.43
N ASP L 59 86.91 16.92 3.24
CA ASP L 59 87.41 18.31 3.27
C ASP L 59 87.20 19.02 4.62
N ALA L 60 86.87 18.27 5.67
CA ALA L 60 86.75 18.82 7.02
C ALA L 60 88.10 18.84 7.73
N GLU L 61 88.25 19.72 8.72
CA GLU L 61 89.50 19.85 9.48
C GLU L 61 89.31 19.45 10.96
N VAL L 62 89.91 18.33 11.34
CA VAL L 62 89.78 17.80 12.71
C VAL L 62 90.65 18.60 13.68
N VAL L 63 90.05 19.01 14.79
CA VAL L 63 90.79 19.70 15.87
C VAL L 63 90.63 18.96 17.21
N HIS L 64 91.39 19.38 18.23
CA HIS L 64 91.40 18.68 19.52
C HIS L 64 91.18 19.60 20.74
N GLU L 65 91.45 20.89 20.54
CA GLU L 65 91.16 21.91 21.54
C GLU L 65 89.87 22.62 21.13
N LEU L 66 89.15 23.17 22.10
CA LEU L 66 87.91 23.91 21.85
C LEU L 66 88.18 25.23 21.13
N GLU L 67 89.21 25.94 21.58
CA GLU L 67 89.56 27.28 21.08
C GLU L 67 89.85 27.32 19.57
N GLU L 68 90.14 26.16 18.98
CA GLU L 68 90.38 26.06 17.54
C GLU L 68 89.06 26.18 16.76
N ILE L 69 87.95 26.19 17.49
CA ILE L 69 86.60 26.46 16.95
C ILE L 69 86.14 27.89 17.30
N THR L 70 86.18 28.24 18.58
CA THR L 70 85.71 29.55 19.07
C THR L 70 86.46 30.76 18.46
N ASN L 71 87.77 30.60 18.24
CA ASN L 71 88.61 31.68 17.69
C ASN L 71 88.72 31.67 16.16
N ASP L 72 88.02 30.74 15.51
CA ASP L 72 87.96 30.70 14.05
C ASP L 72 86.88 31.68 13.57
N PRO L 73 87.29 32.77 12.91
CA PRO L 73 86.33 33.80 12.51
C PRO L 73 85.31 33.29 11.49
N ALA L 74 85.69 32.27 10.72
CA ALA L 74 84.83 31.74 9.65
C ALA L 74 83.60 30.92 10.13
N ILE L 75 83.71 30.30 11.30
CA ILE L 75 82.67 29.39 11.81
C ILE L 75 81.46 30.14 12.37
N GLU L 76 80.27 29.75 11.93
CA GLU L 76 79.04 30.50 12.23
C GLU L 76 78.12 29.75 13.19
N LEU L 77 78.08 28.43 13.03
CA LEU L 77 77.24 27.54 13.82
C LEU L 77 78.11 26.53 14.55
N VAL L 78 77.84 26.31 15.83
CA VAL L 78 78.52 25.22 16.59
C VAL L 78 77.52 24.22 17.14
N ILE L 79 77.64 22.98 16.70
CA ILE L 79 76.79 21.90 17.20
C ILE L 79 77.49 21.26 18.42
N VAL L 80 76.86 21.38 19.59
CA VAL L 80 77.41 20.79 20.82
C VAL L 80 76.82 19.41 21.08
N THR L 81 77.66 18.38 20.94
CA THR L 81 77.24 17.00 21.13
C THR L 81 78.18 16.27 22.09
N THR L 82 78.92 17.03 22.89
CA THR L 82 79.89 16.46 23.82
C THR L 82 79.19 15.96 25.10
N PRO L 83 79.91 15.20 25.96
CA PRO L 83 79.36 14.68 27.21
C PRO L 83 78.51 15.73 27.95
N SER L 84 77.46 15.26 28.61
CA SER L 84 76.52 16.14 29.32
C SER L 84 77.17 17.14 30.28
N GLY L 85 78.02 16.64 31.17
CA GLY L 85 78.69 17.47 32.18
C GLY L 85 79.72 18.46 31.63
N LEU L 86 79.46 19.01 30.45
CA LEU L 86 80.28 20.08 29.91
C LEU L 86 79.47 20.91 28.91
N HIS L 87 78.21 20.54 28.74
CA HIS L 87 77.27 21.26 27.88
C HIS L 87 77.25 22.78 28.15
N TYR L 88 77.11 23.16 29.42
CA TYR L 88 77.13 24.58 29.84
C TYR L 88 78.45 25.30 29.46
N GLU L 89 79.58 24.73 29.89
CA GLU L 89 80.90 25.32 29.63
C GLU L 89 81.17 25.51 28.14
N HIS L 90 80.88 24.49 27.35
CA HIS L 90 81.06 24.57 25.91
C HIS L 90 80.18 25.66 25.30
N THR L 91 78.88 25.55 25.56
CA THR L 91 77.90 26.49 25.02
C THR L 91 78.21 27.94 25.41
N MET L 92 78.57 28.16 26.67
CA MET L 92 78.95 29.51 27.16
C MET L 92 80.19 30.10 26.46
N ALA L 93 81.16 29.25 26.12
CA ALA L 93 82.34 29.69 25.38
C ALA L 93 82.05 30.06 23.91
N CYS L 94 81.01 29.46 23.32
CA CYS L 94 80.58 29.79 21.95
C CYS L 94 79.86 31.12 21.88
N ILE L 95 78.93 31.32 22.80
CA ILE L 95 78.24 32.59 22.97
C ILE L 95 79.26 33.68 23.28
N GLN L 96 80.21 33.38 24.17
CA GLN L 96 81.36 34.26 24.36
C GLN L 96 82.04 34.62 23.04
N ALA L 97 82.17 33.64 22.14
CA ALA L 97 82.91 33.82 20.88
C ALA L 97 82.09 34.46 19.77
N GLY L 98 80.77 34.27 19.83
CA GLY L 98 79.85 34.87 18.87
C GLY L 98 79.27 33.89 17.86
N LYS L 99 79.22 32.61 18.24
CA LYS L 99 78.67 31.59 17.37
C LYS L 99 77.23 31.27 17.75
N HIS L 100 76.42 30.95 16.75
CA HIS L 100 75.10 30.41 16.98
C HIS L 100 75.31 28.98 17.38
N VAL L 101 74.44 28.49 18.26
CA VAL L 101 74.66 27.21 18.93
C VAL L 101 73.39 26.38 18.96
N VAL L 102 73.49 25.18 18.40
CA VAL L 102 72.50 24.14 18.63
C VAL L 102 73.02 23.28 19.79
N MET L 103 72.15 22.97 20.75
CA MET L 103 72.46 22.04 21.83
C MET L 103 71.75 20.71 21.60
N GLU L 104 72.46 19.61 21.78
CA GLU L 104 71.80 18.29 21.90
C GLU L 104 71.09 18.20 23.25
N LYS L 105 69.92 17.56 23.25
CA LYS L 105 69.13 17.34 24.45
C LYS L 105 69.85 16.44 25.47
N PRO L 106 69.52 16.58 26.77
CA PRO L 106 68.72 17.68 27.29
C PRO L 106 69.63 18.85 27.58
N MET L 107 69.06 20.05 27.52
CA MET L 107 69.78 21.29 27.74
C MET L 107 70.83 21.22 28.88
N THR L 108 70.37 21.24 30.13
CA THR L 108 71.27 21.28 31.29
C THR L 108 70.67 20.53 32.47
N ALA L 109 71.49 20.29 33.50
CA ALA L 109 70.98 19.69 34.72
C ALA L 109 69.80 20.49 35.28
N THR L 110 70.00 21.79 35.51
CA THR L 110 69.00 22.64 36.19
C THR L 110 68.48 23.73 35.29
N ALA L 111 67.37 24.34 35.68
CA ALA L 111 66.78 25.45 34.92
C ALA L 111 67.54 26.77 35.08
N GLU L 112 67.99 27.04 36.30
CA GLU L 112 68.81 28.20 36.62
C GLU L 112 70.06 28.23 35.76
N GLU L 113 70.44 27.08 35.22
CA GLU L 113 71.55 26.99 34.25
C GLU L 113 71.17 27.43 32.84
N GLY L 114 69.97 27.05 32.40
CA GLY L 114 69.41 27.51 31.11
C GLY L 114 69.14 29.00 31.13
N GLU L 115 68.60 29.48 32.24
CA GLU L 115 68.42 30.91 32.48
C GLU L 115 69.69 31.70 32.17
N THR L 116 70.83 31.21 32.65
CA THR L 116 72.14 31.84 32.49
C THR L 116 72.56 31.83 31.01
N LEU L 117 72.24 30.72 30.34
CA LEU L 117 72.59 30.54 28.93
C LEU L 117 71.68 31.29 27.98
N LYS L 118 70.40 31.43 28.33
CA LYS L 118 69.51 32.28 27.55
C LYS L 118 70.03 33.72 27.64
N ARG L 119 70.11 34.27 28.86
CA ARG L 119 70.61 35.61 29.13
C ARG L 119 71.91 35.95 28.39
N ALA L 120 72.79 34.97 28.28
CA ALA L 120 74.08 35.12 27.63
C ALA L 120 73.95 35.30 26.12
N ALA L 121 73.14 34.46 25.49
CA ALA L 121 72.90 34.51 24.05
C ALA L 121 72.17 35.78 23.66
N ASP L 122 71.15 36.13 24.44
CA ASP L 122 70.40 37.36 24.23
C ASP L 122 71.31 38.60 24.40
N GLU L 123 72.20 38.54 25.38
CA GLU L 123 73.15 39.63 25.65
C GLU L 123 74.13 39.79 24.51
N LYS L 124 74.66 38.67 24.01
CA LYS L 124 75.64 38.69 22.92
C LYS L 124 74.96 38.92 21.57
N GLY L 125 73.85 38.23 21.32
CA GLY L 125 73.05 38.46 20.13
C GLY L 125 72.96 37.29 19.17
N VAL L 126 73.29 36.08 19.64
CA VAL L 126 73.27 34.90 18.78
C VAL L 126 72.07 34.00 19.02
N LEU L 127 71.81 33.13 18.06
CA LEU L 127 70.74 32.17 18.15
C LEU L 127 71.16 31.01 19.05
N LEU L 128 70.22 30.54 19.88
CA LEU L 128 70.47 29.37 20.70
C LEU L 128 69.26 28.45 20.67
N SER L 129 69.52 27.22 20.23
CA SER L 129 68.46 26.25 20.10
C SER L 129 68.85 24.90 20.72
N VAL L 130 67.85 24.04 20.86
CA VAL L 130 68.04 22.71 21.44
C VAL L 130 67.48 21.67 20.48
N TYR L 131 68.17 20.56 20.36
CA TYR L 131 67.79 19.54 19.41
C TYR L 131 66.66 18.65 19.93
N HIS L 132 65.51 19.27 20.19
CA HIS L 132 64.31 18.53 20.54
C HIS L 132 63.63 18.10 19.25
N ASN L 133 64.29 17.17 18.56
CA ASN L 133 63.91 16.82 17.19
C ASN L 133 62.76 15.83 17.15
N ARG L 134 62.31 15.42 18.32
CA ARG L 134 61.18 14.49 18.41
C ARG L 134 59.84 15.13 18.05
N ARG L 135 59.82 16.45 17.87
CA ARG L 135 58.61 17.13 17.35
C ARG L 135 58.35 16.73 15.89
N TRP L 136 59.39 16.23 15.23
CA TRP L 136 59.29 15.75 13.85
C TRP L 136 59.45 14.22 13.77
N ASP L 137 59.21 13.56 14.88
CA ASP L 137 58.94 12.14 14.86
C ASP L 137 57.68 11.91 14.05
N ASN L 138 57.60 10.76 13.39
CA ASN L 138 56.44 10.43 12.57
C ASN L 138 55.13 10.27 13.36
N ASP L 139 55.20 9.57 14.49
CA ASP L 139 54.02 9.36 15.32
C ASP L 139 53.40 10.69 15.80
N PHE L 140 54.26 11.58 16.26
CA PHE L 140 53.88 12.88 16.80
C PHE L 140 53.31 13.76 15.73
N LEU L 141 53.90 13.68 14.55
CA LEU L 141 53.47 14.49 13.45
C LEU L 141 52.12 14.02 12.95
N THR L 142 51.85 12.72 13.00
CA THR L 142 50.51 12.24 12.66
C THR L 142 49.52 12.86 13.63
N ILE L 143 49.90 12.89 14.91
CA ILE L 143 49.06 13.43 15.97
C ILE L 143 48.75 14.90 15.72
N LYS L 144 49.77 15.73 15.52
CA LYS L 144 49.56 17.15 15.27
C LYS L 144 48.59 17.38 14.13
N LYS L 145 48.71 16.57 13.08
CA LYS L 145 47.84 16.69 11.91
C LYS L 145 46.40 16.34 12.25
N LEU L 146 46.21 15.31 13.08
CA LEU L 146 44.88 14.92 13.52
C LEU L 146 44.22 15.97 14.39
N ILE L 147 45.02 16.65 15.21
CA ILE L 147 44.53 17.74 16.05
C ILE L 147 44.07 18.91 15.19
N SER L 148 44.98 19.48 14.38
CA SER L 148 44.64 20.63 13.53
C SER L 148 43.51 20.35 12.52
N GLU L 149 43.25 19.07 12.25
CA GLU L 149 42.18 18.65 11.35
C GLU L 149 40.82 18.46 12.01
N GLY L 150 40.77 18.64 13.32
CA GLY L 150 39.53 18.52 14.06
C GLY L 150 39.11 17.10 14.37
N SER L 151 40.06 16.17 14.34
CA SER L 151 39.78 14.75 14.60
C SER L 151 39.98 14.31 16.07
N LEU L 152 40.72 15.10 16.84
CA LEU L 152 40.89 14.82 18.26
C LEU L 152 40.49 16.01 19.10
N GLU L 153 39.20 16.36 19.06
CA GLU L 153 38.74 17.54 19.79
C GLU L 153 38.65 17.34 21.31
N ASP L 154 39.05 18.38 22.03
CA ASP L 154 39.02 18.45 23.51
C ASP L 154 39.61 17.25 24.25
N ILE L 155 40.83 16.89 23.86
CA ILE L 155 41.57 15.83 24.51
C ILE L 155 41.45 15.97 26.03
N ASN L 156 41.10 14.87 26.70
CA ASN L 156 41.04 14.87 28.16
C ASN L 156 42.18 14.09 28.79
N THR L 157 42.73 13.17 28.02
CA THR L 157 43.73 12.26 28.52
C THR L 157 44.78 12.05 27.47
N TYR L 158 46.05 12.09 27.90
CA TYR L 158 47.18 11.98 27.01
C TYR L 158 48.25 11.10 27.67
N GLN L 159 48.21 9.81 27.36
CA GLN L 159 49.13 8.81 27.93
C GLN L 159 50.26 8.49 26.96
N VAL L 160 51.48 8.70 27.42
CA VAL L 160 52.63 8.39 26.60
C VAL L 160 53.55 7.49 27.39
N SER L 161 53.94 6.38 26.80
CA SER L 161 54.89 5.48 27.43
C SER L 161 56.13 5.28 26.59
N TYR L 162 57.26 5.21 27.28
CA TYR L 162 58.56 5.21 26.66
C TYR L 162 59.35 4.12 27.36
N ASN L 163 58.98 2.88 27.08
CA ASN L 163 59.54 1.76 27.80
C ASN L 163 60.72 1.12 27.07
N ARG L 164 61.53 0.38 27.83
CA ARG L 164 62.51 -0.51 27.23
C ARG L 164 62.85 -1.66 28.16
N TYR L 165 63.50 -2.67 27.59
CA TYR L 165 64.06 -3.78 28.33
C TYR L 165 65.57 -3.60 28.33
N ARG L 166 66.06 -2.96 29.39
CA ARG L 166 67.49 -2.78 29.61
C ARG L 166 67.82 -3.00 31.10
N PRO L 167 67.78 -4.27 31.55
CA PRO L 167 68.16 -4.63 32.92
C PRO L 167 69.67 -4.52 33.21
N GLU L 168 70.48 -4.35 32.16
CA GLU L 168 71.95 -4.30 32.26
C GLU L 168 72.46 -3.34 33.33
N ALA L 180 73.59 14.98 34.93
CA ALA L 180 72.21 15.01 34.49
C ALA L 180 71.77 13.69 33.84
N THR L 181 72.03 12.58 34.52
CA THR L 181 71.84 11.23 33.96
C THR L 181 70.44 10.67 34.14
N GLY L 182 70.26 9.43 33.71
CA GLY L 182 69.01 8.74 33.90
C GLY L 182 68.05 8.89 32.76
N THR L 183 67.03 8.03 32.74
CA THR L 183 66.11 7.93 31.62
C THR L 183 65.10 9.08 31.63
N LEU L 184 64.93 9.76 32.76
CA LEU L 184 64.03 10.89 32.77
C LEU L 184 64.64 12.05 31.98
N TYR L 185 65.86 12.42 32.33
CA TYR L 185 66.59 13.45 31.60
C TYR L 185 66.75 13.07 30.13
N ASP L 186 67.04 11.80 29.88
CA ASP L 186 67.38 11.31 28.53
C ASP L 186 66.13 11.03 27.71
N LEU L 187 65.27 10.14 28.15
CA LEU L 187 64.12 9.72 27.36
C LEU L 187 62.88 10.52 27.70
N GLY L 188 62.66 10.79 28.98
CA GLY L 188 61.53 11.62 29.41
C GLY L 188 61.50 12.91 28.60
N SER L 189 62.56 13.71 28.73
CA SER L 189 62.63 15.03 28.10
C SER L 189 62.00 15.09 26.71
N HIS L 190 62.16 14.04 25.91
CA HIS L 190 61.52 13.98 24.57
C HIS L 190 60.00 14.09 24.64
N ILE L 191 59.36 13.23 25.41
CA ILE L 191 57.91 13.21 25.43
C ILE L 191 57.33 14.35 26.27
N ILE L 192 58.17 14.93 27.13
CA ILE L 192 57.78 16.14 27.86
C ILE L 192 57.72 17.27 26.85
N ASP L 193 58.78 17.39 26.06
CA ASP L 193 58.85 18.45 25.09
C ASP L 193 57.59 18.42 24.24
N GLN L 194 57.28 17.23 23.70
CA GLN L 194 56.08 17.00 22.89
C GLN L 194 54.81 17.46 23.59
N THR L 195 54.71 17.20 24.89
CA THR L 195 53.54 17.56 25.71
C THR L 195 53.36 19.08 25.82
N LEU L 196 54.46 19.79 26.15
CA LEU L 196 54.44 21.25 26.29
C LEU L 196 54.14 21.90 24.99
N HIS L 197 54.76 21.39 23.92
CA HIS L 197 54.51 21.88 22.58
C HIS L 197 53.01 21.79 22.23
N LEU L 198 52.34 20.71 22.64
CA LEU L 198 50.90 20.56 22.43
C LEU L 198 50.01 21.48 23.29
N PHE L 199 50.23 21.46 24.61
CA PHE L 199 49.29 22.07 25.57
C PHE L 199 49.87 23.18 26.44
N GLY L 200 51.10 23.61 26.14
CA GLY L 200 51.82 24.59 26.95
C GLY L 200 52.16 24.01 28.32
N MET L 201 52.58 24.87 29.23
CA MET L 201 52.97 24.46 30.57
C MET L 201 51.75 24.07 31.39
N PRO L 202 51.82 22.95 32.14
CA PRO L 202 50.74 22.54 33.06
C PRO L 202 50.76 23.37 34.32
N LYS L 203 49.76 23.20 35.19
CA LYS L 203 49.71 23.97 36.44
C LYS L 203 50.40 23.28 37.63
N ALA L 204 50.50 21.95 37.57
CA ALA L 204 51.27 21.17 38.55
C ALA L 204 51.86 19.89 37.94
N VAL L 205 52.77 19.26 38.68
CA VAL L 205 53.40 18.01 38.29
C VAL L 205 53.40 17.04 39.48
N THR L 206 53.08 15.79 39.22
CA THR L 206 53.11 14.75 40.24
C THR L 206 53.85 13.53 39.66
N ALA L 207 54.88 13.09 40.36
CA ALA L 207 55.71 12.00 39.84
C ALA L 207 56.41 11.08 40.85
N ASN L 208 56.68 9.88 40.36
CA ASN L 208 57.53 8.94 41.01
C ASN L 208 58.68 8.74 40.04
N VAL L 209 59.90 8.85 40.55
CA VAL L 209 61.11 8.76 39.74
C VAL L 209 62.12 7.94 40.55
N MET L 210 62.53 6.80 40.01
CA MET L 210 63.29 5.85 40.81
C MET L 210 64.25 4.99 40.00
N ALA L 211 64.87 4.02 40.67
CA ALA L 211 65.69 3.04 40.01
C ALA L 211 65.19 1.64 40.36
N GLN L 212 64.55 0.97 39.39
CA GLN L 212 63.97 -0.35 39.64
C GLN L 212 64.99 -1.46 39.69
N ARG L 213 65.93 -1.46 38.74
CA ARG L 213 66.90 -2.55 38.63
C ARG L 213 67.72 -2.71 39.91
N GLU L 214 68.02 -3.95 40.26
CA GLU L 214 68.78 -4.25 41.47
C GLU L 214 70.19 -3.65 41.33
N ASN L 215 70.68 -3.04 42.42
CA ASN L 215 71.95 -2.25 42.47
C ASN L 215 71.95 -0.94 41.67
N ALA L 216 70.98 -0.75 40.78
CA ALA L 216 70.91 0.49 40.01
C ALA L 216 71.14 1.71 40.89
N GLU L 217 72.08 2.56 40.48
CA GLU L 217 72.37 3.82 41.16
C GLU L 217 71.58 4.97 40.53
N THR L 218 71.61 5.06 39.20
CA THR L 218 70.91 6.12 38.47
C THR L 218 69.50 5.73 37.96
N VAL L 219 68.75 6.73 37.46
CA VAL L 219 67.31 6.59 37.11
C VAL L 219 67.02 5.66 35.94
N ASP L 220 66.11 4.72 36.15
CA ASP L 220 65.68 3.82 35.09
C ASP L 220 64.16 3.78 34.91
N TYR L 221 63.44 4.50 35.78
CA TYR L 221 61.97 4.51 35.76
C TYR L 221 61.38 5.88 36.13
N PHE L 222 60.35 6.29 35.41
CA PHE L 222 59.62 7.50 35.76
C PHE L 222 58.13 7.39 35.37
N HIS L 223 57.28 8.02 36.17
CA HIS L 223 55.86 8.14 35.90
C HIS L 223 55.43 9.54 36.34
N LEU L 224 55.07 10.38 35.36
CA LEU L 224 54.75 11.79 35.57
C LEU L 224 53.32 12.08 35.22
N THR L 225 52.59 12.71 36.14
CA THR L 225 51.31 13.36 35.80
C THR L 225 51.47 14.88 35.70
N LEU L 226 51.10 15.39 34.54
CA LEU L 226 51.00 16.81 34.29
C LEU L 226 49.52 17.19 34.33
N ASP L 227 49.20 18.09 35.26
CA ASP L 227 47.84 18.52 35.50
C ASP L 227 47.44 19.72 34.64
N TYR L 228 46.48 19.54 33.73
CA TYR L 228 45.96 20.67 32.96
C TYR L 228 44.50 20.89 33.29
N GLY L 229 44.15 20.72 34.55
CA GLY L 229 42.75 20.78 34.97
C GLY L 229 42.02 19.52 34.53
N LYS L 230 41.05 19.67 33.64
CA LYS L 230 40.26 18.54 33.12
C LYS L 230 41.11 17.59 32.24
N LEU L 231 42.17 18.11 31.61
CA LEU L 231 43.11 17.29 30.84
C LEU L 231 44.20 16.76 31.74
N GLN L 232 44.46 15.47 31.66
CA GLN L 232 45.58 14.88 32.38
C GLN L 232 46.55 14.26 31.37
N ALA L 233 47.83 14.57 31.52
CA ALA L 233 48.86 14.01 30.65
C ALA L 233 49.76 13.11 31.47
N ILE L 234 49.88 11.87 31.02
CA ILE L 234 50.58 10.83 31.76
C ILE L 234 51.77 10.38 30.94
N LEU L 235 52.97 10.65 31.45
CA LEU L 235 54.21 10.32 30.75
C LEU L 235 55.01 9.38 31.63
N TYR L 236 55.21 8.15 31.14
CA TYR L 236 55.94 7.14 31.90
C TYR L 236 56.89 6.31 31.06
N GLY L 237 57.81 5.67 31.75
CA GLY L 237 58.73 4.69 31.17
C GLY L 237 59.52 4.00 32.25
N GLY L 238 59.72 2.71 32.06
CA GLY L 238 60.58 1.90 32.94
C GLY L 238 61.55 1.14 32.07
N SER L 239 62.60 0.58 32.66
CA SER L 239 63.67 -0.04 31.89
C SER L 239 63.64 -1.57 31.91
N ILE L 240 62.66 -2.14 32.61
CA ILE L 240 62.55 -3.61 32.69
C ILE L 240 61.22 -4.09 32.06
N VAL L 241 60.93 -3.59 30.87
CA VAL L 241 59.68 -3.88 30.16
C VAL L 241 59.95 -4.73 28.93
N PRO L 242 59.57 -6.02 28.97
CA PRO L 242 59.75 -6.95 27.84
C PRO L 242 58.94 -6.62 26.59
N ALA L 243 57.65 -6.33 26.77
CA ALA L 243 56.77 -5.94 25.67
C ALA L 243 56.09 -4.63 26.01
N ASN L 244 56.16 -3.67 25.09
CA ASN L 244 55.50 -2.38 25.29
C ASN L 244 54.01 -2.41 24.96
N GLY L 245 53.23 -1.62 25.69
CA GLY L 245 51.86 -1.38 25.31
C GLY L 245 51.88 -0.23 24.31
N PRO L 246 50.71 0.37 24.07
CA PRO L 246 50.70 1.44 23.09
C PRO L 246 51.68 2.54 23.49
N ARG L 247 52.30 3.19 22.51
CA ARG L 247 53.13 4.34 22.83
C ARG L 247 52.23 5.52 23.20
N TYR L 248 51.14 5.67 22.46
CA TYR L 248 50.19 6.78 22.63
C TYR L 248 48.77 6.30 22.90
N GLN L 249 48.14 6.88 23.91
CA GLN L 249 46.71 6.75 24.13
C GLN L 249 46.20 8.17 24.33
N ILE L 250 45.37 8.64 23.39
CA ILE L 250 44.83 10.00 23.42
C ILE L 250 43.30 9.95 23.30
N HIS L 251 42.60 10.38 24.36
CA HIS L 251 41.15 10.35 24.42
C HIS L 251 40.55 11.75 24.51
N GLY L 252 39.66 12.07 23.58
CA GLY L 252 38.93 13.35 23.57
C GLY L 252 37.44 13.14 23.78
N LYS L 253 36.64 14.17 23.55
CA LYS L 253 35.20 14.07 23.81
C LYS L 253 34.44 13.10 22.89
N ASP L 254 35.01 12.80 21.73
CA ASP L 254 34.33 12.01 20.70
C ASP L 254 35.13 10.79 20.24
N SER L 255 36.43 10.81 20.53
CA SER L 255 37.39 10.08 19.74
C SER L 255 38.65 9.74 20.50
N SER L 256 39.31 8.67 20.05
CA SER L 256 40.56 8.18 20.64
C SER L 256 41.59 7.80 19.58
N PHE L 257 42.85 8.13 19.86
CA PHE L 257 43.96 7.67 19.06
C PHE L 257 44.89 6.79 19.91
N ILE L 258 45.09 5.56 19.47
CA ILE L 258 45.96 4.60 20.16
C ILE L 258 46.98 4.04 19.19
N LYS L 259 48.25 4.39 19.42
CA LYS L 259 49.33 3.99 18.51
C LYS L 259 50.46 3.24 19.20
N TYR L 260 50.84 2.12 18.59
CA TYR L 260 52.01 1.36 18.98
C TYR L 260 53.20 1.89 18.19
N GLY L 261 54.39 1.48 18.58
CA GLY L 261 55.56 1.71 17.75
C GLY L 261 56.46 2.86 18.10
N ILE L 262 57.66 2.83 17.51
CA ILE L 262 58.65 3.87 17.61
C ILE L 262 59.06 4.32 16.20
N ASP L 263 59.51 5.58 16.11
CA ASP L 263 60.04 6.14 14.88
C ASP L 263 61.42 5.54 14.67
N GLY L 264 61.70 5.08 13.44
CA GLY L 264 62.98 4.45 13.11
C GLY L 264 63.97 5.28 12.29
N GLN L 265 63.78 6.60 12.28
CA GLN L 265 64.77 7.52 11.74
C GLN L 265 66.16 7.24 12.34
N GLU L 266 66.27 7.27 13.66
CA GLU L 266 67.53 6.97 14.36
C GLU L 266 68.19 5.66 13.91
N ASP L 267 67.40 4.60 13.83
CA ASP L 267 67.88 3.28 13.38
C ASP L 267 68.45 3.33 11.97
N ALA L 268 67.81 4.12 11.10
CA ALA L 268 68.22 4.30 9.72
C ALA L 268 69.55 5.07 9.63
N LEU L 269 69.77 5.96 10.58
CA LEU L 269 71.03 6.70 10.69
C LEU L 269 72.16 5.80 11.21
N ARG L 270 71.83 4.94 12.18
CA ARG L 270 72.74 3.90 12.70
C ARG L 270 73.27 2.95 11.61
N ALA L 271 72.39 2.54 10.70
CA ALA L 271 72.70 1.52 9.71
C ALA L 271 73.59 2.07 8.61
N GLY L 272 73.48 3.37 8.37
CA GLY L 272 74.26 4.05 7.34
C GLY L 272 73.46 4.67 6.19
N ARG L 273 72.14 4.73 6.36
CA ARG L 273 71.26 5.31 5.35
C ARG L 273 71.04 6.80 5.62
N LYS L 274 70.77 7.55 4.56
CA LYS L 274 70.64 9.01 4.62
C LYS L 274 69.31 9.45 3.99
N PRO L 275 68.81 10.64 4.38
CA PRO L 275 67.56 11.15 3.76
C PRO L 275 67.74 11.52 2.28
N GLU L 276 67.33 10.61 1.40
CA GLU L 276 67.54 10.74 -0.06
C GLU L 276 66.26 11.09 -0.83
N ASP L 277 65.14 10.49 -0.41
CA ASP L 277 63.88 10.60 -1.13
C ASP L 277 62.68 10.75 -0.19
N ASP L 278 61.48 10.77 -0.78
CA ASP L 278 60.24 11.14 -0.13
C ASP L 278 59.65 10.04 0.78
N SER L 279 60.37 8.92 0.92
CA SER L 279 59.93 7.83 1.81
C SER L 279 60.80 7.65 3.07
N TRP L 280 61.73 8.56 3.28
CA TRP L 280 62.47 8.63 4.55
C TRP L 280 61.49 8.99 5.64
N GLY L 281 61.62 8.30 6.78
CA GLY L 281 60.81 8.55 7.98
C GLY L 281 59.46 7.85 8.02
N ALA L 282 59.23 6.95 7.07
CA ALA L 282 57.96 6.24 6.95
C ALA L 282 57.77 5.33 8.14
N ASP L 283 56.52 5.04 8.47
CA ASP L 283 56.21 4.06 9.49
C ASP L 283 55.98 2.70 8.85
N VAL L 284 55.75 1.68 9.66
CA VAL L 284 55.40 0.36 9.12
C VAL L 284 53.88 0.12 9.29
N PRO L 285 53.18 -0.24 8.20
CA PRO L 285 51.74 -0.57 8.16
C PRO L 285 51.16 -1.14 9.46
N GLU L 286 51.82 -2.16 10.02
CA GLU L 286 51.35 -2.82 11.25
C GLU L 286 51.34 -1.86 12.47
N PHE L 287 52.32 -0.96 12.51
CA PHE L 287 52.43 0.02 13.60
C PHE L 287 51.63 1.31 13.40
N TYR L 288 50.86 1.39 12.31
CA TYR L 288 49.98 2.55 12.07
C TYR L 288 48.99 2.69 13.22
N GLY L 289 48.71 3.94 13.62
CA GLY L 289 47.76 4.17 14.73
C GLY L 289 46.29 4.03 14.35
N LYS L 290 45.47 3.68 15.33
CA LYS L 290 44.02 3.53 15.12
C LYS L 290 43.23 4.64 15.79
N LEU L 291 42.27 5.17 15.03
CA LEU L 291 41.43 6.29 15.42
C LEU L 291 39.95 5.89 15.50
N THR L 292 39.43 5.81 16.73
CA THR L 292 38.02 5.55 16.97
C THR L 292 37.28 6.88 17.08
N THR L 293 36.11 6.97 16.46
CA THR L 293 35.25 8.15 16.59
C THR L 293 33.84 7.70 16.92
N ILE L 294 33.23 8.35 17.92
CA ILE L 294 31.84 8.11 18.28
C ILE L 294 30.98 9.36 18.07
N ARG L 295 29.90 9.20 17.31
CA ARG L 295 28.85 10.20 17.21
C ARG L 295 27.50 9.48 17.38
N GLY L 296 26.72 9.90 18.37
CA GLY L 296 25.47 9.23 18.70
C GLY L 296 25.76 7.85 19.23
N SER L 297 25.29 6.84 18.52
CA SER L 297 25.61 5.44 18.86
C SER L 297 26.40 4.77 17.74
N ASP L 298 27.15 5.60 17.02
CA ASP L 298 28.01 5.13 15.95
C ASP L 298 29.46 5.05 16.43
N LYS L 299 30.02 3.84 16.40
CA LYS L 299 31.41 3.58 16.79
C LYS L 299 32.21 3.09 15.56
N LYS L 300 33.26 3.83 15.21
CA LYS L 300 34.00 3.60 13.97
C LYS L 300 35.52 3.50 14.22
N THR L 301 36.10 2.38 13.77
CA THR L 301 37.54 2.16 13.87
C THR L 301 38.20 2.31 12.49
N GLU L 302 39.39 2.93 12.49
CA GLU L 302 39.98 3.44 11.26
C GLU L 302 41.50 3.55 11.38
N THR L 303 42.22 2.89 10.47
CA THR L 303 43.69 2.92 10.47
C THR L 303 44.23 4.20 9.81
N ILE L 304 45.03 4.94 10.55
CA ILE L 304 45.58 6.22 10.13
C ILE L 304 47.07 6.10 9.78
N PRO L 305 47.42 6.09 8.48
CA PRO L 305 48.82 6.00 8.03
C PRO L 305 49.70 7.16 8.50
N SER L 306 50.84 6.85 9.09
CA SER L 306 51.72 7.88 9.67
C SER L 306 52.29 8.85 8.66
N VAL L 307 52.38 10.11 9.08
CA VAL L 307 53.04 11.18 8.33
C VAL L 307 54.56 11.03 8.50
N ASN L 308 55.28 10.87 7.40
CA ASN L 308 56.73 10.64 7.43
C ASN L 308 57.54 11.52 8.40
N GLY L 309 58.49 10.91 9.10
CA GLY L 309 59.37 11.64 9.99
C GLY L 309 60.29 12.56 9.21
N SER L 310 60.71 13.65 9.82
CA SER L 310 61.50 14.65 9.09
C SER L 310 62.43 15.46 10.00
N TYR L 311 63.50 14.84 10.50
CA TYR L 311 64.48 15.60 11.30
C TYR L 311 65.12 16.68 10.45
N LEU L 312 65.18 16.43 9.15
CA LEU L 312 65.67 17.40 8.19
C LEU L 312 65.11 18.76 8.54
N THR L 313 63.80 18.78 8.85
CA THR L 313 63.05 20.02 9.03
C THR L 313 63.68 20.91 10.09
N TYR L 314 64.21 20.32 11.14
CA TYR L 314 64.78 21.11 12.22
C TYR L 314 65.92 21.96 11.69
N TYR L 315 66.77 21.34 10.88
CA TYR L 315 67.94 22.01 10.36
C TYR L 315 67.63 23.00 9.23
N ARG L 316 66.64 22.68 8.40
CA ARG L 316 66.13 23.63 7.41
C ARG L 316 65.71 24.89 8.15
N LYS L 317 64.89 24.69 9.18
CA LYS L 317 64.42 25.75 10.04
C LYS L 317 65.58 26.55 10.62
N ILE L 318 66.62 25.86 11.07
CA ILE L 318 67.80 26.49 11.62
C ILE L 318 68.48 27.45 10.64
N ALA L 319 68.71 27.00 9.42
CA ALA L 319 69.39 27.82 8.40
C ALA L 319 68.59 29.08 8.13
N GLU L 320 67.28 28.92 8.09
CA GLU L 320 66.36 30.00 7.81
C GLU L 320 66.42 31.09 8.89
N SER L 321 66.60 30.69 10.14
CA SER L 321 66.79 31.66 11.21
C SER L 321 68.13 32.37 11.11
N ILE L 322 69.17 31.61 10.75
CA ILE L 322 70.54 32.15 10.63
C ILE L 322 70.64 33.26 9.59
N ARG L 323 70.18 32.97 8.38
CA ARG L 323 70.36 33.89 7.26
C ARG L 323 69.17 34.83 7.07
N GLU L 324 68.05 34.52 7.71
CA GLU L 324 66.80 35.25 7.46
C GLU L 324 66.13 35.84 8.71
N GLY L 325 66.53 35.33 9.88
CA GLY L 325 65.98 35.79 11.15
C GLY L 325 64.56 35.33 11.39
N ALA L 326 64.19 34.19 10.82
CA ALA L 326 62.89 33.58 11.04
C ALA L 326 62.87 32.95 12.44
N ALA L 327 61.68 32.69 12.97
CA ALA L 327 61.53 32.10 14.30
C ALA L 327 62.18 30.71 14.38
N LEU L 328 62.94 30.45 15.45
CA LEU L 328 63.63 29.18 15.60
C LEU L 328 62.65 28.03 15.73
N PRO L 329 63.03 26.82 15.27
CA PRO L 329 62.16 25.64 15.41
C PRO L 329 61.98 25.16 16.86
N VAL L 330 63.04 25.27 17.68
CA VAL L 330 62.94 25.11 19.14
C VAL L 330 63.70 26.27 19.79
N THR L 331 63.02 27.07 20.61
CA THR L 331 63.64 28.20 21.31
C THR L 331 64.28 27.70 22.59
N ALA L 332 65.12 28.54 23.19
CA ALA L 332 65.75 28.25 24.49
C ALA L 332 64.73 28.20 25.63
N GLU L 333 63.74 29.08 25.56
CA GLU L 333 62.63 29.13 26.52
C GLU L 333 61.89 27.78 26.62
N GLU L 334 61.57 27.21 25.45
CA GLU L 334 60.96 25.87 25.37
C GLU L 334 61.85 24.79 25.96
N GLY L 335 63.15 24.91 25.70
CA GLY L 335 64.14 23.95 26.18
C GLY L 335 64.30 23.99 27.67
N ILE L 336 64.34 25.20 28.23
CA ILE L 336 64.41 25.41 29.67
C ILE L 336 63.19 24.85 30.40
N ASN L 337 62.03 24.98 29.76
CA ASN L 337 60.76 24.51 30.33
C ASN L 337 60.71 23.00 30.53
N VAL L 338 61.35 22.26 29.63
CA VAL L 338 61.44 20.82 29.79
C VAL L 338 62.26 20.48 31.04
N ILE L 339 63.40 21.15 31.21
CA ILE L 339 64.19 21.01 32.41
C ILE L 339 63.38 21.41 33.65
N ARG L 340 62.58 22.47 33.54
CA ARG L 340 61.71 22.88 34.65
C ARG L 340 60.73 21.76 35.09
N ILE L 341 60.14 21.07 34.11
CA ILE L 341 59.31 19.88 34.38
C ILE L 341 60.10 18.77 35.05
N ILE L 342 61.26 18.46 34.49
CA ILE L 342 62.11 17.39 35.00
C ILE L 342 62.51 17.64 36.46
N GLU L 343 62.89 18.89 36.76
CA GLU L 343 63.27 19.27 38.12
C GLU L 343 62.11 19.15 39.10
N ALA L 344 60.94 19.62 38.69
CA ALA L 344 59.72 19.49 39.49
C ALA L 344 59.29 18.02 39.67
N ALA L 345 59.34 17.22 38.61
CA ALA L 345 59.13 15.78 38.74
C ALA L 345 60.12 15.17 39.76
N MET L 346 61.39 15.53 39.63
CA MET L 346 62.37 15.14 40.63
C MET L 346 61.90 15.53 42.01
N GLU L 347 61.51 16.81 42.17
CA GLU L 347 61.14 17.34 43.48
C GLU L 347 59.86 16.71 44.02
N SER L 348 58.95 16.33 43.13
CA SER L 348 57.71 15.66 43.50
C SER L 348 58.05 14.34 44.15
N SER L 349 58.78 13.51 43.40
CA SER L 349 59.21 12.18 43.81
C SER L 349 60.00 12.13 45.13
N LYS L 350 60.93 13.09 45.29
CA LYS L 350 61.75 13.17 46.49
C LYS L 350 60.91 13.59 47.70
N GLU L 351 59.95 14.46 47.49
CA GLU L 351 59.11 14.97 48.58
C GLU L 351 57.72 14.30 48.69
N LYS L 352 57.47 13.33 47.81
CA LYS L 352 56.19 12.61 47.68
C LYS L 352 54.95 13.51 47.80
N ARG L 353 54.91 14.59 47.01
CA ARG L 353 53.79 15.52 46.95
C ARG L 353 53.66 16.17 45.55
N THR L 354 52.48 16.69 45.25
CA THR L 354 52.27 17.42 44.00
C THR L 354 52.99 18.76 44.11
N ILE L 355 53.78 19.07 43.07
CA ILE L 355 54.53 20.31 42.99
C ILE L 355 53.84 21.17 41.96
N MET L 356 53.48 22.38 42.39
CA MET L 356 52.78 23.34 41.57
C MET L 356 53.81 24.22 40.88
N LEU L 357 53.48 24.78 39.72
CA LEU L 357 54.40 25.68 39.00
C LEU L 357 54.06 27.16 39.20
N GLU L 358 55.04 27.95 39.60
CA GLU L 358 54.86 29.40 39.86
C GLU L 358 54.79 30.20 38.55
#